data_7OUM
#
_entry.id   7OUM
#
_cell.length_a   146.214
_cell.length_b   161.631
_cell.length_c   244.437
_cell.angle_alpha   90.000
_cell.angle_beta   90.000
_cell.angle_gamma   90.000
#
_symmetry.space_group_name_H-M   'P 21 21 21'
#
loop_
_entity.id
_entity.type
_entity.pdbx_description
1 polymer 'Multidrug efflux pump subunit AcrB'
2 polymer DARPIN
3 non-polymer DODECYL-BETA-D-MALTOSIDE
4 non-polymer TETRADECANE
5 non-polymer DECYLAMINE-N,N-DIMETHYL-N-OXIDE
6 non-polymer GLYCEROL
7 non-polymer 3-chloranyl-2-piperazin-1-yl-quinoline
8 non-polymer DECANE
9 non-polymer 1,2-ETHANEDIOL
10 non-polymer 'SULFATE ION'
11 non-polymer N-OCTANE
12 non-polymer '(2S)-3-{[(R)-(2-aminoethoxy)(hydroxy)phosphoryl]oxy}-2-hydroxypropyl hexadecanoate'
13 water water
#
loop_
_entity_poly.entity_id
_entity_poly.type
_entity_poly.pdbx_seq_one_letter_code
_entity_poly.pdbx_strand_id
1 'polypeptide(L)'
;MPNFFIDRPIFAWVIAIIIMLAGGLAILKLPVAQYPTIAPPAVTISASYPGADAKTVQDTVTQVIEQNMNGIDNLMYMSS
NSDSTGTVQITLTFESGTDADIAQVQVQNKLQLAMPLLPQEVQQQGVSVEKSSSSFLMVVGVINTDGTMTQEDISDYVAA
NMKDAISRTSGVGDVQLFGSQYAMRIWMNPNELNKFQLTPVDVITAIKAQNAQVAAGQLGGTPPVKGQQLNASIIAQTRL
TSTEEFGKILLKVNQDGSRVLLRDVAKIELGGENYDIIAEFNGQPASGLGIKLATGANALDTAAAIRAELAKMEPFFPSG
LKIVYPYDTTPFVKISIHEVVKTLVEAIILVFLVMYLFLQNFRATLIPTIAVPVVLLGTFAVLAAFGFSINTLTMFGMVL
AIGLLVDDAIVVVENVERVMAEEGLPPKEATRKSMGQIQGALVGIAMVLSAVFVPMAFFGGSTGAIYRQFSITIVSAMAL
SVLVALILTPALCATMLKPIAKGDHGEGKKGFFGWFNRMFEKSTHHYTDSVGGILRSTGRYLVLYLIIVVGMAYLFVRLP
SSFLPDEDQGVFMTMVQLPAGATQERTQKVLNEVTHYYLTKEKNNVESVFAVNGFGFAGRGQNTGIAFVSLKDWADRPGE
ENKVEAITMRATRAFSQIKDAMVFAFNLPAIVELGTATGFDFELIDQAGLGHEKLTQARNQLLAEAAKHPDMLTSVRPNG
LEDTPQFKIDIDQEKAQALGVSINDINTTLGAAWGGSYVNDFIDRGRVKKVYVMSEAKYRMLPDDIGDWYVRAADGQMVP
FSAFSSSRWEYGSPRLERYNGLPSMEILGQAAPGKSTGEAMELMEQLASKLPTGVGYDWTGMSYQERLSGNQAPSLYAIS
LIVVFLCLAALYESWSIPFSVMLVVPLGVIGALLAATFRGLTNDVYFQVGLLTTIGLSAKNAILIVEFAKDLMDKEGKGL
IEATLDAVRMALRPILMTSLAFILGVMPLVISTGAGSGAQNAVGTGVMGGMVTATVLAIFFVPVFFVVVRRRFSRKNEDI
EHSHTVDHHLEHHHHHH
;
A,B,C
2 'polypeptide(L)'
;MRGSHHHHHHGSDLGKKLLEAARAGRDDEVRILMANGADVNAADVVGWTPLHLAAYWGHLEIVEVLLKNGADVNAYDTLG
STPLHLAAHFGHLEIVEVLLKNGADVNAKDDNGITPLHLAANRGHLEIVEVLLKYGADVNAQDKFGKTAFDISINNGNED
LAEILQKLN
;
D,E
#
loop_
_chem_comp.id
_chem_comp.type
_chem_comp.name
_chem_comp.formula
1K8 non-polymer 3-chloranyl-2-piperazin-1-yl-quinoline 'C13 H14 Cl N3'
C14 non-polymer TETRADECANE 'C14 H30'
D10 non-polymer DECANE 'C10 H22'
DDQ non-polymer DECYLAMINE-N,N-DIMETHYL-N-OXIDE 'C12 H27 N O'
EDO non-polymer 1,2-ETHANEDIOL 'C2 H6 O2'
GOL non-polymer GLYCEROL 'C3 H8 O3'
LMT D-saccharide DODECYL-BETA-D-MALTOSIDE 'C24 H46 O11'
LPX non-polymer '(2S)-3-{[(R)-(2-aminoethoxy)(hydroxy)phosphoryl]oxy}-2-hydroxypropyl hexadecanoate' 'C21 H44 N O7 P'
OCT non-polymer N-OCTANE 'C8 H18'
SO4 non-polymer 'SULFATE ION' 'O4 S -2'
#
# COMPACT_ATOMS: atom_id res chain seq x y z
N MET A 1 43.99 -13.20 13.56
CA MET A 1 42.94 -13.23 14.62
C MET A 1 43.30 -14.26 15.71
N PRO A 2 43.62 -15.54 15.36
CA PRO A 2 43.93 -16.53 16.39
C PRO A 2 44.96 -16.06 17.42
N ASN A 3 46.14 -15.62 16.97
CA ASN A 3 47.28 -15.18 17.84
C ASN A 3 46.84 -13.98 18.69
N PHE A 4 46.03 -13.08 18.12
CA PHE A 4 45.51 -11.85 18.78
C PHE A 4 44.63 -12.24 19.98
N PHE A 5 43.70 -13.16 19.78
CA PHE A 5 42.65 -13.56 20.77
C PHE A 5 43.20 -14.62 21.73
N ILE A 6 44.32 -15.27 21.39
CA ILE A 6 45.05 -16.21 22.31
C ILE A 6 45.64 -15.39 23.48
N ASP A 7 46.08 -14.15 23.20
CA ASP A 7 46.65 -13.21 24.19
C ASP A 7 45.52 -12.43 24.89
N ARG A 8 44.32 -12.38 24.28
CA ARG A 8 43.13 -11.63 24.80
C ARG A 8 41.93 -12.58 24.89
N PRO A 9 41.88 -13.47 25.91
CA PRO A 9 40.74 -14.38 26.08
C PRO A 9 39.42 -13.69 26.43
N ILE A 10 39.47 -12.48 27.02
CA ILE A 10 38.29 -11.71 27.48
C ILE A 10 37.62 -11.04 26.27
N PHE A 11 38.42 -10.45 25.36
CA PHE A 11 37.94 -9.85 24.08
C PHE A 11 37.15 -10.92 23.32
N ALA A 12 37.69 -12.13 23.23
CA ALA A 12 37.06 -13.31 22.60
C ALA A 12 35.68 -13.56 23.23
N TRP A 13 35.62 -13.59 24.57
CA TRP A 13 34.37 -13.76 25.36
C TRP A 13 33.39 -12.62 25.06
N VAL A 14 33.88 -11.37 25.05
CA VAL A 14 33.07 -10.15 24.79
C VAL A 14 32.38 -10.28 23.42
N ILE A 15 33.13 -10.71 22.39
CA ILE A 15 32.63 -10.92 21.00
C ILE A 15 31.55 -12.01 21.02
N ALA A 16 31.79 -13.11 21.73
CA ALA A 16 30.87 -14.27 21.85
C ALA A 16 29.58 -13.83 22.57
N ILE A 17 29.71 -13.04 23.65
CA ILE A 17 28.57 -12.54 24.48
C ILE A 17 27.71 -11.61 23.64
N ILE A 18 28.32 -10.67 22.90
CA ILE A 18 27.62 -9.69 22.02
C ILE A 18 26.83 -10.46 20.95
N ILE A 19 27.43 -11.51 20.37
CA ILE A 19 26.80 -12.41 19.37
C ILE A 19 25.57 -13.10 20.00
N MET A 20 25.73 -13.62 21.22
CA MET A 20 24.66 -14.36 21.95
C MET A 20 23.53 -13.40 22.33
N LEU A 21 23.86 -12.19 22.77
CA LEU A 21 22.87 -11.14 23.15
C LEU A 21 22.09 -10.69 21.90
N ALA A 22 22.78 -10.48 20.78
CA ALA A 22 22.19 -10.14 19.46
C ALA A 22 21.22 -11.25 19.05
N GLY A 23 21.65 -12.51 19.19
CA GLY A 23 20.83 -13.71 18.96
C GLY A 23 19.65 -13.78 19.92
N GLY A 24 19.87 -13.45 21.19
CA GLY A 24 18.84 -13.40 22.25
C GLY A 24 17.71 -12.44 21.91
N LEU A 25 18.06 -11.20 21.54
CA LEU A 25 17.09 -10.13 21.16
C LEU A 25 16.32 -10.54 19.89
N ALA A 26 17.00 -11.21 18.95
CA ALA A 26 16.42 -11.73 17.68
C ALA A 26 15.31 -12.72 18.02
N ILE A 27 15.59 -13.70 18.89
CA ILE A 27 14.63 -14.76 19.31
C ILE A 27 13.35 -14.12 19.87
N LEU A 28 13.48 -13.06 20.67
CA LEU A 28 12.34 -12.37 21.34
C LEU A 28 11.53 -11.55 20.33
N LYS A 29 12.13 -11.12 19.22
CA LYS A 29 11.53 -10.16 18.26
C LYS A 29 11.17 -10.82 16.92
N LEU A 30 11.92 -11.85 16.49
CA LEU A 30 11.73 -12.52 15.18
C LEU A 30 10.29 -13.00 15.04
N PRO A 31 9.68 -12.93 13.83
CA PRO A 31 8.38 -13.57 13.58
C PRO A 31 8.46 -15.09 13.78
N VAL A 32 7.36 -15.71 14.20
CA VAL A 32 7.21 -17.19 14.36
C VAL A 32 6.06 -17.65 13.47
N ALA A 33 6.31 -18.62 12.60
CA ALA A 33 5.33 -19.23 11.67
C ALA A 33 5.71 -20.68 11.37
N GLN A 34 4.78 -21.46 10.83
CA GLN A 34 5.01 -22.87 10.42
C GLN A 34 6.00 -22.90 9.24
N TYR A 35 5.73 -22.08 8.21
CA TYR A 35 6.53 -21.98 6.96
C TYR A 35 6.74 -20.52 6.60
N PRO A 36 7.70 -20.20 5.70
CA PRO A 36 7.75 -18.89 5.06
C PRO A 36 6.52 -18.68 4.15
N THR A 37 6.05 -17.44 4.02
CA THR A 37 4.84 -17.06 3.23
C THR A 37 5.06 -17.41 1.76
N ILE A 38 4.41 -18.48 1.27
CA ILE A 38 4.46 -18.94 -0.14
C ILE A 38 3.07 -18.85 -0.78
N ALA A 39 2.04 -18.50 -0.01
CA ALA A 39 0.63 -18.42 -0.46
C ALA A 39 0.44 -17.16 -1.31
N PRO A 40 -0.04 -17.28 -2.57
CA PRO A 40 -0.31 -16.10 -3.40
C PRO A 40 -1.46 -15.27 -2.83
N PRO A 41 -1.30 -13.93 -2.72
CA PRO A 41 -2.38 -13.05 -2.27
C PRO A 41 -3.69 -13.22 -3.07
N ALA A 42 -4.83 -13.12 -2.38
CA ALA A 42 -6.18 -13.24 -2.95
C ALA A 42 -7.08 -12.14 -2.38
N VAL A 43 -7.57 -11.25 -3.24
CA VAL A 43 -8.56 -10.18 -2.90
C VAL A 43 -9.95 -10.70 -3.28
N THR A 44 -10.91 -10.62 -2.35
CA THR A 44 -12.30 -11.12 -2.51
C THR A 44 -13.28 -9.94 -2.43
N ILE A 45 -14.16 -9.81 -3.41
CA ILE A 45 -15.30 -8.86 -3.44
C ILE A 45 -16.56 -9.63 -3.04
N SER A 46 -17.24 -9.20 -1.98
CA SER A 46 -18.51 -9.79 -1.47
C SER A 46 -19.64 -8.76 -1.58
N ALA A 47 -20.78 -9.17 -2.14
CA ALA A 47 -22.02 -8.36 -2.23
C ALA A 47 -23.23 -9.25 -1.93
N SER A 48 -24.37 -8.64 -1.62
CA SER A 48 -25.61 -9.31 -1.16
C SER A 48 -26.84 -8.64 -1.78
N TYR A 49 -27.68 -9.42 -2.47
CA TYR A 49 -28.96 -8.98 -3.09
C TYR A 49 -30.11 -9.70 -2.40
N PRO A 50 -30.73 -9.08 -1.36
CA PRO A 50 -31.79 -9.74 -0.59
C PRO A 50 -32.94 -10.29 -1.44
N GLY A 51 -33.20 -11.60 -1.34
CA GLY A 51 -34.33 -12.29 -2.00
C GLY A 51 -34.09 -12.51 -3.49
N ALA A 52 -32.83 -12.44 -3.94
CA ALA A 52 -32.43 -12.62 -5.35
C ALA A 52 -32.00 -14.08 -5.60
N ASP A 53 -32.37 -14.61 -6.77
CA ASP A 53 -31.93 -15.95 -7.26
C ASP A 53 -30.53 -15.84 -7.85
N ALA A 54 -29.88 -16.98 -8.09
CA ALA A 54 -28.49 -17.10 -8.60
C ALA A 54 -28.32 -16.29 -9.89
N LYS A 55 -29.30 -16.36 -10.80
CA LYS A 55 -29.21 -15.72 -12.15
C LYS A 55 -29.31 -14.20 -12.02
N THR A 56 -30.25 -13.71 -11.20
CA THR A 56 -30.47 -12.26 -10.94
C THR A 56 -29.18 -11.64 -10.39
N VAL A 57 -28.54 -12.32 -9.42
CA VAL A 57 -27.25 -11.90 -8.79
C VAL A 57 -26.19 -11.78 -9.89
N GLN A 58 -26.03 -12.84 -10.71
CA GLN A 58 -25.00 -12.93 -11.78
C GLN A 58 -25.19 -11.77 -12.79
N ASP A 59 -26.42 -11.57 -13.26
CA ASP A 59 -26.74 -10.73 -14.45
C ASP A 59 -26.90 -9.26 -14.06
N THR A 60 -27.01 -8.94 -12.76
CA THR A 60 -27.16 -7.54 -12.26
C THR A 60 -25.97 -7.11 -11.39
N VAL A 61 -25.13 -8.04 -10.91
CA VAL A 61 -23.98 -7.72 -10.01
C VAL A 61 -22.69 -8.31 -10.57
N THR A 62 -22.56 -9.65 -10.57
CA THR A 62 -21.29 -10.38 -10.85
C THR A 62 -20.70 -9.94 -12.19
N GLN A 63 -21.49 -10.01 -13.28
CA GLN A 63 -21.04 -9.69 -14.66
C GLN A 63 -20.61 -8.22 -14.74
N VAL A 64 -21.38 -7.32 -14.11
CA VAL A 64 -21.12 -5.84 -14.12
C VAL A 64 -19.76 -5.58 -13.47
N ILE A 65 -19.48 -6.22 -12.33
CA ILE A 65 -18.19 -6.06 -11.57
C ILE A 65 -17.06 -6.69 -12.38
N GLU A 66 -17.27 -7.91 -12.91
CA GLU A 66 -16.27 -8.70 -13.67
C GLU A 66 -15.80 -7.91 -14.91
N GLN A 67 -16.72 -7.25 -15.62
CA GLN A 67 -16.43 -6.47 -16.86
C GLN A 67 -15.62 -5.22 -16.51
N ASN A 68 -15.68 -4.76 -15.26
CA ASN A 68 -14.94 -3.56 -14.76
C ASN A 68 -13.56 -3.98 -14.22
N MET A 69 -13.38 -5.26 -13.87
CA MET A 69 -12.09 -5.81 -13.40
C MET A 69 -11.12 -5.92 -14.60
N ASN A 70 -10.26 -4.91 -14.78
CA ASN A 70 -9.24 -4.85 -15.86
C ASN A 70 -8.15 -3.85 -15.45
N GLY A 71 -6.98 -3.93 -16.10
CA GLY A 71 -5.81 -3.09 -15.80
C GLY A 71 -5.34 -3.30 -14.36
N ILE A 72 -5.36 -4.56 -13.90
CA ILE A 72 -4.95 -4.98 -12.54
C ILE A 72 -3.63 -5.75 -12.64
N ASP A 73 -2.56 -5.21 -12.02
CA ASP A 73 -1.18 -5.75 -12.10
C ASP A 73 -1.11 -7.11 -11.39
N ASN A 74 -0.35 -8.05 -11.96
CA ASN A 74 0.09 -9.32 -11.32
C ASN A 74 -1.10 -10.25 -11.07
N LEU A 75 -2.20 -10.08 -11.82
CA LEU A 75 -3.43 -10.92 -11.72
C LEU A 75 -3.19 -12.25 -12.46
N MET A 76 -3.32 -13.37 -11.76
CA MET A 76 -3.11 -14.74 -12.32
C MET A 76 -4.43 -15.24 -12.92
N TYR A 77 -5.53 -15.14 -12.16
CA TYR A 77 -6.89 -15.55 -12.60
C TYR A 77 -7.96 -14.95 -11.68
N MET A 78 -9.22 -15.08 -12.10
CA MET A 78 -10.43 -14.56 -11.40
C MET A 78 -11.49 -15.66 -11.41
N SER A 79 -12.14 -15.90 -10.26
CA SER A 79 -13.26 -16.86 -10.09
C SER A 79 -14.37 -16.20 -9.28
N SER A 80 -15.64 -16.52 -9.57
CA SER A 80 -16.83 -15.94 -8.89
C SER A 80 -17.94 -16.99 -8.75
N ASN A 81 -18.72 -16.89 -7.67
CA ASN A 81 -19.94 -17.69 -7.40
C ASN A 81 -21.13 -16.73 -7.23
N SER A 82 -22.25 -17.04 -7.88
CA SER A 82 -23.56 -16.34 -7.75
C SER A 82 -24.62 -17.36 -7.31
N ASP A 83 -25.09 -17.28 -6.06
CA ASP A 83 -25.99 -18.30 -5.45
C ASP A 83 -27.36 -17.70 -5.14
N SER A 84 -28.34 -18.56 -4.87
CA SER A 84 -29.78 -18.22 -4.72
C SER A 84 -30.10 -17.79 -3.28
N THR A 85 -29.08 -17.58 -2.43
CA THR A 85 -29.20 -16.86 -1.14
C THR A 85 -29.01 -15.36 -1.38
N GLY A 86 -28.76 -14.95 -2.63
CA GLY A 86 -28.58 -13.55 -3.04
C GLY A 86 -27.13 -13.10 -2.96
N THR A 87 -26.22 -14.02 -2.62
CA THR A 87 -24.79 -13.74 -2.35
C THR A 87 -23.97 -13.87 -3.63
N VAL A 88 -22.94 -13.03 -3.77
CA VAL A 88 -21.88 -13.15 -4.82
C VAL A 88 -20.52 -12.98 -4.15
N GLN A 89 -19.55 -13.81 -4.54
CA GLN A 89 -18.12 -13.70 -4.12
C GLN A 89 -17.23 -13.80 -5.36
N ILE A 90 -16.58 -12.69 -5.73
CA ILE A 90 -15.55 -12.63 -6.81
C ILE A 90 -14.17 -12.63 -6.13
N THR A 91 -13.33 -13.63 -6.41
CA THR A 91 -11.96 -13.79 -5.87
C THR A 91 -10.95 -13.56 -6.99
N LEU A 92 -10.09 -12.55 -6.84
CA LEU A 92 -8.95 -12.25 -7.75
C LEU A 92 -7.65 -12.72 -7.06
N THR A 93 -6.96 -13.70 -7.67
CA THR A 93 -5.71 -14.31 -7.15
C THR A 93 -4.51 -13.68 -7.90
N PHE A 94 -3.48 -13.27 -7.16
CA PHE A 94 -2.32 -12.50 -7.67
C PHE A 94 -1.03 -13.31 -7.54
N GLU A 95 -0.01 -12.95 -8.32
CA GLU A 95 1.34 -13.57 -8.33
C GLU A 95 1.96 -13.48 -6.94
N SER A 96 2.75 -14.50 -6.55
CA SER A 96 3.54 -14.53 -5.30
C SER A 96 4.50 -13.34 -5.27
N GLY A 97 4.44 -12.52 -4.20
CA GLY A 97 5.29 -11.33 -4.02
C GLY A 97 4.53 -10.03 -4.24
N THR A 98 3.28 -10.11 -4.70
CA THR A 98 2.36 -8.95 -4.92
C THR A 98 2.03 -8.31 -3.56
N ASP A 99 2.12 -6.98 -3.49
CA ASP A 99 1.72 -6.18 -2.30
C ASP A 99 0.18 -6.22 -2.19
N ALA A 100 -0.35 -6.85 -1.14
CA ALA A 100 -1.80 -7.05 -0.90
C ALA A 100 -2.51 -5.69 -0.79
N ASP A 101 -1.84 -4.68 -0.23
CA ASP A 101 -2.38 -3.30 -0.05
C ASP A 101 -2.70 -2.69 -1.43
N ILE A 102 -1.75 -2.78 -2.37
CA ILE A 102 -1.86 -2.20 -3.74
C ILE A 102 -2.89 -3.01 -4.54
N ALA A 103 -2.87 -4.34 -4.43
CA ALA A 103 -3.84 -5.26 -5.06
C ALA A 103 -5.26 -4.86 -4.66
N GLN A 104 -5.51 -4.67 -3.35
CA GLN A 104 -6.82 -4.26 -2.78
C GLN A 104 -7.23 -2.89 -3.36
N VAL A 105 -6.29 -1.94 -3.38
CA VAL A 105 -6.52 -0.53 -3.87
C VAL A 105 -6.95 -0.60 -5.34
N GLN A 106 -6.20 -1.33 -6.18
CA GLN A 106 -6.45 -1.46 -7.63
C GLN A 106 -7.81 -2.13 -7.88
N VAL A 107 -8.09 -3.23 -7.16
CA VAL A 107 -9.37 -3.98 -7.27
C VAL A 107 -10.55 -3.06 -6.92
N GLN A 108 -10.41 -2.25 -5.86
CA GLN A 108 -11.49 -1.37 -5.36
C GLN A 108 -11.67 -0.17 -6.30
N ASN A 109 -10.57 0.37 -6.84
CA ASN A 109 -10.60 1.49 -7.83
C ASN A 109 -11.56 1.12 -8.97
N LYS A 110 -11.50 -0.13 -9.44
CA LYS A 110 -12.33 -0.64 -10.56
C LYS A 110 -13.75 -0.96 -10.09
N LEU A 111 -13.90 -1.48 -8.86
CA LEU A 111 -15.22 -1.78 -8.24
C LEU A 111 -16.06 -0.51 -8.16
N GLN A 112 -15.44 0.63 -7.84
CA GLN A 112 -16.11 1.95 -7.64
C GLN A 112 -16.70 2.46 -8.96
N LEU A 113 -16.20 1.99 -10.10
CA LEU A 113 -16.75 2.30 -11.45
C LEU A 113 -18.02 1.48 -11.69
N ALA A 114 -18.09 0.28 -11.11
CA ALA A 114 -19.23 -0.67 -11.23
C ALA A 114 -20.32 -0.33 -10.21
N MET A 115 -19.95 0.19 -9.04
CA MET A 115 -20.85 0.42 -7.87
C MET A 115 -22.11 1.18 -8.30
N PRO A 116 -22.02 2.31 -9.02
CA PRO A 116 -23.20 3.07 -9.43
C PRO A 116 -24.19 2.28 -10.31
N LEU A 117 -23.70 1.28 -11.05
CA LEU A 117 -24.48 0.45 -12.00
C LEU A 117 -25.19 -0.70 -11.26
N LEU A 118 -24.76 -1.00 -10.03
CA LEU A 118 -25.33 -2.10 -9.19
C LEU A 118 -26.69 -1.68 -8.66
N PRO A 119 -27.64 -2.61 -8.46
CA PRO A 119 -28.94 -2.30 -7.86
C PRO A 119 -28.80 -1.63 -6.49
N GLN A 120 -29.70 -0.69 -6.17
CA GLN A 120 -29.68 0.12 -4.92
C GLN A 120 -29.72 -0.81 -3.70
N GLU A 121 -30.45 -1.92 -3.78
CA GLU A 121 -30.60 -2.92 -2.69
C GLU A 121 -29.24 -3.56 -2.38
N VAL A 122 -28.41 -3.78 -3.41
CA VAL A 122 -27.07 -4.42 -3.27
C VAL A 122 -26.09 -3.44 -2.63
N GLN A 123 -26.10 -2.18 -3.09
CA GLN A 123 -25.26 -1.07 -2.55
C GLN A 123 -25.53 -0.87 -1.06
N GLN A 124 -26.80 -0.96 -0.66
CA GLN A 124 -27.28 -0.63 0.71
C GLN A 124 -27.01 -1.81 1.68
N GLN A 125 -26.75 -3.01 1.15
CA GLN A 125 -26.30 -4.18 1.95
C GLN A 125 -24.80 -4.03 2.28
N GLY A 126 -24.10 -3.13 1.58
CA GLY A 126 -22.67 -2.89 1.75
C GLY A 126 -21.84 -3.91 1.00
N VAL A 127 -21.14 -3.48 -0.05
CA VAL A 127 -20.16 -4.31 -0.80
C VAL A 127 -18.82 -4.20 -0.05
N SER A 128 -18.13 -5.33 0.13
CA SER A 128 -16.86 -5.42 0.91
C SER A 128 -15.73 -5.89 -0.01
N VAL A 129 -14.50 -5.40 0.25
CA VAL A 129 -13.25 -5.80 -0.45
C VAL A 129 -12.23 -6.24 0.62
N GLU A 130 -11.92 -7.53 0.66
CA GLU A 130 -11.07 -8.16 1.71
C GLU A 130 -9.82 -8.80 1.08
N LYS A 131 -8.70 -8.73 1.80
CA LYS A 131 -7.43 -9.46 1.51
C LYS A 131 -7.15 -10.38 2.69
N SER A 132 -7.41 -11.68 2.52
CA SER A 132 -7.28 -12.71 3.58
C SER A 132 -7.04 -14.10 2.97
N SER A 133 -6.61 -15.04 3.80
CA SER A 133 -6.61 -16.50 3.52
C SER A 133 -8.06 -16.96 3.31
N SER A 134 -8.27 -18.04 2.55
CA SER A 134 -9.61 -18.64 2.27
C SER A 134 -10.08 -19.42 3.50
N SER A 135 -9.15 -20.04 4.24
CA SER A 135 -9.42 -20.86 5.45
C SER A 135 -9.47 -19.98 6.69
N PHE A 136 -10.03 -20.51 7.80
CA PHE A 136 -10.18 -19.81 9.10
C PHE A 136 -8.90 -19.97 9.92
N LEU A 137 -8.40 -18.86 10.47
CA LEU A 137 -7.28 -18.82 11.45
C LEU A 137 -7.75 -19.50 12.74
N MET A 138 -8.92 -19.09 13.23
CA MET A 138 -9.58 -19.64 14.46
C MET A 138 -11.08 -19.35 14.40
N VAL A 139 -11.86 -20.07 15.21
CA VAL A 139 -13.29 -19.77 15.49
C VAL A 139 -13.41 -19.44 16.98
N VAL A 140 -13.74 -18.18 17.30
CA VAL A 140 -14.04 -17.72 18.69
C VAL A 140 -15.51 -18.04 18.97
N GLY A 141 -15.76 -19.04 19.84
CA GLY A 141 -17.12 -19.47 20.23
C GLY A 141 -17.60 -18.70 21.46
N VAL A 142 -18.91 -18.49 21.56
CA VAL A 142 -19.58 -17.77 22.70
C VAL A 142 -20.82 -18.56 23.11
N ILE A 143 -20.90 -18.94 24.39
CA ILE A 143 -22.02 -19.72 25.00
C ILE A 143 -22.48 -19.02 26.28
N ASN A 144 -23.66 -19.39 26.78
CA ASN A 144 -24.20 -18.96 28.10
C ASN A 144 -24.37 -20.21 28.98
N THR A 145 -23.55 -20.34 30.01
CA THR A 145 -23.48 -21.53 30.91
C THR A 145 -24.72 -21.58 31.83
N ASP A 146 -25.37 -20.43 32.06
CA ASP A 146 -26.60 -20.30 32.89
C ASP A 146 -27.84 -20.64 32.04
N GLY A 147 -27.72 -20.59 30.71
CA GLY A 147 -28.83 -20.82 29.77
C GLY A 147 -29.87 -19.72 29.84
N THR A 148 -29.44 -18.48 30.11
CA THR A 148 -30.28 -17.27 30.30
C THR A 148 -30.46 -16.55 28.95
N MET A 149 -29.66 -16.91 27.94
CA MET A 149 -29.66 -16.29 26.59
C MET A 149 -29.76 -17.39 25.52
N THR A 150 -30.66 -17.23 24.56
CA THR A 150 -30.86 -18.14 23.40
C THR A 150 -29.73 -17.93 22.39
N GLN A 151 -29.67 -18.79 21.37
CA GLN A 151 -28.71 -18.69 20.24
C GLN A 151 -28.86 -17.31 19.58
N GLU A 152 -30.10 -16.82 19.48
CA GLU A 152 -30.46 -15.52 18.84
C GLU A 152 -29.95 -14.37 19.72
N ASP A 153 -30.12 -14.48 21.05
CA ASP A 153 -29.67 -13.47 22.04
C ASP A 153 -28.14 -13.34 21.99
N ILE A 154 -27.43 -14.47 22.01
CA ILE A 154 -25.94 -14.55 22.02
C ILE A 154 -25.40 -13.95 20.72
N SER A 155 -25.98 -14.35 19.58
CA SER A 155 -25.59 -13.90 18.21
C SER A 155 -25.67 -12.37 18.13
N ASP A 156 -26.74 -11.77 18.66
CA ASP A 156 -26.94 -10.29 18.67
C ASP A 156 -25.85 -9.63 19.53
N TYR A 157 -25.59 -10.16 20.73
CA TYR A 157 -24.60 -9.59 21.69
C TYR A 157 -23.21 -9.59 21.04
N VAL A 158 -22.81 -10.72 20.45
CA VAL A 158 -21.50 -10.90 19.75
C VAL A 158 -21.40 -9.85 18.64
N ALA A 159 -22.44 -9.71 17.83
CA ALA A 159 -22.51 -8.79 16.67
C ALA A 159 -22.45 -7.32 17.12
N ALA A 160 -23.05 -7.01 18.28
CA ALA A 160 -23.29 -5.63 18.76
C ALA A 160 -22.18 -5.14 19.70
N ASN A 161 -21.41 -6.05 20.33
CA ASN A 161 -20.47 -5.69 21.44
C ASN A 161 -19.06 -6.24 21.20
N MET A 162 -18.84 -7.14 20.23
CA MET A 162 -17.57 -7.89 20.09
C MET A 162 -17.02 -7.82 18.66
N LYS A 163 -17.84 -8.14 17.65
CA LYS A 163 -17.43 -8.36 16.23
C LYS A 163 -16.64 -7.16 15.69
N ASP A 164 -17.17 -5.94 15.85
CA ASP A 164 -16.61 -4.70 15.25
C ASP A 164 -15.15 -4.50 15.71
N ALA A 165 -14.90 -4.58 17.00
CA ALA A 165 -13.56 -4.41 17.62
C ALA A 165 -12.59 -5.46 17.09
N ILE A 166 -13.06 -6.71 16.95
CA ILE A 166 -12.25 -7.85 16.40
C ILE A 166 -11.95 -7.58 14.93
N SER A 167 -12.93 -7.07 14.17
CA SER A 167 -12.82 -6.76 12.72
C SER A 167 -11.80 -5.64 12.46
N ARG A 168 -11.63 -4.73 13.43
CA ARG A 168 -10.73 -3.55 13.33
C ARG A 168 -9.30 -3.91 13.76
N THR A 169 -9.10 -5.07 14.40
CA THR A 169 -7.78 -5.55 14.90
C THR A 169 -6.88 -5.85 13.71
N SER A 170 -5.62 -5.41 13.77
CA SER A 170 -4.59 -5.57 12.70
C SER A 170 -4.28 -7.06 12.52
N GLY A 171 -4.33 -7.56 11.27
CA GLY A 171 -4.09 -8.96 10.91
C GLY A 171 -5.37 -9.73 10.68
N VAL A 172 -6.51 -9.19 11.12
CA VAL A 172 -7.86 -9.79 10.93
C VAL A 172 -8.39 -9.36 9.57
N GLY A 173 -8.27 -10.24 8.57
CA GLY A 173 -8.67 -9.98 7.17
C GLY A 173 -10.17 -10.03 6.99
N ASP A 174 -10.84 -11.02 7.58
CA ASP A 174 -12.30 -11.24 7.49
C ASP A 174 -12.82 -11.82 8.81
N VAL A 175 -14.04 -11.43 9.20
CA VAL A 175 -14.76 -11.98 10.39
C VAL A 175 -16.16 -12.42 9.94
N GLN A 176 -16.45 -13.71 10.07
CA GLN A 176 -17.77 -14.32 9.77
C GLN A 176 -18.52 -14.53 11.08
N LEU A 177 -19.66 -13.85 11.26
CA LEU A 177 -20.59 -14.06 12.40
C LEU A 177 -21.38 -15.35 12.17
N PHE A 178 -21.17 -16.35 13.02
CA PHE A 178 -21.92 -17.64 13.00
C PHE A 178 -23.27 -17.43 13.68
N GLY A 179 -24.15 -16.70 12.99
CA GLY A 179 -25.39 -16.12 13.51
C GLY A 179 -25.68 -14.79 12.84
N SER A 180 -26.66 -14.05 13.34
CA SER A 180 -27.10 -12.74 12.78
C SER A 180 -27.32 -11.72 13.91
N GLN A 181 -26.94 -10.47 13.65
CA GLN A 181 -27.31 -9.30 14.51
C GLN A 181 -28.82 -9.09 14.42
N TYR A 182 -29.43 -8.59 15.49
CA TYR A 182 -30.88 -8.28 15.55
C TYR A 182 -31.20 -7.16 14.55
N ALA A 183 -32.39 -7.24 13.95
CA ALA A 183 -33.05 -6.19 13.16
C ALA A 183 -34.49 -6.04 13.66
N MET A 184 -35.11 -4.88 13.47
CA MET A 184 -36.57 -4.71 13.74
C MET A 184 -37.33 -5.45 12.64
N ARG A 185 -37.87 -6.64 12.97
CA ARG A 185 -38.62 -7.51 12.04
C ARG A 185 -40.09 -7.12 12.04
N ILE A 186 -40.62 -6.69 10.89
CA ILE A 186 -42.07 -6.43 10.66
C ILE A 186 -42.62 -7.59 9.83
N TRP A 187 -43.17 -8.61 10.50
CA TRP A 187 -43.73 -9.85 9.88
C TRP A 187 -45.16 -9.57 9.41
N MET A 188 -45.33 -9.24 8.12
CA MET A 188 -46.59 -8.75 7.52
C MET A 188 -47.61 -9.89 7.41
N ASN A 189 -48.90 -9.55 7.55
CA ASN A 189 -50.06 -10.46 7.39
C ASN A 189 -50.85 -10.01 6.16
N PRO A 190 -50.98 -10.85 5.11
CA PRO A 190 -51.64 -10.44 3.87
C PRO A 190 -53.16 -10.28 4.01
N ASN A 191 -53.78 -11.09 4.88
CA ASN A 191 -55.23 -11.06 5.17
C ASN A 191 -55.59 -9.70 5.80
N GLU A 192 -54.80 -9.26 6.79
CA GLU A 192 -55.01 -8.01 7.55
C GLU A 192 -54.70 -6.80 6.67
N LEU A 193 -53.67 -6.90 5.81
CA LEU A 193 -53.28 -5.83 4.84
C LEU A 193 -54.44 -5.59 3.86
N ASN A 194 -54.97 -6.67 3.27
CA ASN A 194 -56.09 -6.63 2.29
C ASN A 194 -57.35 -6.08 2.96
N LYS A 195 -57.59 -6.44 4.23
CA LYS A 195 -58.78 -6.02 5.03
C LYS A 195 -58.87 -4.49 5.08
N PHE A 196 -57.75 -3.80 5.28
CA PHE A 196 -57.66 -2.32 5.44
C PHE A 196 -57.21 -1.67 4.13
N GLN A 197 -57.23 -2.42 3.01
CA GLN A 197 -56.89 -1.95 1.65
C GLN A 197 -55.46 -1.37 1.64
N LEU A 198 -54.49 -2.13 2.17
CA LEU A 198 -53.06 -1.72 2.29
C LEU A 198 -52.16 -2.80 1.66
N THR A 199 -50.93 -2.43 1.31
CA THR A 199 -49.90 -3.30 0.69
C THR A 199 -48.57 -3.11 1.40
N PRO A 200 -47.56 -3.98 1.16
CA PRO A 200 -46.20 -3.77 1.66
C PRO A 200 -45.59 -2.40 1.27
N VAL A 201 -46.03 -1.81 0.15
CA VAL A 201 -45.56 -0.48 -0.34
C VAL A 201 -45.95 0.59 0.71
N ASP A 202 -47.19 0.54 1.20
CA ASP A 202 -47.75 1.46 2.23
C ASP A 202 -46.96 1.30 3.54
N VAL A 203 -46.67 0.05 3.92
CA VAL A 203 -45.91 -0.31 5.16
C VAL A 203 -44.50 0.30 5.09
N ILE A 204 -43.83 0.15 3.95
CA ILE A 204 -42.44 0.65 3.70
C ILE A 204 -42.44 2.19 3.73
N THR A 205 -43.43 2.82 3.11
CA THR A 205 -43.60 4.30 3.06
C THR A 205 -43.80 4.84 4.49
N ALA A 206 -44.67 4.20 5.26
CA ALA A 206 -45.03 4.59 6.65
C ALA A 206 -43.80 4.51 7.57
N ILE A 207 -43.01 3.44 7.43
CA ILE A 207 -41.79 3.19 8.25
C ILE A 207 -40.73 4.26 7.95
N LYS A 208 -40.50 4.57 6.67
CA LYS A 208 -39.53 5.59 6.21
C LYS A 208 -39.94 6.97 6.74
N ALA A 209 -41.25 7.21 6.84
CA ALA A 209 -41.85 8.50 7.26
C ALA A 209 -41.82 8.66 8.78
N GLN A 210 -42.11 7.59 9.54
CA GLN A 210 -42.36 7.63 11.00
C GLN A 210 -41.19 7.01 11.80
N ASN A 211 -40.24 6.35 11.14
CA ASN A 211 -38.93 5.97 11.72
C ASN A 211 -37.85 6.80 11.04
N ALA A 212 -37.80 8.10 11.36
CA ALA A 212 -36.96 9.12 10.68
C ALA A 212 -36.13 9.89 11.70
N GLN A 213 -34.88 10.19 11.36
CA GLN A 213 -33.97 11.09 12.11
C GLN A 213 -33.88 12.42 11.35
N VAL A 214 -34.63 13.43 11.80
CA VAL A 214 -34.87 14.71 11.05
C VAL A 214 -33.92 15.79 11.58
N ALA A 215 -33.22 16.48 10.67
CA ALA A 215 -32.41 17.68 10.93
C ALA A 215 -33.32 18.91 10.87
N ALA A 216 -33.66 19.49 12.02
CA ALA A 216 -34.73 20.51 12.18
C ALA A 216 -34.11 21.90 12.38
N GLY A 217 -32.78 22.01 12.51
CA GLY A 217 -32.07 23.29 12.68
C GLY A 217 -32.02 23.73 14.13
N GLN A 218 -32.00 25.05 14.37
CA GLN A 218 -31.79 25.65 15.72
C GLN A 218 -32.70 26.88 15.90
N LEU A 219 -33.09 27.15 17.15
CA LEU A 219 -33.60 28.47 17.60
C LEU A 219 -32.41 29.42 17.72
N GLY A 220 -32.55 30.65 17.23
CA GLY A 220 -31.49 31.68 17.23
C GLY A 220 -30.23 31.20 16.53
N GLY A 221 -30.39 30.47 15.41
CA GLY A 221 -29.28 29.95 14.59
C GLY A 221 -28.64 31.03 13.74
N THR A 222 -27.39 30.82 13.32
CA THR A 222 -26.60 31.79 12.52
C THR A 222 -27.06 31.73 11.05
N PRO A 223 -27.13 32.87 10.33
CA PRO A 223 -26.92 34.20 10.91
C PRO A 223 -28.13 34.68 11.72
N PRO A 224 -27.94 35.19 12.96
CA PRO A 224 -29.06 35.60 13.80
C PRO A 224 -29.44 37.08 13.65
N VAL A 225 -30.58 37.47 14.22
CA VAL A 225 -31.02 38.91 14.31
C VAL A 225 -30.25 39.56 15.46
N LYS A 226 -30.23 40.90 15.49
CA LYS A 226 -29.63 41.71 16.58
C LYS A 226 -30.48 41.55 17.85
N GLY A 227 -29.83 41.26 18.98
CA GLY A 227 -30.47 41.16 20.31
C GLY A 227 -31.11 39.81 20.57
N GLN A 228 -30.54 38.74 20.00
CA GLN A 228 -30.95 37.33 20.25
C GLN A 228 -30.26 36.84 21.52
N GLN A 229 -31.02 36.29 22.47
CA GLN A 229 -30.52 35.79 23.77
C GLN A 229 -30.58 34.25 23.81
N LEU A 230 -31.50 33.64 23.06
CA LEU A 230 -31.77 32.17 23.06
C LEU A 230 -31.10 31.51 21.86
N ASN A 231 -30.25 30.50 22.12
CA ASN A 231 -29.70 29.56 21.11
C ASN A 231 -29.88 28.13 21.62
N ALA A 232 -30.68 27.32 20.91
CA ALA A 232 -30.99 25.91 21.26
C ALA A 232 -31.22 25.10 19.98
N SER A 233 -30.79 23.84 19.98
CA SER A 233 -31.04 22.84 18.90
C SER A 233 -32.53 22.50 18.89
N ILE A 234 -33.15 22.46 17.69
CA ILE A 234 -34.53 21.95 17.49
C ILE A 234 -34.44 20.44 17.24
N ILE A 235 -35.18 19.65 18.03
CA ILE A 235 -35.24 18.16 17.92
C ILE A 235 -36.65 17.79 17.46
N ALA A 236 -36.74 17.16 16.28
CA ALA A 236 -38.00 16.65 15.67
C ALA A 236 -38.03 15.13 15.83
N GLN A 237 -38.54 14.39 14.84
CA GLN A 237 -38.58 12.91 14.84
C GLN A 237 -37.16 12.35 15.04
N THR A 238 -37.05 11.25 15.80
CA THR A 238 -35.83 10.46 16.02
C THR A 238 -36.11 9.00 15.63
N ARG A 239 -35.06 8.20 15.44
CA ARG A 239 -35.18 6.75 15.16
C ARG A 239 -35.96 6.08 16.30
N LEU A 240 -36.88 5.18 15.97
CA LEU A 240 -37.65 4.37 16.94
C LEU A 240 -36.68 3.37 17.59
N THR A 241 -36.93 2.99 18.85
CA THR A 241 -35.96 2.26 19.72
C THR A 241 -36.52 0.92 20.20
N SER A 242 -37.80 0.62 19.94
CA SER A 242 -38.52 -0.54 20.52
C SER A 242 -39.62 -1.04 19.58
N THR A 243 -40.08 -2.28 19.80
CA THR A 243 -41.18 -2.95 19.07
C THR A 243 -42.49 -2.19 19.29
N GLU A 244 -42.66 -1.61 20.49
CA GLU A 244 -43.86 -0.82 20.89
C GLU A 244 -44.01 0.39 19.96
N GLU A 245 -42.93 1.15 19.75
CA GLU A 245 -42.92 2.41 18.95
C GLU A 245 -43.23 2.09 17.48
N PHE A 246 -42.64 1.01 16.94
CA PHE A 246 -42.90 0.51 15.56
C PHE A 246 -44.36 0.04 15.46
N GLY A 247 -44.89 -0.55 16.54
CA GLY A 247 -46.27 -1.05 16.64
C GLY A 247 -47.30 0.05 16.44
N LYS A 248 -47.08 1.23 17.01
CA LYS A 248 -48.07 2.35 17.01
C LYS A 248 -47.80 3.31 15.84
N ILE A 249 -47.05 2.87 14.83
CA ILE A 249 -46.90 3.57 13.51
C ILE A 249 -48.29 3.61 12.85
N LEU A 250 -48.79 4.80 12.54
CA LEU A 250 -50.12 5.02 11.93
C LEU A 250 -50.03 4.86 10.41
N LEU A 251 -50.66 3.80 9.87
CA LEU A 251 -50.68 3.48 8.41
C LEU A 251 -51.74 4.33 7.72
N LYS A 252 -52.97 4.34 8.26
CA LYS A 252 -54.11 5.14 7.73
C LYS A 252 -55.13 5.39 8.85
N VAL A 253 -56.01 6.37 8.63
CA VAL A 253 -57.22 6.63 9.48
C VAL A 253 -58.45 6.40 8.60
N ASN A 254 -59.32 5.46 9.00
CA ASN A 254 -60.55 5.08 8.27
C ASN A 254 -61.53 6.24 8.24
N GLN A 255 -62.62 6.11 7.48
CA GLN A 255 -63.65 7.17 7.28
C GLN A 255 -64.39 7.44 8.60
N ASP A 256 -64.64 6.39 9.39
CA ASP A 256 -65.34 6.46 10.71
C ASP A 256 -64.41 7.12 11.74
N GLY A 257 -63.10 7.09 11.52
CA GLY A 257 -62.09 7.76 12.36
C GLY A 257 -61.17 6.78 13.08
N SER A 258 -61.48 5.47 13.01
CA SER A 258 -60.67 4.38 13.61
C SER A 258 -59.27 4.39 12.99
N ARG A 259 -58.25 4.11 13.81
CA ARG A 259 -56.81 4.15 13.42
C ARG A 259 -56.34 2.73 13.06
N VAL A 260 -55.62 2.59 11.95
CA VAL A 260 -54.94 1.33 11.52
C VAL A 260 -53.44 1.48 11.85
N LEU A 261 -52.98 0.82 12.91
CA LEU A 261 -51.56 0.81 13.36
C LEU A 261 -50.83 -0.36 12.67
N LEU A 262 -49.50 -0.30 12.63
CA LEU A 262 -48.64 -1.32 11.96
C LEU A 262 -48.81 -2.68 12.64
N ARG A 263 -49.06 -2.70 13.95
CA ARG A 263 -49.23 -3.94 14.75
C ARG A 263 -50.55 -4.63 14.39
N ASP A 264 -51.49 -3.91 13.77
CA ASP A 264 -52.81 -4.45 13.32
C ASP A 264 -52.64 -5.26 12.02
N VAL A 265 -51.55 -5.05 11.27
CA VAL A 265 -51.32 -5.70 9.94
C VAL A 265 -50.02 -6.52 9.95
N ALA A 266 -49.32 -6.59 11.09
CA ALA A 266 -48.01 -7.29 11.20
C ALA A 266 -47.68 -7.59 12.66
N LYS A 267 -46.96 -8.70 12.90
CA LYS A 267 -46.32 -9.04 14.19
C LYS A 267 -44.93 -8.41 14.20
N ILE A 268 -44.53 -7.82 15.33
CA ILE A 268 -43.29 -7.00 15.47
C ILE A 268 -42.43 -7.58 16.60
N GLU A 269 -41.17 -7.89 16.30
CA GLU A 269 -40.19 -8.44 17.28
C GLU A 269 -38.76 -8.13 16.81
N LEU A 270 -37.80 -8.12 17.74
CA LEU A 270 -36.34 -8.14 17.46
C LEU A 270 -35.98 -9.55 16.97
N GLY A 271 -35.33 -9.63 15.81
CA GLY A 271 -34.91 -10.91 15.18
C GLY A 271 -33.79 -10.67 14.18
N GLY A 272 -33.02 -11.73 13.88
CA GLY A 272 -31.82 -11.66 13.01
C GLY A 272 -32.11 -10.97 11.68
N GLU A 273 -31.12 -10.25 11.13
CA GLU A 273 -31.14 -9.72 9.75
C GLU A 273 -31.48 -10.87 8.78
N ASN A 274 -30.88 -12.04 9.04
CA ASN A 274 -31.17 -13.33 8.34
C ASN A 274 -31.27 -14.44 9.39
N TYR A 275 -31.88 -15.57 9.03
CA TYR A 275 -32.09 -16.75 9.91
C TYR A 275 -31.44 -17.99 9.28
N ASP A 276 -30.33 -17.79 8.55
CA ASP A 276 -29.65 -18.85 7.75
C ASP A 276 -28.66 -19.62 8.66
N ILE A 277 -27.93 -18.91 9.52
CA ILE A 277 -26.76 -19.46 10.27
C ILE A 277 -27.16 -19.68 11.73
N ILE A 278 -27.16 -20.95 12.17
CA ILE A 278 -27.44 -21.39 13.57
C ILE A 278 -26.28 -22.27 14.03
N ALA A 279 -25.57 -21.87 15.09
CA ALA A 279 -24.36 -22.53 15.62
C ALA A 279 -24.66 -23.23 16.95
N GLU A 280 -23.92 -24.29 17.25
CA GLU A 280 -23.95 -25.02 18.55
C GLU A 280 -22.51 -25.38 18.96
N PHE A 281 -22.25 -25.44 20.27
CA PHE A 281 -20.98 -25.88 20.87
C PHE A 281 -21.25 -27.06 21.81
N ASN A 282 -20.90 -28.28 21.38
CA ASN A 282 -21.17 -29.56 22.10
C ASN A 282 -22.68 -29.70 22.33
N GLY A 283 -23.49 -29.42 21.31
CA GLY A 283 -24.95 -29.58 21.32
C GLY A 283 -25.66 -28.45 22.06
N GLN A 284 -24.94 -27.41 22.46
CA GLN A 284 -25.43 -26.30 23.32
C GLN A 284 -25.61 -25.05 22.48
N PRO A 285 -26.68 -24.23 22.69
CA PRO A 285 -26.85 -22.97 21.96
C PRO A 285 -25.58 -22.10 22.03
N ALA A 286 -25.14 -21.58 20.87
CA ALA A 286 -23.88 -20.83 20.72
C ALA A 286 -23.94 -19.87 19.53
N SER A 287 -23.12 -18.83 19.57
CA SER A 287 -22.69 -18.01 18.41
C SER A 287 -21.16 -18.07 18.32
N GLY A 288 -20.55 -17.32 17.41
CA GLY A 288 -19.08 -17.24 17.29
C GLY A 288 -18.63 -16.36 16.14
N LEU A 289 -17.33 -16.04 16.12
CA LEU A 289 -16.66 -15.27 15.05
C LEU A 289 -15.66 -16.18 14.33
N GLY A 290 -15.92 -16.48 13.06
CA GLY A 290 -14.96 -17.14 12.15
C GLY A 290 -13.96 -16.14 11.62
N ILE A 291 -12.74 -16.14 12.14
CA ILE A 291 -11.68 -15.12 11.85
C ILE A 291 -10.72 -15.70 10.80
N LYS A 292 -10.44 -14.92 9.74
CA LYS A 292 -9.50 -15.28 8.65
C LYS A 292 -8.29 -14.34 8.72
N LEU A 293 -7.08 -14.89 8.55
CA LEU A 293 -5.80 -14.17 8.65
C LEU A 293 -5.62 -13.27 7.43
N ALA A 294 -5.39 -11.96 7.65
CA ALA A 294 -5.11 -10.96 6.60
C ALA A 294 -3.83 -11.36 5.85
N THR A 295 -3.79 -11.13 4.53
CA THR A 295 -2.69 -11.56 3.62
C THR A 295 -1.35 -11.09 4.18
N GLY A 296 -0.44 -12.03 4.45
CA GLY A 296 0.95 -11.77 4.85
C GLY A 296 1.13 -11.55 6.35
N ALA A 297 0.03 -11.36 7.10
CA ALA A 297 0.05 -11.10 8.55
C ALA A 297 0.48 -12.36 9.31
N ASN A 298 1.11 -12.19 10.46
CA ASN A 298 1.62 -13.29 11.33
C ASN A 298 0.45 -13.89 12.11
N ALA A 299 0.26 -15.22 12.02
CA ALA A 299 -0.85 -15.98 12.63
C ALA A 299 -0.82 -15.82 14.16
N LEU A 300 0.35 -16.01 14.79
CA LEU A 300 0.51 -16.02 16.27
C LEU A 300 0.32 -14.60 16.83
N ASP A 301 0.92 -13.58 16.22
CA ASP A 301 0.80 -12.17 16.65
C ASP A 301 -0.67 -11.72 16.57
N THR A 302 -1.37 -12.10 15.49
CA THR A 302 -2.79 -11.76 15.24
C THR A 302 -3.68 -12.44 16.28
N ALA A 303 -3.40 -13.72 16.57
CA ALA A 303 -4.11 -14.54 17.59
C ALA A 303 -3.99 -13.88 18.97
N ALA A 304 -2.77 -13.43 19.32
CA ALA A 304 -2.45 -12.74 20.60
C ALA A 304 -3.24 -11.44 20.70
N ALA A 305 -3.29 -10.66 19.61
CA ALA A 305 -4.01 -9.37 19.51
C ALA A 305 -5.52 -9.58 19.67
N ILE A 306 -6.06 -10.70 19.15
CA ILE A 306 -7.50 -11.08 19.25
C ILE A 306 -7.84 -11.38 20.71
N ARG A 307 -7.01 -12.20 21.38
N ARG A 307 -7.01 -12.20 21.38
CA ARG A 307 -7.18 -12.62 22.79
CA ARG A 307 -7.18 -12.61 22.80
C ARG A 307 -7.13 -11.38 23.72
C ARG A 307 -7.14 -11.38 23.70
N ALA A 308 -6.22 -10.43 23.43
CA ALA A 308 -6.06 -9.17 24.19
C ALA A 308 -7.34 -8.33 24.08
N GLU A 309 -7.94 -8.29 22.90
CA GLU A 309 -9.18 -7.50 22.61
C GLU A 309 -10.40 -8.20 23.24
N LEU A 310 -10.43 -9.53 23.21
CA LEU A 310 -11.49 -10.36 23.86
C LEU A 310 -11.43 -10.16 25.39
N ALA A 311 -10.23 -10.01 25.94
CA ALA A 311 -9.97 -9.83 27.40
C ALA A 311 -10.60 -8.51 27.88
N LYS A 312 -10.64 -7.48 27.02
CA LYS A 312 -11.20 -6.14 27.33
C LYS A 312 -12.74 -6.19 27.37
N MET A 313 -13.35 -7.20 26.75
CA MET A 313 -14.82 -7.35 26.62
C MET A 313 -15.39 -8.18 27.79
N GLU A 314 -14.64 -9.21 28.23
CA GLU A 314 -15.10 -10.25 29.20
C GLU A 314 -15.67 -9.58 30.47
N PRO A 315 -14.97 -8.60 31.08
CA PRO A 315 -15.44 -7.97 32.33
C PRO A 315 -16.87 -7.41 32.27
N PHE A 316 -17.35 -7.02 31.08
CA PHE A 316 -18.64 -6.30 30.88
C PHE A 316 -19.69 -7.23 30.26
N PHE A 317 -19.41 -8.54 30.21
CA PHE A 317 -20.36 -9.59 29.73
C PHE A 317 -21.58 -9.62 30.66
N PRO A 318 -22.78 -9.98 30.14
CA PRO A 318 -23.92 -10.30 31.00
C PRO A 318 -23.69 -11.67 31.67
N SER A 319 -24.43 -11.96 32.75
CA SER A 319 -24.31 -13.20 33.55
C SER A 319 -24.45 -14.43 32.63
N GLY A 320 -23.55 -15.40 32.78
CA GLY A 320 -23.58 -16.68 32.06
C GLY A 320 -22.69 -16.71 30.83
N LEU A 321 -22.61 -15.59 30.09
CA LEU A 321 -21.88 -15.50 28.79
C LEU A 321 -20.41 -15.84 29.02
N LYS A 322 -19.84 -16.68 28.15
CA LYS A 322 -18.48 -17.29 28.30
C LYS A 322 -17.88 -17.50 26.90
N ILE A 323 -16.62 -17.09 26.72
CA ILE A 323 -15.83 -17.35 25.48
C ILE A 323 -15.27 -18.78 25.56
N VAL A 324 -15.46 -19.55 24.49
CA VAL A 324 -14.86 -20.91 24.31
C VAL A 324 -14.00 -20.89 23.05
N TYR A 325 -13.06 -21.83 22.92
CA TYR A 325 -12.04 -21.90 21.83
C TYR A 325 -12.17 -23.25 21.13
N PRO A 326 -13.22 -23.46 20.30
CA PRO A 326 -13.48 -24.74 19.66
C PRO A 326 -12.66 -25.06 18.40
N TYR A 327 -11.90 -24.08 17.88
CA TYR A 327 -11.08 -24.23 16.65
C TYR A 327 -10.03 -23.12 16.59
N ASP A 328 -8.76 -23.50 16.70
CA ASP A 328 -7.59 -22.59 16.60
C ASP A 328 -6.42 -23.35 15.97
N THR A 329 -5.85 -22.82 14.90
CA THR A 329 -4.72 -23.41 14.13
C THR A 329 -3.38 -22.95 14.71
N THR A 330 -3.39 -21.89 15.54
CA THR A 330 -2.17 -21.18 16.00
C THR A 330 -1.46 -21.94 17.13
N PRO A 331 -2.16 -22.60 18.08
CA PRO A 331 -1.49 -23.39 19.12
C PRO A 331 -0.50 -24.41 18.54
N PHE A 332 -0.90 -25.10 17.47
CA PHE A 332 -0.07 -26.10 16.73
C PHE A 332 1.23 -25.43 16.27
N VAL A 333 1.12 -24.25 15.67
CA VAL A 333 2.28 -23.47 15.11
C VAL A 333 3.27 -23.18 16.25
N LYS A 334 2.77 -22.68 17.39
CA LYS A 334 3.60 -22.32 18.57
C LYS A 334 4.24 -23.58 19.15
N ILE A 335 3.44 -24.63 19.36
CA ILE A 335 3.86 -25.90 20.05
C ILE A 335 4.83 -26.68 19.15
N SER A 336 4.51 -26.83 17.86
CA SER A 336 5.32 -27.56 16.85
C SER A 336 6.75 -27.01 16.85
N ILE A 337 6.89 -25.68 16.82
CA ILE A 337 8.21 -24.97 16.85
C ILE A 337 8.89 -25.28 18.18
N HIS A 338 8.21 -25.02 19.30
CA HIS A 338 8.70 -25.26 20.69
C HIS A 338 9.19 -26.71 20.85
N GLU A 339 8.55 -27.66 20.17
CA GLU A 339 8.92 -29.10 20.18
C GLU A 339 10.24 -29.30 19.43
N VAL A 340 10.50 -28.53 18.37
CA VAL A 340 11.77 -28.57 17.58
C VAL A 340 12.87 -27.90 18.43
N VAL A 341 12.53 -26.87 19.20
CA VAL A 341 13.47 -26.16 20.12
C VAL A 341 13.91 -27.12 21.22
N LYS A 342 12.98 -27.96 21.69
CA LYS A 342 13.24 -29.00 22.74
C LYS A 342 14.26 -30.02 22.21
N THR A 343 14.08 -30.49 20.96
CA THR A 343 14.97 -31.48 20.30
C THR A 343 16.35 -30.85 20.03
N LEU A 344 16.39 -29.53 19.76
CA LEU A 344 17.64 -28.77 19.52
C LEU A 344 18.49 -28.75 20.79
N VAL A 345 17.86 -28.50 21.95
CA VAL A 345 18.53 -28.50 23.29
C VAL A 345 18.98 -29.93 23.62
N GLU A 346 18.13 -30.92 23.34
CA GLU A 346 18.41 -32.37 23.55
C GLU A 346 19.59 -32.79 22.66
N ALA A 347 19.60 -32.33 21.40
CA ALA A 347 20.66 -32.62 20.40
C ALA A 347 22.03 -32.15 20.93
N ILE A 348 22.08 -30.91 21.45
CA ILE A 348 23.32 -30.29 22.02
C ILE A 348 23.80 -31.12 23.21
N ILE A 349 22.88 -31.55 24.08
CA ILE A 349 23.18 -32.39 25.29
C ILE A 349 23.72 -33.74 24.83
N LEU A 350 23.01 -34.43 23.94
CA LEU A 350 23.37 -35.78 23.41
C LEU A 350 24.71 -35.70 22.68
N VAL A 351 25.01 -34.56 22.04
CA VAL A 351 26.32 -34.29 21.35
C VAL A 351 27.42 -34.19 22.42
N PHE A 352 27.18 -33.41 23.49
CA PHE A 352 28.12 -33.18 24.62
C PHE A 352 28.49 -34.52 25.28
N LEU A 353 27.49 -35.38 25.52
CA LEU A 353 27.66 -36.70 26.20
C LEU A 353 28.57 -37.61 25.37
N VAL A 354 28.38 -37.63 24.05
CA VAL A 354 29.15 -38.49 23.09
C VAL A 354 30.58 -37.96 22.99
N MET A 355 30.79 -36.65 23.10
CA MET A 355 32.14 -36.01 23.07
C MET A 355 32.90 -36.37 24.34
N TYR A 356 32.21 -36.41 25.49
CA TYR A 356 32.76 -36.79 26.82
C TYR A 356 33.17 -38.26 26.82
N LEU A 357 32.46 -39.10 26.05
CA LEU A 357 32.72 -40.56 25.91
C LEU A 357 34.07 -40.80 25.23
N PHE A 358 34.51 -39.87 24.38
CA PHE A 358 35.73 -40.00 23.52
C PHE A 358 36.90 -39.19 24.10
N LEU A 359 36.68 -37.90 24.42
CA LEU A 359 37.75 -36.96 24.87
C LEU A 359 38.22 -37.31 26.29
N GLN A 360 37.37 -37.95 27.10
CA GLN A 360 37.66 -38.36 28.51
C GLN A 360 37.67 -37.13 29.41
N ASN A 361 38.52 -36.14 29.11
CA ASN A 361 38.66 -34.85 29.84
C ASN A 361 37.34 -34.07 29.74
N PHE A 362 36.97 -33.36 30.80
CA PHE A 362 35.73 -32.53 30.91
C PHE A 362 35.98 -31.14 30.33
N ARG A 363 37.14 -30.55 30.65
CA ARG A 363 37.53 -29.18 30.22
C ARG A 363 37.73 -29.16 28.70
N ALA A 364 38.11 -30.29 28.09
CA ALA A 364 38.33 -30.47 26.64
C ALA A 364 36.99 -30.47 25.91
N THR A 365 35.98 -31.15 26.47
CA THR A 365 34.63 -31.32 25.88
C THR A 365 33.81 -30.03 26.04
N LEU A 366 34.16 -29.20 27.03
CA LEU A 366 33.45 -27.94 27.36
C LEU A 366 33.60 -26.93 26.21
N ILE A 367 34.76 -26.92 25.54
CA ILE A 367 35.12 -25.91 24.49
C ILE A 367 34.17 -26.08 23.29
N PRO A 368 34.07 -27.27 22.67
CA PRO A 368 33.08 -27.51 21.61
C PRO A 368 31.62 -27.29 22.07
N THR A 369 31.31 -27.61 23.33
CA THR A 369 29.96 -27.48 23.94
C THR A 369 29.60 -26.00 24.11
N ILE A 370 30.60 -25.13 24.32
CA ILE A 370 30.43 -23.65 24.43
C ILE A 370 30.32 -23.06 23.03
N ALA A 371 31.00 -23.65 22.04
CA ALA A 371 31.08 -23.16 20.64
C ALA A 371 29.70 -23.19 19.98
N VAL A 372 29.00 -24.33 20.06
CA VAL A 372 27.73 -24.61 19.31
C VAL A 372 26.66 -23.59 19.69
N PRO A 373 26.36 -23.38 21.00
CA PRO A 373 25.36 -22.38 21.41
C PRO A 373 25.62 -20.96 20.87
N VAL A 374 26.88 -20.51 20.91
CA VAL A 374 27.31 -19.16 20.43
C VAL A 374 26.99 -19.03 18.93
N VAL A 375 27.28 -20.09 18.17
CA VAL A 375 27.11 -20.14 16.68
C VAL A 375 25.62 -20.13 16.33
N LEU A 376 24.84 -21.01 16.96
CA LEU A 376 23.38 -21.19 16.68
C LEU A 376 22.62 -19.94 17.10
N LEU A 377 22.97 -19.32 18.24
CA LEU A 377 22.41 -18.02 18.71
C LEU A 377 22.82 -16.93 17.70
N GLY A 378 24.07 -16.95 17.24
CA GLY A 378 24.58 -16.05 16.18
C GLY A 378 23.73 -16.16 14.92
N THR A 379 23.37 -17.38 14.53
CA THR A 379 22.58 -17.69 13.30
C THR A 379 21.20 -17.02 13.39
N PHE A 380 20.58 -17.01 14.58
CA PHE A 380 19.26 -16.36 14.83
C PHE A 380 19.35 -14.87 14.52
N ALA A 381 20.48 -14.23 14.87
CA ALA A 381 20.75 -12.79 14.62
C ALA A 381 20.87 -12.54 13.10
N VAL A 382 21.39 -13.51 12.36
CA VAL A 382 21.55 -13.44 10.87
C VAL A 382 20.18 -13.57 10.20
N LEU A 383 19.29 -14.40 10.75
CA LEU A 383 17.90 -14.58 10.25
C LEU A 383 17.17 -13.23 10.29
N ALA A 384 17.39 -12.45 11.35
CA ALA A 384 16.83 -11.08 11.54
C ALA A 384 17.37 -10.14 10.46
N ALA A 385 18.67 -10.18 10.20
CA ALA A 385 19.38 -9.34 9.19
C ALA A 385 18.82 -9.64 7.79
N PHE A 386 18.60 -10.92 7.48
CA PHE A 386 18.06 -11.40 6.18
C PHE A 386 16.53 -11.24 6.13
N GLY A 387 15.91 -10.87 7.25
CA GLY A 387 14.46 -10.60 7.36
C GLY A 387 13.64 -11.88 7.32
N PHE A 388 14.24 -13.01 7.66
CA PHE A 388 13.56 -14.34 7.75
C PHE A 388 12.87 -14.47 9.10
N SER A 389 12.12 -15.56 9.28
CA SER A 389 11.34 -15.87 10.51
C SER A 389 11.88 -17.15 11.15
N ILE A 390 11.50 -17.40 12.41
CA ILE A 390 11.71 -18.70 13.12
C ILE A 390 10.60 -19.63 12.68
N ASN A 391 10.92 -20.63 11.84
CA ASN A 391 9.94 -21.57 11.23
C ASN A 391 10.53 -22.99 11.21
N THR A 392 9.72 -23.98 10.84
CA THR A 392 10.05 -25.42 10.79
C THR A 392 11.41 -25.64 10.14
N LEU A 393 11.65 -24.99 8.99
CA LEU A 393 12.84 -25.23 8.11
C LEU A 393 14.07 -24.53 8.67
N THR A 394 13.94 -23.28 9.12
CA THR A 394 15.04 -22.51 9.78
C THR A 394 15.44 -23.24 11.06
N MET A 395 14.46 -23.74 11.83
CA MET A 395 14.69 -24.51 13.09
C MET A 395 15.37 -25.85 12.77
N PHE A 396 14.97 -26.51 11.67
CA PHE A 396 15.62 -27.75 11.16
C PHE A 396 17.03 -27.41 10.66
N GLY A 397 17.23 -26.19 10.14
CA GLY A 397 18.56 -25.65 9.77
C GLY A 397 19.49 -25.65 10.98
N MET A 398 19.01 -25.16 12.12
CA MET A 398 19.78 -25.04 13.40
C MET A 398 20.21 -26.42 13.87
N VAL A 399 19.30 -27.41 13.84
CA VAL A 399 19.52 -28.79 14.35
C VAL A 399 20.55 -29.49 13.46
N LEU A 400 20.34 -29.49 12.14
CA LEU A 400 21.19 -30.21 11.15
C LEU A 400 22.54 -29.51 10.98
N ALA A 401 22.62 -28.21 11.27
CA ALA A 401 23.84 -27.38 11.20
C ALA A 401 24.92 -27.96 12.14
N ILE A 402 24.49 -28.45 13.32
CA ILE A 402 25.39 -28.99 14.39
C ILE A 402 26.36 -30.01 13.79
N GLY A 403 25.86 -30.91 12.95
CA GLY A 403 26.64 -32.01 12.34
C GLY A 403 27.78 -31.51 11.46
N LEU A 404 27.61 -30.33 10.84
CA LEU A 404 28.55 -29.78 9.82
C LEU A 404 29.56 -28.83 10.48
N LEU A 405 29.29 -28.34 11.69
CA LEU A 405 30.09 -27.25 12.33
C LEU A 405 30.75 -27.72 13.65
N VAL A 406 30.32 -28.84 14.22
CA VAL A 406 30.81 -29.33 15.55
C VAL A 406 32.31 -29.66 15.46
N ASP A 407 32.78 -30.12 14.30
CA ASP A 407 34.18 -30.56 14.06
C ASP A 407 35.15 -29.36 14.15
N ASP A 408 34.66 -28.14 13.85
CA ASP A 408 35.45 -26.89 13.82
C ASP A 408 36.17 -26.69 15.17
N ALA A 409 35.48 -26.96 16.28
CA ALA A 409 36.02 -26.83 17.66
C ALA A 409 36.85 -28.06 18.01
N ILE A 410 36.36 -29.26 17.67
CA ILE A 410 37.00 -30.57 18.00
C ILE A 410 38.40 -30.63 17.38
N VAL A 411 38.53 -30.25 16.10
CA VAL A 411 39.79 -30.36 15.30
C VAL A 411 40.86 -29.45 15.91
N VAL A 412 40.46 -28.32 16.53
CA VAL A 412 41.38 -27.38 17.24
C VAL A 412 41.80 -28.03 18.56
N VAL A 413 40.83 -28.34 19.43
CA VAL A 413 41.05 -28.89 20.81
C VAL A 413 41.98 -30.11 20.72
N GLU A 414 41.68 -31.07 19.84
CA GLU A 414 42.46 -32.32 19.67
C GLU A 414 43.88 -32.00 19.18
N ASN A 415 44.01 -31.09 18.21
CA ASN A 415 45.31 -30.69 17.59
C ASN A 415 46.21 -30.05 18.65
N VAL A 416 45.63 -29.30 19.60
CA VAL A 416 46.35 -28.65 20.73
C VAL A 416 46.90 -29.75 21.65
N GLU A 417 46.03 -30.63 22.15
CA GLU A 417 46.38 -31.74 23.08
C GLU A 417 47.35 -32.71 22.40
N ARG A 418 47.30 -32.82 21.06
CA ARG A 418 48.23 -33.63 20.24
C ARG A 418 49.62 -32.97 20.26
N VAL A 419 49.68 -31.65 20.08
CA VAL A 419 50.94 -30.85 20.07
C VAL A 419 51.54 -30.86 21.49
N MET A 420 50.70 -30.74 22.52
CA MET A 420 51.12 -30.77 23.96
C MET A 420 51.67 -32.15 24.32
N ALA A 421 51.18 -33.21 23.67
CA ALA A 421 51.63 -34.61 23.86
C ALA A 421 52.93 -34.87 23.09
N GLU A 422 53.21 -34.04 22.06
CA GLU A 422 54.36 -34.21 21.13
C GLU A 422 55.64 -33.66 21.78
N GLU A 423 55.60 -32.40 22.26
CA GLU A 423 56.79 -31.65 22.73
C GLU A 423 56.46 -30.79 23.96
N GLY A 424 55.47 -31.20 24.76
CA GLY A 424 55.13 -30.61 26.07
C GLY A 424 55.20 -29.09 26.08
N LEU A 425 54.58 -28.42 25.10
CA LEU A 425 54.44 -26.93 25.05
C LEU A 425 53.28 -26.53 25.96
N PRO A 426 53.41 -25.45 26.77
CA PRO A 426 52.29 -24.94 27.55
C PRO A 426 51.09 -24.60 26.67
N PRO A 427 49.83 -24.82 27.15
CA PRO A 427 48.64 -24.57 26.34
C PRO A 427 48.67 -23.30 25.48
N LYS A 428 49.12 -22.18 26.07
CA LYS A 428 49.16 -20.84 25.43
C LYS A 428 50.11 -20.86 24.23
N GLU A 429 51.22 -21.60 24.32
CA GLU A 429 52.27 -21.70 23.27
C GLU A 429 51.84 -22.73 22.22
N ALA A 430 51.33 -23.88 22.67
CA ALA A 430 50.87 -25.01 21.82
C ALA A 430 49.73 -24.56 20.91
N THR A 431 48.79 -23.77 21.44
CA THR A 431 47.59 -23.25 20.73
C THR A 431 48.01 -22.40 19.53
N ARG A 432 49.01 -21.53 19.71
CA ARG A 432 49.53 -20.61 18.65
C ARG A 432 50.04 -21.44 17.46
N LYS A 433 50.85 -22.47 17.72
CA LYS A 433 51.40 -23.39 16.69
C LYS A 433 50.27 -24.25 16.10
N SER A 434 49.36 -24.73 16.96
CA SER A 434 48.20 -25.60 16.59
C SER A 434 47.34 -24.92 15.53
N MET A 435 46.95 -23.65 15.77
CA MET A 435 46.08 -22.85 14.86
C MET A 435 46.80 -22.59 13.53
N GLY A 436 48.11 -22.35 13.58
CA GLY A 436 48.94 -21.97 12.41
C GLY A 436 48.80 -22.94 11.24
N GLN A 437 48.64 -24.24 11.52
CA GLN A 437 48.71 -25.34 10.52
C GLN A 437 47.30 -25.84 10.15
N ILE A 438 46.26 -25.42 10.88
CA ILE A 438 44.84 -25.85 10.64
C ILE A 438 44.02 -24.67 10.12
N GLN A 439 44.31 -23.44 10.56
CA GLN A 439 43.59 -22.18 10.20
C GLN A 439 43.24 -22.19 8.71
N GLY A 440 44.22 -22.47 7.85
CA GLY A 440 44.07 -22.48 6.38
C GLY A 440 43.01 -23.48 5.93
N ALA A 441 43.16 -24.75 6.34
CA ALA A 441 42.28 -25.88 5.95
C ALA A 441 40.88 -25.68 6.54
N LEU A 442 40.78 -25.07 7.72
CA LEU A 442 39.50 -24.84 8.46
C LEU A 442 38.58 -23.93 7.63
N VAL A 443 39.12 -22.79 7.17
CA VAL A 443 38.38 -21.78 6.35
C VAL A 443 38.08 -22.40 4.97
N GLY A 444 39.06 -23.11 4.39
CA GLY A 444 38.97 -23.73 3.05
C GLY A 444 37.86 -24.77 2.97
N ILE A 445 37.91 -25.79 3.83
CA ILE A 445 36.96 -26.95 3.83
C ILE A 445 35.55 -26.43 4.16
N ALA A 446 35.43 -25.40 5.00
CA ALA A 446 34.16 -24.73 5.36
C ALA A 446 33.48 -24.17 4.11
N MET A 447 34.27 -23.58 3.20
CA MET A 447 33.79 -22.99 1.92
C MET A 447 33.39 -24.12 0.94
N VAL A 448 34.11 -25.24 0.96
CA VAL A 448 33.84 -26.45 0.12
C VAL A 448 32.48 -27.03 0.53
N LEU A 449 32.21 -27.12 1.83
CA LEU A 449 30.95 -27.69 2.40
C LEU A 449 29.78 -26.73 2.18
N SER A 450 30.03 -25.41 2.26
CA SER A 450 29.01 -24.35 2.07
C SER A 450 28.54 -24.32 0.61
N ALA A 451 29.40 -24.74 -0.32
CA ALA A 451 29.11 -24.81 -1.78
C ALA A 451 28.03 -25.84 -2.06
N VAL A 452 27.75 -26.75 -1.11
CA VAL A 452 26.72 -27.82 -1.23
C VAL A 452 25.32 -27.18 -1.18
N PHE A 453 25.15 -26.16 -0.33
CA PHE A 453 23.83 -25.56 0.02
C PHE A 453 23.59 -24.26 -0.75
N VAL A 454 24.65 -23.47 -1.00
CA VAL A 454 24.59 -22.12 -1.65
C VAL A 454 23.72 -22.19 -2.91
N PRO A 455 23.94 -23.14 -3.85
CA PRO A 455 23.15 -23.20 -5.08
C PRO A 455 21.63 -23.32 -4.87
N MET A 456 21.19 -24.07 -3.85
CA MET A 456 19.75 -24.34 -3.56
C MET A 456 19.07 -23.03 -3.09
N ALA A 457 19.85 -22.07 -2.58
CA ALA A 457 19.36 -20.76 -2.08
C ALA A 457 18.75 -19.93 -3.21
N PHE A 458 19.08 -20.26 -4.48
CA PHE A 458 18.55 -19.60 -5.70
C PHE A 458 17.41 -20.43 -6.28
N PHE A 459 16.60 -21.06 -5.41
CA PHE A 459 15.42 -21.88 -5.79
C PHE A 459 14.31 -20.93 -6.26
N GLY A 460 13.73 -21.21 -7.43
CA GLY A 460 12.68 -20.37 -8.05
C GLY A 460 11.29 -20.73 -7.57
N GLY A 461 10.27 -20.02 -8.06
CA GLY A 461 8.85 -20.27 -7.77
C GLY A 461 8.45 -19.80 -6.38
N SER A 462 7.18 -20.01 -6.01
CA SER A 462 6.60 -19.64 -4.70
C SER A 462 7.20 -20.52 -3.59
N THR A 463 7.55 -21.77 -3.92
CA THR A 463 8.07 -22.80 -2.97
C THR A 463 9.57 -22.61 -2.74
N GLY A 464 10.20 -21.64 -3.41
CA GLY A 464 11.65 -21.37 -3.34
C GLY A 464 12.09 -20.89 -1.97
N ALA A 465 11.23 -20.16 -1.25
CA ALA A 465 11.47 -19.62 0.11
C ALA A 465 11.83 -20.77 1.06
N ILE A 466 11.19 -21.94 0.88
CA ILE A 466 11.39 -23.19 1.67
C ILE A 466 12.89 -23.50 1.70
N TYR A 467 13.50 -23.62 0.52
CA TYR A 467 14.88 -24.14 0.29
C TYR A 467 15.90 -23.03 0.61
N ARG A 468 15.55 -21.78 0.34
CA ARG A 468 16.41 -20.59 0.57
C ARG A 468 16.64 -20.42 2.08
N GLN A 469 15.55 -20.29 2.84
CA GLN A 469 15.59 -20.02 4.31
C GLN A 469 16.39 -21.12 5.03
N PHE A 470 16.25 -22.38 4.61
CA PHE A 470 17.01 -23.54 5.15
C PHE A 470 18.49 -23.39 4.81
N SER A 471 18.79 -23.15 3.54
CA SER A 471 20.17 -23.03 2.97
C SER A 471 20.96 -21.94 3.69
N ILE A 472 20.37 -20.73 3.79
CA ILE A 472 21.01 -19.53 4.38
C ILE A 472 21.35 -19.82 5.86
N THR A 473 20.46 -20.51 6.57
CA THR A 473 20.63 -20.92 7.99
C THR A 473 21.86 -21.82 8.13
N ILE A 474 21.98 -22.83 7.27
CA ILE A 474 23.10 -23.83 7.27
C ILE A 474 24.42 -23.10 7.01
N VAL A 475 24.48 -22.29 5.94
CA VAL A 475 25.71 -21.56 5.50
C VAL A 475 26.11 -20.53 6.57
N SER A 476 25.15 -19.73 7.05
CA SER A 476 25.36 -18.69 8.08
C SER A 476 25.98 -19.30 9.35
N ALA A 477 25.48 -20.46 9.77
CA ALA A 477 25.96 -21.22 10.95
C ALA A 477 27.40 -21.68 10.73
N MET A 478 27.67 -22.32 9.58
CA MET A 478 29.01 -22.83 9.19
C MET A 478 30.01 -21.66 9.08
N ALA A 479 29.55 -20.51 8.58
CA ALA A 479 30.35 -19.27 8.44
C ALA A 479 30.72 -18.73 9.83
N LEU A 480 29.73 -18.60 10.72
CA LEU A 480 29.91 -18.12 12.12
C LEU A 480 30.79 -19.11 12.90
N SER A 481 30.64 -20.41 12.63
CA SER A 481 31.41 -21.50 13.29
C SER A 481 32.91 -21.32 13.03
N VAL A 482 33.29 -20.96 11.81
CA VAL A 482 34.70 -20.65 11.41
C VAL A 482 35.17 -19.44 12.22
N LEU A 483 34.36 -18.38 12.25
CA LEU A 483 34.66 -17.11 12.98
C LEU A 483 34.91 -17.42 14.46
N VAL A 484 34.02 -18.18 15.10
CA VAL A 484 34.09 -18.60 16.53
C VAL A 484 35.34 -19.48 16.74
N ALA A 485 35.67 -20.32 15.74
CA ALA A 485 36.80 -21.28 15.79
C ALA A 485 38.15 -20.55 15.67
N LEU A 486 38.15 -19.31 15.19
CA LEU A 486 39.37 -18.46 15.04
C LEU A 486 39.48 -17.45 16.19
N ILE A 487 38.37 -17.15 16.88
CA ILE A 487 38.28 -16.07 17.92
C ILE A 487 38.25 -16.72 19.32
N LEU A 488 37.19 -17.46 19.63
CA LEU A 488 36.91 -17.98 21.01
C LEU A 488 37.66 -19.30 21.23
N THR A 489 37.47 -20.29 20.36
CA THR A 489 37.99 -21.67 20.51
C THR A 489 39.49 -21.64 20.84
N PRO A 490 40.33 -20.83 20.14
CA PRO A 490 41.74 -20.73 20.49
C PRO A 490 41.97 -20.13 21.88
N ALA A 491 41.24 -19.08 22.23
CA ALA A 491 41.30 -18.38 23.54
C ALA A 491 41.01 -19.36 24.68
N LEU A 492 39.99 -20.21 24.51
CA LEU A 492 39.55 -21.21 25.52
C LEU A 492 40.57 -22.36 25.59
N CYS A 493 41.20 -22.70 24.46
CA CYS A 493 42.27 -23.74 24.36
C CYS A 493 43.54 -23.27 25.08
N ALA A 494 43.79 -21.96 25.11
CA ALA A 494 44.98 -21.33 25.73
C ALA A 494 44.81 -21.28 27.26
N THR A 495 43.58 -21.13 27.74
CA THR A 495 43.24 -20.87 29.18
C THR A 495 42.74 -22.16 29.85
N MET A 496 41.64 -22.73 29.35
CA MET A 496 40.84 -23.78 30.05
C MET A 496 41.57 -25.14 30.02
N LEU A 497 42.32 -25.43 28.96
CA LEU A 497 43.08 -26.71 28.82
C LEU A 497 44.21 -26.76 29.84
N LYS A 498 44.37 -27.89 30.53
CA LYS A 498 45.47 -28.16 31.50
C LYS A 498 46.67 -28.70 30.71
N PRO A 499 47.91 -28.55 31.24
CA PRO A 499 49.10 -29.07 30.56
C PRO A 499 49.13 -30.61 30.47
N ILE A 500 49.81 -31.14 29.45
CA ILE A 500 50.08 -32.60 29.26
C ILE A 500 51.59 -32.83 29.38
N GLY A 508 46.39 -43.14 29.88
CA GLY A 508 46.25 -44.61 29.77
C GLY A 508 45.85 -45.19 31.14
N LYS A 509 45.04 -44.46 31.92
CA LYS A 509 44.64 -44.84 33.31
C LYS A 509 43.15 -45.17 33.32
N LYS A 510 42.55 -45.20 34.53
CA LYS A 510 41.08 -45.25 34.79
C LYS A 510 40.52 -46.64 34.47
N GLY A 511 39.24 -46.85 34.79
CA GLY A 511 38.52 -48.12 34.62
C GLY A 511 37.75 -48.18 33.31
N PHE A 512 36.59 -47.52 33.23
CA PHE A 512 35.68 -47.53 32.05
C PHE A 512 36.33 -46.80 30.88
N PHE A 513 36.76 -45.55 31.10
CA PHE A 513 37.47 -44.71 30.10
C PHE A 513 38.70 -45.46 29.59
N GLY A 514 39.38 -46.20 30.48
CA GLY A 514 40.50 -47.09 30.14
C GLY A 514 40.05 -48.31 29.35
N TRP A 515 38.94 -48.94 29.76
CA TRP A 515 38.32 -50.12 29.10
C TRP A 515 37.87 -49.76 27.69
N PHE A 516 37.13 -48.66 27.55
CA PHE A 516 36.56 -48.15 26.26
C PHE A 516 37.70 -47.81 25.29
N ASN A 517 38.76 -47.14 25.79
CA ASN A 517 39.92 -46.69 24.98
C ASN A 517 40.72 -47.90 24.49
N ARG A 518 41.03 -48.85 25.40
CA ARG A 518 41.77 -50.10 25.09
C ARG A 518 40.96 -50.94 24.10
N MET A 519 39.64 -51.02 24.29
CA MET A 519 38.67 -51.71 23.40
C MET A 519 38.73 -51.09 22.00
N PHE A 520 38.77 -49.75 21.92
CA PHE A 520 38.71 -48.97 20.65
C PHE A 520 40.02 -49.12 19.87
N GLU A 521 41.17 -49.05 20.57
CA GLU A 521 42.52 -49.16 19.97
C GLU A 521 42.69 -50.53 19.30
N LYS A 522 42.17 -51.59 19.92
CA LYS A 522 42.21 -52.98 19.37
C LYS A 522 41.18 -53.11 18.23
N SER A 523 40.02 -52.45 18.37
CA SER A 523 38.98 -52.36 17.32
C SER A 523 39.51 -51.57 16.11
N THR A 524 40.37 -50.57 16.35
CA THR A 524 41.06 -49.75 15.32
C THR A 524 42.08 -50.62 14.57
N HIS A 525 42.87 -51.40 15.29
CA HIS A 525 43.91 -52.31 14.74
C HIS A 525 43.25 -53.46 13.96
N HIS A 526 42.04 -53.87 14.38
CA HIS A 526 41.22 -54.91 13.72
C HIS A 526 40.61 -54.35 12.42
N TYR A 527 40.44 -53.02 12.36
CA TYR A 527 39.83 -52.28 11.22
C TYR A 527 40.90 -51.93 10.18
N THR A 528 42.08 -51.47 10.61
CA THR A 528 43.23 -51.09 9.73
C THR A 528 43.74 -52.33 8.98
N ASP A 529 43.78 -53.48 9.65
CA ASP A 529 44.15 -54.79 9.05
C ASP A 529 43.12 -55.18 7.97
N SER A 530 41.85 -54.89 8.21
CA SER A 530 40.72 -55.14 7.27
C SER A 530 40.86 -54.23 6.04
N VAL A 531 41.18 -52.95 6.24
CA VAL A 531 41.41 -51.95 5.17
C VAL A 531 42.64 -52.38 4.35
N GLY A 532 43.69 -52.85 5.02
CA GLY A 532 44.93 -53.36 4.38
C GLY A 532 44.64 -54.42 3.34
N GLY A 533 43.68 -55.32 3.62
CA GLY A 533 43.26 -56.40 2.72
C GLY A 533 42.40 -55.91 1.57
N ILE A 534 41.59 -54.87 1.80
CA ILE A 534 40.68 -54.24 0.79
C ILE A 534 41.55 -53.62 -0.33
N LEU A 535 42.66 -52.97 0.03
CA LEU A 535 43.56 -52.25 -0.91
C LEU A 535 44.37 -53.25 -1.75
N ARG A 536 44.57 -54.47 -1.24
CA ARG A 536 45.20 -55.60 -2.00
C ARG A 536 44.26 -56.05 -3.11
N SER A 537 42.94 -56.00 -2.88
CA SER A 537 41.87 -56.35 -3.85
C SER A 537 41.63 -55.17 -4.79
N THR A 538 41.18 -54.03 -4.24
CA THR A 538 40.93 -52.74 -4.95
C THR A 538 39.81 -52.92 -5.98
N GLY A 539 40.10 -53.57 -7.11
CA GLY A 539 39.19 -53.74 -8.25
C GLY A 539 37.90 -54.45 -7.88
N ARG A 540 37.94 -55.32 -6.86
CA ARG A 540 36.79 -56.11 -6.37
C ARG A 540 35.70 -55.18 -5.85
N TYR A 541 36.06 -54.20 -5.01
CA TYR A 541 35.14 -53.30 -4.28
C TYR A 541 34.65 -52.16 -5.18
N LEU A 542 35.36 -51.91 -6.30
CA LEU A 542 34.93 -50.93 -7.34
C LEU A 542 33.66 -51.44 -8.03
N VAL A 543 33.53 -52.76 -8.19
CA VAL A 543 32.34 -53.43 -8.79
C VAL A 543 31.17 -53.34 -7.80
N LEU A 544 31.45 -53.54 -6.51
CA LEU A 544 30.47 -53.41 -5.39
C LEU A 544 29.95 -51.96 -5.34
N TYR A 545 30.82 -50.97 -5.60
CA TYR A 545 30.49 -49.53 -5.61
C TYR A 545 29.47 -49.22 -6.71
N LEU A 546 29.68 -49.79 -7.91
CA LEU A 546 28.80 -49.57 -9.09
C LEU A 546 27.40 -50.15 -8.82
N ILE A 547 27.32 -51.25 -8.07
CA ILE A 547 26.03 -51.91 -7.68
C ILE A 547 25.28 -50.98 -6.72
N ILE A 548 25.99 -50.30 -5.81
CA ILE A 548 25.42 -49.32 -4.84
C ILE A 548 24.86 -48.12 -5.62
N VAL A 549 25.57 -47.67 -6.66
CA VAL A 549 25.18 -46.52 -7.53
C VAL A 549 23.90 -46.89 -8.30
N VAL A 550 23.84 -48.11 -8.85
CA VAL A 550 22.65 -48.66 -9.57
C VAL A 550 21.52 -48.89 -8.56
N GLY A 551 21.85 -49.44 -7.40
CA GLY A 551 20.91 -49.62 -6.27
C GLY A 551 20.33 -48.30 -5.81
N MET A 552 21.17 -47.27 -5.70
CA MET A 552 20.79 -45.88 -5.35
C MET A 552 19.86 -45.31 -6.44
N ALA A 553 20.24 -45.48 -7.71
CA ALA A 553 19.51 -44.99 -8.90
C ALA A 553 18.10 -45.60 -8.93
N TYR A 554 17.98 -46.89 -8.61
CA TYR A 554 16.71 -47.68 -8.62
C TYR A 554 15.75 -47.11 -7.58
N LEU A 555 16.19 -47.03 -6.31
CA LEU A 555 15.39 -46.58 -5.15
C LEU A 555 14.87 -45.15 -5.40
N PHE A 556 15.70 -44.28 -5.95
CA PHE A 556 15.38 -42.85 -6.26
C PHE A 556 14.22 -42.80 -7.26
N VAL A 557 14.33 -43.55 -8.36
CA VAL A 557 13.29 -43.67 -9.44
C VAL A 557 12.02 -44.27 -8.81
N ARG A 558 12.17 -45.30 -7.97
CA ARG A 558 11.06 -46.06 -7.33
C ARG A 558 10.29 -45.18 -6.35
N LEU A 559 11.00 -44.33 -5.59
CA LEU A 559 10.42 -43.52 -4.47
C LEU A 559 9.42 -42.50 -5.02
N PRO A 560 8.14 -42.55 -4.60
CA PRO A 560 7.17 -41.51 -4.95
C PRO A 560 7.56 -40.14 -4.39
N SER A 561 7.04 -39.06 -4.98
CA SER A 561 7.38 -37.65 -4.64
C SER A 561 6.10 -36.88 -4.27
N SER A 562 6.14 -36.17 -3.14
CA SER A 562 5.11 -35.19 -2.68
C SER A 562 5.79 -33.85 -2.39
N PHE A 563 5.10 -32.91 -1.75
CA PHE A 563 5.65 -31.57 -1.38
C PHE A 563 5.87 -31.50 0.15
N LEU A 564 4.78 -31.47 0.92
CA LEU A 564 4.82 -31.41 2.41
C LEU A 564 3.84 -32.45 2.98
N PRO A 565 4.24 -33.23 4.01
CA PRO A 565 3.34 -34.22 4.60
C PRO A 565 2.16 -33.58 5.34
N ASP A 566 1.05 -34.30 5.45
CA ASP A 566 -0.14 -33.90 6.26
C ASP A 566 0.25 -34.00 7.75
N GLU A 567 0.05 -32.92 8.51
CA GLU A 567 0.38 -32.82 9.95
C GLU A 567 -0.90 -32.84 10.78
N ASP A 568 -0.87 -33.53 11.93
CA ASP A 568 -1.92 -33.46 12.98
C ASP A 568 -1.77 -32.10 13.69
N GLN A 569 -2.77 -31.23 13.55
CA GLN A 569 -2.76 -29.84 14.10
C GLN A 569 -3.69 -29.74 15.32
N GLY A 570 -4.17 -30.89 15.83
CA GLY A 570 -5.10 -30.97 16.97
C GLY A 570 -6.48 -30.43 16.63
N VAL A 571 -6.73 -30.17 15.34
CA VAL A 571 -8.03 -29.63 14.82
C VAL A 571 -8.25 -30.17 13.41
N PHE A 572 -9.52 -30.29 13.00
CA PHE A 572 -9.95 -30.63 11.62
C PHE A 572 -11.41 -30.19 11.44
N MET A 573 -11.92 -30.31 10.21
CA MET A 573 -13.29 -29.87 9.83
C MET A 573 -14.03 -31.03 9.15
N THR A 574 -15.36 -31.04 9.28
CA THR A 574 -16.28 -32.01 8.62
C THR A 574 -17.23 -31.23 7.71
N MET A 575 -17.24 -31.57 6.42
CA MET A 575 -18.10 -30.91 5.39
C MET A 575 -19.46 -31.62 5.38
N VAL A 576 -20.55 -30.84 5.43
CA VAL A 576 -21.96 -31.33 5.33
C VAL A 576 -22.63 -30.65 4.15
N GLN A 577 -22.95 -31.40 3.10
CA GLN A 577 -23.61 -30.93 1.86
C GLN A 577 -24.81 -31.83 1.53
N LEU A 578 -26.02 -31.34 1.77
CA LEU A 578 -27.29 -31.99 1.31
C LEU A 578 -27.58 -31.50 -0.10
N PRO A 579 -28.37 -32.24 -0.90
CA PRO A 579 -28.74 -31.79 -2.24
C PRO A 579 -29.61 -30.53 -2.15
N ALA A 580 -29.29 -29.50 -2.94
CA ALA A 580 -30.03 -28.21 -3.01
C ALA A 580 -31.53 -28.49 -3.12
N GLY A 581 -32.35 -27.69 -2.42
CA GLY A 581 -33.77 -27.96 -2.19
C GLY A 581 -34.02 -28.51 -0.79
N ALA A 582 -32.98 -29.06 -0.16
CA ALA A 582 -33.01 -29.60 1.22
C ALA A 582 -33.16 -28.43 2.21
N THR A 583 -34.00 -28.61 3.23
CA THR A 583 -34.38 -27.57 4.21
C THR A 583 -33.35 -27.50 5.34
N GLN A 584 -33.33 -26.37 6.05
CA GLN A 584 -32.50 -26.09 7.26
C GLN A 584 -32.72 -27.19 8.29
N GLU A 585 -33.95 -27.69 8.43
CA GLU A 585 -34.36 -28.74 9.40
C GLU A 585 -33.63 -30.05 9.10
N ARG A 586 -33.56 -30.45 7.83
CA ARG A 586 -32.89 -31.70 7.37
C ARG A 586 -31.38 -31.59 7.57
N THR A 587 -30.81 -30.40 7.33
CA THR A 587 -29.35 -30.11 7.52
C THR A 587 -28.98 -30.25 9.00
N GLN A 588 -29.86 -29.78 9.90
CA GLN A 588 -29.66 -29.85 11.37
C GLN A 588 -29.68 -31.32 11.82
N LYS A 589 -30.58 -32.12 11.25
CA LYS A 589 -30.72 -33.58 11.51
C LYS A 589 -29.38 -34.28 11.20
N VAL A 590 -28.74 -33.93 10.08
CA VAL A 590 -27.43 -34.51 9.64
C VAL A 590 -26.34 -34.02 10.59
N LEU A 591 -26.34 -32.74 10.95
CA LEU A 591 -25.35 -32.11 11.88
C LEU A 591 -25.44 -32.77 13.26
N ASN A 592 -26.66 -33.09 13.72
CA ASN A 592 -26.91 -33.77 15.02
C ASN A 592 -26.21 -35.14 15.01
N GLU A 593 -26.31 -35.89 13.90
CA GLU A 593 -25.67 -37.22 13.72
C GLU A 593 -24.14 -37.05 13.73
N VAL A 594 -23.62 -36.02 13.06
CA VAL A 594 -22.17 -35.70 12.99
C VAL A 594 -21.68 -35.37 14.40
N THR A 595 -22.39 -34.48 15.11
CA THR A 595 -22.06 -34.04 16.50
C THR A 595 -22.13 -35.24 17.44
N HIS A 596 -23.20 -36.06 17.32
CA HIS A 596 -23.44 -37.29 18.12
C HIS A 596 -22.22 -38.22 18.01
N TYR A 597 -21.78 -38.52 16.79
CA TYR A 597 -20.68 -39.46 16.47
C TYR A 597 -19.42 -39.09 17.27
N TYR A 598 -19.00 -37.83 17.18
CA TYR A 598 -17.75 -37.30 17.78
C TYR A 598 -17.85 -37.34 19.32
N LEU A 599 -19.02 -37.02 19.88
CA LEU A 599 -19.25 -36.94 21.34
C LEU A 599 -19.35 -38.35 21.94
N THR A 600 -19.77 -39.36 21.15
CA THR A 600 -20.05 -40.75 21.62
C THR A 600 -18.92 -41.70 21.21
N LYS A 601 -18.52 -41.71 19.93
CA LYS A 601 -17.54 -42.69 19.37
C LYS A 601 -16.10 -42.19 19.51
N GLU A 602 -15.89 -40.88 19.71
CA GLU A 602 -14.53 -40.27 19.79
C GLU A 602 -14.41 -39.45 21.09
N LYS A 603 -14.76 -40.05 22.23
CA LYS A 603 -14.66 -39.43 23.58
C LYS A 603 -13.20 -39.20 23.94
N ASN A 604 -12.33 -40.18 23.63
CA ASN A 604 -10.89 -40.19 24.03
C ASN A 604 -10.08 -39.23 23.16
N ASN A 605 -10.60 -38.81 22.00
CA ASN A 605 -9.86 -38.01 20.98
C ASN A 605 -10.44 -36.58 20.90
N VAL A 606 -11.74 -36.45 20.63
CA VAL A 606 -12.41 -35.13 20.38
C VAL A 606 -12.66 -34.44 21.72
N GLU A 607 -12.27 -33.16 21.81
CA GLU A 607 -12.46 -32.28 23.00
C GLU A 607 -13.78 -31.52 22.85
N SER A 608 -13.99 -30.84 21.72
CA SER A 608 -15.19 -30.02 21.43
C SER A 608 -15.59 -30.14 19.96
N VAL A 609 -16.87 -29.89 19.67
CA VAL A 609 -17.49 -29.88 18.31
C VAL A 609 -18.32 -28.60 18.17
N PHE A 610 -17.89 -27.67 17.33
CA PHE A 610 -18.63 -26.43 16.97
C PHE A 610 -19.28 -26.62 15.60
N ALA A 611 -20.57 -27.00 15.59
CA ALA A 611 -21.37 -27.25 14.38
C ALA A 611 -22.11 -25.97 13.98
N VAL A 612 -22.02 -25.59 12.69
CA VAL A 612 -22.72 -24.41 12.10
C VAL A 612 -23.67 -24.90 11.01
N ASN A 613 -24.97 -24.66 11.18
CA ASN A 613 -26.04 -24.94 10.19
C ASN A 613 -26.16 -23.73 9.26
N GLY A 614 -26.10 -23.95 7.94
CA GLY A 614 -26.33 -22.93 6.91
C GLY A 614 -25.08 -22.15 6.56
N PHE A 615 -23.90 -22.75 6.73
CA PHE A 615 -22.60 -22.18 6.30
C PHE A 615 -21.68 -23.30 5.76
N GLY A 616 -21.11 -23.06 4.58
CA GLY A 616 -20.04 -23.87 3.97
C GLY A 616 -19.02 -22.97 3.29
N PHE A 617 -17.87 -23.52 2.89
CA PHE A 617 -16.79 -22.80 2.18
C PHE A 617 -17.21 -22.55 0.73
N ALA A 618 -17.96 -23.49 0.15
CA ALA A 618 -18.63 -23.35 -1.17
C ALA A 618 -19.51 -22.10 -1.15
N GLY A 619 -20.28 -21.92 -0.07
CA GLY A 619 -21.13 -20.75 0.19
C GLY A 619 -22.21 -21.05 1.21
N ARG A 620 -23.17 -20.14 1.38
CA ARG A 620 -24.33 -20.28 2.30
C ARG A 620 -25.40 -21.16 1.64
N GLY A 621 -26.53 -21.38 2.35
CA GLY A 621 -27.69 -22.16 1.88
C GLY A 621 -28.31 -22.95 3.02
N GLN A 622 -29.57 -23.35 2.87
CA GLN A 622 -30.29 -24.21 3.86
C GLN A 622 -29.71 -25.63 3.85
N ASN A 623 -29.12 -26.04 2.72
CA ASN A 623 -28.70 -27.43 2.42
C ASN A 623 -27.21 -27.66 2.74
N THR A 624 -26.54 -26.69 3.36
CA THR A 624 -25.08 -26.73 3.64
C THR A 624 -24.83 -26.52 5.14
N GLY A 625 -23.77 -27.15 5.65
CA GLY A 625 -23.32 -27.02 7.06
C GLY A 625 -21.86 -27.38 7.21
N ILE A 626 -21.29 -27.11 8.39
CA ILE A 626 -19.86 -27.39 8.71
C ILE A 626 -19.74 -27.68 10.21
N ALA A 627 -18.83 -28.58 10.58
CA ALA A 627 -18.50 -28.94 11.98
C ALA A 627 -16.99 -28.73 12.19
N PHE A 628 -16.63 -27.78 13.07
CA PHE A 628 -15.25 -27.52 13.53
C PHE A 628 -14.96 -28.41 14.74
N VAL A 629 -14.00 -29.33 14.60
CA VAL A 629 -13.65 -30.35 15.63
C VAL A 629 -12.27 -29.98 16.22
N SER A 630 -12.19 -29.87 17.55
CA SER A 630 -10.94 -29.67 18.31
C SER A 630 -10.61 -30.95 19.09
N LEU A 631 -9.41 -31.51 18.88
CA LEU A 631 -8.96 -32.78 19.51
C LEU A 631 -8.30 -32.46 20.86
N LYS A 632 -8.17 -33.47 21.72
CA LYS A 632 -7.37 -33.41 22.97
C LYS A 632 -5.89 -33.32 22.60
N ASP A 633 -5.03 -32.99 23.56
CA ASP A 633 -3.57 -32.80 23.34
C ASP A 633 -2.97 -34.09 22.75
N TRP A 634 -1.92 -33.94 21.94
CA TRP A 634 -1.20 -35.04 21.23
C TRP A 634 -0.74 -36.11 22.24
N ALA A 635 -0.32 -35.68 23.44
CA ALA A 635 0.17 -36.53 24.54
C ALA A 635 -0.94 -37.48 25.02
N ASP A 636 -2.20 -37.05 24.96
CA ASP A 636 -3.39 -37.82 25.42
C ASP A 636 -4.02 -38.59 24.25
N ARG A 637 -3.33 -38.67 23.10
CA ARG A 637 -3.79 -39.41 21.89
C ARG A 637 -2.63 -40.25 21.35
N PRO A 638 -2.21 -41.31 22.07
CA PRO A 638 -1.07 -42.14 21.65
C PRO A 638 -1.41 -43.02 20.44
N GLY A 639 -0.41 -43.31 19.60
CA GLY A 639 -0.52 -44.24 18.46
C GLY A 639 -1.06 -43.54 17.21
N GLU A 640 -1.01 -44.22 16.07
CA GLU A 640 -1.41 -43.71 14.73
C GLU A 640 -2.93 -43.65 14.64
N GLU A 641 -3.63 -44.58 15.30
CA GLU A 641 -5.11 -44.75 15.21
C GLU A 641 -5.84 -43.59 15.91
N ASN A 642 -5.14 -42.83 16.76
CA ASN A 642 -5.69 -41.68 17.53
C ASN A 642 -5.25 -40.35 16.91
N LYS A 643 -4.69 -40.37 15.70
CA LYS A 643 -4.25 -39.15 14.95
C LYS A 643 -5.31 -38.78 13.91
N VAL A 644 -5.28 -37.53 13.44
CA VAL A 644 -6.34 -36.89 12.59
C VAL A 644 -6.64 -37.78 11.37
N GLU A 645 -5.60 -38.30 10.70
CA GLU A 645 -5.74 -39.10 9.47
C GLU A 645 -6.67 -40.30 9.72
N ALA A 646 -6.40 -41.05 10.80
CA ALA A 646 -7.15 -42.26 11.22
C ALA A 646 -8.56 -41.88 11.70
N ILE A 647 -8.67 -40.75 12.42
CA ILE A 647 -9.96 -40.23 12.99
C ILE A 647 -10.89 -39.85 11.84
N THR A 648 -10.40 -39.02 10.90
CA THR A 648 -11.16 -38.50 9.73
C THR A 648 -11.57 -39.67 8.81
N MET A 649 -10.69 -40.65 8.65
CA MET A 649 -10.95 -41.89 7.85
C MET A 649 -12.16 -42.63 8.44
N ARG A 650 -12.13 -42.90 9.75
CA ARG A 650 -13.21 -43.59 10.50
C ARG A 650 -14.51 -42.77 10.43
N ALA A 651 -14.40 -41.44 10.63
CA ALA A 651 -15.54 -40.49 10.63
C ALA A 651 -16.24 -40.51 9.28
N THR A 652 -15.50 -40.29 8.19
CA THR A 652 -16.01 -40.28 6.79
C THR A 652 -16.70 -41.62 6.48
N ARG A 653 -16.07 -42.74 6.87
CA ARG A 653 -16.57 -44.11 6.64
C ARG A 653 -17.91 -44.30 7.37
N ALA A 654 -18.03 -43.77 8.60
CA ALA A 654 -19.24 -43.82 9.43
C ALA A 654 -20.35 -42.94 8.83
N PHE A 655 -19.99 -41.74 8.35
CA PHE A 655 -20.94 -40.72 7.83
C PHE A 655 -21.44 -41.09 6.42
N SER A 656 -20.83 -42.09 5.77
CA SER A 656 -21.24 -42.58 4.44
C SER A 656 -22.63 -43.23 4.52
N GLN A 657 -23.02 -43.73 5.70
CA GLN A 657 -24.33 -44.36 5.98
C GLN A 657 -25.45 -43.32 6.02
N ILE A 658 -25.12 -42.04 6.25
CA ILE A 658 -26.10 -40.91 6.29
C ILE A 658 -26.69 -40.75 4.88
N LYS A 659 -28.02 -40.80 4.76
CA LYS A 659 -28.77 -40.83 3.48
C LYS A 659 -29.09 -39.40 3.02
N ASP A 660 -29.04 -39.15 1.71
CA ASP A 660 -29.38 -37.86 1.06
C ASP A 660 -28.50 -36.73 1.63
N ALA A 661 -27.19 -36.97 1.74
CA ALA A 661 -26.21 -35.99 2.25
C ALA A 661 -24.78 -36.43 1.90
N MET A 662 -23.97 -35.50 1.38
CA MET A 662 -22.50 -35.67 1.20
C MET A 662 -21.81 -35.18 2.47
N VAL A 663 -21.31 -36.11 3.29
CA VAL A 663 -20.65 -35.82 4.60
C VAL A 663 -19.29 -36.53 4.63
N PHE A 664 -18.21 -35.79 4.88
CA PHE A 664 -16.83 -36.32 5.02
C PHE A 664 -16.00 -35.41 5.93
N ALA A 665 -15.12 -36.02 6.74
CA ALA A 665 -14.09 -35.35 7.57
C ALA A 665 -12.76 -35.38 6.82
N PHE A 666 -12.01 -34.27 6.86
CA PHE A 666 -10.73 -34.08 6.12
C PHE A 666 -9.74 -33.27 6.96
N ASN A 667 -8.46 -33.63 6.86
CA ASN A 667 -7.31 -32.87 7.42
C ASN A 667 -6.98 -31.75 6.45
N LEU A 668 -6.88 -30.50 6.92
CA LEU A 668 -6.53 -29.32 6.09
C LEU A 668 -5.04 -29.37 5.80
N PRO A 669 -4.61 -29.40 4.50
CA PRO A 669 -3.21 -29.64 4.16
C PRO A 669 -2.22 -28.63 4.75
N ALA A 670 -0.93 -29.02 4.83
CA ALA A 670 0.18 -28.18 5.31
C ALA A 670 0.12 -26.80 4.65
N ILE A 671 0.06 -26.78 3.32
CA ILE A 671 -0.19 -25.57 2.47
C ILE A 671 -1.46 -25.82 1.65
N VAL A 672 -2.56 -25.16 2.02
CA VAL A 672 -3.93 -25.35 1.42
C VAL A 672 -3.87 -25.05 -0.09
N GLU A 673 -3.06 -24.06 -0.49
CA GLU A 673 -3.05 -23.48 -1.86
C GLU A 673 -2.33 -24.43 -2.84
N LEU A 674 -1.37 -25.23 -2.37
CA LEU A 674 -0.76 -26.36 -3.14
C LEU A 674 -1.67 -27.58 -3.02
N GLY A 675 -2.50 -27.65 -1.98
CA GLY A 675 -3.57 -28.65 -1.81
C GLY A 675 -3.03 -30.05 -1.60
N THR A 676 -3.86 -31.06 -1.87
CA THR A 676 -3.53 -32.50 -1.71
C THR A 676 -2.46 -32.89 -2.75
N ALA A 677 -1.69 -33.95 -2.46
CA ALA A 677 -0.47 -34.37 -3.19
C ALA A 677 -0.80 -34.71 -4.65
N THR A 678 -1.75 -35.63 -4.88
CA THR A 678 -2.07 -36.23 -6.21
C THR A 678 -3.39 -35.66 -6.76
N GLY A 679 -3.86 -34.51 -6.25
CA GLY A 679 -5.14 -33.88 -6.64
C GLY A 679 -4.97 -32.88 -7.77
N PHE A 680 -6.02 -32.70 -8.59
CA PHE A 680 -6.09 -31.69 -9.67
C PHE A 680 -7.38 -30.87 -9.52
N ASP A 681 -7.30 -29.57 -9.86
CA ASP A 681 -8.43 -28.60 -9.82
C ASP A 681 -8.71 -28.13 -11.25
N PHE A 682 -9.74 -28.70 -11.88
CA PHE A 682 -10.10 -28.49 -13.31
C PHE A 682 -11.21 -27.43 -13.40
N GLU A 683 -11.22 -26.68 -14.50
CA GLU A 683 -12.25 -25.64 -14.82
C GLU A 683 -12.75 -25.87 -16.25
N LEU A 684 -14.06 -26.13 -16.39
CA LEU A 684 -14.76 -26.26 -17.70
C LEU A 684 -15.34 -24.88 -18.06
N ILE A 685 -14.97 -24.34 -19.23
CA ILE A 685 -15.29 -22.93 -19.64
C ILE A 685 -16.30 -22.95 -20.79
N ASP A 686 -17.31 -22.07 -20.73
CA ASP A 686 -18.27 -21.78 -21.83
C ASP A 686 -17.66 -20.66 -22.69
N GLN A 687 -17.13 -21.01 -23.87
CA GLN A 687 -16.28 -20.13 -24.72
C GLN A 687 -17.11 -19.44 -25.81
N ALA A 688 -18.28 -19.97 -26.15
CA ALA A 688 -19.11 -19.55 -27.31
C ALA A 688 -20.55 -19.23 -26.88
N GLY A 689 -20.75 -18.84 -25.62
CA GLY A 689 -22.07 -18.48 -25.06
C GLY A 689 -23.11 -19.57 -25.26
N LEU A 690 -22.73 -20.83 -25.02
CA LEU A 690 -23.61 -22.03 -25.14
C LEU A 690 -24.78 -21.92 -24.15
N GLY A 691 -24.50 -21.52 -22.91
CA GLY A 691 -25.49 -21.41 -21.83
C GLY A 691 -25.29 -22.47 -20.77
N HIS A 692 -25.95 -22.32 -19.62
CA HIS A 692 -25.80 -23.20 -18.41
C HIS A 692 -26.17 -24.65 -18.74
N GLU A 693 -27.28 -24.86 -19.47
CA GLU A 693 -27.86 -26.20 -19.76
C GLU A 693 -26.87 -27.02 -20.61
N LYS A 694 -26.34 -26.42 -21.68
CA LYS A 694 -25.37 -27.06 -22.60
C LYS A 694 -24.06 -27.35 -21.86
N LEU A 695 -23.62 -26.42 -20.99
CA LEU A 695 -22.36 -26.55 -20.21
C LEU A 695 -22.49 -27.72 -19.21
N THR A 696 -23.68 -27.91 -18.63
CA THR A 696 -24.01 -29.04 -17.71
C THR A 696 -23.89 -30.36 -18.47
N GLN A 697 -24.43 -30.42 -19.70
CA GLN A 697 -24.39 -31.62 -20.57
C GLN A 697 -22.94 -31.97 -20.92
N ALA A 698 -22.12 -30.96 -21.22
CA ALA A 698 -20.68 -31.09 -21.53
C ALA A 698 -19.92 -31.57 -20.29
N ARG A 699 -20.31 -31.09 -19.10
CA ARG A 699 -19.73 -31.50 -17.79
C ARG A 699 -20.04 -32.98 -17.55
N ASN A 700 -21.31 -33.37 -17.69
CA ASN A 700 -21.80 -34.76 -17.47
C ASN A 700 -21.06 -35.72 -18.41
N GLN A 701 -20.86 -35.31 -19.67
CA GLN A 701 -20.13 -36.08 -20.71
C GLN A 701 -18.69 -36.35 -20.24
N LEU A 702 -18.02 -35.33 -19.68
CA LEU A 702 -16.62 -35.40 -19.19
C LEU A 702 -16.57 -36.34 -17.97
N LEU A 703 -17.52 -36.21 -17.05
CA LEU A 703 -17.64 -37.02 -15.81
C LEU A 703 -17.87 -38.50 -16.17
N ALA A 704 -18.72 -38.75 -17.18
CA ALA A 704 -19.07 -40.10 -17.70
C ALA A 704 -17.81 -40.77 -18.28
N GLU A 705 -17.06 -40.05 -19.10
CA GLU A 705 -15.83 -40.55 -19.79
C GLU A 705 -14.70 -40.75 -18.77
N ALA A 706 -14.66 -39.93 -17.71
CA ALA A 706 -13.65 -39.97 -16.63
C ALA A 706 -13.83 -41.24 -15.80
N ALA A 707 -15.09 -41.65 -15.58
CA ALA A 707 -15.48 -42.85 -14.79
C ALA A 707 -15.00 -44.13 -15.48
N LYS A 708 -14.86 -44.10 -16.81
CA LYS A 708 -14.41 -45.25 -17.65
C LYS A 708 -12.89 -45.43 -17.55
N HIS A 709 -12.20 -44.55 -16.81
CA HIS A 709 -10.73 -44.63 -16.54
C HIS A 709 -10.48 -44.60 -15.03
N PRO A 710 -10.87 -45.66 -14.28
CA PRO A 710 -10.56 -45.73 -12.84
C PRO A 710 -9.06 -45.92 -12.56
N ASP A 711 -8.34 -46.53 -13.51
CA ASP A 711 -6.89 -46.86 -13.43
C ASP A 711 -6.05 -45.58 -13.42
N MET A 712 -6.57 -44.47 -13.95
CA MET A 712 -5.86 -43.17 -14.06
C MET A 712 -6.53 -42.12 -13.15
N LEU A 713 -7.83 -41.87 -13.34
CA LEU A 713 -8.61 -40.81 -12.66
C LEU A 713 -9.46 -41.42 -11.54
N THR A 714 -9.53 -40.75 -10.38
CA THR A 714 -10.25 -41.20 -9.16
C THR A 714 -11.04 -40.03 -8.55
N SER A 715 -12.33 -40.26 -8.27
CA SER A 715 -13.24 -39.31 -7.57
C SER A 715 -13.38 -38.00 -8.36
N VAL A 716 -13.58 -38.11 -9.68
CA VAL A 716 -13.80 -36.93 -10.60
C VAL A 716 -15.25 -36.47 -10.41
N ARG A 717 -15.44 -35.34 -9.74
CA ARG A 717 -16.77 -34.83 -9.29
C ARG A 717 -16.85 -33.33 -9.46
N PRO A 718 -18.05 -32.75 -9.65
CA PRO A 718 -18.23 -31.29 -9.63
C PRO A 718 -18.12 -30.73 -8.20
N ASN A 719 -17.57 -29.51 -8.08
CA ASN A 719 -17.42 -28.78 -6.79
C ASN A 719 -18.72 -28.02 -6.50
N GLY A 720 -19.53 -27.75 -7.52
CA GLY A 720 -20.76 -26.94 -7.43
C GLY A 720 -22.00 -27.78 -7.16
N LEU A 721 -23.17 -27.16 -7.30
CA LEU A 721 -24.50 -27.75 -6.98
C LEU A 721 -25.27 -28.06 -8.27
N GLU A 722 -26.25 -28.96 -8.19
CA GLU A 722 -27.12 -29.38 -9.31
C GLU A 722 -28.33 -28.44 -9.40
N ASP A 723 -28.97 -28.38 -10.57
CA ASP A 723 -30.21 -27.60 -10.81
C ASP A 723 -31.31 -28.12 -9.88
N THR A 724 -32.23 -27.25 -9.48
CA THR A 724 -33.37 -27.57 -8.56
C THR A 724 -34.65 -26.98 -9.11
N PRO A 725 -35.83 -27.52 -8.73
CA PRO A 725 -37.11 -26.90 -9.09
C PRO A 725 -37.18 -25.45 -8.56
N GLN A 726 -37.66 -24.52 -9.39
CA GLN A 726 -37.87 -23.10 -9.02
C GLN A 726 -39.25 -22.66 -9.54
N PHE A 727 -39.93 -21.81 -8.77
CA PHE A 727 -41.33 -21.36 -9.01
C PHE A 727 -41.28 -20.15 -9.95
N LYS A 728 -41.45 -20.38 -11.25
CA LYS A 728 -41.47 -19.33 -12.30
C LYS A 728 -42.86 -18.69 -12.33
N ILE A 729 -42.93 -17.38 -12.09
CA ILE A 729 -44.20 -16.58 -12.12
C ILE A 729 -44.07 -15.51 -13.21
N ASP A 730 -45.01 -15.49 -14.15
CA ASP A 730 -45.09 -14.50 -15.26
C ASP A 730 -46.15 -13.45 -14.90
N ILE A 731 -45.73 -12.18 -14.79
CA ILE A 731 -46.63 -11.00 -14.64
C ILE A 731 -47.17 -10.65 -16.03
N ASP A 732 -48.50 -10.58 -16.18
CA ASP A 732 -49.16 -10.19 -17.44
C ASP A 732 -49.28 -8.65 -17.47
N GLN A 733 -48.50 -8.01 -18.35
CA GLN A 733 -48.39 -6.53 -18.46
C GLN A 733 -49.74 -5.93 -18.87
N GLU A 734 -50.42 -6.57 -19.84
CA GLU A 734 -51.72 -6.11 -20.38
C GLU A 734 -52.77 -6.05 -19.25
N LYS A 735 -52.91 -7.14 -18.49
CA LYS A 735 -53.89 -7.25 -17.37
C LYS A 735 -53.58 -6.21 -16.29
N ALA A 736 -52.31 -6.07 -15.91
CA ALA A 736 -51.82 -5.08 -14.93
C ALA A 736 -52.22 -3.67 -15.38
N GLN A 737 -51.98 -3.33 -16.65
CA GLN A 737 -52.34 -2.03 -17.27
C GLN A 737 -53.87 -1.87 -17.30
N ALA A 738 -54.60 -2.96 -17.60
CA ALA A 738 -56.07 -2.98 -17.75
C ALA A 738 -56.76 -2.71 -16.41
N LEU A 739 -56.21 -3.25 -15.31
CA LEU A 739 -56.79 -3.15 -13.94
C LEU A 739 -56.24 -1.91 -13.22
N GLY A 740 -55.27 -1.21 -13.82
CA GLY A 740 -54.62 -0.01 -13.24
C GLY A 740 -53.70 -0.37 -12.09
N VAL A 741 -53.03 -1.51 -12.19
CA VAL A 741 -52.04 -2.03 -11.19
C VAL A 741 -50.64 -1.76 -11.74
N SER A 742 -49.85 -0.93 -11.05
CA SER A 742 -48.46 -0.56 -11.46
C SER A 742 -47.54 -1.76 -11.22
N ILE A 743 -46.51 -1.90 -12.06
CA ILE A 743 -45.53 -3.02 -12.02
C ILE A 743 -44.59 -2.82 -10.82
N ASN A 744 -44.33 -1.57 -10.43
CA ASN A 744 -43.50 -1.20 -9.25
C ASN A 744 -44.16 -1.76 -7.98
N ASP A 745 -45.48 -1.60 -7.85
CA ASP A 745 -46.28 -2.07 -6.69
C ASP A 745 -46.28 -3.60 -6.62
N ILE A 746 -46.44 -4.27 -7.77
CA ILE A 746 -46.44 -5.75 -7.91
C ILE A 746 -45.08 -6.29 -7.45
N ASN A 747 -43.99 -5.77 -8.02
CA ASN A 747 -42.60 -6.26 -7.80
C ASN A 747 -42.21 -6.06 -6.33
N THR A 748 -42.54 -4.90 -5.75
CA THR A 748 -42.29 -4.56 -4.32
C THR A 748 -43.08 -5.52 -3.43
N THR A 749 -44.38 -5.69 -3.71
CA THR A 749 -45.30 -6.57 -2.92
C THR A 749 -44.75 -8.00 -2.91
N LEU A 750 -44.38 -8.54 -4.06
CA LEU A 750 -43.82 -9.91 -4.20
C LEU A 750 -42.45 -9.99 -3.51
N GLY A 751 -41.57 -9.02 -3.79
CA GLY A 751 -40.19 -8.97 -3.28
C GLY A 751 -40.12 -8.77 -1.78
N ALA A 752 -40.86 -7.80 -1.25
CA ALA A 752 -40.91 -7.46 0.19
C ALA A 752 -41.44 -8.67 0.99
N ALA A 753 -42.58 -9.22 0.57
CA ALA A 753 -43.29 -10.32 1.26
C ALA A 753 -42.43 -11.59 1.27
N TRP A 754 -42.03 -12.07 0.09
CA TRP A 754 -41.41 -13.41 -0.11
C TRP A 754 -39.89 -13.36 0.01
N GLY A 755 -39.28 -12.19 -0.25
CA GLY A 755 -37.81 -12.02 -0.25
C GLY A 755 -37.30 -11.26 0.96
N GLY A 756 -38.05 -10.25 1.41
CA GLY A 756 -37.64 -9.32 2.49
C GLY A 756 -37.06 -8.04 1.93
N SER A 757 -37.32 -6.91 2.60
CA SER A 757 -36.90 -5.55 2.17
C SER A 757 -36.26 -4.79 3.34
N TYR A 758 -35.00 -4.40 3.19
CA TYR A 758 -34.24 -3.52 4.12
C TYR A 758 -34.73 -2.08 3.92
N VAL A 759 -35.64 -1.63 4.78
CA VAL A 759 -36.37 -0.32 4.64
C VAL A 759 -35.43 0.82 5.04
N ASN A 760 -35.02 0.85 6.32
CA ASN A 760 -34.13 1.90 6.89
C ASN A 760 -33.55 1.38 8.22
N ASP A 761 -32.85 2.23 8.96
CA ASP A 761 -32.15 1.86 10.23
C ASP A 761 -32.96 2.33 11.44
N PHE A 762 -32.71 1.72 12.59
CA PHE A 762 -33.24 2.11 13.93
C PHE A 762 -32.11 1.97 14.96
N ILE A 763 -32.33 2.42 16.19
CA ILE A 763 -31.33 2.38 17.30
C ILE A 763 -31.79 1.38 18.35
N ASP A 764 -31.06 0.26 18.47
CA ASP A 764 -31.30 -0.79 19.49
C ASP A 764 -30.24 -0.65 20.60
N ARG A 765 -30.64 -0.11 21.76
CA ARG A 765 -29.78 0.13 22.95
C ARG A 765 -28.49 0.84 22.51
N GLY A 766 -28.62 1.97 21.83
CA GLY A 766 -27.51 2.90 21.51
C GLY A 766 -26.72 2.50 20.26
N ARG A 767 -27.08 1.40 19.60
CA ARG A 767 -26.37 0.90 18.38
C ARG A 767 -27.33 0.93 17.18
N VAL A 768 -26.90 1.53 16.08
CA VAL A 768 -27.65 1.56 14.78
C VAL A 768 -27.75 0.13 14.25
N LYS A 769 -28.97 -0.28 13.85
CA LYS A 769 -29.29 -1.63 13.31
C LYS A 769 -30.36 -1.47 12.21
N LYS A 770 -30.67 -2.56 11.52
CA LYS A 770 -31.54 -2.55 10.30
C LYS A 770 -33.01 -2.77 10.68
N VAL A 771 -33.92 -2.29 9.83
CA VAL A 771 -35.39 -2.55 9.90
C VAL A 771 -35.77 -3.34 8.63
N TYR A 772 -36.23 -4.58 8.81
CA TYR A 772 -36.61 -5.52 7.72
C TYR A 772 -38.13 -5.74 7.72
N VAL A 773 -38.77 -5.42 6.59
CA VAL A 773 -40.19 -5.78 6.29
C VAL A 773 -40.16 -7.11 5.52
N MET A 774 -41.09 -8.02 5.84
CA MET A 774 -41.18 -9.37 5.22
C MET A 774 -42.50 -10.03 5.62
N SER A 775 -42.96 -11.01 4.85
CA SER A 775 -44.13 -11.87 5.18
C SER A 775 -43.81 -12.74 6.40
N GLU A 776 -44.76 -12.91 7.31
CA GLU A 776 -44.70 -13.93 8.38
C GLU A 776 -44.59 -15.30 7.72
N ALA A 777 -43.80 -16.20 8.31
CA ALA A 777 -43.43 -17.53 7.75
C ALA A 777 -44.63 -18.19 7.08
N LYS A 778 -45.77 -18.26 7.79
CA LYS A 778 -46.94 -19.09 7.42
C LYS A 778 -47.60 -18.63 6.11
N TYR A 779 -47.30 -17.41 5.64
CA TYR A 779 -47.92 -16.80 4.43
C TYR A 779 -46.95 -16.78 3.25
N ARG A 780 -45.79 -17.44 3.35
CA ARG A 780 -44.78 -17.53 2.27
C ARG A 780 -44.15 -18.93 2.25
N MET A 781 -44.94 -19.97 2.52
CA MET A 781 -44.49 -21.39 2.58
C MET A 781 -44.99 -22.16 1.35
N LEU A 782 -46.25 -21.94 0.93
CA LEU A 782 -46.94 -22.75 -0.11
C LEU A 782 -47.13 -21.93 -1.39
N PRO A 783 -47.06 -22.57 -2.59
CA PRO A 783 -47.38 -21.90 -3.85
C PRO A 783 -48.75 -21.19 -3.90
N ASP A 784 -49.76 -21.73 -3.21
CA ASP A 784 -51.15 -21.19 -3.19
C ASP A 784 -51.20 -19.87 -2.41
N ASP A 785 -50.21 -19.61 -1.54
CA ASP A 785 -50.14 -18.38 -0.71
C ASP A 785 -49.91 -17.14 -1.61
N ILE A 786 -49.37 -17.35 -2.83
CA ILE A 786 -49.14 -16.29 -3.85
C ILE A 786 -50.44 -15.50 -4.07
N GLY A 787 -51.57 -16.22 -4.23
CA GLY A 787 -52.89 -15.64 -4.56
C GLY A 787 -53.52 -14.90 -3.38
N ASP A 788 -53.04 -15.13 -2.16
CA ASP A 788 -53.57 -14.50 -0.92
C ASP A 788 -53.01 -13.08 -0.76
N TRP A 789 -52.02 -12.69 -1.57
CA TRP A 789 -51.40 -11.34 -1.58
C TRP A 789 -52.14 -10.45 -2.58
N TYR A 790 -52.49 -9.23 -2.15
CA TYR A 790 -53.29 -8.24 -2.92
C TYR A 790 -52.48 -6.96 -3.11
N VAL A 791 -52.63 -6.33 -4.28
CA VAL A 791 -52.05 -5.00 -4.65
C VAL A 791 -53.21 -4.04 -4.93
N ARG A 792 -53.10 -2.78 -4.50
CA ARG A 792 -54.15 -1.75 -4.69
C ARG A 792 -53.96 -1.09 -6.06
N ALA A 793 -55.04 -1.02 -6.84
CA ALA A 793 -55.09 -0.41 -8.19
C ALA A 793 -55.24 1.11 -8.07
N ALA A 794 -55.20 1.83 -9.19
CA ALA A 794 -55.34 3.30 -9.28
C ALA A 794 -56.75 3.72 -8.80
N ASP A 795 -57.77 2.88 -9.05
CA ASP A 795 -59.19 3.17 -8.71
C ASP A 795 -59.47 2.79 -7.24
N GLY A 796 -58.49 2.21 -6.53
CA GLY A 796 -58.54 1.96 -5.08
C GLY A 796 -58.95 0.54 -4.74
N GLN A 797 -59.24 -0.30 -5.75
CA GLN A 797 -59.66 -1.71 -5.56
C GLN A 797 -58.44 -2.58 -5.28
N MET A 798 -58.60 -3.59 -4.42
CA MET A 798 -57.54 -4.59 -4.08
C MET A 798 -57.64 -5.77 -5.05
N VAL A 799 -56.55 -6.04 -5.78
CA VAL A 799 -56.48 -7.07 -6.86
C VAL A 799 -55.56 -8.20 -6.39
N PRO A 800 -56.01 -9.47 -6.39
CA PRO A 800 -55.15 -10.60 -6.04
C PRO A 800 -54.15 -10.90 -7.16
N PHE A 801 -52.98 -11.45 -6.81
CA PHE A 801 -51.89 -11.82 -7.75
C PHE A 801 -52.40 -12.78 -8.82
N SER A 802 -53.34 -13.65 -8.46
CA SER A 802 -53.96 -14.68 -9.36
C SER A 802 -54.62 -14.02 -10.57
N ALA A 803 -55.05 -12.75 -10.45
CA ALA A 803 -55.77 -11.99 -11.50
C ALA A 803 -54.84 -11.58 -12.64
N PHE A 804 -53.58 -11.21 -12.33
CA PHE A 804 -52.63 -10.61 -13.30
C PHE A 804 -51.33 -11.44 -13.40
N SER A 805 -51.33 -12.68 -12.92
CA SER A 805 -50.13 -13.56 -12.93
C SER A 805 -50.51 -15.01 -13.27
N SER A 806 -49.60 -15.72 -13.96
CA SER A 806 -49.59 -17.19 -14.15
C SER A 806 -48.26 -17.73 -13.61
N SER A 807 -48.20 -19.01 -13.24
CA SER A 807 -46.99 -19.67 -12.68
C SER A 807 -46.82 -21.07 -13.25
N ARG A 808 -45.58 -21.58 -13.23
CA ARG A 808 -45.21 -22.96 -13.65
C ARG A 808 -43.90 -23.36 -12.96
N TRP A 809 -43.65 -24.66 -12.83
CA TRP A 809 -42.40 -25.25 -12.29
C TRP A 809 -41.38 -25.39 -13.43
N GLU A 810 -40.12 -25.05 -13.16
CA GLU A 810 -38.96 -25.23 -14.08
C GLU A 810 -37.71 -25.49 -13.23
N TYR A 811 -36.61 -25.87 -13.88
CA TYR A 811 -35.30 -26.12 -13.22
C TYR A 811 -34.34 -24.97 -13.54
N GLY A 812 -33.55 -24.57 -12.54
CA GLY A 812 -32.49 -23.54 -12.65
C GLY A 812 -31.39 -23.80 -11.64
N SER A 813 -30.26 -23.08 -11.78
CA SER A 813 -29.04 -23.27 -10.94
C SER A 813 -29.19 -22.52 -9.62
N PRO A 814 -28.90 -23.18 -8.47
CA PRO A 814 -28.81 -22.49 -7.19
C PRO A 814 -27.46 -21.81 -6.96
N ARG A 815 -26.44 -22.18 -7.75
CA ARG A 815 -25.07 -21.60 -7.70
CA ARG A 815 -25.08 -21.60 -7.70
C ARG A 815 -24.47 -21.61 -9.12
N LEU A 816 -24.31 -20.41 -9.71
CA LEU A 816 -23.69 -20.21 -11.04
C LEU A 816 -22.23 -19.79 -10.85
N GLU A 817 -21.30 -20.55 -11.43
CA GLU A 817 -19.83 -20.33 -11.32
C GLU A 817 -19.33 -19.62 -12.58
N ARG A 818 -18.32 -18.76 -12.45
CA ARG A 818 -17.61 -18.09 -13.57
C ARG A 818 -16.10 -18.13 -13.30
N TYR A 819 -15.31 -18.32 -14.35
CA TYR A 819 -13.82 -18.34 -14.29
C TYR A 819 -13.25 -17.44 -15.40
N ASN A 820 -12.50 -16.41 -15.00
CA ASN A 820 -11.88 -15.39 -15.90
C ASN A 820 -12.98 -14.73 -16.75
N GLY A 821 -14.14 -14.46 -16.16
CA GLY A 821 -15.23 -13.65 -16.75
C GLY A 821 -16.24 -14.48 -17.54
N LEU A 822 -15.96 -15.77 -17.78
CA LEU A 822 -16.83 -16.66 -18.59
C LEU A 822 -17.52 -17.68 -17.68
N PRO A 823 -18.76 -18.12 -18.02
CA PRO A 823 -19.42 -19.20 -17.28
C PRO A 823 -18.54 -20.45 -17.20
N SER A 824 -18.46 -21.07 -16.01
CA SER A 824 -17.58 -22.23 -15.72
C SER A 824 -18.26 -23.21 -14.77
N MET A 825 -17.68 -24.40 -14.62
CA MET A 825 -18.07 -25.43 -13.62
C MET A 825 -16.81 -26.14 -13.12
N GLU A 826 -16.41 -25.87 -11.87
CA GLU A 826 -15.19 -26.40 -11.22
C GLU A 826 -15.36 -27.91 -11.01
N ILE A 827 -14.37 -28.70 -11.44
CA ILE A 827 -14.34 -30.19 -11.31
C ILE A 827 -13.07 -30.59 -10.53
N LEU A 828 -13.24 -31.13 -9.33
CA LEU A 828 -12.15 -31.65 -8.48
C LEU A 828 -11.93 -33.14 -8.81
N GLY A 829 -10.73 -33.66 -8.52
CA GLY A 829 -10.33 -35.06 -8.78
C GLY A 829 -8.87 -35.28 -8.46
N GLN A 830 -8.39 -36.51 -8.64
CA GLN A 830 -6.99 -36.90 -8.31
C GLN A 830 -6.56 -38.11 -9.17
N ALA A 831 -5.24 -38.36 -9.22
CA ALA A 831 -4.63 -39.52 -9.88
C ALA A 831 -4.88 -40.79 -9.05
N ALA A 832 -5.07 -41.93 -9.71
CA ALA A 832 -5.29 -43.26 -9.09
C ALA A 832 -4.00 -43.73 -8.42
N PRO A 833 -4.05 -44.72 -7.50
CA PRO A 833 -2.86 -45.19 -6.79
C PRO A 833 -1.71 -45.57 -7.74
N GLY A 834 -0.53 -45.00 -7.53
CA GLY A 834 0.69 -45.25 -8.33
C GLY A 834 0.89 -44.20 -9.41
N LYS A 835 -0.18 -43.87 -10.14
CA LYS A 835 -0.18 -42.88 -11.26
C LYS A 835 0.01 -41.47 -10.69
N SER A 836 0.72 -40.61 -11.43
CA SER A 836 1.11 -39.24 -11.03
C SER A 836 0.02 -38.23 -11.42
N THR A 837 0.13 -37.00 -10.92
CA THR A 837 -0.80 -35.87 -11.21
C THR A 837 -0.68 -35.48 -12.69
N GLY A 838 0.55 -35.40 -13.21
CA GLY A 838 0.86 -35.05 -14.61
C GLY A 838 0.13 -35.95 -15.59
N GLU A 839 0.12 -37.26 -15.33
CA GLU A 839 -0.56 -38.29 -16.17
C GLU A 839 -2.08 -38.04 -16.15
N ALA A 840 -2.65 -37.81 -14.97
CA ALA A 840 -4.10 -37.57 -14.74
C ALA A 840 -4.53 -36.31 -15.52
N MET A 841 -3.79 -35.21 -15.36
CA MET A 841 -4.05 -33.92 -16.05
C MET A 841 -3.97 -34.09 -17.56
N GLU A 842 -2.98 -34.85 -18.04
CA GLU A 842 -2.73 -35.11 -19.49
C GLU A 842 -3.91 -35.84 -20.11
N LEU A 843 -4.57 -36.74 -19.37
CA LEU A 843 -5.75 -37.50 -19.84
C LEU A 843 -6.96 -36.56 -19.89
N MET A 844 -7.21 -35.81 -18.81
CA MET A 844 -8.32 -34.83 -18.68
C MET A 844 -8.29 -33.85 -19.87
N GLU A 845 -7.09 -33.39 -20.25
CA GLU A 845 -6.85 -32.49 -21.42
C GLU A 845 -7.35 -33.19 -22.71
N GLN A 846 -7.08 -34.49 -22.85
CA GLN A 846 -7.46 -35.31 -24.03
C GLN A 846 -8.97 -35.58 -23.99
N LEU A 847 -9.55 -35.80 -22.80
CA LEU A 847 -11.01 -35.99 -22.62
C LEU A 847 -11.74 -34.68 -22.92
N ALA A 848 -11.15 -33.54 -22.54
CA ALA A 848 -11.70 -32.18 -22.71
C ALA A 848 -11.74 -31.79 -24.19
N SER A 849 -10.82 -32.34 -25.01
CA SER A 849 -10.68 -32.03 -26.45
C SER A 849 -11.79 -32.72 -27.27
N LYS A 850 -12.48 -33.70 -26.68
CA LYS A 850 -13.53 -34.52 -27.35
C LYS A 850 -14.94 -33.99 -27.01
N LEU A 851 -15.02 -32.89 -26.23
CA LEU A 851 -16.30 -32.29 -25.76
C LEU A 851 -16.91 -31.44 -26.88
N PRO A 852 -18.21 -31.08 -26.80
CA PRO A 852 -18.88 -30.32 -27.87
C PRO A 852 -18.24 -28.95 -28.18
N THR A 853 -18.57 -28.41 -29.36
CA THR A 853 -18.07 -27.10 -29.88
C THR A 853 -18.44 -25.98 -28.92
N GLY A 854 -17.49 -25.10 -28.60
CA GLY A 854 -17.68 -23.92 -27.73
C GLY A 854 -17.31 -24.18 -26.29
N VAL A 855 -16.91 -25.40 -25.94
CA VAL A 855 -16.54 -25.82 -24.55
C VAL A 855 -15.01 -25.90 -24.46
N GLY A 856 -14.40 -24.96 -23.74
CA GLY A 856 -12.95 -24.95 -23.43
C GLY A 856 -12.69 -25.46 -22.03
N TYR A 857 -11.42 -25.45 -21.59
CA TYR A 857 -10.99 -25.85 -20.23
C TYR A 857 -9.83 -24.95 -19.77
N ASP A 858 -9.43 -25.11 -18.51
CA ASP A 858 -8.32 -24.37 -17.86
C ASP A 858 -7.99 -25.02 -16.51
N TRP A 859 -6.78 -24.79 -16.01
CA TRP A 859 -6.29 -25.30 -14.69
C TRP A 859 -6.20 -24.12 -13.71
N THR A 860 -6.66 -24.32 -12.47
CA THR A 860 -6.71 -23.29 -11.39
C THR A 860 -6.13 -23.86 -10.10
N GLY A 861 -5.93 -23.00 -9.10
CA GLY A 861 -5.40 -23.37 -7.76
C GLY A 861 -4.13 -24.20 -7.85
N MET A 862 -4.14 -25.39 -7.25
CA MET A 862 -2.97 -26.31 -7.13
C MET A 862 -2.47 -26.71 -8.52
N SER A 863 -3.37 -26.86 -9.50
CA SER A 863 -3.07 -27.32 -10.88
C SER A 863 -2.38 -26.22 -11.68
N TYR A 864 -2.71 -24.95 -11.40
CA TYR A 864 -2.08 -23.75 -12.01
C TYR A 864 -0.60 -23.67 -11.59
N GLN A 865 -0.33 -23.89 -10.29
CA GLN A 865 1.02 -23.85 -9.67
C GLN A 865 1.90 -24.97 -10.27
N GLU A 866 1.31 -26.14 -10.51
CA GLU A 866 1.99 -27.35 -11.07
C GLU A 866 2.40 -27.10 -12.52
N ARG A 867 1.50 -26.58 -13.35
CA ARG A 867 1.66 -26.41 -14.82
C ARG A 867 2.96 -25.65 -15.13
N LEU A 868 2.97 -24.34 -14.93
CA LEU A 868 4.11 -23.44 -15.30
C LEU A 868 5.18 -23.50 -14.20
N SER A 869 6.36 -24.05 -14.52
CA SER A 869 7.52 -24.26 -13.61
C SER A 869 7.21 -25.35 -12.58
N GLY A 870 8.23 -25.79 -11.84
CA GLY A 870 8.09 -26.81 -10.77
C GLY A 870 9.39 -27.58 -10.55
N ASN A 871 9.63 -28.62 -11.35
CA ASN A 871 10.77 -29.57 -11.21
C ASN A 871 12.05 -28.88 -11.66
N GLN A 872 12.75 -28.22 -10.72
CA GLN A 872 14.05 -27.52 -10.96
C GLN A 872 15.13 -28.07 -10.01
N ALA A 873 14.82 -29.13 -9.26
CA ALA A 873 15.73 -29.76 -8.27
C ALA A 873 16.89 -30.48 -8.97
N PRO A 874 16.64 -31.33 -9.99
CA PRO A 874 17.72 -32.10 -10.63
C PRO A 874 18.87 -31.21 -11.14
N SER A 875 18.56 -30.04 -11.71
CA SER A 875 19.52 -29.05 -12.24
C SER A 875 20.35 -28.45 -11.11
N LEU A 876 19.72 -28.16 -9.97
CA LEU A 876 20.37 -27.53 -8.78
C LEU A 876 21.32 -28.52 -8.11
N TYR A 877 20.98 -29.81 -8.08
CA TYR A 877 21.84 -30.91 -7.57
C TYR A 877 23.06 -31.08 -8.49
N ALA A 878 22.86 -30.95 -9.79
CA ALA A 878 23.93 -31.01 -10.83
C ALA A 878 24.92 -29.84 -10.61
N ILE A 879 24.39 -28.63 -10.43
CA ILE A 879 25.18 -27.39 -10.17
C ILE A 879 25.92 -27.54 -8.84
N SER A 880 25.24 -28.04 -7.81
CA SER A 880 25.80 -28.24 -6.44
C SER A 880 27.08 -29.08 -6.49
N LEU A 881 27.01 -30.25 -7.14
CA LEU A 881 28.14 -31.22 -7.24
C LEU A 881 29.28 -30.61 -8.08
N ILE A 882 28.94 -29.88 -9.14
CA ILE A 882 29.91 -29.19 -10.05
C ILE A 882 30.72 -28.16 -9.23
N VAL A 883 30.04 -27.31 -8.45
CA VAL A 883 30.66 -26.20 -7.67
C VAL A 883 31.50 -26.80 -6.52
N VAL A 884 31.04 -27.91 -5.92
CA VAL A 884 31.77 -28.62 -4.83
C VAL A 884 33.07 -29.20 -5.40
N PHE A 885 33.01 -29.81 -6.59
CA PHE A 885 34.18 -30.38 -7.31
C PHE A 885 35.21 -29.27 -7.58
N LEU A 886 34.74 -28.12 -8.08
CA LEU A 886 35.58 -26.93 -8.40
C LEU A 886 36.26 -26.43 -7.11
N CYS A 887 35.50 -26.32 -6.01
CA CYS A 887 36.00 -25.85 -4.68
C CYS A 887 37.02 -26.85 -4.12
N LEU A 888 36.77 -28.16 -4.29
CA LEU A 888 37.71 -29.25 -3.89
C LEU A 888 39.00 -29.14 -4.71
N ALA A 889 38.89 -28.81 -6.00
CA ALA A 889 40.02 -28.66 -6.95
C ALA A 889 40.94 -27.54 -6.48
N ALA A 890 40.37 -26.43 -5.98
CA ALA A 890 41.11 -25.26 -5.46
C ALA A 890 41.83 -25.62 -4.16
N LEU A 891 41.17 -26.40 -3.30
CA LEU A 891 41.67 -26.82 -1.96
C LEU A 891 42.92 -27.69 -2.11
N TYR A 892 42.87 -28.69 -3.00
CA TYR A 892 43.93 -29.72 -3.20
C TYR A 892 44.92 -29.30 -4.29
N GLU A 893 44.54 -28.32 -5.13
CA GLU A 893 45.32 -27.86 -6.31
C GLU A 893 45.50 -29.05 -7.27
N SER A 894 44.39 -29.69 -7.65
CA SER A 894 44.34 -30.92 -8.48
C SER A 894 42.94 -31.08 -9.10
N TRP A 895 42.87 -31.55 -10.34
CA TRP A 895 41.60 -31.86 -11.07
C TRP A 895 41.17 -33.30 -10.77
N SER A 896 42.08 -34.15 -10.29
CA SER A 896 41.90 -35.61 -10.10
C SER A 896 41.53 -35.93 -8.65
N ILE A 897 42.28 -35.40 -7.68
CA ILE A 897 42.16 -35.72 -6.22
C ILE A 897 40.74 -35.47 -5.73
N PRO A 898 40.06 -34.36 -6.13
CA PRO A 898 38.67 -34.12 -5.72
C PRO A 898 37.72 -35.32 -5.87
N PHE A 899 37.90 -36.15 -6.90
CA PHE A 899 37.06 -37.34 -7.19
C PHE A 899 37.03 -38.29 -5.99
N SER A 900 38.15 -38.41 -5.26
CA SER A 900 38.29 -39.27 -4.05
C SER A 900 37.23 -38.90 -3.01
N VAL A 901 36.87 -37.61 -2.93
CA VAL A 901 35.81 -37.08 -2.02
C VAL A 901 34.44 -37.23 -2.69
N MET A 902 34.32 -36.87 -3.98
CA MET A 902 33.05 -36.80 -4.74
C MET A 902 32.40 -38.19 -4.84
N LEU A 903 33.20 -39.26 -4.83
CA LEU A 903 32.74 -40.67 -4.99
C LEU A 903 32.05 -41.17 -3.70
N VAL A 904 32.12 -40.41 -2.60
CA VAL A 904 31.51 -40.79 -1.29
C VAL A 904 30.01 -40.44 -1.28
N VAL A 905 29.58 -39.53 -2.16
CA VAL A 905 28.20 -38.95 -2.16
C VAL A 905 27.17 -40.07 -2.25
N PRO A 906 27.27 -41.01 -3.23
CA PRO A 906 26.28 -42.09 -3.35
C PRO A 906 26.20 -43.03 -2.14
N LEU A 907 27.29 -43.14 -1.36
CA LEU A 907 27.37 -43.99 -0.14
C LEU A 907 26.49 -43.38 0.97
N GLY A 908 26.23 -42.07 0.91
CA GLY A 908 25.33 -41.35 1.83
C GLY A 908 23.89 -41.36 1.33
N VAL A 909 23.69 -41.09 0.03
CA VAL A 909 22.35 -40.96 -0.61
C VAL A 909 21.59 -42.29 -0.48
N ILE A 910 22.29 -43.43 -0.61
CA ILE A 910 21.71 -44.81 -0.56
C ILE A 910 20.99 -44.99 0.78
N GLY A 911 21.59 -44.54 1.89
CA GLY A 911 21.03 -44.69 3.26
C GLY A 911 19.75 -43.89 3.42
N ALA A 912 19.73 -42.65 2.94
CA ALA A 912 18.57 -41.73 2.96
C ALA A 912 17.39 -42.38 2.23
N LEU A 913 17.65 -42.95 1.05
CA LEU A 913 16.63 -43.61 0.19
C LEU A 913 16.12 -44.88 0.88
N LEU A 914 17.03 -45.72 1.39
CA LEU A 914 16.70 -46.98 2.11
C LEU A 914 15.83 -46.66 3.33
N ALA A 915 16.24 -45.69 4.15
CA ALA A 915 15.55 -45.26 5.39
C ALA A 915 14.17 -44.68 5.06
N ALA A 916 14.07 -43.91 3.96
CA ALA A 916 12.82 -43.28 3.48
C ALA A 916 11.84 -44.35 2.98
N THR A 917 12.34 -45.32 2.19
CA THR A 917 11.55 -46.40 1.54
C THR A 917 10.95 -47.31 2.62
N PHE A 918 11.77 -47.84 3.52
CA PHE A 918 11.40 -48.87 4.52
C PHE A 918 10.52 -48.28 5.63
N ARG A 919 10.60 -46.96 5.86
CA ARG A 919 9.70 -46.23 6.81
C ARG A 919 8.44 -45.78 6.08
N GLY A 920 8.49 -45.68 4.74
CA GLY A 920 7.33 -45.42 3.87
C GLY A 920 7.12 -43.94 3.62
N LEU A 921 8.21 -43.16 3.53
CA LEU A 921 8.19 -41.69 3.26
C LEU A 921 8.26 -41.46 1.75
N THR A 922 8.04 -40.21 1.33
CA THR A 922 8.06 -39.76 -0.09
C THR A 922 9.25 -38.82 -0.32
N ASN A 923 9.57 -38.57 -1.60
CA ASN A 923 10.57 -37.55 -2.03
C ASN A 923 9.93 -36.16 -1.87
N ASP A 924 9.95 -35.63 -0.65
CA ASP A 924 9.28 -34.35 -0.26
C ASP A 924 10.34 -33.31 0.11
N VAL A 925 9.90 -32.12 0.51
CA VAL A 925 10.75 -30.97 0.95
C VAL A 925 11.79 -31.47 1.97
N TYR A 926 11.33 -32.19 3.00
CA TYR A 926 12.13 -32.60 4.18
C TYR A 926 13.17 -33.67 3.80
N PHE A 927 12.90 -34.45 2.75
CA PHE A 927 13.85 -35.46 2.21
C PHE A 927 14.99 -34.76 1.48
N GLN A 928 14.68 -33.70 0.73
CA GLN A 928 15.63 -32.96 -0.14
C GLN A 928 16.62 -32.14 0.72
N VAL A 929 16.10 -31.43 1.74
CA VAL A 929 16.94 -30.64 2.69
C VAL A 929 17.86 -31.60 3.47
N GLY A 930 17.36 -32.81 3.78
CA GLY A 930 18.12 -33.88 4.43
C GLY A 930 19.12 -34.52 3.48
N LEU A 931 18.76 -34.66 2.21
CA LEU A 931 19.62 -35.26 1.15
C LEU A 931 20.86 -34.39 0.90
N LEU A 932 20.70 -33.06 1.01
CA LEU A 932 21.82 -32.09 0.88
C LEU A 932 22.69 -32.14 2.14
N THR A 933 22.07 -32.23 3.32
CA THR A 933 22.74 -32.40 4.63
C THR A 933 23.59 -33.69 4.59
N THR A 934 23.05 -34.76 3.99
CA THR A 934 23.72 -36.08 3.82
C THR A 934 24.96 -35.92 2.95
N ILE A 935 24.84 -35.22 1.81
CA ILE A 935 25.95 -34.95 0.84
C ILE A 935 27.07 -34.20 1.57
N GLY A 936 26.73 -33.18 2.35
CA GLY A 936 27.69 -32.35 3.12
C GLY A 936 28.43 -33.16 4.17
N LEU A 937 27.70 -33.94 4.96
CA LEU A 937 28.26 -34.78 6.07
C LEU A 937 29.14 -35.90 5.49
N SER A 938 28.68 -36.56 4.42
CA SER A 938 29.41 -37.65 3.71
C SER A 938 30.72 -37.12 3.14
N ALA A 939 30.68 -35.95 2.50
CA ALA A 939 31.85 -35.24 1.91
C ALA A 939 32.82 -34.83 3.03
N LYS A 940 32.29 -34.32 4.15
CA LYS A 940 33.07 -33.88 5.34
C LYS A 940 33.92 -35.04 5.87
N ASN A 941 33.34 -36.24 5.99
CA ASN A 941 34.01 -37.46 6.50
C ASN A 941 35.09 -37.89 5.50
N ALA A 942 34.80 -37.83 4.20
CA ALA A 942 35.71 -38.19 3.09
C ALA A 942 36.91 -37.23 3.06
N ILE A 943 36.64 -35.92 3.13
CA ILE A 943 37.66 -34.83 3.11
C ILE A 943 38.69 -35.08 4.24
N LEU A 944 38.21 -35.43 5.44
CA LEU A 944 39.04 -35.66 6.66
C LEU A 944 40.05 -36.79 6.39
N ILE A 945 39.60 -37.91 5.83
CA ILE A 945 40.45 -39.11 5.51
C ILE A 945 41.49 -38.72 4.46
N VAL A 946 41.06 -37.98 3.42
CA VAL A 946 41.92 -37.51 2.29
C VAL A 946 42.93 -36.49 2.82
N GLU A 947 42.52 -35.61 3.74
CA GLU A 947 43.35 -34.51 4.29
C GLU A 947 44.55 -35.11 5.05
N PHE A 948 44.33 -36.12 5.89
CA PHE A 948 45.38 -36.84 6.66
C PHE A 948 46.29 -37.60 5.68
N ALA A 949 45.69 -38.28 4.69
CA ALA A 949 46.39 -39.06 3.65
C ALA A 949 47.33 -38.15 2.86
N LYS A 950 46.85 -36.98 2.44
CA LYS A 950 47.60 -35.98 1.62
C LYS A 950 48.75 -35.40 2.45
N ASP A 951 48.47 -34.98 3.69
CA ASP A 951 49.45 -34.40 4.64
C ASP A 951 50.65 -35.35 4.82
N LEU A 952 50.39 -36.64 5.00
CA LEU A 952 51.43 -37.69 5.20
C LEU A 952 52.23 -37.91 3.92
N MET A 953 51.55 -37.88 2.76
CA MET A 953 52.18 -38.08 1.42
C MET A 953 53.01 -36.85 1.03
N ASP A 954 52.53 -35.65 1.37
CA ASP A 954 53.12 -34.35 0.93
C ASP A 954 54.20 -33.91 1.93
N LYS A 955 53.80 -33.55 3.15
CA LYS A 955 54.68 -32.92 4.18
C LYS A 955 55.66 -33.96 4.73
N GLU A 956 55.14 -35.08 5.26
CA GLU A 956 55.95 -36.16 5.88
C GLU A 956 56.68 -36.96 4.78
N GLY A 957 56.13 -37.01 3.57
CA GLY A 957 56.75 -37.65 2.39
C GLY A 957 56.72 -39.17 2.49
N LYS A 958 55.53 -39.74 2.67
CA LYS A 958 55.30 -41.21 2.82
C LYS A 958 54.68 -41.77 1.53
N GLY A 959 54.74 -43.09 1.35
CA GLY A 959 54.17 -43.81 0.19
C GLY A 959 52.66 -43.75 0.16
N LEU A 960 52.05 -44.03 -0.99
CA LEU A 960 50.59 -43.95 -1.24
C LEU A 960 49.84 -44.89 -0.29
N ILE A 961 50.21 -46.17 -0.27
CA ILE A 961 49.56 -47.25 0.53
C ILE A 961 49.79 -46.98 2.02
N GLU A 962 51.02 -46.67 2.41
CA GLU A 962 51.43 -46.42 3.83
C GLU A 962 50.65 -45.22 4.39
N ALA A 963 50.49 -44.15 3.60
CA ALA A 963 49.82 -42.89 3.98
C ALA A 963 48.33 -43.14 4.24
N THR A 964 47.66 -43.86 3.34
CA THR A 964 46.21 -44.18 3.41
C THR A 964 45.90 -44.90 4.72
N LEU A 965 46.70 -45.91 5.08
CA LEU A 965 46.53 -46.75 6.31
C LEU A 965 46.82 -45.90 7.56
N ASP A 966 47.90 -45.12 7.54
CA ASP A 966 48.28 -44.17 8.62
C ASP A 966 47.13 -43.17 8.84
N ALA A 967 46.53 -42.68 7.76
CA ALA A 967 45.47 -41.64 7.76
C ALA A 967 44.17 -42.20 8.37
N VAL A 968 43.68 -43.34 7.86
CA VAL A 968 42.40 -43.98 8.30
C VAL A 968 42.47 -44.31 9.80
N ARG A 969 43.65 -44.73 10.28
CA ARG A 969 43.90 -45.06 11.71
C ARG A 969 43.64 -43.82 12.58
N MET A 970 44.19 -42.67 12.18
CA MET A 970 44.00 -41.35 12.84
C MET A 970 42.57 -40.86 12.59
N ALA A 971 41.99 -41.19 11.44
CA ALA A 971 40.68 -40.70 10.95
C ALA A 971 39.53 -41.37 11.71
N LEU A 972 39.66 -42.65 12.07
CA LEU A 972 38.56 -43.50 12.60
C LEU A 972 37.91 -42.82 13.82
N ARG A 973 38.71 -42.51 14.86
CA ARG A 973 38.21 -42.01 16.17
C ARG A 973 37.38 -40.75 15.98
N PRO A 974 37.92 -39.65 15.40
CA PRO A 974 37.14 -38.41 15.24
C PRO A 974 35.93 -38.53 14.30
N ILE A 975 35.95 -39.49 13.35
CA ILE A 975 34.81 -39.76 12.43
C ILE A 975 33.66 -40.35 13.24
N LEU A 976 33.87 -41.50 13.87
CA LEU A 976 32.85 -42.23 14.69
C LEU A 976 32.39 -41.34 15.85
N MET A 977 33.29 -40.52 16.39
CA MET A 977 33.01 -39.54 17.48
C MET A 977 31.90 -38.58 17.02
N THR A 978 32.11 -37.88 15.89
CA THR A 978 31.20 -36.84 15.35
C THR A 978 29.98 -37.49 14.69
N SER A 979 30.16 -38.64 14.03
CA SER A 979 29.09 -39.41 13.35
C SER A 979 28.03 -39.85 14.36
N LEU A 980 28.45 -40.58 15.40
CA LEU A 980 27.55 -41.08 16.48
C LEU A 980 26.94 -39.90 17.24
N ALA A 981 27.73 -38.86 17.52
CA ALA A 981 27.30 -37.62 18.22
C ALA A 981 26.11 -36.98 17.50
N PHE A 982 26.15 -36.95 16.16
CA PHE A 982 25.10 -36.35 15.29
C PHE A 982 23.94 -37.34 15.12
N ILE A 983 24.25 -38.60 14.80
CA ILE A 983 23.26 -39.71 14.66
C ILE A 983 22.38 -39.75 15.93
N LEU A 984 23.01 -39.57 17.10
CA LEU A 984 22.31 -39.50 18.42
C LEU A 984 21.62 -38.13 18.54
N GLY A 985 22.28 -37.07 18.08
CA GLY A 985 21.76 -35.69 18.06
C GLY A 985 20.43 -35.57 17.33
N VAL A 986 20.24 -36.34 16.25
CA VAL A 986 19.01 -36.30 15.39
C VAL A 986 18.08 -37.47 15.76
N MET A 987 18.36 -38.20 16.85
CA MET A 987 17.51 -39.29 17.37
C MET A 987 16.15 -38.73 17.79
N PRO A 988 16.09 -37.61 18.55
CA PRO A 988 14.81 -37.04 18.98
C PRO A 988 13.84 -36.79 17.82
N LEU A 989 14.35 -36.29 16.68
CA LEU A 989 13.57 -36.03 15.44
C LEU A 989 12.89 -37.32 14.96
N VAL A 990 13.63 -38.43 14.95
CA VAL A 990 13.17 -39.74 14.40
C VAL A 990 12.11 -40.35 15.32
N ILE A 991 12.30 -40.27 16.65
CA ILE A 991 11.42 -40.88 17.68
C ILE A 991 10.42 -39.84 18.20
N SER A 992 10.38 -38.63 17.60
CA SER A 992 9.48 -37.52 17.99
C SER A 992 8.01 -37.95 17.80
N THR A 993 7.23 -37.86 18.87
CA THR A 993 5.74 -37.99 18.87
C THR A 993 5.16 -36.74 19.53
N GLY A 994 4.23 -36.06 18.85
CA GLY A 994 3.66 -34.77 19.27
C GLY A 994 3.45 -33.83 18.10
N ALA A 995 3.22 -32.55 18.37
CA ALA A 995 2.94 -31.51 17.35
C ALA A 995 4.12 -31.37 16.39
N GLY A 996 3.88 -31.57 15.09
CA GLY A 996 4.87 -31.41 14.02
C GLY A 996 5.85 -32.58 13.97
N SER A 997 5.44 -33.76 14.46
CA SER A 997 6.26 -35.00 14.49
C SER A 997 6.44 -35.53 13.06
N GLY A 998 5.43 -35.37 12.21
CA GLY A 998 5.48 -35.76 10.78
C GLY A 998 6.70 -35.19 10.08
N ALA A 999 6.95 -33.89 10.27
CA ALA A 999 8.10 -33.14 9.70
C ALA A 999 9.40 -33.61 10.36
N GLN A 1000 9.40 -33.75 11.69
CA GLN A 1000 10.57 -34.17 12.50
C GLN A 1000 10.97 -35.60 12.13
N ASN A 1001 9.99 -36.52 12.06
CA ASN A 1001 10.19 -37.94 11.69
C ASN A 1001 10.76 -38.03 10.27
N ALA A 1002 10.19 -37.27 9.33
CA ALA A 1002 10.57 -37.23 7.90
C ALA A 1002 12.05 -36.81 7.76
N VAL A 1003 12.36 -35.58 8.19
CA VAL A 1003 13.71 -34.95 8.05
C VAL A 1003 14.77 -35.80 8.79
N GLY A 1004 14.39 -36.39 9.94
CA GLY A 1004 15.29 -37.20 10.78
C GLY A 1004 15.67 -38.51 10.13
N THR A 1005 14.68 -39.20 9.54
CA THR A 1005 14.83 -40.55 8.93
C THR A 1005 15.87 -40.52 7.80
N GLY A 1006 15.72 -39.58 6.87
CA GLY A 1006 16.61 -39.40 5.71
C GLY A 1006 18.04 -39.07 6.13
N VAL A 1007 18.20 -38.17 7.09
CA VAL A 1007 19.52 -37.67 7.58
C VAL A 1007 20.24 -38.79 8.35
N MET A 1008 19.57 -39.37 9.36
CA MET A 1008 20.14 -40.43 10.23
C MET A 1008 20.48 -41.67 9.38
N GLY A 1009 19.52 -42.16 8.61
CA GLY A 1009 19.68 -43.30 7.68
C GLY A 1009 20.84 -43.09 6.74
N GLY A 1010 20.95 -41.89 6.16
CA GLY A 1010 22.04 -41.47 5.25
C GLY A 1010 23.38 -41.42 5.96
N MET A 1011 23.40 -40.94 7.21
CA MET A 1011 24.62 -40.81 8.05
C MET A 1011 25.16 -42.20 8.42
N VAL A 1012 24.27 -43.15 8.69
CA VAL A 1012 24.63 -44.56 9.07
C VAL A 1012 25.44 -45.19 7.92
N THR A 1013 24.87 -45.19 6.70
CA THR A 1013 25.50 -45.79 5.49
C THR A 1013 26.78 -45.02 5.13
N ALA A 1014 26.72 -43.69 5.13
CA ALA A 1014 27.85 -42.79 4.83
C ALA A 1014 29.05 -43.17 5.70
N THR A 1015 28.86 -43.26 7.02
CA THR A 1015 29.93 -43.50 8.02
C THR A 1015 30.54 -44.88 7.83
N VAL A 1016 29.72 -45.93 7.80
CA VAL A 1016 30.18 -47.37 7.78
C VAL A 1016 30.86 -47.67 6.45
N LEU A 1017 30.36 -47.11 5.33
CA LEU A 1017 30.89 -47.37 3.96
C LEU A 1017 32.16 -46.55 3.72
N ALA A 1018 32.11 -45.24 3.99
CA ALA A 1018 33.19 -44.26 3.73
C ALA A 1018 34.53 -44.79 4.27
N ILE A 1019 34.54 -45.27 5.52
CA ILE A 1019 35.78 -45.72 6.24
C ILE A 1019 36.44 -46.88 5.48
N PHE A 1020 35.69 -47.60 4.65
CA PHE A 1020 36.19 -48.73 3.81
C PHE A 1020 36.43 -48.28 2.37
N PHE A 1021 35.57 -47.39 1.84
CA PHE A 1021 35.51 -47.04 0.39
C PHE A 1021 36.37 -45.81 0.07
N VAL A 1022 36.42 -44.82 0.96
CA VAL A 1022 37.23 -43.56 0.75
C VAL A 1022 38.70 -43.92 0.59
N PRO A 1023 39.27 -44.86 1.40
CA PRO A 1023 40.63 -45.34 1.18
C PRO A 1023 40.84 -45.95 -0.21
N VAL A 1024 39.85 -46.70 -0.72
CA VAL A 1024 39.86 -47.32 -2.08
C VAL A 1024 39.84 -46.21 -3.12
N PHE A 1025 38.91 -45.25 -3.00
CA PHE A 1025 38.72 -44.11 -3.93
C PHE A 1025 40.05 -43.36 -4.09
N PHE A 1026 40.68 -43.00 -2.96
CA PHE A 1026 41.95 -42.21 -2.91
C PHE A 1026 43.04 -42.92 -3.70
N VAL A 1027 43.33 -44.19 -3.35
CA VAL A 1027 44.44 -45.01 -3.93
C VAL A 1027 44.17 -45.21 -5.43
N VAL A 1028 42.95 -45.61 -5.81
CA VAL A 1028 42.53 -45.88 -7.22
C VAL A 1028 42.73 -44.60 -8.05
N VAL A 1029 42.33 -43.44 -7.51
CA VAL A 1029 42.42 -42.11 -8.19
C VAL A 1029 43.90 -41.73 -8.36
N ARG A 1030 44.65 -41.67 -7.25
CA ARG A 1030 46.07 -41.24 -7.22
C ARG A 1030 46.91 -42.10 -8.18
N ARG A 1031 46.64 -43.41 -8.24
CA ARG A 1031 47.32 -44.37 -9.15
C ARG A 1031 47.03 -43.99 -10.61
N ARG A 1032 45.77 -43.70 -10.93
CA ARG A 1032 45.29 -43.40 -12.31
C ARG A 1032 45.91 -42.09 -12.80
N PHE A 1033 46.07 -41.09 -11.93
CA PHE A 1033 46.53 -39.71 -12.25
C PHE A 1033 47.85 -39.43 -11.55
N SER A 1034 48.90 -40.17 -11.91
CA SER A 1034 50.30 -40.01 -11.44
C SER A 1034 51.27 -40.25 -12.60
N ARG A 1035 52.57 -40.00 -12.40
CA ARG A 1035 53.62 -40.16 -13.44
C ARG A 1035 54.94 -40.67 -12.82
N LYS A 1036 55.47 -39.99 -11.78
CA LYS A 1036 56.74 -40.36 -11.12
C LYS A 1036 56.74 -39.91 -9.66
N ASN A 1037 56.38 -40.81 -8.74
CA ASN A 1037 56.41 -40.64 -7.26
C ASN A 1037 55.72 -41.85 -6.61
N GLU A 1038 55.40 -41.76 -5.31
CA GLU A 1038 54.60 -42.76 -4.53
C GLU A 1038 55.53 -43.86 -3.99
N ASP A 1039 56.42 -43.48 -3.06
CA ASP A 1039 57.34 -44.39 -2.32
C ASP A 1039 57.90 -43.62 -1.11
N ILE A 1040 58.91 -44.15 -0.43
CA ILE A 1040 59.65 -43.44 0.65
C ILE A 1040 60.32 -42.19 0.05
N GLU A 1041 60.13 -41.03 0.67
CA GLU A 1041 60.61 -39.72 0.17
C GLU A 1041 61.31 -38.96 1.31
N MET B 1 45.97 1.97 10.93
CA MET B 1 45.32 2.96 10.02
C MET B 1 45.93 4.36 10.21
N PRO B 2 46.16 4.84 11.45
CA PRO B 2 46.88 6.11 11.65
C PRO B 2 48.27 6.13 11.01
N ASN B 3 49.04 5.04 11.17
CA ASN B 3 50.39 4.86 10.58
C ASN B 3 50.30 4.94 9.05
N PHE B 4 49.28 4.33 8.47
CA PHE B 4 49.01 4.30 6.99
C PHE B 4 48.88 5.74 6.46
N PHE B 5 48.14 6.59 7.18
CA PHE B 5 47.77 7.97 6.74
C PHE B 5 48.81 9.00 7.20
N ILE B 6 49.64 8.66 8.19
CA ILE B 6 50.82 9.49 8.61
C ILE B 6 51.80 9.55 7.43
N ASP B 7 52.04 8.41 6.77
CA ASP B 7 52.96 8.29 5.61
C ASP B 7 52.25 8.74 4.32
N ARG B 8 50.91 8.74 4.31
CA ARG B 8 50.08 9.07 3.12
C ARG B 8 49.18 10.27 3.43
N PRO B 9 49.75 11.48 3.65
CA PRO B 9 48.94 12.66 4.01
C PRO B 9 47.97 13.13 2.91
N ILE B 10 48.29 12.88 1.65
CA ILE B 10 47.47 13.32 0.47
C ILE B 10 46.22 12.43 0.37
N PHE B 11 46.35 11.13 0.61
CA PHE B 11 45.23 10.17 0.70
C PHE B 11 44.22 10.67 1.76
N ALA B 12 44.73 11.03 2.94
CA ALA B 12 43.95 11.56 4.08
C ALA B 12 43.18 12.82 3.67
N TRP B 13 43.84 13.72 2.92
CA TRP B 13 43.24 14.98 2.39
C TRP B 13 42.11 14.63 1.41
N VAL B 14 42.32 13.65 0.53
CA VAL B 14 41.31 13.17 -0.47
C VAL B 14 40.04 12.75 0.29
N ILE B 15 40.20 11.94 1.34
CA ILE B 15 39.07 11.43 2.19
C ILE B 15 38.35 12.63 2.84
N ALA B 16 39.12 13.62 3.32
CA ALA B 16 38.60 14.86 3.94
C ALA B 16 37.78 15.65 2.92
N ILE B 17 38.28 15.76 1.68
CA ILE B 17 37.62 16.50 0.56
C ILE B 17 36.32 15.78 0.17
N ILE B 18 36.37 14.45 0.00
CA ILE B 18 35.19 13.61 -0.36
C ILE B 18 34.08 13.82 0.68
N ILE B 19 34.43 13.82 1.97
CA ILE B 19 33.50 14.03 3.12
C ILE B 19 32.91 15.45 3.03
N MET B 20 33.75 16.45 2.77
CA MET B 20 33.36 17.89 2.71
C MET B 20 32.41 18.13 1.53
N LEU B 21 32.66 17.48 0.39
CA LEU B 21 31.83 17.59 -0.84
C LEU B 21 30.46 16.95 -0.59
N ALA B 22 30.44 15.74 -0.03
CA ALA B 22 29.22 15.01 0.38
C ALA B 22 28.38 15.88 1.31
N GLY B 23 29.03 16.55 2.27
CA GLY B 23 28.41 17.47 3.24
C GLY B 23 27.81 18.69 2.56
N GLY B 24 28.58 19.33 1.67
CA GLY B 24 28.15 20.48 0.86
C GLY B 24 26.91 20.13 0.03
N LEU B 25 26.93 18.98 -0.63
CA LEU B 25 25.80 18.44 -1.44
C LEU B 25 24.57 18.22 -0.54
N ALA B 26 24.79 17.64 0.65
CA ALA B 26 23.74 17.32 1.65
C ALA B 26 23.03 18.60 2.08
N ILE B 27 23.80 19.65 2.44
CA ILE B 27 23.28 20.97 2.90
C ILE B 27 22.33 21.56 1.85
N LEU B 28 22.64 21.40 0.56
CA LEU B 28 21.85 21.95 -0.58
C LEU B 28 20.50 21.22 -0.70
N LYS B 29 20.49 19.89 -0.52
CA LYS B 29 19.32 19.02 -0.83
C LYS B 29 18.55 18.64 0.45
N LEU B 30 19.15 18.80 1.63
CA LEU B 30 18.52 18.42 2.93
C LEU B 30 17.24 19.23 3.15
N PRO B 31 16.11 18.58 3.46
CA PRO B 31 14.89 19.30 3.85
C PRO B 31 15.09 20.19 5.08
N VAL B 32 14.33 21.27 5.19
CA VAL B 32 14.39 22.26 6.31
C VAL B 32 12.97 22.47 6.84
N ALA B 33 12.75 22.12 8.12
CA ALA B 33 11.48 22.31 8.86
C ALA B 33 11.81 22.70 10.30
N GLN B 34 10.81 23.16 11.07
CA GLN B 34 10.96 23.51 12.50
C GLN B 34 11.18 22.21 13.28
N TYR B 35 10.26 21.25 13.14
CA TYR B 35 10.29 19.91 13.77
C TYR B 35 10.03 18.84 12.70
N PRO B 36 10.53 17.60 12.89
CA PRO B 36 10.22 16.49 11.99
C PRO B 36 8.86 15.86 12.35
N THR B 37 8.50 14.76 11.68
CA THR B 37 7.28 13.96 11.96
C THR B 37 7.48 13.24 13.31
N ILE B 38 6.75 13.69 14.35
CA ILE B 38 6.84 13.17 15.74
C ILE B 38 5.59 12.34 16.05
N ALA B 39 4.41 12.97 15.94
CA ALA B 39 3.09 12.36 16.22
C ALA B 39 2.88 11.14 15.32
N PRO B 40 2.20 10.08 15.81
CA PRO B 40 1.91 8.91 14.98
C PRO B 40 0.91 9.25 13.89
N PRO B 41 0.91 8.55 12.73
CA PRO B 41 0.00 8.87 11.63
C PRO B 41 -1.47 8.87 12.08
N ALA B 42 -2.18 9.97 11.81
CA ALA B 42 -3.62 10.16 12.13
C ALA B 42 -4.38 10.52 10.85
N VAL B 43 -5.52 9.86 10.62
CA VAL B 43 -6.44 10.11 9.47
C VAL B 43 -7.79 10.55 10.06
N THR B 44 -8.27 11.74 9.66
CA THR B 44 -9.56 12.33 10.12
C THR B 44 -10.58 12.25 8.99
N ILE B 45 -11.73 11.60 9.26
CA ILE B 45 -12.94 11.61 8.38
C ILE B 45 -13.84 12.76 8.85
N SER B 46 -14.07 13.75 7.99
CA SER B 46 -14.91 14.95 8.27
C SER B 46 -16.15 14.94 7.38
N ALA B 47 -17.34 15.06 7.98
CA ALA B 47 -18.64 15.12 7.28
C ALA B 47 -19.49 16.24 7.86
N SER B 48 -20.44 16.74 7.07
CA SER B 48 -21.32 17.89 7.39
C SER B 48 -22.77 17.54 7.07
N TYR B 49 -23.70 17.84 8.00
CA TYR B 49 -25.15 17.62 7.87
C TYR B 49 -25.85 18.93 8.24
N PRO B 50 -26.10 19.83 7.27
CA PRO B 50 -26.71 21.14 7.54
C PRO B 50 -28.00 21.08 8.38
N GLY B 51 -27.99 21.73 9.55
CA GLY B 51 -29.16 21.89 10.45
C GLY B 51 -29.41 20.66 11.30
N ALA B 52 -28.42 19.75 11.40
CA ALA B 52 -28.53 18.48 12.16
C ALA B 52 -27.99 18.65 13.58
N ASP B 53 -28.61 17.98 14.54
CA ASP B 53 -28.21 17.95 15.97
C ASP B 53 -27.18 16.84 16.19
N ALA B 54 -26.50 16.85 17.34
CA ALA B 54 -25.42 15.92 17.72
C ALA B 54 -25.88 14.47 17.57
N LYS B 55 -27.10 14.15 17.99
CA LYS B 55 -27.66 12.76 18.02
C LYS B 55 -27.99 12.32 16.60
N THR B 56 -28.59 13.20 15.79
CA THR B 56 -28.92 12.95 14.36
C THR B 56 -27.63 12.58 13.61
N VAL B 57 -26.58 13.38 13.78
CA VAL B 57 -25.25 13.19 13.12
C VAL B 57 -24.67 11.83 13.55
N GLN B 58 -24.66 11.56 14.86
CA GLN B 58 -24.06 10.33 15.45
C GLN B 58 -24.76 9.09 14.91
N ASP B 59 -26.09 9.08 14.91
CA ASP B 59 -26.94 7.87 14.73
C ASP B 59 -27.19 7.60 13.24
N THR B 60 -26.91 8.56 12.35
CA THR B 60 -27.11 8.42 10.88
C THR B 60 -25.77 8.41 10.13
N VAL B 61 -24.73 9.07 10.65
CA VAL B 61 -23.41 9.21 9.98
C VAL B 61 -22.33 8.48 10.78
N THR B 62 -22.02 8.96 11.99
CA THR B 62 -20.83 8.57 12.79
C THR B 62 -20.83 7.07 13.07
N GLN B 63 -21.97 6.52 13.53
CA GLN B 63 -22.11 5.08 13.88
C GLN B 63 -21.96 4.23 12.61
N VAL B 64 -22.52 4.67 11.49
CA VAL B 64 -22.52 3.94 10.19
C VAL B 64 -21.07 3.85 9.68
N ILE B 65 -20.32 4.95 9.72
CA ILE B 65 -18.89 5.02 9.26
C ILE B 65 -18.04 4.15 10.18
N GLU B 66 -18.19 4.31 11.51
CA GLU B 66 -17.41 3.58 12.56
C GLU B 66 -17.53 2.07 12.34
N GLN B 67 -18.72 1.57 12.03
CA GLN B 67 -19.03 0.12 11.85
C GLN B 67 -18.35 -0.42 10.59
N ASN B 68 -17.95 0.45 9.66
CA ASN B 68 -17.37 0.07 8.34
C ASN B 68 -15.86 0.32 8.31
N MET B 69 -15.24 0.70 9.44
CA MET B 69 -13.78 0.97 9.55
C MET B 69 -13.03 -0.33 9.88
N ASN B 70 -13.35 -1.42 9.17
CA ASN B 70 -12.81 -2.78 9.40
C ASN B 70 -11.79 -3.12 8.31
N GLY B 71 -10.92 -4.09 8.55
CA GLY B 71 -9.93 -4.61 7.57
C GLY B 71 -8.83 -3.62 7.27
N ILE B 72 -8.67 -2.59 8.11
CA ILE B 72 -7.61 -1.53 7.99
C ILE B 72 -6.43 -1.95 8.89
N ASP B 73 -5.20 -1.85 8.36
CA ASP B 73 -3.96 -2.38 8.99
C ASP B 73 -3.39 -1.34 9.97
N ASN B 74 -2.81 -1.84 11.08
CA ASN B 74 -1.96 -1.08 12.04
C ASN B 74 -2.77 0.03 12.71
N LEU B 75 -4.07 -0.17 12.92
CA LEU B 75 -4.95 0.77 13.66
C LEU B 75 -4.73 0.54 15.17
N MET B 76 -4.35 1.61 15.89
CA MET B 76 -4.12 1.59 17.36
C MET B 76 -5.46 1.83 18.08
N TYR B 77 -6.16 2.91 17.72
CA TYR B 77 -7.48 3.28 18.29
C TYR B 77 -8.20 4.26 17.36
N MET B 78 -9.52 4.35 17.53
CA MET B 78 -10.45 5.22 16.76
C MET B 78 -11.25 6.08 17.74
N SER B 79 -11.33 7.39 17.51
CA SER B 79 -12.08 8.35 18.34
C SER B 79 -12.90 9.28 17.44
N SER B 80 -14.08 9.70 17.88
CA SER B 80 -15.01 10.57 17.12
C SER B 80 -15.83 11.45 18.07
N ASN B 81 -16.30 12.60 17.56
CA ASN B 81 -17.28 13.49 18.23
C ASN B 81 -18.30 13.97 17.20
N SER B 82 -19.57 14.07 17.60
CA SER B 82 -20.71 14.54 16.77
C SER B 82 -21.39 15.71 17.49
N ASP B 83 -21.35 16.92 16.92
CA ASP B 83 -21.76 18.17 17.62
C ASP B 83 -23.04 18.73 16.99
N SER B 84 -23.65 19.74 17.63
N SER B 84 -23.62 19.75 17.64
CA SER B 84 -24.96 20.34 17.25
CA SER B 84 -24.93 20.38 17.31
C SER B 84 -24.79 21.40 16.16
C SER B 84 -24.79 21.36 16.13
N THR B 85 -23.58 21.54 15.60
CA THR B 85 -23.30 22.40 14.41
C THR B 85 -23.53 21.58 13.13
N GLY B 86 -23.77 20.27 13.26
CA GLY B 86 -24.05 19.35 12.14
C GLY B 86 -22.76 18.73 11.61
N THR B 87 -21.73 18.63 12.46
CA THR B 87 -20.36 18.20 12.09
C THR B 87 -20.02 16.90 12.83
N VAL B 88 -19.29 16.00 12.16
CA VAL B 88 -18.66 14.78 12.75
C VAL B 88 -17.19 14.74 12.31
N GLN B 89 -16.30 14.41 13.25
CA GLN B 89 -14.85 14.18 12.98
C GLN B 89 -14.44 12.85 13.62
N ILE B 90 -14.19 11.84 12.80
CA ILE B 90 -13.66 10.50 13.21
C ILE B 90 -12.16 10.48 12.92
N THR B 91 -11.32 10.48 13.95
CA THR B 91 -9.84 10.38 13.86
C THR B 91 -9.42 8.93 14.11
N LEU B 92 -8.72 8.33 13.15
CA LEU B 92 -8.09 6.99 13.27
C LEU B 92 -6.58 7.17 13.39
N THR B 93 -6.01 6.79 14.54
CA THR B 93 -4.56 6.90 14.85
C THR B 93 -3.91 5.53 14.64
N PHE B 94 -2.79 5.50 13.91
CA PHE B 94 -2.09 4.26 13.46
C PHE B 94 -0.75 4.13 14.20
N GLU B 95 -0.18 2.92 14.16
CA GLU B 95 1.16 2.59 14.75
C GLU B 95 2.22 3.51 14.14
N SER B 96 3.18 3.97 14.96
CA SER B 96 4.38 4.71 14.52
C SER B 96 5.13 3.86 13.47
N GLY B 97 5.49 4.47 12.33
CA GLY B 97 6.19 3.79 11.23
C GLY B 97 5.25 3.26 10.16
N THR B 98 3.93 3.43 10.36
CA THR B 98 2.88 3.10 9.36
C THR B 98 2.94 4.11 8.21
N ASP B 99 2.85 3.65 6.97
CA ASP B 99 2.75 4.50 5.76
C ASP B 99 1.41 5.26 5.83
N ALA B 100 1.48 6.59 5.97
CA ALA B 100 0.31 7.49 6.14
C ALA B 100 -0.56 7.47 4.88
N ASP B 101 0.04 7.29 3.71
CA ASP B 101 -0.65 7.22 2.39
C ASP B 101 -1.49 5.93 2.34
N ILE B 102 -0.91 4.79 2.70
CA ILE B 102 -1.58 3.46 2.74
C ILE B 102 -2.71 3.51 3.78
N ALA B 103 -2.43 4.09 4.95
CA ALA B 103 -3.42 4.27 6.05
C ALA B 103 -4.61 5.07 5.54
N GLN B 104 -4.37 6.21 4.88
CA GLN B 104 -5.42 7.14 4.38
C GLN B 104 -6.28 6.46 3.31
N VAL B 105 -5.64 5.82 2.31
CA VAL B 105 -6.36 5.20 1.15
C VAL B 105 -7.21 4.01 1.66
N GLN B 106 -6.69 3.24 2.62
CA GLN B 106 -7.42 2.10 3.24
C GLN B 106 -8.68 2.62 3.96
N VAL B 107 -8.57 3.77 4.63
CA VAL B 107 -9.71 4.45 5.33
C VAL B 107 -10.69 4.99 4.28
N GLN B 108 -10.19 5.73 3.29
CA GLN B 108 -10.97 6.30 2.16
C GLN B 108 -11.80 5.18 1.50
N ASN B 109 -11.15 4.06 1.18
CA ASN B 109 -11.75 2.93 0.42
C ASN B 109 -12.91 2.33 1.23
N LYS B 110 -12.75 2.17 2.55
CA LYS B 110 -13.81 1.61 3.45
C LYS B 110 -14.96 2.62 3.58
N LEU B 111 -14.66 3.92 3.56
CA LEU B 111 -15.67 5.01 3.61
C LEU B 111 -16.51 4.98 2.32
N GLN B 112 -15.87 4.91 1.15
CA GLN B 112 -16.52 4.92 -0.18
C GLN B 112 -17.65 3.88 -0.23
N LEU B 113 -17.39 2.67 0.27
CA LEU B 113 -18.35 1.53 0.25
C LEU B 113 -19.45 1.74 1.30
N ALA B 114 -19.24 2.64 2.27
CA ALA B 114 -20.20 2.98 3.35
C ALA B 114 -21.05 4.19 2.95
N MET B 115 -20.69 4.91 1.88
CA MET B 115 -21.35 6.17 1.43
C MET B 115 -22.83 5.92 1.11
N PRO B 116 -23.20 4.82 0.42
CA PRO B 116 -24.62 4.53 0.15
C PRO B 116 -25.49 4.27 1.38
N LEU B 117 -24.87 4.12 2.57
CA LEU B 117 -25.56 3.85 3.86
C LEU B 117 -25.84 5.18 4.58
N LEU B 118 -25.23 6.28 4.14
CA LEU B 118 -25.36 7.62 4.78
C LEU B 118 -26.58 8.34 4.22
N PRO B 119 -27.11 9.38 4.91
CA PRO B 119 -28.23 10.16 4.40
C PRO B 119 -27.89 10.86 3.08
N GLN B 120 -28.92 11.16 2.27
CA GLN B 120 -28.78 11.79 0.93
C GLN B 120 -28.11 13.17 1.07
N GLU B 121 -28.44 13.91 2.13
CA GLU B 121 -27.95 15.29 2.39
C GLU B 121 -26.46 15.26 2.75
N VAL B 122 -25.99 14.15 3.33
CA VAL B 122 -24.57 13.93 3.74
C VAL B 122 -23.76 13.49 2.51
N GLN B 123 -24.38 12.71 1.62
CA GLN B 123 -23.77 12.28 0.33
C GLN B 123 -23.58 13.50 -0.58
N GLN B 124 -24.55 14.44 -0.56
CA GLN B 124 -24.47 15.74 -1.29
C GLN B 124 -23.24 16.52 -0.84
N GLN B 125 -23.15 16.83 0.46
CA GLN B 125 -22.03 17.58 1.10
C GLN B 125 -20.72 16.81 0.88
N GLY B 126 -20.78 15.47 0.93
CA GLY B 126 -19.62 14.57 0.81
C GLY B 126 -18.87 14.46 2.13
N VAL B 127 -17.90 13.55 2.20
CA VAL B 127 -17.16 13.19 3.43
C VAL B 127 -15.65 13.23 3.12
N SER B 128 -14.93 14.18 3.73
CA SER B 128 -13.48 14.44 3.52
C SER B 128 -12.66 13.46 4.36
N VAL B 129 -11.59 12.89 3.77
CA VAL B 129 -10.59 12.02 4.46
C VAL B 129 -9.21 12.67 4.27
N GLU B 130 -8.63 13.21 5.34
CA GLU B 130 -7.37 14.01 5.31
C GLU B 130 -6.38 13.45 6.34
N LYS B 131 -5.08 13.70 6.12
CA LYS B 131 -3.99 13.48 7.12
C LYS B 131 -3.99 14.67 8.08
N SER B 132 -4.51 14.48 9.30
CA SER B 132 -4.75 15.56 10.31
C SER B 132 -3.52 15.75 11.20
N SER B 133 -2.62 14.76 11.25
CA SER B 133 -1.42 14.73 12.13
C SER B 133 -0.46 15.89 11.79
N SER B 134 -0.51 16.40 10.54
CA SER B 134 0.30 17.53 10.03
C SER B 134 -0.08 18.84 10.75
N SER B 135 0.81 19.84 10.71
CA SER B 135 0.65 21.19 11.30
C SER B 135 0.97 22.26 10.26
N PHE B 136 0.78 23.54 10.61
CA PHE B 136 0.88 24.71 9.69
C PHE B 136 2.32 25.26 9.68
N LEU B 137 2.81 25.61 8.49
CA LEU B 137 4.10 26.33 8.27
C LEU B 137 3.90 27.81 8.62
N MET B 138 2.79 28.39 8.16
CA MET B 138 2.39 29.80 8.45
C MET B 138 0.89 29.96 8.19
N VAL B 139 0.30 31.06 8.68
CA VAL B 139 -1.11 31.46 8.42
C VAL B 139 -1.09 32.85 7.76
N VAL B 140 -1.42 32.91 6.47
CA VAL B 140 -1.57 34.19 5.70
C VAL B 140 -2.96 34.74 6.01
N GLY B 141 -3.02 35.89 6.70
CA GLY B 141 -4.27 36.63 6.96
C GLY B 141 -4.60 37.58 5.83
N VAL B 142 -5.89 37.67 5.45
CA VAL B 142 -6.41 38.60 4.40
C VAL B 142 -7.53 39.42 5.03
N ILE B 143 -7.35 40.75 5.09
CA ILE B 143 -8.24 41.69 5.82
C ILE B 143 -8.70 42.78 4.86
N ASN B 144 -9.75 43.52 5.22
CA ASN B 144 -10.28 44.72 4.51
C ASN B 144 -10.24 45.90 5.48
N THR B 145 -9.53 46.97 5.12
CA THR B 145 -9.21 48.13 6.01
C THR B 145 -10.22 49.26 5.81
N ASP B 146 -10.74 49.44 4.60
CA ASP B 146 -11.65 50.57 4.23
C ASP B 146 -13.12 50.20 4.46
N GLY B 147 -13.39 49.01 5.02
CA GLY B 147 -14.72 48.57 5.46
C GLY B 147 -15.72 48.47 4.33
N THR B 148 -15.28 47.99 3.16
CA THR B 148 -16.12 47.82 1.95
C THR B 148 -16.45 46.33 1.72
N MET B 149 -15.73 45.41 2.38
CA MET B 149 -15.85 43.95 2.19
C MET B 149 -16.13 43.27 3.54
N THR B 150 -17.05 42.29 3.54
CA THR B 150 -17.34 41.38 4.68
C THR B 150 -16.35 40.21 4.63
N GLN B 151 -16.33 39.37 5.67
CA GLN B 151 -15.48 38.14 5.74
C GLN B 151 -15.85 37.20 4.59
N GLU B 152 -17.14 37.18 4.21
CA GLU B 152 -17.69 36.37 3.09
C GLU B 152 -17.10 36.89 1.76
N ASP B 153 -17.05 38.21 1.57
CA ASP B 153 -16.51 38.88 0.37
C ASP B 153 -15.02 38.55 0.22
N ILE B 154 -14.25 38.65 1.31
CA ILE B 154 -12.77 38.42 1.34
C ILE B 154 -12.49 36.95 1.05
N SER B 155 -13.20 36.03 1.73
CA SER B 155 -13.04 34.56 1.61
C SER B 155 -13.25 34.13 0.15
N ASP B 156 -14.24 34.70 -0.53
CA ASP B 156 -14.57 34.40 -1.95
C ASP B 156 -13.41 34.83 -2.85
N TYR B 157 -12.88 36.03 -2.64
CA TYR B 157 -11.75 36.60 -3.43
C TYR B 157 -10.51 35.70 -3.26
N VAL B 158 -10.20 35.31 -2.02
CA VAL B 158 -9.03 34.44 -1.67
C VAL B 158 -9.22 33.08 -2.37
N ALA B 159 -10.43 32.53 -2.32
CA ALA B 159 -10.80 31.22 -2.92
C ALA B 159 -10.62 31.27 -4.44
N ALA B 160 -10.97 32.40 -5.06
CA ALA B 160 -11.07 32.57 -6.53
C ALA B 160 -9.72 32.98 -7.12
N ASN B 161 -8.97 33.85 -6.44
CA ASN B 161 -7.84 34.63 -7.04
C ASN B 161 -6.50 34.39 -6.35
N MET B 162 -6.46 33.65 -5.23
CA MET B 162 -5.23 33.51 -4.39
C MET B 162 -4.92 32.04 -4.09
N LYS B 163 -5.88 31.31 -3.51
CA LYS B 163 -5.69 29.94 -2.95
C LYS B 163 -4.93 29.05 -3.95
N ASP B 164 -5.45 28.91 -5.17
CA ASP B 164 -4.92 27.99 -6.22
C ASP B 164 -3.44 28.31 -6.52
N ALA B 165 -3.11 29.59 -6.65
CA ALA B 165 -1.75 30.09 -6.96
C ALA B 165 -0.78 29.78 -5.81
N ILE B 166 -1.27 29.88 -4.57
CA ILE B 166 -0.48 29.55 -3.33
C ILE B 166 -0.29 28.03 -3.26
N SER B 167 -1.32 27.25 -3.65
CA SER B 167 -1.27 25.76 -3.71
C SER B 167 -0.20 25.30 -4.71
N ARG B 168 -0.04 26.04 -5.82
CA ARG B 168 0.90 25.70 -6.93
C ARG B 168 2.33 26.17 -6.59
N THR B 169 2.49 27.03 -5.58
CA THR B 169 3.81 27.57 -5.13
C THR B 169 4.71 26.42 -4.67
N SER B 170 6.01 26.52 -4.98
CA SER B 170 7.04 25.47 -4.73
C SER B 170 7.13 25.16 -3.23
N GLY B 171 6.97 23.88 -2.86
CA GLY B 171 7.17 23.38 -1.49
C GLY B 171 5.92 23.45 -0.63
N VAL B 172 4.79 23.90 -1.18
CA VAL B 172 3.48 24.02 -0.46
C VAL B 172 2.76 22.67 -0.54
N GLY B 173 2.51 22.05 0.62
CA GLY B 173 1.92 20.70 0.73
C GLY B 173 0.41 20.73 0.80
N ASP B 174 -0.16 21.70 1.52
CA ASP B 174 -1.63 21.85 1.69
C ASP B 174 -1.97 23.33 1.96
N VAL B 175 -3.13 23.77 1.50
CA VAL B 175 -3.69 25.14 1.72
C VAL B 175 -5.15 25.00 2.15
N GLN B 176 -5.52 25.60 3.29
CA GLN B 176 -6.89 25.56 3.85
C GLN B 176 -7.42 26.99 3.95
N LEU B 177 -8.60 27.24 3.35
CA LEU B 177 -9.31 28.54 3.40
C LEU B 177 -10.02 28.68 4.75
N PHE B 178 -9.67 29.70 5.53
CA PHE B 178 -10.35 30.06 6.81
C PHE B 178 -11.59 30.90 6.45
N GLY B 179 -12.68 30.20 6.13
CA GLY B 179 -13.90 30.74 5.49
C GLY B 179 -14.30 29.88 4.31
N SER B 180 -15.29 30.32 3.53
CA SER B 180 -15.80 29.61 2.33
C SER B 180 -15.97 30.59 1.17
N GLN B 181 -15.90 30.08 -0.07
CA GLN B 181 -16.31 30.79 -1.30
C GLN B 181 -17.80 31.14 -1.17
N TYR B 182 -18.29 32.09 -1.97
CA TYR B 182 -19.71 32.55 -1.97
C TYR B 182 -20.64 31.33 -2.12
N ALA B 183 -21.87 31.49 -1.65
CA ALA B 183 -23.02 30.59 -1.90
C ALA B 183 -24.22 31.44 -2.30
N MET B 184 -25.04 30.97 -3.24
CA MET B 184 -26.32 31.64 -3.60
C MET B 184 -27.30 31.42 -2.43
N ARG B 185 -27.49 32.46 -1.61
CA ARG B 185 -28.36 32.43 -0.40
C ARG B 185 -29.77 32.89 -0.78
N ILE B 186 -30.75 31.98 -0.66
CA ILE B 186 -32.21 32.27 -0.81
C ILE B 186 -32.81 32.36 0.59
N TRP B 187 -32.95 33.59 1.12
CA TRP B 187 -33.51 33.87 2.48
C TRP B 187 -35.03 33.97 2.40
N MET B 188 -35.73 32.87 2.70
CA MET B 188 -37.19 32.71 2.48
C MET B 188 -37.98 33.55 3.50
N ASN B 189 -39.18 34.00 3.08
CA ASN B 189 -40.15 34.76 3.90
C ASN B 189 -41.43 33.95 4.00
N PRO B 190 -41.85 33.52 5.21
CA PRO B 190 -43.02 32.64 5.37
C PRO B 190 -44.36 33.35 5.12
N ASN B 191 -44.42 34.66 5.40
CA ASN B 191 -45.62 35.52 5.20
C ASN B 191 -45.93 35.60 3.70
N GLU B 192 -44.89 35.77 2.87
CA GLU B 192 -45.01 35.89 1.40
C GLU B 192 -45.29 34.51 0.79
N LEU B 193 -44.64 33.46 1.29
CA LEU B 193 -44.86 32.05 0.82
C LEU B 193 -46.32 31.65 1.06
N ASN B 194 -46.85 31.90 2.26
CA ASN B 194 -48.25 31.58 2.66
C ASN B 194 -49.23 32.41 1.82
N LYS B 195 -48.86 33.65 1.48
CA LYS B 195 -49.69 34.61 0.71
C LYS B 195 -50.03 34.02 -0.68
N PHE B 196 -49.08 33.31 -1.31
CA PHE B 196 -49.22 32.70 -2.66
C PHE B 196 -49.42 31.18 -2.55
N GLN B 197 -49.70 30.68 -1.33
CA GLN B 197 -49.97 29.25 -1.03
C GLN B 197 -48.79 28.38 -1.50
N LEU B 198 -47.57 28.76 -1.09
CA LEU B 198 -46.30 28.06 -1.45
C LEU B 198 -45.53 27.69 -0.18
N THR B 199 -44.57 26.77 -0.31
CA THR B 199 -43.71 26.24 0.79
C THR B 199 -42.27 26.14 0.29
N PRO B 200 -41.28 25.93 1.20
CA PRO B 200 -39.90 25.66 0.79
C PRO B 200 -39.74 24.48 -0.19
N VAL B 201 -40.67 23.52 -0.13
CA VAL B 201 -40.71 22.33 -1.05
C VAL B 201 -40.78 22.83 -2.49
N ASP B 202 -41.66 23.81 -2.75
CA ASP B 202 -41.89 24.41 -4.09
C ASP B 202 -40.64 25.17 -4.54
N VAL B 203 -40.01 25.94 -3.64
CA VAL B 203 -38.79 26.75 -3.91
C VAL B 203 -37.67 25.81 -4.35
N ILE B 204 -37.48 24.70 -3.64
CA ILE B 204 -36.42 23.68 -3.90
C ILE B 204 -36.70 23.02 -5.27
N THR B 205 -37.96 22.65 -5.54
CA THR B 205 -38.41 22.01 -6.81
C THR B 205 -38.12 22.94 -7.98
N ALA B 206 -38.44 24.24 -7.84
CA ALA B 206 -38.29 25.28 -8.89
C ALA B 206 -36.80 25.53 -9.19
N ILE B 207 -35.96 25.61 -8.14
CA ILE B 207 -34.49 25.84 -8.26
C ILE B 207 -33.85 24.65 -8.98
N LYS B 208 -34.22 23.42 -8.60
CA LYS B 208 -33.68 22.15 -9.17
C LYS B 208 -34.06 22.04 -10.66
N ALA B 209 -35.20 22.62 -11.06
CA ALA B 209 -35.74 22.58 -12.43
C ALA B 209 -35.13 23.71 -13.29
N GLN B 210 -35.04 24.92 -12.75
CA GLN B 210 -34.69 26.17 -13.50
C GLN B 210 -33.21 26.54 -13.30
N ASN B 211 -32.47 25.77 -12.49
CA ASN B 211 -30.99 25.87 -12.35
C ASN B 211 -30.40 24.46 -12.46
N ALA B 212 -30.11 24.01 -13.68
CA ALA B 212 -29.64 22.63 -13.98
C ALA B 212 -28.87 22.60 -15.30
N GLN B 213 -27.97 21.61 -15.43
CA GLN B 213 -27.27 21.24 -16.70
C GLN B 213 -28.07 20.10 -17.34
N VAL B 214 -28.66 20.36 -18.51
CA VAL B 214 -29.56 19.41 -19.25
C VAL B 214 -28.83 18.90 -20.49
N ALA B 215 -28.68 17.57 -20.60
CA ALA B 215 -28.11 16.88 -21.78
C ALA B 215 -29.10 16.95 -22.94
N ALA B 216 -28.62 17.24 -24.15
CA ALA B 216 -29.41 17.29 -25.40
C ALA B 216 -28.89 16.23 -26.38
N GLY B 217 -27.80 16.53 -27.10
CA GLY B 217 -27.21 15.64 -28.11
C GLY B 217 -26.46 16.40 -29.18
N GLN B 218 -26.56 15.94 -30.44
CA GLN B 218 -25.83 16.51 -31.60
C GLN B 218 -26.77 16.61 -32.82
N LEU B 219 -26.54 17.62 -33.66
CA LEU B 219 -27.02 17.67 -35.07
C LEU B 219 -26.05 16.83 -35.92
N GLY B 220 -26.58 15.96 -36.78
CA GLY B 220 -25.79 15.11 -37.69
C GLY B 220 -24.84 14.20 -36.93
N GLY B 221 -25.27 13.70 -35.76
CA GLY B 221 -24.50 12.74 -34.95
C GLY B 221 -24.51 11.36 -35.57
N THR B 222 -23.60 10.48 -35.14
CA THR B 222 -23.48 9.07 -35.63
C THR B 222 -24.51 8.21 -34.91
N PRO B 223 -25.12 7.20 -35.58
CA PRO B 223 -24.95 6.98 -37.02
C PRO B 223 -25.77 7.97 -37.85
N PRO B 224 -25.18 8.60 -38.89
CA PRO B 224 -25.89 9.63 -39.67
C PRO B 224 -26.63 9.07 -40.89
N VAL B 225 -27.38 9.95 -41.57
CA VAL B 225 -27.80 9.75 -42.98
C VAL B 225 -26.63 10.19 -43.85
N LYS B 226 -26.05 9.28 -44.65
CA LYS B 226 -24.94 9.57 -45.59
C LYS B 226 -25.36 10.75 -46.47
N GLY B 227 -24.47 11.74 -46.64
CA GLY B 227 -24.75 13.01 -47.33
C GLY B 227 -24.76 14.19 -46.36
N GLN B 228 -24.85 13.91 -45.06
CA GLN B 228 -24.70 14.90 -43.95
C GLN B 228 -23.29 15.51 -44.03
N GLN B 229 -23.18 16.83 -44.15
CA GLN B 229 -21.90 17.56 -44.34
C GLN B 229 -21.40 18.12 -43.01
N LEU B 230 -22.30 18.68 -42.18
CA LEU B 230 -21.94 19.38 -40.92
C LEU B 230 -22.47 18.61 -39.70
N ASN B 231 -21.67 18.60 -38.63
CA ASN B 231 -21.99 18.01 -37.30
C ASN B 231 -21.77 19.09 -36.24
N ALA B 232 -22.69 19.22 -35.28
CA ALA B 232 -22.66 20.23 -34.20
C ALA B 232 -23.30 19.68 -32.93
N SER B 233 -22.74 20.01 -31.77
CA SER B 233 -23.31 19.69 -30.43
C SER B 233 -24.51 20.61 -30.16
N ILE B 234 -25.59 20.06 -29.60
CA ILE B 234 -26.79 20.83 -29.16
C ILE B 234 -26.57 21.22 -27.68
N ILE B 235 -26.50 22.53 -27.41
CA ILE B 235 -26.43 23.10 -26.03
C ILE B 235 -27.85 23.49 -25.61
N ALA B 236 -28.38 22.83 -24.57
CA ALA B 236 -29.70 23.13 -23.97
C ALA B 236 -29.50 23.94 -22.69
N GLN B 237 -30.35 23.76 -21.68
CA GLN B 237 -30.31 24.51 -20.39
C GLN B 237 -28.96 24.25 -19.69
N THR B 238 -28.30 25.34 -19.27
CA THR B 238 -27.08 25.33 -18.42
C THR B 238 -27.39 26.05 -17.10
N ARG B 239 -26.52 25.90 -16.10
CA ARG B 239 -26.68 26.47 -14.74
C ARG B 239 -26.81 28.00 -14.81
N LEU B 240 -27.53 28.59 -13.85
CA LEU B 240 -27.66 30.07 -13.67
C LEU B 240 -26.32 30.59 -13.12
N THR B 241 -26.04 31.89 -13.31
CA THR B 241 -24.71 32.51 -13.06
C THR B 241 -24.81 33.79 -12.23
N SER B 242 -26.01 34.19 -11.79
CA SER B 242 -26.25 35.52 -11.15
C SER B 242 -27.47 35.47 -10.22
N THR B 243 -27.48 36.36 -9.21
CA THR B 243 -28.61 36.59 -8.27
C THR B 243 -29.85 37.03 -9.04
N GLU B 244 -29.67 37.83 -10.10
CA GLU B 244 -30.75 38.36 -10.97
C GLU B 244 -31.57 37.20 -11.55
N GLU B 245 -30.88 36.19 -12.10
CA GLU B 245 -31.50 35.00 -12.74
C GLU B 245 -32.28 34.20 -11.70
N PHE B 246 -31.69 33.99 -10.51
CA PHE B 246 -32.32 33.28 -9.36
C PHE B 246 -33.58 34.04 -8.92
N GLY B 247 -33.55 35.37 -8.96
CA GLY B 247 -34.69 36.25 -8.68
C GLY B 247 -35.85 35.99 -9.64
N LYS B 248 -35.55 35.72 -10.92
CA LYS B 248 -36.55 35.58 -12.01
C LYS B 248 -37.10 34.14 -12.07
N ILE B 249 -36.61 33.23 -11.22
CA ILE B 249 -37.11 31.81 -11.13
C ILE B 249 -38.62 31.85 -10.88
N LEU B 250 -39.40 31.21 -11.76
CA LEU B 250 -40.89 31.19 -11.73
C LEU B 250 -41.37 30.12 -10.74
N LEU B 251 -42.21 30.50 -9.77
CA LEU B 251 -42.77 29.61 -8.72
C LEU B 251 -44.23 29.28 -9.05
N LYS B 252 -45.03 30.28 -9.44
CA LYS B 252 -46.50 30.15 -9.63
C LYS B 252 -46.99 31.18 -10.67
N VAL B 253 -48.01 30.81 -11.44
CA VAL B 253 -48.79 31.73 -12.32
C VAL B 253 -50.24 31.75 -11.82
N ASN B 254 -50.69 32.90 -11.31
CA ASN B 254 -52.03 33.08 -10.69
C ASN B 254 -53.11 33.07 -11.79
N GLN B 255 -54.38 32.93 -11.38
CA GLN B 255 -55.56 32.88 -12.29
C GLN B 255 -55.61 34.16 -13.14
N ASP B 256 -55.47 35.33 -12.49
CA ASP B 256 -55.57 36.66 -13.14
C ASP B 256 -54.40 36.88 -14.13
N GLY B 257 -53.31 36.10 -13.97
CA GLY B 257 -52.19 36.05 -14.94
C GLY B 257 -50.89 36.59 -14.36
N SER B 258 -50.94 37.19 -13.16
CA SER B 258 -49.76 37.72 -12.44
C SER B 258 -48.78 36.58 -12.13
N ARG B 259 -47.47 36.86 -12.16
CA ARG B 259 -46.38 35.87 -11.98
C ARG B 259 -45.78 36.02 -10.58
N VAL B 260 -45.64 34.91 -9.85
CA VAL B 260 -44.93 34.83 -8.54
C VAL B 260 -43.50 34.33 -8.81
N LEU B 261 -42.50 35.21 -8.65
CA LEU B 261 -41.06 34.89 -8.82
C LEU B 261 -40.45 34.60 -7.44
N LEU B 262 -39.21 34.11 -7.40
CA LEU B 262 -38.50 33.71 -6.15
C LEU B 262 -38.16 34.96 -5.33
N ARG B 263 -37.91 36.09 -5.99
CA ARG B 263 -37.54 37.38 -5.34
C ARG B 263 -38.75 37.98 -4.61
N ASP B 264 -39.97 37.54 -4.94
CA ASP B 264 -41.24 38.02 -4.31
C ASP B 264 -41.45 37.34 -2.95
N VAL B 265 -40.83 36.17 -2.73
CA VAL B 265 -41.04 35.33 -1.51
C VAL B 265 -39.70 35.09 -0.78
N ALA B 266 -38.61 35.74 -1.20
CA ALA B 266 -37.27 35.55 -0.60
C ALA B 266 -36.34 36.71 -0.98
N LYS B 267 -35.38 37.00 -0.09
CA LYS B 267 -34.22 37.91 -0.36
C LYS B 267 -33.09 37.05 -0.93
N ILE B 268 -32.47 37.50 -2.01
CA ILE B 268 -31.45 36.75 -2.80
C ILE B 268 -30.15 37.56 -2.81
N GLU B 269 -29.03 36.93 -2.42
CA GLU B 269 -27.68 37.56 -2.37
C GLU B 269 -26.60 36.48 -2.39
N LEU B 270 -25.37 36.86 -2.72
CA LEU B 270 -24.15 36.03 -2.55
C LEU B 270 -23.66 36.18 -1.11
N GLY B 271 -23.69 35.09 -0.34
CA GLY B 271 -23.26 35.05 1.07
C GLY B 271 -22.30 33.89 1.32
N GLY B 272 -22.04 33.56 2.59
CA GLY B 272 -21.19 32.44 3.00
C GLY B 272 -21.94 31.12 2.99
N GLU B 273 -21.22 30.00 2.99
CA GLU B 273 -21.80 28.63 3.06
C GLU B 273 -22.40 28.39 4.44
N ASN B 274 -21.73 28.88 5.50
CA ASN B 274 -22.23 28.87 6.91
C ASN B 274 -21.84 30.19 7.59
N TYR B 275 -22.50 30.52 8.70
CA TYR B 275 -22.32 31.79 9.46
C TYR B 275 -21.97 31.49 10.93
N ASP B 276 -21.50 30.26 11.21
CA ASP B 276 -21.11 29.82 12.57
C ASP B 276 -19.87 30.61 13.04
N ILE B 277 -18.88 30.79 12.17
CA ILE B 277 -17.59 31.48 12.48
C ILE B 277 -17.68 32.95 12.04
N ILE B 278 -17.30 33.86 12.94
CA ILE B 278 -17.04 35.31 12.65
C ILE B 278 -15.56 35.59 12.96
N ALA B 279 -14.76 35.83 11.93
CA ALA B 279 -13.30 36.08 12.02
C ALA B 279 -13.04 37.59 11.91
N GLU B 280 -12.28 38.15 12.86
CA GLU B 280 -11.87 39.58 12.90
C GLU B 280 -10.37 39.68 13.20
N PHE B 281 -9.67 40.57 12.50
CA PHE B 281 -8.24 40.92 12.70
C PHE B 281 -8.15 42.38 13.10
N ASN B 282 -7.95 42.64 14.41
CA ASN B 282 -7.95 43.99 15.02
C ASN B 282 -9.30 44.68 14.74
N GLY B 283 -10.40 43.91 14.85
CA GLY B 283 -11.78 44.42 14.70
C GLY B 283 -12.28 44.42 13.27
N GLN B 284 -11.37 44.34 12.28
CA GLN B 284 -11.67 44.45 10.84
C GLN B 284 -12.05 43.06 10.30
N PRO B 285 -13.01 42.96 9.35
CA PRO B 285 -13.37 41.67 8.74
C PRO B 285 -12.13 40.99 8.11
N ALA B 286 -11.97 39.68 8.36
CA ALA B 286 -10.75 38.91 8.01
C ALA B 286 -11.11 37.53 7.47
N SER B 287 -10.36 37.06 6.47
CA SER B 287 -10.24 35.65 6.04
C SER B 287 -8.75 35.26 6.16
N GLY B 288 -8.35 34.12 5.59
CA GLY B 288 -6.93 33.71 5.57
C GLY B 288 -6.72 32.36 4.94
N LEU B 289 -5.44 31.98 4.78
CA LEU B 289 -4.98 30.67 4.25
C LEU B 289 -4.05 30.01 5.27
N GLY B 290 -4.38 28.79 5.69
CA GLY B 290 -3.51 27.92 6.49
C GLY B 290 -2.62 27.07 5.59
N ILE B 291 -1.33 27.39 5.53
CA ILE B 291 -0.35 26.76 4.60
C ILE B 291 0.48 25.72 5.39
N LYS B 292 0.53 24.48 4.88
CA LYS B 292 1.37 23.37 5.41
C LYS B 292 2.55 23.14 4.46
N LEU B 293 3.71 22.77 5.01
CA LEU B 293 4.96 22.48 4.26
C LEU B 293 4.84 21.08 3.63
N ALA B 294 5.25 20.95 2.36
CA ALA B 294 5.26 19.67 1.61
C ALA B 294 6.39 18.77 2.12
N THR B 295 6.25 17.45 1.93
CA THR B 295 7.23 16.41 2.35
C THR B 295 8.57 16.66 1.64
N GLY B 296 9.65 16.78 2.42
CA GLY B 296 11.03 16.92 1.92
C GLY B 296 11.32 18.30 1.35
N ALA B 297 10.46 19.28 1.62
CA ALA B 297 10.58 20.68 1.13
C ALA B 297 11.43 21.51 2.09
N ASN B 298 11.83 22.71 1.66
CA ASN B 298 12.63 23.67 2.46
C ASN B 298 11.70 24.81 2.93
N ALA B 299 11.46 24.89 4.23
CA ALA B 299 10.54 25.85 4.89
C ALA B 299 10.91 27.29 4.49
N LEU B 300 12.20 27.63 4.54
CA LEU B 300 12.72 29.00 4.30
C LEU B 300 12.55 29.38 2.82
N ASP B 301 12.75 28.41 1.90
CA ASP B 301 12.54 28.60 0.44
C ASP B 301 11.03 28.72 0.16
N THR B 302 10.21 27.91 0.83
CA THR B 302 8.73 27.83 0.62
C THR B 302 8.08 29.16 1.05
N ALA B 303 8.45 29.67 2.23
CA ALA B 303 7.91 30.93 2.80
C ALA B 303 8.28 32.11 1.89
N ALA B 304 9.53 32.14 1.40
CA ALA B 304 10.05 33.16 0.47
C ALA B 304 9.23 33.14 -0.83
N ALA B 305 8.94 31.94 -1.35
CA ALA B 305 8.17 31.70 -2.59
C ALA B 305 6.71 32.12 -2.40
N ILE B 306 6.14 31.87 -1.21
CA ILE B 306 4.75 32.26 -0.83
C ILE B 306 4.64 33.79 -0.83
N ARG B 307 5.61 34.46 -0.21
N ARG B 307 5.61 34.46 -0.20
CA ARG B 307 5.67 35.96 -0.12
CA ARG B 307 5.68 35.96 -0.11
C ARG B 307 5.87 36.56 -1.50
C ARG B 307 5.85 36.55 -1.51
N ALA B 308 6.65 35.90 -2.36
CA ALA B 308 6.93 36.33 -3.76
C ALA B 308 5.65 36.23 -4.60
N GLU B 309 4.85 35.17 -4.39
CA GLU B 309 3.60 34.90 -5.14
C GLU B 309 2.51 35.89 -4.70
N LEU B 310 2.43 36.20 -3.39
CA LEU B 310 1.46 37.17 -2.82
C LEU B 310 1.77 38.58 -3.31
N ALA B 311 3.06 38.88 -3.56
CA ALA B 311 3.55 40.19 -4.06
C ALA B 311 3.05 40.43 -5.50
N LYS B 312 2.97 39.36 -6.31
CA LYS B 312 2.49 39.41 -7.72
C LYS B 312 0.98 39.63 -7.77
N MET B 313 0.27 39.29 -6.68
CA MET B 313 -1.22 39.43 -6.56
C MET B 313 -1.58 40.84 -6.08
N GLU B 314 -0.64 41.55 -5.44
CA GLU B 314 -0.85 42.90 -4.84
C GLU B 314 -1.55 43.82 -5.82
N PRO B 315 -1.09 43.95 -7.09
CA PRO B 315 -1.69 44.89 -8.04
C PRO B 315 -3.15 44.63 -8.40
N PHE B 316 -3.65 43.40 -8.21
CA PHE B 316 -5.01 42.96 -8.63
C PHE B 316 -5.99 42.95 -7.45
N PHE B 317 -5.51 43.24 -6.23
CA PHE B 317 -6.34 43.31 -4.99
C PHE B 317 -7.34 44.45 -5.11
N PRO B 318 -8.62 44.26 -4.69
CA PRO B 318 -9.55 45.36 -4.50
C PRO B 318 -9.03 46.38 -3.47
N SER B 319 -9.51 47.62 -3.54
CA SER B 319 -9.17 48.71 -2.59
C SER B 319 -9.57 48.29 -1.17
N GLY B 320 -8.62 48.36 -0.23
CA GLY B 320 -8.85 48.04 1.20
C GLY B 320 -8.23 46.70 1.59
N LEU B 321 -8.06 45.78 0.64
CA LEU B 321 -7.54 44.41 0.90
C LEU B 321 -6.05 44.49 1.22
N LYS B 322 -5.62 43.84 2.31
CA LYS B 322 -4.21 43.83 2.80
C LYS B 322 -3.85 42.41 3.26
N ILE B 323 -2.58 42.03 3.11
CA ILE B 323 -2.01 40.73 3.57
C ILE B 323 -1.30 40.96 4.91
N VAL B 324 -1.51 40.05 5.88
CA VAL B 324 -0.89 40.08 7.23
C VAL B 324 -0.42 38.65 7.56
N TYR B 325 0.53 38.53 8.49
CA TYR B 325 1.21 37.26 8.87
C TYR B 325 1.11 37.06 10.38
N PRO B 326 -0.08 36.75 10.93
CA PRO B 326 -0.25 36.58 12.38
C PRO B 326 0.54 35.39 12.96
N TYR B 327 0.68 34.31 12.18
CA TYR B 327 1.43 33.08 12.55
C TYR B 327 2.40 32.74 11.41
N ASP B 328 3.69 32.58 11.74
CA ASP B 328 4.78 32.25 10.78
C ASP B 328 5.93 31.60 11.55
N THR B 329 6.29 30.36 11.21
CA THR B 329 7.27 29.51 11.95
C THR B 329 8.67 29.62 11.34
N THR B 330 8.83 30.33 10.22
CA THR B 330 10.13 30.46 9.49
C THR B 330 11.13 31.30 10.28
N PRO B 331 10.71 32.39 10.98
CA PRO B 331 11.63 33.14 11.84
C PRO B 331 12.39 32.25 12.84
N PHE B 332 11.72 31.26 13.43
CA PHE B 332 12.30 30.22 14.31
C PHE B 332 13.50 29.56 13.61
N VAL B 333 13.22 28.90 12.49
CA VAL B 333 14.19 28.03 11.75
C VAL B 333 15.37 28.90 11.28
N LYS B 334 15.09 30.13 10.86
CA LYS B 334 16.09 31.14 10.43
C LYS B 334 17.08 31.38 11.58
N ILE B 335 16.56 31.62 12.79
CA ILE B 335 17.36 31.93 14.02
C ILE B 335 17.99 30.63 14.53
N SER B 336 17.26 29.50 14.48
CA SER B 336 17.71 28.17 14.94
C SER B 336 18.97 27.74 14.18
N ILE B 337 18.97 27.91 12.85
CA ILE B 337 20.13 27.58 11.96
C ILE B 337 21.26 28.60 12.21
N HIS B 338 20.91 29.89 12.30
CA HIS B 338 21.86 31.02 12.51
C HIS B 338 22.60 30.83 13.83
N GLU B 339 21.86 30.62 14.93
CA GLU B 339 22.43 30.46 16.31
C GLU B 339 23.28 29.20 16.37
N VAL B 340 22.97 28.17 15.57
CA VAL B 340 23.76 26.91 15.47
C VAL B 340 25.10 27.23 14.77
N VAL B 341 25.04 27.87 13.61
CA VAL B 341 26.24 28.31 12.82
C VAL B 341 27.13 29.18 13.72
N LYS B 342 26.51 30.08 14.49
CA LYS B 342 27.19 31.01 15.45
C LYS B 342 27.95 30.19 16.48
N THR B 343 27.28 29.23 17.14
CA THR B 343 27.83 28.38 18.22
C THR B 343 29.04 27.58 17.70
N LEU B 344 28.92 26.99 16.51
CA LEU B 344 29.95 26.11 15.90
C LEU B 344 31.16 26.95 15.45
N VAL B 345 30.93 28.19 15.00
CA VAL B 345 32.00 29.17 14.64
C VAL B 345 32.69 29.64 15.92
N GLU B 346 31.91 30.08 16.92
CA GLU B 346 32.40 30.55 18.24
C GLU B 346 33.18 29.42 18.93
N ALA B 347 32.73 28.17 18.77
CA ALA B 347 33.38 26.95 19.32
C ALA B 347 34.79 26.80 18.72
N ILE B 348 34.91 26.95 17.40
CA ILE B 348 36.20 26.85 16.65
C ILE B 348 37.12 28.00 17.08
N ILE B 349 36.56 29.21 17.26
CA ILE B 349 37.29 30.44 17.70
C ILE B 349 37.79 30.22 19.14
N LEU B 350 36.96 29.61 20.00
CA LEU B 350 37.31 29.33 21.42
C LEU B 350 38.43 28.27 21.48
N VAL B 351 38.32 27.20 20.69
CA VAL B 351 39.34 26.12 20.58
C VAL B 351 40.68 26.75 20.17
N PHE B 352 40.67 27.61 19.14
CA PHE B 352 41.86 28.31 18.59
C PHE B 352 42.58 29.06 19.72
N LEU B 353 41.83 29.83 20.52
CA LEU B 353 42.37 30.65 21.65
C LEU B 353 42.95 29.73 22.73
N VAL B 354 42.20 28.69 23.12
CA VAL B 354 42.60 27.73 24.20
C VAL B 354 43.82 26.94 23.72
N MET B 355 43.82 26.48 22.46
CA MET B 355 44.94 25.73 21.83
C MET B 355 46.21 26.60 21.86
N TYR B 356 46.09 27.89 21.56
CA TYR B 356 47.20 28.86 21.49
C TYR B 356 47.70 29.20 22.91
N LEU B 357 46.77 29.41 23.84
CA LEU B 357 47.07 29.76 25.26
C LEU B 357 48.04 28.74 25.86
N PHE B 358 47.85 27.44 25.58
CA PHE B 358 48.59 26.31 26.18
C PHE B 358 49.78 25.90 25.30
N LEU B 359 49.56 25.68 24.00
CA LEU B 359 50.58 25.10 23.07
C LEU B 359 51.47 26.21 22.49
N GLN B 360 50.92 27.40 22.26
CA GLN B 360 51.67 28.63 21.89
C GLN B 360 52.38 28.44 20.53
N ASN B 361 51.64 27.94 19.53
CA ASN B 361 52.08 27.90 18.11
C ASN B 361 50.84 27.77 17.22
N PHE B 362 50.76 28.60 16.16
CA PHE B 362 49.59 28.73 15.25
C PHE B 362 49.38 27.43 14.46
N ARG B 363 50.46 26.70 14.17
CA ARG B 363 50.45 25.42 13.41
C ARG B 363 49.57 24.39 14.13
N ALA B 364 49.66 24.35 15.47
CA ALA B 364 48.87 23.44 16.34
C ALA B 364 47.39 23.82 16.32
N THR B 365 47.10 25.13 16.34
CA THR B 365 45.72 25.69 16.45
C THR B 365 44.94 25.46 15.14
N LEU B 366 45.63 25.15 14.04
CA LEU B 366 45.04 25.04 12.68
C LEU B 366 44.49 23.64 12.44
N ILE B 367 44.97 22.63 13.19
CA ILE B 367 44.60 21.20 13.00
C ILE B 367 43.15 20.98 13.44
N PRO B 368 42.73 21.44 14.64
CA PRO B 368 41.32 21.38 15.04
C PRO B 368 40.41 22.24 14.15
N THR B 369 40.92 23.38 13.67
CA THR B 369 40.20 24.36 12.82
C THR B 369 39.81 23.71 11.47
N ILE B 370 40.57 22.71 11.03
CA ILE B 370 40.31 21.92 9.79
C ILE B 370 39.40 20.73 10.15
N ALA B 371 39.78 19.95 11.17
CA ALA B 371 39.16 18.65 11.55
C ALA B 371 37.67 18.84 11.88
N VAL B 372 37.31 19.87 12.65
CA VAL B 372 35.94 20.07 13.20
C VAL B 372 34.96 20.34 12.06
N PRO B 373 35.19 21.35 11.18
CA PRO B 373 34.36 21.53 9.99
C PRO B 373 34.16 20.27 9.13
N VAL B 374 35.23 19.49 8.92
CA VAL B 374 35.21 18.24 8.11
C VAL B 374 34.20 17.25 8.72
N VAL B 375 34.26 17.07 10.04
CA VAL B 375 33.38 16.13 10.82
C VAL B 375 31.93 16.63 10.71
N LEU B 376 31.70 17.93 10.91
CA LEU B 376 30.35 18.57 10.90
C LEU B 376 29.70 18.39 9.53
N LEU B 377 30.41 18.75 8.45
CA LEU B 377 29.94 18.57 7.05
C LEU B 377 29.59 17.09 6.82
N GLY B 378 30.48 16.18 7.21
CA GLY B 378 30.27 14.73 7.11
C GLY B 378 28.99 14.28 7.78
N THR B 379 28.67 14.85 8.96
CA THR B 379 27.47 14.53 9.77
C THR B 379 26.20 14.81 8.96
N PHE B 380 26.16 15.94 8.24
CA PHE B 380 25.03 16.34 7.36
C PHE B 380 24.81 15.29 6.27
N ALA B 381 25.89 14.78 5.68
CA ALA B 381 25.88 13.74 4.61
C ALA B 381 25.24 12.45 5.14
N VAL B 382 25.61 12.04 6.36
CA VAL B 382 25.05 10.85 7.07
C VAL B 382 23.58 11.15 7.42
N LEU B 383 23.29 12.39 7.83
CA LEU B 383 21.92 12.87 8.17
C LEU B 383 21.02 12.71 6.94
N ALA B 384 21.49 13.16 5.77
CA ALA B 384 20.78 13.09 4.47
C ALA B 384 20.59 11.63 4.06
N ALA B 385 21.65 10.81 4.16
CA ALA B 385 21.67 9.37 3.79
C ALA B 385 20.54 8.62 4.50
N PHE B 386 20.31 8.90 5.78
CA PHE B 386 19.35 8.19 6.66
C PHE B 386 17.94 8.81 6.53
N GLY B 387 17.82 9.90 5.76
CA GLY B 387 16.54 10.54 5.42
C GLY B 387 16.07 11.52 6.47
N PHE B 388 16.99 12.02 7.32
CA PHE B 388 16.72 13.05 8.35
C PHE B 388 16.74 14.44 7.71
N SER B 389 16.14 15.42 8.38
CA SER B 389 16.01 16.83 7.92
C SER B 389 16.76 17.76 8.87
N ILE B 390 17.09 18.97 8.38
CA ILE B 390 17.62 20.10 9.21
C ILE B 390 16.45 20.69 10.00
N ASN B 391 16.39 20.40 11.31
CA ASN B 391 15.29 20.84 12.20
C ASN B 391 15.87 21.20 13.58
N THR B 392 15.05 21.81 14.45
CA THR B 392 15.42 22.29 15.80
C THR B 392 16.19 21.20 16.56
N LEU B 393 15.71 19.95 16.50
CA LEU B 393 16.21 18.81 17.31
C LEU B 393 17.58 18.37 16.79
N THR B 394 17.71 18.16 15.47
CA THR B 394 18.96 17.74 14.79
C THR B 394 20.01 18.86 14.89
N MET B 395 19.57 20.12 14.89
CA MET B 395 20.46 21.32 14.94
C MET B 395 21.08 21.46 16.33
N PHE B 396 20.28 21.35 17.40
CA PHE B 396 20.76 21.39 18.80
C PHE B 396 21.50 20.09 19.14
N GLY B 397 21.20 19.00 18.43
CA GLY B 397 21.90 17.70 18.53
C GLY B 397 23.37 17.83 18.21
N MET B 398 23.71 18.60 17.17
CA MET B 398 25.11 18.88 16.74
C MET B 398 25.80 19.78 17.78
N VAL B 399 25.08 20.78 18.31
CA VAL B 399 25.57 21.73 19.35
C VAL B 399 25.95 20.93 20.61
N LEU B 400 25.10 19.97 21.00
CA LEU B 400 25.31 19.11 22.19
C LEU B 400 26.49 18.15 21.99
N ALA B 401 26.90 17.91 20.73
CA ALA B 401 27.97 16.98 20.34
C ALA B 401 29.33 17.71 20.22
N ILE B 402 29.32 19.04 20.21
CA ILE B 402 30.54 19.90 20.00
C ILE B 402 31.66 19.42 20.92
N GLY B 403 31.36 19.24 22.21
CA GLY B 403 32.33 18.78 23.24
C GLY B 403 33.08 17.54 22.81
N LEU B 404 32.37 16.55 22.26
CA LEU B 404 32.93 15.24 21.83
C LEU B 404 33.80 15.44 20.58
N LEU B 405 33.37 16.32 19.66
CA LEU B 405 34.08 16.63 18.39
C LEU B 405 35.37 17.39 18.70
N VAL B 406 35.25 18.47 19.48
CA VAL B 406 36.37 19.37 19.89
C VAL B 406 37.42 18.55 20.66
N ASP B 407 36.99 17.63 21.52
CA ASP B 407 37.87 16.81 22.40
C ASP B 407 38.78 15.93 21.53
N ASP B 408 38.21 15.20 20.57
CA ASP B 408 38.95 14.30 19.64
C ASP B 408 40.11 15.08 18.99
N ALA B 409 39.85 16.31 18.53
CA ALA B 409 40.83 17.19 17.86
C ALA B 409 41.95 17.57 18.85
N ILE B 410 41.59 18.07 20.03
CA ILE B 410 42.54 18.57 21.08
C ILE B 410 43.40 17.40 21.58
N VAL B 411 42.76 16.28 21.96
CA VAL B 411 43.42 15.07 22.55
C VAL B 411 44.56 14.62 21.62
N VAL B 412 44.28 14.45 20.33
CA VAL B 412 45.24 13.91 19.32
C VAL B 412 46.45 14.86 19.21
N VAL B 413 46.20 16.16 19.05
CA VAL B 413 47.25 17.20 18.81
C VAL B 413 48.05 17.41 20.11
N GLU B 414 47.36 17.61 21.24
CA GLU B 414 47.97 17.88 22.57
C GLU B 414 48.92 16.74 22.95
N ASN B 415 48.51 15.48 22.71
CA ASN B 415 49.29 14.26 23.08
C ASN B 415 50.60 14.22 22.28
N VAL B 416 50.58 14.64 21.02
CA VAL B 416 51.78 14.70 20.13
C VAL B 416 52.74 15.76 20.65
N GLU B 417 52.21 16.94 21.02
CA GLU B 417 53.00 18.09 21.54
C GLU B 417 53.72 17.70 22.83
N ARG B 418 53.07 16.89 23.68
CA ARG B 418 53.63 16.40 24.97
C ARG B 418 54.78 15.42 24.67
N VAL B 419 54.52 14.41 23.84
CA VAL B 419 55.50 13.34 23.45
C VAL B 419 56.80 14.00 22.97
N MET B 420 56.70 15.00 22.09
CA MET B 420 57.84 15.76 21.53
C MET B 420 58.57 16.50 22.67
N ALA B 421 57.82 17.14 23.57
CA ALA B 421 58.34 17.97 24.68
C ALA B 421 59.08 17.09 25.70
N GLU B 422 58.65 15.82 25.86
CA GLU B 422 59.13 14.90 26.93
C GLU B 422 60.22 13.96 26.40
N GLU B 423 60.19 13.61 25.11
CA GLU B 423 61.09 12.58 24.50
C GLU B 423 62.00 13.20 23.43
N GLY B 424 61.61 14.33 22.82
CA GLY B 424 62.43 15.06 21.83
C GLY B 424 62.35 14.45 20.43
N LEU B 425 61.33 13.62 20.17
CA LEU B 425 61.11 12.96 18.86
C LEU B 425 60.67 14.00 17.84
N PRO B 426 60.99 13.82 16.53
CA PRO B 426 60.43 14.66 15.47
C PRO B 426 58.92 14.47 15.34
N PRO B 427 58.18 15.46 14.76
CA PRO B 427 56.73 15.38 14.61
C PRO B 427 56.19 14.02 14.10
N LYS B 428 56.82 13.47 13.05
CA LYS B 428 56.38 12.22 12.37
C LYS B 428 56.49 11.04 13.33
N GLU B 429 57.67 10.83 13.93
CA GLU B 429 57.95 9.73 14.89
C GLU B 429 57.11 9.92 16.15
N ALA B 430 56.90 11.17 16.57
CA ALA B 430 56.10 11.56 17.75
C ALA B 430 54.63 11.19 17.53
N THR B 431 54.10 11.43 16.33
CA THR B 431 52.70 11.13 15.94
C THR B 431 52.46 9.62 15.93
N ARG B 432 53.40 8.86 15.34
CA ARG B 432 53.34 7.37 15.28
C ARG B 432 53.16 6.79 16.68
N LYS B 433 53.97 7.25 17.64
CA LYS B 433 53.96 6.78 19.05
C LYS B 433 52.69 7.30 19.76
N SER B 434 52.39 8.60 19.60
CA SER B 434 51.22 9.29 20.21
C SER B 434 49.92 8.58 19.82
N MET B 435 49.72 8.30 18.52
CA MET B 435 48.54 7.57 17.99
C MET B 435 48.54 6.14 18.51
N GLY B 436 49.73 5.52 18.65
CA GLY B 436 49.91 4.16 19.18
C GLY B 436 49.39 4.00 20.60
N GLN B 437 49.36 5.10 21.37
CA GLN B 437 48.93 5.13 22.80
C GLN B 437 47.40 5.26 22.89
N ILE B 438 46.77 5.99 21.95
CA ILE B 438 45.34 6.44 22.06
C ILE B 438 44.44 5.71 21.05
N GLN B 439 44.99 5.15 19.96
CA GLN B 439 44.19 4.57 18.83
C GLN B 439 43.25 3.49 19.36
N GLY B 440 43.73 2.62 20.27
CA GLY B 440 42.94 1.54 20.88
C GLY B 440 41.79 2.08 21.72
N ALA B 441 42.06 3.13 22.50
CA ALA B 441 41.08 3.80 23.40
C ALA B 441 40.00 4.50 22.57
N LEU B 442 40.42 5.30 21.58
CA LEU B 442 39.50 6.09 20.69
C LEU B 442 38.46 5.17 20.08
N VAL B 443 38.86 3.98 19.61
CA VAL B 443 37.97 2.93 19.05
C VAL B 443 37.06 2.42 20.17
N GLY B 444 37.63 2.11 21.34
CA GLY B 444 36.89 1.71 22.55
C GLY B 444 35.86 2.75 22.96
N ILE B 445 36.27 4.02 23.02
CA ILE B 445 35.41 5.19 23.36
C ILE B 445 34.22 5.25 22.39
N ALA B 446 34.49 5.06 21.09
CA ALA B 446 33.48 5.08 20.00
C ALA B 446 32.41 4.00 20.25
N MET B 447 32.83 2.80 20.66
CA MET B 447 31.95 1.64 20.94
C MET B 447 31.13 1.92 22.20
N VAL B 448 31.76 2.46 23.25
CA VAL B 448 31.11 2.81 24.55
C VAL B 448 30.02 3.84 24.30
N LEU B 449 30.35 4.95 23.62
CA LEU B 449 29.43 6.09 23.37
C LEU B 449 28.27 5.66 22.46
N SER B 450 28.52 4.75 21.52
CA SER B 450 27.48 4.10 20.67
C SER B 450 26.45 3.42 21.58
N ALA B 451 26.92 2.62 22.55
CA ALA B 451 26.11 1.85 23.52
C ALA B 451 25.27 2.79 24.40
N VAL B 452 25.72 4.04 24.59
CA VAL B 452 25.02 5.07 25.43
C VAL B 452 23.87 5.69 24.63
N PHE B 453 24.09 5.99 23.34
CA PHE B 453 23.19 6.84 22.52
C PHE B 453 22.31 5.99 21.57
N VAL B 454 22.83 4.90 21.02
CA VAL B 454 22.13 4.09 19.97
C VAL B 454 20.82 3.53 20.56
N PRO B 455 20.82 2.90 21.76
CA PRO B 455 19.59 2.34 22.32
C PRO B 455 18.49 3.38 22.57
N MET B 456 18.86 4.65 22.74
CA MET B 456 17.94 5.80 22.92
C MET B 456 17.05 5.98 21.69
N ALA B 457 17.52 5.55 20.51
CA ALA B 457 16.82 5.67 19.21
C ALA B 457 15.73 4.60 19.06
N PHE B 458 15.73 3.57 19.92
CA PHE B 458 14.83 2.39 19.82
C PHE B 458 13.63 2.53 20.77
N PHE B 459 13.41 3.71 21.34
CA PHE B 459 12.14 4.08 22.02
C PHE B 459 11.03 4.18 20.96
N GLY B 460 9.80 3.84 21.34
CA GLY B 460 8.62 3.85 20.45
C GLY B 460 7.79 5.12 20.63
N GLY B 461 6.89 5.40 19.67
CA GLY B 461 5.93 6.51 19.73
C GLY B 461 6.58 7.86 19.48
N SER B 462 5.98 8.92 20.03
CA SER B 462 6.38 10.34 19.83
C SER B 462 7.71 10.64 20.52
N THR B 463 7.88 10.15 21.76
CA THR B 463 9.10 10.36 22.59
C THR B 463 10.31 9.74 21.86
N GLY B 464 10.14 8.52 21.34
CA GLY B 464 11.16 7.79 20.56
C GLY B 464 11.59 8.57 19.32
N ALA B 465 10.63 9.17 18.62
CA ALA B 465 10.85 9.97 17.39
C ALA B 465 11.74 11.18 17.71
N ILE B 466 11.49 11.85 18.83
CA ILE B 466 12.27 13.02 19.32
C ILE B 466 13.70 12.56 19.65
N TYR B 467 13.83 11.50 20.45
CA TYR B 467 15.13 10.94 20.92
C TYR B 467 15.97 10.48 19.74
N ARG B 468 15.33 9.88 18.72
CA ARG B 468 15.98 9.31 17.51
C ARG B 468 16.69 10.43 16.73
N GLN B 469 16.20 11.67 16.81
CA GLN B 469 16.79 12.85 16.13
C GLN B 469 18.15 13.17 16.76
N PHE B 470 18.22 13.21 18.10
CA PHE B 470 19.45 13.51 18.88
C PHE B 470 20.43 12.34 18.78
N SER B 471 19.93 11.11 18.93
CA SER B 471 20.70 9.84 18.93
C SER B 471 21.52 9.71 17.64
N ILE B 472 20.84 9.72 16.48
CA ILE B 472 21.45 9.49 15.14
C ILE B 472 22.41 10.63 14.79
N THR B 473 22.10 11.86 15.21
CA THR B 473 22.92 13.08 14.96
C THR B 473 24.23 13.00 15.76
N ILE B 474 24.13 12.68 17.06
CA ILE B 474 25.29 12.65 18.01
C ILE B 474 26.19 11.45 17.68
N VAL B 475 25.60 10.27 17.45
CA VAL B 475 26.34 9.01 17.14
C VAL B 475 27.09 9.17 15.81
N SER B 476 26.44 9.76 14.80
CA SER B 476 27.03 10.02 13.45
C SER B 476 28.22 10.97 13.58
N ALA B 477 28.02 12.11 14.26
CA ALA B 477 29.04 13.15 14.49
C ALA B 477 30.23 12.54 15.25
N MET B 478 29.94 11.77 16.31
CA MET B 478 30.94 11.06 17.15
C MET B 478 31.71 10.05 16.30
N ALA B 479 31.00 9.24 15.50
CA ALA B 479 31.56 8.15 14.67
C ALA B 479 32.54 8.72 13.63
N LEU B 480 32.19 9.83 12.98
CA LEU B 480 33.05 10.51 11.97
C LEU B 480 34.27 11.16 12.64
N SER B 481 34.07 11.77 13.82
CA SER B 481 35.13 12.43 14.62
C SER B 481 36.27 11.45 14.89
N VAL B 482 35.94 10.18 15.15
CA VAL B 482 36.91 9.09 15.45
C VAL B 482 37.65 8.71 14.15
N LEU B 483 36.93 8.60 13.03
CA LEU B 483 37.50 8.30 11.69
C LEU B 483 38.48 9.42 11.30
N VAL B 484 38.06 10.68 11.45
CA VAL B 484 38.89 11.90 11.18
C VAL B 484 40.10 11.90 12.12
N ALA B 485 39.91 11.44 13.37
CA ALA B 485 40.97 11.35 14.42
C ALA B 485 41.97 10.25 14.08
N LEU B 486 41.57 9.24 13.31
CA LEU B 486 42.41 8.06 12.94
C LEU B 486 42.96 8.20 11.52
N ILE B 487 42.49 9.20 10.75
CA ILE B 487 42.87 9.40 9.31
C ILE B 487 43.53 10.77 9.12
N LEU B 488 42.78 11.86 9.27
CA LEU B 488 43.20 13.22 8.89
C LEU B 488 44.19 13.80 9.91
N THR B 489 43.78 13.95 11.18
CA THR B 489 44.52 14.71 12.22
C THR B 489 45.91 14.11 12.47
N PRO B 490 46.10 12.77 12.42
CA PRO B 490 47.45 12.20 12.50
C PRO B 490 48.34 12.65 11.34
N ALA B 491 47.81 12.63 10.11
CA ALA B 491 48.49 13.09 8.88
C ALA B 491 48.86 14.57 9.01
N LEU B 492 47.93 15.40 9.51
CA LEU B 492 48.12 16.85 9.72
C LEU B 492 49.22 17.07 10.77
N CYS B 493 49.13 16.39 11.92
CA CYS B 493 50.10 16.45 13.04
C CYS B 493 51.52 16.14 12.53
N ALA B 494 51.68 15.06 11.77
CA ALA B 494 52.97 14.54 11.27
C ALA B 494 53.63 15.52 10.29
N THR B 495 52.84 16.28 9.55
CA THR B 495 53.31 17.13 8.42
C THR B 495 53.34 18.62 8.81
N MET B 496 52.46 19.07 9.72
CA MET B 496 52.24 20.52 10.00
C MET B 496 52.97 20.95 11.29
N LEU B 497 52.93 20.14 12.35
CA LEU B 497 53.51 20.51 13.68
C LEU B 497 55.02 20.72 13.56
N LYS B 498 55.58 21.59 14.41
CA LYS B 498 57.02 21.96 14.44
C LYS B 498 57.68 21.20 15.59
N PRO B 499 58.94 20.74 15.44
CA PRO B 499 59.62 19.99 16.50
C PRO B 499 59.79 20.79 17.80
N ILE B 500 59.77 20.09 18.95
CA ILE B 500 60.03 20.65 20.31
C ILE B 500 61.19 19.85 20.93
N ALA B 501 62.21 20.55 21.41
CA ALA B 501 63.41 19.96 22.07
C ALA B 501 63.01 19.30 23.38
N LYS B 502 63.68 18.20 23.74
CA LYS B 502 63.41 17.39 24.97
C LYS B 502 63.60 18.26 26.21
N GLY B 503 62.54 18.47 26.99
CA GLY B 503 62.55 19.22 28.26
C GLY B 503 62.03 20.64 28.12
N ASP B 504 61.80 21.10 26.89
CA ASP B 504 61.30 22.47 26.58
C ASP B 504 59.79 22.51 26.87
N HIS B 505 59.41 23.03 28.05
CA HIS B 505 58.01 23.21 28.51
C HIS B 505 57.63 24.70 28.45
N GLY B 506 58.48 25.53 27.83
CA GLY B 506 58.24 26.98 27.61
C GLY B 506 58.43 27.80 28.87
N GLU B 507 59.13 27.25 29.87
CA GLU B 507 59.42 27.94 31.16
C GLU B 507 60.51 28.99 30.94
N GLY B 508 61.35 28.82 29.91
CA GLY B 508 62.42 29.75 29.53
C GLY B 508 61.97 30.76 28.47
N LYS B 509 60.77 31.33 28.65
CA LYS B 509 60.19 32.40 27.80
C LYS B 509 59.90 33.63 28.67
N LYS B 510 59.53 34.75 28.03
CA LYS B 510 59.23 36.04 28.69
C LYS B 510 57.77 36.43 28.41
N GLY B 511 57.30 37.53 29.02
CA GLY B 511 55.94 38.08 28.83
C GLY B 511 54.89 37.26 29.54
N PHE B 512 53.73 37.08 28.90
CA PHE B 512 52.55 36.36 29.45
C PHE B 512 52.78 34.84 29.40
N PHE B 513 53.22 34.33 28.24
CA PHE B 513 53.36 32.88 27.95
C PHE B 513 54.46 32.26 28.81
N GLY B 514 55.56 33.00 29.04
CA GLY B 514 56.64 32.59 29.96
C GLY B 514 56.13 32.40 31.37
N TRP B 515 55.32 33.36 31.85
CA TRP B 515 54.69 33.36 33.20
C TRP B 515 53.66 32.23 33.30
N PHE B 516 52.88 32.00 32.25
CA PHE B 516 51.80 30.98 32.18
C PHE B 516 52.41 29.57 32.29
N ASN B 517 53.46 29.30 31.51
CA ASN B 517 54.13 27.97 31.43
C ASN B 517 54.73 27.63 32.80
N ARG B 518 55.37 28.60 33.46
CA ARG B 518 55.91 28.48 34.84
C ARG B 518 54.76 28.24 35.83
N MET B 519 53.65 28.98 35.67
CA MET B 519 52.45 28.91 36.53
C MET B 519 51.79 27.53 36.41
N PHE B 520 51.64 27.02 35.19
CA PHE B 520 50.91 25.76 34.89
C PHE B 520 51.77 24.55 35.29
N GLU B 521 53.07 24.58 35.01
CA GLU B 521 54.04 23.51 35.37
C GLU B 521 54.10 23.37 36.90
N LYS B 522 54.02 24.50 37.62
CA LYS B 522 53.97 24.54 39.11
C LYS B 522 52.62 24.00 39.60
N SER B 523 51.53 24.38 38.91
CA SER B 523 50.14 23.97 39.23
C SER B 523 49.97 22.45 39.03
N THR B 524 50.68 21.88 38.06
CA THR B 524 50.68 20.42 37.75
C THR B 524 51.29 19.64 38.91
N HIS B 525 52.38 20.15 39.50
CA HIS B 525 53.07 19.57 40.68
C HIS B 525 52.15 19.67 41.91
N HIS B 526 51.48 20.81 42.10
CA HIS B 526 50.46 21.07 43.15
C HIS B 526 49.33 20.02 43.05
N TYR B 527 48.90 19.70 41.83
CA TYR B 527 47.79 18.76 41.53
C TYR B 527 48.21 17.33 41.87
N THR B 528 49.37 16.89 41.37
CA THR B 528 49.92 15.52 41.56
C THR B 528 50.29 15.31 43.04
N ASP B 529 50.64 16.37 43.76
CA ASP B 529 50.89 16.33 45.23
C ASP B 529 49.58 16.02 45.97
N SER B 530 48.47 16.64 45.55
CA SER B 530 47.12 16.45 46.11
C SER B 530 46.64 15.02 45.88
N VAL B 531 46.80 14.49 44.66
CA VAL B 531 46.40 13.11 44.26
C VAL B 531 47.19 12.11 45.12
N GLY B 532 48.49 12.36 45.31
CA GLY B 532 49.36 11.57 46.20
C GLY B 532 48.77 11.45 47.60
N GLY B 533 48.31 12.56 48.17
CA GLY B 533 47.66 12.64 49.49
C GLY B 533 46.28 12.01 49.49
N ILE B 534 45.54 12.17 48.39
CA ILE B 534 44.16 11.59 48.19
C ILE B 534 44.27 10.06 48.18
N LEU B 535 45.26 9.51 47.47
CA LEU B 535 45.46 8.04 47.29
C LEU B 535 46.10 7.43 48.55
N ARG B 536 46.60 8.26 49.48
CA ARG B 536 47.10 7.83 50.81
C ARG B 536 45.92 7.62 51.76
N SER B 537 44.78 8.26 51.48
CA SER B 537 43.55 8.25 52.32
C SER B 537 42.30 8.11 51.43
N THR B 538 42.19 6.98 50.71
CA THR B 538 41.11 6.70 49.72
C THR B 538 39.77 6.47 50.44
N GLY B 539 39.82 5.90 51.66
CA GLY B 539 38.63 5.50 52.45
C GLY B 539 37.60 6.61 52.57
N ARG B 540 38.03 7.82 52.93
CA ARG B 540 37.14 8.98 53.21
C ARG B 540 36.50 9.49 51.90
N TYR B 541 37.19 9.34 50.77
CA TYR B 541 36.72 9.81 49.43
C TYR B 541 35.65 8.85 48.89
N LEU B 542 35.76 7.55 49.20
CA LEU B 542 34.73 6.54 48.87
C LEU B 542 33.43 6.86 49.64
N VAL B 543 33.55 7.38 50.87
CA VAL B 543 32.41 7.89 51.68
C VAL B 543 31.85 9.14 50.99
N LEU B 544 32.73 10.05 50.59
CA LEU B 544 32.36 11.35 49.94
C LEU B 544 31.70 11.08 48.58
N TYR B 545 32.08 9.99 47.91
CA TYR B 545 31.49 9.53 46.62
C TYR B 545 30.03 9.13 46.83
N LEU B 546 29.74 8.38 47.90
CA LEU B 546 28.38 7.87 48.23
C LEU B 546 27.46 9.06 48.56
N ILE B 547 28.00 10.10 49.22
CA ILE B 547 27.27 11.36 49.52
C ILE B 547 26.82 12.01 48.21
N ILE B 548 27.69 12.02 47.20
CA ILE B 548 27.40 12.56 45.83
C ILE B 548 26.32 11.70 45.17
N VAL B 549 26.43 10.37 45.27
CA VAL B 549 25.49 9.39 44.66
C VAL B 549 24.10 9.54 45.31
N VAL B 550 24.06 9.69 46.64
CA VAL B 550 22.80 9.89 47.42
C VAL B 550 22.24 11.29 47.10
N GLY B 551 23.09 12.31 47.17
CA GLY B 551 22.75 13.70 46.80
C GLY B 551 22.20 13.81 45.39
N MET B 552 22.78 13.04 44.46
CA MET B 552 22.34 12.94 43.04
C MET B 552 20.92 12.36 42.98
N ALA B 553 20.72 11.20 43.60
CA ALA B 553 19.42 10.46 43.64
C ALA B 553 18.32 11.35 44.22
N TYR B 554 18.61 12.02 45.34
CA TYR B 554 17.71 12.99 46.03
C TYR B 554 17.28 14.08 45.05
N LEU B 555 18.26 14.76 44.43
CA LEU B 555 18.06 15.93 43.55
C LEU B 555 17.34 15.50 42.27
N PHE B 556 17.57 14.26 41.81
CA PHE B 556 16.97 13.66 40.58
C PHE B 556 15.47 13.44 40.80
N VAL B 557 15.10 12.80 41.92
CA VAL B 557 13.70 12.44 42.30
C VAL B 557 12.87 13.73 42.47
N ARG B 558 13.47 14.78 43.05
CA ARG B 558 12.78 16.04 43.42
C ARG B 558 12.94 17.10 42.31
N LEU B 559 13.27 16.70 41.09
CA LEU B 559 13.38 17.59 39.90
C LEU B 559 12.18 17.34 38.99
N PRO B 560 11.21 18.28 38.91
CA PRO B 560 10.05 18.12 38.02
C PRO B 560 10.45 17.81 36.58
N SER B 561 9.79 16.84 35.95
CA SER B 561 10.09 16.32 34.59
C SER B 561 9.02 16.78 33.60
N SER B 562 9.44 17.45 32.51
CA SER B 562 8.61 17.83 31.34
C SER B 562 9.16 17.15 30.09
N PHE B 563 8.49 17.29 28.95
CA PHE B 563 8.91 16.73 27.64
C PHE B 563 9.80 17.75 26.93
N LEU B 564 9.28 18.96 26.70
CA LEU B 564 9.99 20.09 26.04
C LEU B 564 9.66 21.39 26.75
N PRO B 565 10.59 22.37 26.79
CA PRO B 565 10.35 23.65 27.48
C PRO B 565 9.43 24.59 26.69
N ASP B 566 8.47 25.21 27.38
CA ASP B 566 7.54 26.23 26.80
C ASP B 566 8.36 27.41 26.29
N GLU B 567 8.33 27.64 24.98
CA GLU B 567 9.08 28.72 24.29
C GLU B 567 8.17 29.94 24.10
N ASP B 568 8.73 31.14 24.16
CA ASP B 568 8.10 32.39 23.66
C ASP B 568 8.14 32.33 22.13
N GLN B 569 6.97 32.17 21.50
CA GLN B 569 6.85 31.94 20.03
C GLN B 569 6.38 33.21 19.32
N GLY B 570 6.19 34.30 20.06
CA GLY B 570 5.63 35.57 19.55
C GLY B 570 4.13 35.47 19.30
N VAL B 571 3.50 34.38 19.76
CA VAL B 571 2.06 34.07 19.56
C VAL B 571 1.56 33.27 20.77
N PHE B 572 0.30 33.49 21.16
CA PHE B 572 -0.42 32.72 22.21
C PHE B 572 -1.93 32.86 22.00
N MET B 573 -2.70 31.94 22.58
CA MET B 573 -4.18 31.87 22.44
C MET B 573 -4.85 32.41 23.72
N THR B 574 -6.07 32.94 23.58
CA THR B 574 -6.96 33.36 24.70
C THR B 574 -8.32 32.68 24.51
N MET B 575 -8.63 31.68 25.35
CA MET B 575 -9.90 30.92 25.33
C MET B 575 -11.03 31.83 25.85
N VAL B 576 -12.21 31.75 25.23
CA VAL B 576 -13.46 32.45 25.66
C VAL B 576 -14.61 31.43 25.63
N GLN B 577 -15.07 31.00 26.80
CA GLN B 577 -16.21 30.05 26.96
C GLN B 577 -17.31 30.76 27.76
N LEU B 578 -18.50 30.90 27.17
CA LEU B 578 -19.72 31.49 27.80
C LEU B 578 -20.63 30.36 28.26
N PRO B 579 -21.60 30.63 29.17
CA PRO B 579 -22.54 29.61 29.64
C PRO B 579 -23.41 29.02 28.54
N ALA B 580 -24.14 27.94 28.87
CA ALA B 580 -25.01 27.15 27.96
C ALA B 580 -26.04 28.07 27.29
N GLY B 581 -26.20 27.92 25.96
CA GLY B 581 -27.23 28.61 25.16
C GLY B 581 -26.89 30.07 24.92
N ALA B 582 -25.66 30.49 25.20
CA ALA B 582 -25.15 31.87 24.97
C ALA B 582 -25.00 32.08 23.46
N THR B 583 -25.40 33.25 22.97
CA THR B 583 -25.52 33.57 21.52
C THR B 583 -24.20 34.15 20.98
N GLN B 584 -24.09 34.21 19.65
CA GLN B 584 -22.89 34.69 18.90
C GLN B 584 -22.59 36.14 19.29
N GLU B 585 -23.62 36.99 19.39
CA GLU B 585 -23.52 38.43 19.70
C GLU B 585 -22.89 38.63 21.08
N ARG B 586 -23.31 37.82 22.07
CA ARG B 586 -22.82 37.88 23.47
C ARG B 586 -21.34 37.49 23.51
N THR B 587 -20.95 36.44 22.78
CA THR B 587 -19.55 35.93 22.68
C THR B 587 -18.67 37.00 22.02
N GLN B 588 -19.22 37.72 21.03
CA GLN B 588 -18.51 38.77 20.25
C GLN B 588 -18.15 39.94 21.17
N LYS B 589 -19.08 40.36 22.03
CA LYS B 589 -18.90 41.47 23.00
C LYS B 589 -17.72 41.18 23.94
N VAL B 590 -17.54 39.90 24.33
CA VAL B 590 -16.42 39.45 25.22
C VAL B 590 -15.11 39.50 24.43
N LEU B 591 -15.10 38.97 23.21
CA LEU B 591 -13.92 38.97 22.29
C LEU B 591 -13.50 40.42 21.99
N ASN B 592 -14.46 41.34 21.90
CA ASN B 592 -14.22 42.79 21.69
C ASN B 592 -13.46 43.38 22.90
N GLU B 593 -13.84 42.99 24.11
CA GLU B 593 -13.17 43.40 25.38
C GLU B 593 -11.75 42.81 25.42
N VAL B 594 -11.61 41.54 25.04
CA VAL B 594 -10.32 40.80 24.99
C VAL B 594 -9.39 41.50 24.00
N THR B 595 -9.89 41.80 22.78
CA THR B 595 -9.16 42.49 21.70
C THR B 595 -8.77 43.91 22.16
N HIS B 596 -9.71 44.64 22.77
CA HIS B 596 -9.52 46.03 23.27
C HIS B 596 -8.38 46.06 24.29
N TYR B 597 -8.36 45.11 25.21
CA TYR B 597 -7.34 44.98 26.30
C TYR B 597 -5.93 44.85 25.70
N TYR B 598 -5.76 43.94 24.74
CA TYR B 598 -4.45 43.57 24.14
C TYR B 598 -3.89 44.74 23.32
N LEU B 599 -4.75 45.56 22.71
CA LEU B 599 -4.35 46.73 21.87
C LEU B 599 -4.32 48.01 22.71
N THR B 600 -4.66 47.93 24.01
CA THR B 600 -4.66 49.06 24.98
C THR B 600 -3.53 48.85 26.01
N LYS B 601 -3.65 47.82 26.84
CA LYS B 601 -2.75 47.55 27.99
C LYS B 601 -1.45 46.91 27.52
N GLU B 602 -1.48 46.16 26.42
CA GLU B 602 -0.30 45.45 25.84
C GLU B 602 -0.01 46.01 24.43
N LYS B 603 -0.12 47.33 24.25
CA LYS B 603 0.13 48.03 22.97
C LYS B 603 1.60 47.83 22.55
N ASN B 604 2.52 47.85 23.52
CA ASN B 604 3.99 47.76 23.29
C ASN B 604 4.39 46.34 22.88
N ASN B 605 3.58 45.33 23.21
CA ASN B 605 3.91 43.89 23.02
C ASN B 605 3.08 43.29 21.87
N VAL B 606 1.77 43.56 21.83
CA VAL B 606 0.81 42.92 20.87
C VAL B 606 0.88 43.64 19.52
N GLU B 607 1.00 42.87 18.44
CA GLU B 607 0.98 43.36 17.03
C GLU B 607 -0.45 43.29 16.49
N SER B 608 -1.14 42.17 16.70
CA SER B 608 -2.52 41.91 16.20
C SER B 608 -3.25 40.92 17.10
N VAL B 609 -4.59 40.91 17.01
CA VAL B 609 -5.50 39.95 17.70
C VAL B 609 -6.45 39.36 16.65
N PHE B 610 -6.36 38.05 16.41
CA PHE B 610 -7.21 37.29 15.46
C PHE B 610 -8.37 36.66 16.23
N ALA B 611 -9.51 37.35 16.29
CA ALA B 611 -10.72 36.95 17.05
C ALA B 611 -11.57 35.99 16.20
N VAL B 612 -11.61 34.71 16.59
CA VAL B 612 -12.41 33.65 15.93
C VAL B 612 -13.61 33.31 16.83
N ASN B 613 -14.77 33.92 16.54
CA ASN B 613 -16.04 33.70 17.27
C ASN B 613 -16.76 32.50 16.67
N GLY B 614 -17.04 31.47 17.49
CA GLY B 614 -17.88 30.31 17.13
C GLY B 614 -17.13 28.98 17.10
N PHE B 615 -15.85 28.98 17.49
CA PHE B 615 -14.97 27.78 17.45
C PHE B 615 -14.15 27.67 18.73
N GLY B 616 -14.08 26.46 19.30
CA GLY B 616 -13.21 26.07 20.42
C GLY B 616 -12.70 24.64 20.25
N PHE B 617 -11.46 24.38 20.65
CA PHE B 617 -10.78 23.06 20.49
C PHE B 617 -11.58 21.97 21.22
N ALA B 618 -12.17 22.31 22.37
CA ALA B 618 -12.91 21.40 23.27
C ALA B 618 -14.36 21.22 22.80
N GLY B 619 -14.81 22.02 21.82
CA GLY B 619 -16.18 21.97 21.27
C GLY B 619 -16.56 23.28 20.59
N ARG B 620 -17.41 23.20 19.56
CA ARG B 620 -17.88 24.38 18.75
C ARG B 620 -19.21 24.87 19.31
N GLY B 621 -19.74 25.97 18.74
CA GLY B 621 -21.03 26.58 19.12
C GLY B 621 -20.92 28.09 19.22
N GLN B 622 -22.06 28.77 19.37
CA GLN B 622 -22.15 30.26 19.44
C GLN B 622 -21.55 30.77 20.75
N ASN B 623 -21.43 29.90 21.77
CA ASN B 623 -21.03 30.25 23.16
C ASN B 623 -19.52 30.10 23.36
N THR B 624 -18.76 29.78 22.32
CA THR B 624 -17.28 29.57 22.37
C THR B 624 -16.58 30.47 21.35
N GLY B 625 -15.29 30.73 21.56
CA GLY B 625 -14.44 31.56 20.69
C GLY B 625 -13.00 31.61 21.19
N ILE B 626 -12.05 31.90 20.30
CA ILE B 626 -10.61 32.02 20.62
C ILE B 626 -10.07 33.33 20.00
N ALA B 627 -9.19 34.02 20.73
CA ALA B 627 -8.45 35.21 20.27
C ALA B 627 -6.96 34.86 20.14
N PHE B 628 -6.49 34.62 18.91
CA PHE B 628 -5.07 34.33 18.59
C PHE B 628 -4.28 35.64 18.62
N VAL B 629 -3.45 35.82 19.65
CA VAL B 629 -2.65 37.07 19.89
C VAL B 629 -1.28 36.89 19.23
N SER B 630 -0.91 37.80 18.33
CA SER B 630 0.41 37.86 17.65
C SER B 630 1.20 39.04 18.20
N LEU B 631 2.40 38.79 18.73
CA LEU B 631 3.28 39.79 19.39
C LEU B 631 4.25 40.39 18.37
N LYS B 632 4.94 41.47 18.75
CA LYS B 632 6.00 42.11 17.95
C LYS B 632 7.28 41.28 18.07
N ASP B 633 8.33 41.65 17.33
CA ASP B 633 9.64 40.93 17.33
C ASP B 633 10.21 40.90 18.75
N TRP B 634 10.92 39.83 19.10
CA TRP B 634 11.53 39.59 20.44
C TRP B 634 12.44 40.76 20.83
N ALA B 635 13.13 41.37 19.85
CA ALA B 635 14.06 42.51 20.02
C ALA B 635 13.31 43.76 20.51
N ASP B 636 12.02 43.89 20.17
CA ASP B 636 11.15 45.03 20.56
C ASP B 636 10.37 44.69 21.84
N ARG B 637 10.77 43.63 22.55
CA ARG B 637 10.15 43.18 23.83
C ARG B 637 11.25 42.77 24.81
N PRO B 638 12.05 43.72 25.34
CA PRO B 638 13.13 43.40 26.28
C PRO B 638 12.61 43.02 27.68
N GLY B 639 13.28 42.08 28.35
CA GLY B 639 12.99 41.67 29.75
C GLY B 639 11.87 40.65 29.82
N GLU B 640 11.80 39.90 30.93
CA GLU B 640 10.78 38.85 31.20
C GLU B 640 9.38 39.49 31.26
N GLU B 641 9.29 40.75 31.67
CA GLU B 641 8.02 41.54 31.78
C GLU B 641 7.28 41.58 30.43
N ASN B 642 8.01 41.55 29.30
CA ASN B 642 7.43 41.65 27.93
C ASN B 642 7.53 40.30 27.20
N LYS B 643 7.58 39.19 27.94
CA LYS B 643 7.57 37.80 27.39
C LYS B 643 6.15 37.22 27.54
N VAL B 644 5.87 36.11 26.84
CA VAL B 644 4.52 35.50 26.72
C VAL B 644 4.00 35.11 28.11
N GLU B 645 4.81 34.44 28.93
CA GLU B 645 4.41 33.90 30.25
C GLU B 645 3.92 35.05 31.15
N ALA B 646 4.61 36.20 31.11
CA ALA B 646 4.26 37.42 31.88
C ALA B 646 2.93 37.99 31.37
N ILE B 647 2.82 38.19 30.05
CA ILE B 647 1.61 38.76 29.36
C ILE B 647 0.41 37.84 29.64
N THR B 648 0.63 36.52 29.58
CA THR B 648 -0.37 35.45 29.86
C THR B 648 -0.95 35.65 31.26
N MET B 649 -0.09 35.72 32.28
CA MET B 649 -0.46 35.89 33.71
C MET B 649 -1.26 37.20 33.89
N ARG B 650 -0.76 38.31 33.33
CA ARG B 650 -1.38 39.66 33.41
C ARG B 650 -2.77 39.62 32.75
N ALA B 651 -2.88 38.95 31.60
CA ALA B 651 -4.13 38.83 30.80
C ALA B 651 -5.17 38.01 31.58
N THR B 652 -4.76 36.84 32.10
CA THR B 652 -5.63 35.89 32.85
C THR B 652 -6.22 36.58 34.09
N ARG B 653 -5.39 37.34 34.81
CA ARG B 653 -5.80 38.11 36.03
C ARG B 653 -6.79 39.21 35.63
N ALA B 654 -6.49 39.94 34.55
CA ALA B 654 -7.30 41.08 34.03
C ALA B 654 -8.71 40.60 33.64
N PHE B 655 -8.80 39.43 33.00
CA PHE B 655 -10.07 38.86 32.45
C PHE B 655 -10.83 38.08 33.53
N SER B 656 -10.28 37.96 34.74
CA SER B 656 -10.93 37.32 35.91
C SER B 656 -12.24 38.04 36.26
N GLN B 657 -12.26 39.36 36.10
CA GLN B 657 -13.39 40.26 36.48
C GLN B 657 -14.58 40.06 35.52
N ILE B 658 -14.34 39.55 34.31
CA ILE B 658 -15.40 39.37 33.25
C ILE B 658 -16.50 38.47 33.82
N LYS B 659 -17.75 38.91 33.72
CA LYS B 659 -18.96 38.24 34.27
C LYS B 659 -19.60 37.35 33.20
N ASP B 660 -20.09 36.16 33.61
CA ASP B 660 -20.81 35.19 32.74
C ASP B 660 -19.95 34.85 31.52
N ALA B 661 -18.66 34.55 31.74
CA ALA B 661 -17.69 34.12 30.70
C ALA B 661 -16.40 33.66 31.37
N MET B 662 -15.90 32.48 30.97
CA MET B 662 -14.62 31.89 31.40
C MET B 662 -13.54 32.28 30.38
N VAL B 663 -12.68 33.25 30.73
CA VAL B 663 -11.66 33.85 29.83
C VAL B 663 -10.28 33.75 30.49
N PHE B 664 -9.30 33.17 29.79
CA PHE B 664 -7.89 33.03 30.25
C PHE B 664 -6.97 32.86 29.04
N ALA B 665 -5.75 33.42 29.15
CA ALA B 665 -4.66 33.28 28.15
C ALA B 665 -3.79 32.06 28.53
N PHE B 666 -3.09 31.49 27.55
CA PHE B 666 -2.15 30.36 27.74
C PHE B 666 -1.20 30.26 26.54
N ASN B 667 0.06 29.91 26.80
CA ASN B 667 1.14 29.75 25.78
C ASN B 667 0.82 28.52 24.93
N LEU B 668 1.43 28.43 23.74
CA LEU B 668 1.34 27.27 22.82
C LEU B 668 2.30 26.18 23.32
N PRO B 669 1.98 24.88 23.09
CA PRO B 669 2.96 23.81 23.34
C PRO B 669 4.20 23.99 22.44
N ALA B 670 5.37 23.58 22.93
CA ALA B 670 6.66 23.65 22.20
C ALA B 670 6.48 23.09 20.79
N ILE B 671 5.87 21.90 20.67
CA ILE B 671 5.49 21.24 19.39
C ILE B 671 3.96 21.28 19.27
N VAL B 672 3.44 22.05 18.33
CA VAL B 672 1.97 22.24 18.08
C VAL B 672 1.41 20.95 17.47
N GLU B 673 2.21 20.27 16.64
CA GLU B 673 1.89 18.94 16.02
C GLU B 673 1.46 17.94 17.10
N LEU B 674 2.12 17.95 18.26
CA LEU B 674 2.08 16.85 19.27
C LEU B 674 0.94 17.07 20.27
N GLY B 675 0.49 18.32 20.46
CA GLY B 675 -0.54 18.68 21.45
C GLY B 675 0.08 19.15 22.75
N THR B 676 -0.73 19.27 23.81
CA THR B 676 -0.32 19.81 25.15
C THR B 676 0.78 18.94 25.75
N ALA B 677 0.54 17.63 25.83
CA ALA B 677 1.51 16.60 26.28
C ALA B 677 2.02 16.90 27.70
N THR B 678 1.11 17.27 28.61
CA THR B 678 1.37 17.46 30.07
C THR B 678 0.15 16.97 30.85
N GLY B 679 0.31 15.91 31.67
CA GLY B 679 -0.77 15.27 32.42
C GLY B 679 -1.13 13.91 31.83
N PHE B 680 -2.41 13.54 31.88
CA PHE B 680 -2.94 12.26 31.36
C PHE B 680 -4.20 12.51 30.52
N ASP B 681 -4.57 11.53 29.69
CA ASP B 681 -5.71 11.57 28.74
C ASP B 681 -6.55 10.30 28.92
N PHE B 682 -7.67 10.41 29.64
CA PHE B 682 -8.52 9.28 30.10
C PHE B 682 -9.81 9.22 29.27
N GLU B 683 -10.25 8.01 28.92
CA GLU B 683 -11.49 7.74 28.16
C GLU B 683 -12.42 6.87 29.02
N LEU B 684 -13.56 7.42 29.46
CA LEU B 684 -14.65 6.68 30.14
C LEU B 684 -15.59 6.12 29.07
N ILE B 685 -15.79 4.80 29.04
CA ILE B 685 -16.44 4.07 27.92
C ILE B 685 -17.73 3.38 28.41
N ASP B 686 -18.80 3.49 27.63
CA ASP B 686 -20.09 2.76 27.80
C ASP B 686 -19.95 1.38 27.13
N GLN B 687 -19.80 0.33 27.93
CA GLN B 687 -19.42 -1.04 27.48
C GLN B 687 -20.65 -1.96 27.39
N ALA B 688 -21.85 -1.49 27.78
CA ALA B 688 -23.07 -2.33 27.89
C ALA B 688 -24.34 -1.51 27.58
N GLY B 689 -24.26 -0.59 26.61
CA GLY B 689 -25.40 0.20 26.11
C GLY B 689 -26.20 0.85 27.24
N LEU B 690 -25.52 1.46 28.20
CA LEU B 690 -26.12 2.17 29.37
C LEU B 690 -26.82 3.44 28.88
N GLY B 691 -26.21 4.15 27.92
CA GLY B 691 -26.75 5.39 27.34
C GLY B 691 -26.04 6.63 27.88
N HIS B 692 -26.28 7.78 27.25
CA HIS B 692 -25.59 9.08 27.51
C HIS B 692 -25.81 9.51 28.96
N GLU B 693 -27.07 9.49 29.43
CA GLU B 693 -27.48 9.98 30.77
C GLU B 693 -26.72 9.23 31.86
N LYS B 694 -26.64 7.90 31.76
CA LYS B 694 -26.00 7.01 32.76
C LYS B 694 -24.48 7.17 32.72
N LEU B 695 -23.91 7.41 31.54
CA LEU B 695 -22.44 7.64 31.35
C LEU B 695 -22.06 8.98 31.99
N THR B 696 -22.96 9.98 31.92
CA THR B 696 -22.80 11.31 32.57
C THR B 696 -22.74 11.14 34.09
N GLN B 697 -23.68 10.37 34.65
CA GLN B 697 -23.78 10.09 36.11
C GLN B 697 -22.51 9.37 36.58
N ALA B 698 -22.00 8.42 35.79
CA ALA B 698 -20.77 7.64 36.06
C ALA B 698 -19.54 8.55 35.96
N ARG B 699 -19.56 9.53 35.04
CA ARG B 699 -18.48 10.54 34.85
C ARG B 699 -18.43 11.45 36.09
N ASN B 700 -19.59 12.01 36.47
CA ASN B 700 -19.75 12.92 37.64
C ASN B 700 -19.23 12.22 38.90
N GLN B 701 -19.50 10.92 39.04
CA GLN B 701 -19.06 10.06 40.18
C GLN B 701 -17.52 10.00 40.22
N LEU B 702 -16.87 9.83 39.07
CA LEU B 702 -15.40 9.71 38.94
C LEU B 702 -14.74 11.06 39.24
N LEU B 703 -15.28 12.15 38.67
CA LEU B 703 -14.78 13.54 38.84
C LEU B 703 -14.86 13.94 40.32
N ALA B 704 -15.97 13.58 40.98
CA ALA B 704 -16.24 13.84 42.42
C ALA B 704 -15.20 13.11 43.29
N GLU B 705 -14.93 11.83 42.97
CA GLU B 705 -13.98 10.96 43.71
C GLU B 705 -12.54 11.46 43.49
N ALA B 706 -12.23 11.92 42.28
CA ALA B 706 -10.91 12.49 41.90
C ALA B 706 -10.66 13.78 42.68
N ALA B 707 -11.70 14.57 42.93
CA ALA B 707 -11.66 15.87 43.64
C ALA B 707 -11.35 15.67 45.13
N LYS B 708 -11.56 14.46 45.66
CA LYS B 708 -11.28 14.09 47.07
C LYS B 708 -9.77 13.83 47.26
N HIS B 709 -8.98 13.80 46.17
CA HIS B 709 -7.52 13.53 46.19
C HIS B 709 -6.75 14.67 45.52
N PRO B 710 -6.69 15.89 46.14
CA PRO B 710 -5.88 16.98 45.59
C PRO B 710 -4.37 16.68 45.66
N ASP B 711 -3.97 15.83 46.60
CA ASP B 711 -2.55 15.46 46.88
C ASP B 711 -1.97 14.60 45.75
N MET B 712 -2.83 13.94 44.95
CA MET B 712 -2.40 13.03 43.85
C MET B 712 -2.87 13.58 42.49
N LEU B 713 -4.14 13.99 42.38
CA LEU B 713 -4.77 14.46 41.11
C LEU B 713 -5.07 15.96 41.19
N THR B 714 -4.91 16.67 40.08
CA THR B 714 -5.17 18.14 39.96
C THR B 714 -5.88 18.42 38.62
N SER B 715 -6.88 19.32 38.64
CA SER B 715 -7.66 19.81 37.47
C SER B 715 -8.17 18.63 36.63
N VAL B 716 -8.77 17.63 37.30
CA VAL B 716 -9.45 16.48 36.63
C VAL B 716 -10.83 16.98 36.18
N ARG B 717 -11.03 17.11 34.87
CA ARG B 717 -12.21 17.78 34.25
C ARG B 717 -12.59 17.06 32.96
N PRO B 718 -13.87 17.18 32.52
CA PRO B 718 -14.27 16.68 31.20
C PRO B 718 -13.72 17.58 30.08
N ASN B 719 -13.25 16.98 28.98
CA ASN B 719 -12.75 17.70 27.78
C ASN B 719 -13.94 18.20 26.95
N GLY B 720 -15.06 17.47 26.98
CA GLY B 720 -16.25 17.73 26.15
C GLY B 720 -17.15 18.80 26.74
N LEU B 721 -18.38 18.91 26.20
CA LEU B 721 -19.40 19.93 26.58
C LEU B 721 -20.49 19.27 27.43
N GLU B 722 -21.21 20.10 28.21
CA GLU B 722 -22.33 19.68 29.08
C GLU B 722 -23.64 19.71 28.29
N ASP B 723 -24.65 18.94 28.74
CA ASP B 723 -26.02 18.93 28.17
C ASP B 723 -26.61 20.34 28.26
N THR B 724 -27.40 20.73 27.25
CA THR B 724 -28.00 22.08 27.11
C THR B 724 -29.49 21.96 26.82
N PRO B 725 -30.31 22.97 27.17
CA PRO B 725 -31.72 22.97 26.78
C PRO B 725 -31.89 22.92 25.27
N GLN B 726 -32.78 22.05 24.77
CA GLN B 726 -33.10 21.90 23.32
C GLN B 726 -34.62 21.81 23.15
N PHE B 727 -35.11 22.29 22.00
CA PHE B 727 -36.55 22.48 21.68
C PHE B 727 -37.08 21.23 20.96
N LYS B 728 -37.67 20.30 21.73
CA LYS B 728 -38.26 19.04 21.21
C LYS B 728 -39.66 19.32 20.65
N ILE B 729 -39.84 19.18 19.34
CA ILE B 729 -41.14 19.38 18.63
C ILE B 729 -41.63 18.02 18.12
N ASP B 730 -42.82 17.60 18.56
CA ASP B 730 -43.50 16.33 18.15
C ASP B 730 -44.50 16.66 17.04
N ILE B 731 -44.34 16.04 15.87
CA ILE B 731 -45.31 16.12 14.73
C ILE B 731 -46.39 15.06 14.97
N ASP B 732 -47.64 15.49 15.16
CA ASP B 732 -48.81 14.57 15.35
C ASP B 732 -49.17 13.95 14.00
N GLN B 733 -48.91 12.65 13.84
CA GLN B 733 -49.07 11.89 12.58
C GLN B 733 -50.55 11.88 12.16
N GLU B 734 -51.45 11.63 13.12
CA GLU B 734 -52.92 11.50 12.89
C GLU B 734 -53.48 12.81 12.35
N LYS B 735 -53.15 13.95 12.98
CA LYS B 735 -53.63 15.30 12.60
C LYS B 735 -53.13 15.64 11.19
N ALA B 736 -51.89 15.30 10.87
CA ALA B 736 -51.25 15.52 9.54
C ALA B 736 -52.00 14.74 8.47
N GLN B 737 -52.27 13.46 8.72
CA GLN B 737 -53.01 12.55 7.81
C GLN B 737 -54.47 13.01 7.69
N ALA B 738 -55.07 13.46 8.79
CA ALA B 738 -56.47 13.95 8.88
C ALA B 738 -56.64 15.20 8.00
N LEU B 739 -55.67 16.12 8.04
CA LEU B 739 -55.70 17.40 7.29
C LEU B 739 -55.15 17.22 5.88
N GLY B 740 -54.61 16.03 5.55
CA GLY B 740 -54.07 15.70 4.22
C GLY B 740 -52.74 16.39 3.96
N VAL B 741 -51.91 16.53 4.99
CA VAL B 741 -50.54 17.14 4.93
C VAL B 741 -49.53 16.00 5.04
N SER B 742 -48.67 15.83 4.03
CA SER B 742 -47.62 14.78 3.99
C SER B 742 -46.50 15.14 4.98
N ILE B 743 -45.85 14.12 5.53
CA ILE B 743 -44.79 14.26 6.57
C ILE B 743 -43.51 14.81 5.92
N ASN B 744 -43.21 14.39 4.69
CA ASN B 744 -42.05 14.85 3.90
C ASN B 744 -42.11 16.38 3.74
N ASP B 745 -43.30 16.91 3.41
CA ASP B 745 -43.54 18.36 3.25
C ASP B 745 -43.30 19.08 4.59
N ILE B 746 -43.81 18.52 5.69
CA ILE B 746 -43.66 19.07 7.07
C ILE B 746 -42.18 19.13 7.43
N ASN B 747 -41.47 18.01 7.31
CA ASN B 747 -40.05 17.85 7.75
C ASN B 747 -39.12 18.59 6.80
N THR B 748 -39.48 18.74 5.53
CA THR B 748 -38.72 19.54 4.53
C THR B 748 -38.89 21.03 4.87
N THR B 749 -40.12 21.49 5.10
CA THR B 749 -40.47 22.89 5.45
C THR B 749 -39.68 23.32 6.70
N LEU B 750 -39.72 22.51 7.76
CA LEU B 750 -39.02 22.77 9.05
C LEU B 750 -37.51 22.80 8.81
N GLY B 751 -36.95 21.73 8.26
CA GLY B 751 -35.50 21.54 8.03
C GLY B 751 -34.92 22.63 7.16
N ALA B 752 -35.55 22.92 6.01
CA ALA B 752 -35.10 23.90 5.00
C ALA B 752 -35.10 25.31 5.62
N ALA B 753 -36.22 25.71 6.22
CA ALA B 753 -36.43 27.06 6.80
C ALA B 753 -35.45 27.27 7.97
N TRP B 754 -35.53 26.43 9.00
CA TRP B 754 -34.84 26.62 10.31
C TRP B 754 -33.38 26.16 10.23
N GLY B 755 -33.10 25.04 9.56
CA GLY B 755 -31.77 24.41 9.49
C GLY B 755 -30.98 24.83 8.26
N GLY B 756 -31.67 25.14 7.16
CA GLY B 756 -31.05 25.38 5.84
C GLY B 756 -31.01 24.10 5.03
N SER B 757 -30.99 24.21 3.71
CA SER B 757 -30.99 23.07 2.75
C SER B 757 -30.11 23.38 1.55
N TYR B 758 -29.09 22.54 1.31
CA TYR B 758 -28.20 22.56 0.12
C TYR B 758 -28.95 21.94 -1.06
N VAL B 759 -29.47 22.79 -1.96
CA VAL B 759 -30.36 22.40 -3.09
C VAL B 759 -29.51 21.81 -4.22
N ASN B 760 -28.68 22.64 -4.86
CA ASN B 760 -27.83 22.26 -6.02
C ASN B 760 -26.74 23.31 -6.23
N ASP B 761 -25.96 23.20 -7.31
CA ASP B 761 -24.79 24.07 -7.62
C ASP B 761 -25.15 25.05 -8.74
N PHE B 762 -24.52 26.23 -8.72
CA PHE B 762 -24.55 27.27 -9.79
C PHE B 762 -23.10 27.68 -10.08
N ILE B 763 -22.88 28.42 -11.16
CA ILE B 763 -21.51 28.81 -11.64
C ILE B 763 -21.37 30.34 -11.55
N ASP B 764 -20.58 30.81 -10.58
CA ASP B 764 -20.32 32.25 -10.29
C ASP B 764 -18.97 32.63 -10.87
N ARG B 765 -18.96 33.40 -11.97
CA ARG B 765 -17.74 33.90 -12.67
C ARG B 765 -16.81 32.70 -12.97
N GLY B 766 -17.37 31.62 -13.52
CA GLY B 766 -16.63 30.44 -14.03
C GLY B 766 -16.17 29.50 -12.92
N ARG B 767 -16.79 29.57 -11.73
CA ARG B 767 -16.46 28.69 -10.58
C ARG B 767 -17.76 28.11 -9.99
N VAL B 768 -17.84 26.78 -9.89
CA VAL B 768 -19.02 26.06 -9.32
C VAL B 768 -19.11 26.38 -7.82
N LYS B 769 -20.30 26.80 -7.37
CA LYS B 769 -20.59 27.19 -5.96
C LYS B 769 -21.99 26.70 -5.59
N LYS B 770 -22.27 26.58 -4.29
CA LYS B 770 -23.51 25.95 -3.74
C LYS B 770 -24.66 26.94 -3.74
N VAL B 771 -25.90 26.44 -3.82
CA VAL B 771 -27.17 27.20 -3.63
C VAL B 771 -27.82 26.70 -2.33
N TYR B 772 -28.06 27.61 -1.37
CA TYR B 772 -28.67 27.32 -0.05
C TYR B 772 -30.01 28.06 0.06
N VAL B 773 -31.09 27.33 0.34
CA VAL B 773 -32.41 27.89 0.76
C VAL B 773 -32.49 27.80 2.29
N MET B 774 -32.95 28.86 2.93
CA MET B 774 -33.08 28.98 4.41
C MET B 774 -34.00 30.16 4.74
N SER B 775 -34.60 30.15 5.93
CA SER B 775 -35.44 31.27 6.45
C SER B 775 -34.56 32.50 6.67
N GLU B 776 -35.06 33.68 6.32
CA GLU B 776 -34.48 34.98 6.74
C GLU B 776 -34.47 35.00 8.28
N ALA B 777 -33.37 35.48 8.87
CA ALA B 777 -33.07 35.43 10.32
C ALA B 777 -34.34 35.60 11.17
N LYS B 778 -35.11 36.67 10.92
CA LYS B 778 -36.18 37.18 11.83
C LYS B 778 -37.38 36.22 11.90
N TYR B 779 -37.42 35.15 11.09
CA TYR B 779 -38.56 34.20 11.03
C TYR B 779 -38.15 32.81 11.57
N ARG B 780 -36.94 32.66 12.14
CA ARG B 780 -36.45 31.37 12.67
C ARG B 780 -35.63 31.61 13.96
N MET B 781 -36.09 32.51 14.84
CA MET B 781 -35.37 32.91 16.07
C MET B 781 -36.00 32.23 17.30
N LEU B 782 -37.30 32.40 17.50
CA LEU B 782 -38.00 32.01 18.77
C LEU B 782 -39.12 31.02 18.46
N PRO B 783 -39.56 30.21 19.47
CA PRO B 783 -40.63 29.22 19.27
C PRO B 783 -41.94 29.72 18.67
N ASP B 784 -42.29 31.00 18.91
CA ASP B 784 -43.53 31.64 18.36
C ASP B 784 -43.46 31.71 16.83
N ASP B 785 -42.25 31.75 16.26
CA ASP B 785 -42.01 31.83 14.79
C ASP B 785 -42.42 30.52 14.11
N ILE B 786 -42.39 29.40 14.84
CA ILE B 786 -42.77 28.04 14.34
C ILE B 786 -44.17 28.11 13.72
N GLY B 787 -45.10 28.81 14.36
CA GLY B 787 -46.53 28.89 13.97
C GLY B 787 -46.77 29.77 12.75
N ASP B 788 -45.76 30.54 12.31
CA ASP B 788 -45.86 31.45 11.15
C ASP B 788 -45.55 30.69 9.85
N TRP B 789 -45.06 29.45 9.95
CA TRP B 789 -44.73 28.57 8.79
C TRP B 789 -45.93 27.68 8.43
N TYR B 790 -46.37 27.74 7.18
CA TYR B 790 -47.55 27.02 6.64
C TYR B 790 -47.09 25.96 5.64
N VAL B 791 -47.75 24.80 5.66
CA VAL B 791 -47.56 23.66 4.70
C VAL B 791 -48.89 23.46 3.94
N ARG B 792 -48.82 23.23 2.63
CA ARG B 792 -50.03 23.02 1.78
C ARG B 792 -50.47 21.56 1.87
N ALA B 793 -51.76 21.33 2.15
CA ALA B 793 -52.40 20.01 2.20
C ALA B 793 -52.76 19.56 0.77
N ALA B 794 -53.20 18.32 0.62
CA ALA B 794 -53.62 17.70 -0.67
C ALA B 794 -54.77 18.51 -1.28
N ASP B 795 -55.67 19.04 -0.45
CA ASP B 795 -56.89 19.78 -0.89
C ASP B 795 -56.54 21.24 -1.23
N GLY B 796 -55.29 21.67 -0.99
CA GLY B 796 -54.77 22.98 -1.41
C GLY B 796 -54.84 24.03 -0.31
N GLN B 797 -55.39 23.68 0.87
CA GLN B 797 -55.49 24.58 2.04
C GLN B 797 -54.13 24.70 2.72
N MET B 798 -53.76 25.90 3.17
CA MET B 798 -52.50 26.18 3.90
C MET B 798 -52.73 25.97 5.40
N VAL B 799 -52.05 24.99 5.98
CA VAL B 799 -52.18 24.57 7.42
C VAL B 799 -50.98 25.11 8.19
N PRO B 800 -51.20 25.86 9.30
CA PRO B 800 -50.09 26.35 10.12
C PRO B 800 -49.40 25.20 10.88
N PHE B 801 -48.13 25.37 11.24
CA PHE B 801 -47.28 24.32 11.85
C PHE B 801 -47.84 23.97 13.25
N SER B 802 -48.45 24.94 13.92
CA SER B 802 -49.05 24.82 15.28
C SER B 802 -50.24 23.85 15.28
N ALA B 803 -50.91 23.68 14.14
CA ALA B 803 -52.15 22.88 13.99
C ALA B 803 -51.87 21.39 14.19
N PHE B 804 -50.67 20.91 13.84
CA PHE B 804 -50.29 19.47 13.81
C PHE B 804 -48.98 19.21 14.58
N SER B 805 -48.58 20.13 15.47
CA SER B 805 -47.32 20.02 16.26
C SER B 805 -47.55 20.45 17.73
N SER B 806 -46.79 19.83 18.64
CA SER B 806 -46.66 20.20 20.07
C SER B 806 -45.17 20.27 20.43
N SER B 807 -44.79 21.14 21.38
CA SER B 807 -43.38 21.40 21.75
C SER B 807 -43.20 21.44 23.27
N ARG B 808 -42.04 20.99 23.75
CA ARG B 808 -41.61 21.05 25.18
C ARG B 808 -40.09 21.18 25.23
N TRP B 809 -39.56 21.72 26.33
CA TRP B 809 -38.10 21.80 26.61
C TRP B 809 -37.62 20.46 27.18
N GLU B 810 -36.46 19.99 26.72
CA GLU B 810 -35.72 18.83 27.30
C GLU B 810 -34.23 19.17 27.28
N TYR B 811 -33.39 18.31 27.86
CA TYR B 811 -31.90 18.42 27.82
C TYR B 811 -31.35 17.34 26.89
N GLY B 812 -30.26 17.68 26.19
CA GLY B 812 -29.53 16.77 25.27
C GLY B 812 -28.11 17.25 25.05
N SER B 813 -27.25 16.39 24.50
CA SER B 813 -25.81 16.65 24.29
C SER B 813 -25.61 17.53 23.06
N PRO B 814 -24.87 18.66 23.15
CA PRO B 814 -24.48 19.42 21.97
C PRO B 814 -23.20 18.89 21.32
N ARG B 815 -22.60 17.84 21.91
CA ARG B 815 -21.36 17.19 21.41
C ARG B 815 -21.23 15.79 22.06
N LEU B 816 -21.54 14.74 21.31
CA LEU B 816 -21.45 13.31 21.75
C LEU B 816 -20.12 12.73 21.30
N GLU B 817 -19.38 12.09 22.22
CA GLU B 817 -18.05 11.49 21.97
C GLU B 817 -18.18 9.97 21.87
N ARG B 818 -17.31 9.33 21.08
CA ARG B 818 -17.21 7.86 20.95
C ARG B 818 -15.73 7.47 20.86
N TYR B 819 -15.36 6.34 21.47
CA TYR B 819 -13.97 5.79 21.47
C TYR B 819 -14.02 4.29 21.15
N ASN B 820 -13.36 3.91 20.05
CA ASN B 820 -13.32 2.52 19.51
C ASN B 820 -14.74 2.00 19.28
N GLY B 821 -15.63 2.87 18.75
CA GLY B 821 -16.98 2.50 18.29
C GLY B 821 -18.04 2.55 19.38
N LEU B 822 -17.64 2.79 20.64
CA LEU B 822 -18.54 2.79 21.82
C LEU B 822 -18.70 4.21 22.35
N PRO B 823 -19.89 4.59 22.91
CA PRO B 823 -20.06 5.90 23.51
C PRO B 823 -19.03 6.13 24.62
N SER B 824 -18.40 7.31 24.64
CA SER B 824 -17.27 7.65 25.54
C SER B 824 -17.38 9.11 26.01
N MET B 825 -16.56 9.47 27.00
CA MET B 825 -16.38 10.87 27.49
C MET B 825 -14.91 11.04 27.91
N GLU B 826 -14.19 11.94 27.23
CA GLU B 826 -12.75 12.20 27.44
C GLU B 826 -12.58 13.05 28.70
N ILE B 827 -11.69 12.61 29.60
CA ILE B 827 -11.37 13.30 30.89
C ILE B 827 -9.87 13.65 30.89
N LEU B 828 -9.53 14.93 31.02
CA LEU B 828 -8.14 15.43 31.12
C LEU B 828 -7.81 15.69 32.60
N GLY B 829 -6.53 15.61 32.94
CA GLY B 829 -6.00 15.83 34.30
C GLY B 829 -4.48 15.65 34.33
N GLN B 830 -3.86 15.95 35.47
CA GLN B 830 -2.38 15.87 35.64
C GLN B 830 -2.06 15.53 37.10
N ALA B 831 -0.85 15.00 37.33
CA ALA B 831 -0.33 14.65 38.67
C ALA B 831 -0.10 15.92 39.48
N ALA B 832 -0.47 15.90 40.76
CA ALA B 832 -0.32 17.01 41.73
C ALA B 832 1.17 17.34 41.90
N PRO B 833 1.53 18.53 42.39
CA PRO B 833 2.94 18.91 42.58
C PRO B 833 3.71 17.84 43.40
N GLY B 834 4.83 17.36 42.85
CA GLY B 834 5.70 16.35 43.49
C GLY B 834 5.43 14.95 42.96
N LYS B 835 4.16 14.61 42.71
CA LYS B 835 3.72 13.26 42.27
C LYS B 835 3.96 13.12 40.76
N SER B 836 4.30 11.91 40.31
CA SER B 836 4.51 11.54 38.89
C SER B 836 3.16 11.21 38.23
N THR B 837 3.11 11.23 36.90
CA THR B 837 1.88 10.96 36.10
C THR B 837 1.49 9.47 36.26
N GLY B 838 2.48 8.58 36.27
CA GLY B 838 2.30 7.13 36.46
C GLY B 838 1.50 6.82 37.71
N GLU B 839 1.81 7.50 38.82
CA GLU B 839 1.09 7.36 40.12
C GLU B 839 -0.35 7.86 39.97
N ALA B 840 -0.54 9.03 39.34
CA ALA B 840 -1.86 9.68 39.12
C ALA B 840 -2.75 8.77 38.27
N MET B 841 -2.18 8.09 37.27
CA MET B 841 -2.90 7.14 36.38
C MET B 841 -3.40 5.95 37.20
N GLU B 842 -2.55 5.41 38.09
CA GLU B 842 -2.85 4.21 38.92
C GLU B 842 -4.06 4.49 39.82
N LEU B 843 -4.18 5.71 40.35
CA LEU B 843 -5.33 6.13 41.20
C LEU B 843 -6.60 6.22 40.34
N MET B 844 -6.51 6.86 39.16
CA MET B 844 -7.65 6.99 38.20
C MET B 844 -8.18 5.60 37.85
N GLU B 845 -7.29 4.62 37.64
CA GLU B 845 -7.64 3.19 37.39
C GLU B 845 -8.37 2.62 38.61
N GLN B 846 -7.84 2.85 39.81
CA GLN B 846 -8.43 2.39 41.10
C GLN B 846 -9.85 2.98 41.25
N LEU B 847 -10.00 4.29 41.01
CA LEU B 847 -11.29 5.02 41.13
C LEU B 847 -12.28 4.51 40.06
N ALA B 848 -11.79 4.22 38.85
CA ALA B 848 -12.58 3.77 37.69
C ALA B 848 -13.22 2.40 37.96
N SER B 849 -12.53 1.53 38.71
CA SER B 849 -12.95 0.14 39.02
C SER B 849 -14.13 0.13 40.01
N LYS B 850 -14.44 1.26 40.64
CA LYS B 850 -15.54 1.40 41.64
C LYS B 850 -16.76 2.10 41.01
N LEU B 851 -16.81 2.20 39.68
CA LEU B 851 -17.92 2.85 38.93
C LEU B 851 -19.00 1.83 38.62
N PRO B 852 -20.25 2.25 38.29
CA PRO B 852 -21.35 1.33 38.02
C PRO B 852 -21.05 0.26 36.95
N THR B 853 -21.79 -0.85 37.00
CA THR B 853 -21.68 -2.02 36.09
C THR B 853 -21.78 -1.55 34.63
N GLY B 854 -20.87 -2.04 33.77
CA GLY B 854 -20.89 -1.80 32.31
C GLY B 854 -20.21 -0.50 31.92
N VAL B 855 -19.50 0.15 32.85
CA VAL B 855 -18.70 1.38 32.60
C VAL B 855 -17.22 1.00 32.65
N GLY B 856 -16.56 0.96 31.49
CA GLY B 856 -15.13 0.65 31.34
C GLY B 856 -14.32 1.93 31.17
N TYR B 857 -13.01 1.78 30.90
CA TYR B 857 -12.08 2.92 30.66
C TYR B 857 -10.92 2.47 29.76
N ASP B 858 -10.14 3.44 29.29
CA ASP B 858 -8.90 3.19 28.49
C ASP B 858 -8.06 4.46 28.47
N TRP B 859 -6.76 4.33 28.18
CA TRP B 859 -5.79 5.44 28.04
C TRP B 859 -5.52 5.71 26.56
N THR B 860 -5.53 7.00 26.16
CA THR B 860 -5.35 7.46 24.76
C THR B 860 -4.26 8.54 24.72
N GLY B 861 -3.87 8.95 23.51
CA GLY B 861 -2.92 10.05 23.25
C GLY B 861 -1.63 9.91 24.03
N MET B 862 -1.24 10.97 24.75
CA MET B 862 0.02 11.06 25.56
C MET B 862 0.11 9.90 26.56
N SER B 863 -1.02 9.50 27.16
CA SER B 863 -1.11 8.45 28.20
C SER B 863 -0.76 7.08 27.58
N TYR B 864 -1.40 6.74 26.46
CA TYR B 864 -1.15 5.52 25.65
C TYR B 864 0.34 5.45 25.29
N GLN B 865 0.92 6.60 24.90
CA GLN B 865 2.34 6.75 24.47
C GLN B 865 3.27 6.52 25.67
N GLU B 866 2.94 7.11 26.83
CA GLU B 866 3.75 7.03 28.07
C GLU B 866 3.86 5.58 28.55
N ARG B 867 2.73 4.87 28.63
CA ARG B 867 2.64 3.50 29.19
C ARG B 867 3.55 2.54 28.40
N LEU B 868 3.55 2.64 27.07
CA LEU B 868 4.37 1.77 26.17
C LEU B 868 5.84 2.20 26.23
N SER B 869 6.12 3.51 26.24
CA SER B 869 7.48 4.09 26.36
C SER B 869 8.10 3.71 27.71
N GLY B 870 7.32 3.77 28.79
CA GLY B 870 7.73 3.40 30.16
C GLY B 870 8.10 1.93 30.27
N ASN B 871 7.45 1.07 29.50
CA ASN B 871 7.65 -0.41 29.49
C ASN B 871 8.96 -0.77 28.77
N GLN B 872 9.45 0.12 27.89
CA GLN B 872 10.68 -0.09 27.08
C GLN B 872 11.92 0.35 27.87
N ALA B 873 11.79 1.38 28.71
CA ALA B 873 12.92 2.10 29.37
C ALA B 873 13.84 1.13 30.10
N PRO B 874 13.34 0.23 30.99
CA PRO B 874 14.21 -0.64 31.78
C PRO B 874 15.18 -1.48 30.93
N SER B 875 14.66 -2.13 29.89
CA SER B 875 15.40 -3.06 28.99
C SER B 875 16.44 -2.29 28.17
N LEU B 876 16.16 -1.02 27.83
CA LEU B 876 17.09 -0.16 27.03
C LEU B 876 18.24 0.34 27.91
N TYR B 877 17.94 0.70 29.17
CA TYR B 877 18.96 1.07 30.20
C TYR B 877 19.89 -0.11 30.45
N ALA B 878 19.33 -1.32 30.54
CA ALA B 878 20.05 -2.59 30.80
C ALA B 878 21.03 -2.87 29.64
N ILE B 879 20.52 -2.89 28.41
CA ILE B 879 21.31 -3.11 27.16
C ILE B 879 22.45 -2.09 27.10
N SER B 880 22.16 -0.82 27.41
CA SER B 880 23.12 0.31 27.39
C SER B 880 24.29 0.01 28.34
N LEU B 881 24.00 -0.26 29.61
CA LEU B 881 25.01 -0.53 30.67
C LEU B 881 25.82 -1.78 30.33
N ILE B 882 25.15 -2.84 29.86
CA ILE B 882 25.78 -4.16 29.55
C ILE B 882 26.84 -3.98 28.45
N VAL B 883 26.50 -3.32 27.35
CA VAL B 883 27.38 -3.15 26.16
C VAL B 883 28.54 -2.21 26.51
N VAL B 884 28.27 -1.14 27.27
CA VAL B 884 29.30 -0.20 27.80
C VAL B 884 30.36 -1.01 28.55
N PHE B 885 29.93 -1.87 29.47
CA PHE B 885 30.79 -2.76 30.30
C PHE B 885 31.59 -3.71 29.41
N LEU B 886 30.93 -4.33 28.43
CA LEU B 886 31.53 -5.35 27.52
C LEU B 886 32.63 -4.71 26.67
N CYS B 887 32.40 -3.50 26.15
CA CYS B 887 33.35 -2.73 25.31
C CYS B 887 34.60 -2.37 26.12
N LEU B 888 34.41 -1.86 27.34
CA LEU B 888 35.50 -1.47 28.28
C LEU B 888 36.30 -2.72 28.69
N ALA B 889 35.59 -3.84 28.93
CA ALA B 889 36.19 -5.14 29.33
C ALA B 889 37.14 -5.64 28.25
N ALA B 890 36.77 -5.46 26.97
CA ALA B 890 37.58 -5.84 25.78
C ALA B 890 38.78 -4.89 25.65
N LEU B 891 38.55 -3.59 25.85
CA LEU B 891 39.58 -2.51 25.73
C LEU B 891 40.73 -2.77 26.72
N TYR B 892 40.39 -3.01 27.99
CA TYR B 892 41.36 -3.13 29.12
C TYR B 892 41.74 -4.59 29.37
N GLU B 893 41.03 -5.55 28.77
CA GLU B 893 41.29 -7.01 28.91
C GLU B 893 41.18 -7.38 30.40
N SER B 894 40.07 -7.01 31.05
CA SER B 894 39.74 -7.36 32.46
C SER B 894 38.25 -7.10 32.74
N TRP B 895 37.66 -7.87 33.65
CA TRP B 895 36.23 -7.75 34.07
C TRP B 895 36.09 -6.69 35.17
N SER B 896 37.18 -6.32 35.84
CA SER B 896 37.21 -5.45 37.05
C SER B 896 37.43 -3.98 36.68
N ILE B 897 38.44 -3.70 35.85
CA ILE B 897 38.91 -2.32 35.52
C ILE B 897 37.77 -1.49 34.91
N PRO B 898 36.89 -2.07 34.05
CA PRO B 898 35.74 -1.32 33.52
C PRO B 898 34.95 -0.52 34.56
N PHE B 899 34.84 -1.02 35.80
CA PHE B 899 34.12 -0.38 36.93
C PHE B 899 34.76 0.97 37.26
N SER B 900 36.09 1.08 37.13
CA SER B 900 36.87 2.32 37.43
C SER B 900 36.41 3.46 36.51
N VAL B 901 36.00 3.15 35.28
CA VAL B 901 35.49 4.13 34.27
C VAL B 901 34.03 4.45 34.57
N MET B 902 33.21 3.41 34.80
CA MET B 902 31.72 3.52 34.92
C MET B 902 31.32 4.26 36.21
N LEU B 903 32.26 4.43 37.16
CA LEU B 903 32.00 5.09 38.47
C LEU B 903 31.99 6.62 38.32
N VAL B 904 32.33 7.17 37.15
CA VAL B 904 32.38 8.65 36.91
C VAL B 904 30.96 9.18 36.68
N VAL B 905 30.03 8.33 36.24
CA VAL B 905 28.65 8.72 35.80
C VAL B 905 28.07 9.75 36.76
N PRO B 906 28.02 9.50 38.09
CA PRO B 906 27.43 10.46 39.03
C PRO B 906 28.16 11.82 39.15
N LEU B 907 29.45 11.88 38.84
CA LEU B 907 30.30 13.10 39.00
C LEU B 907 29.78 14.22 38.08
N GLY B 908 29.30 13.86 36.88
CA GLY B 908 28.74 14.80 35.89
C GLY B 908 27.27 15.07 36.14
N VAL B 909 26.51 14.05 36.53
CA VAL B 909 25.02 14.11 36.69
C VAL B 909 24.67 15.07 37.84
N ILE B 910 25.44 15.04 38.93
CA ILE B 910 25.20 15.89 40.14
C ILE B 910 25.25 17.37 39.76
N GLY B 911 26.22 17.76 38.91
CA GLY B 911 26.44 19.15 38.47
C GLY B 911 25.29 19.65 37.61
N ALA B 912 24.80 18.81 36.69
CA ALA B 912 23.64 19.08 35.81
C ALA B 912 22.39 19.33 36.67
N LEU B 913 22.16 18.46 37.66
CA LEU B 913 20.98 18.51 38.57
C LEU B 913 21.05 19.77 39.45
N LEU B 914 22.24 20.08 40.00
CA LEU B 914 22.48 21.29 40.83
C LEU B 914 22.14 22.55 40.03
N ALA B 915 22.62 22.63 38.79
CA ALA B 915 22.42 23.77 37.86
C ALA B 915 20.93 23.88 37.47
N ALA B 916 20.29 22.74 37.22
CA ALA B 916 18.86 22.64 36.80
C ALA B 916 17.94 23.03 37.95
N THR B 917 18.23 22.55 39.17
CA THR B 917 17.45 22.81 40.41
C THR B 917 17.59 24.28 40.82
N PHE B 918 18.78 24.86 40.63
CA PHE B 918 19.10 26.27 41.02
C PHE B 918 18.38 27.24 40.09
N ARG B 919 18.53 27.06 38.77
CA ARG B 919 17.98 27.97 37.73
C ARG B 919 16.45 27.80 37.61
N GLY B 920 15.91 26.71 38.17
CA GLY B 920 14.46 26.43 38.19
C GLY B 920 13.97 25.86 36.87
N LEU B 921 14.80 25.05 36.21
CA LEU B 921 14.44 24.31 34.96
C LEU B 921 13.89 22.94 35.35
N THR B 922 13.56 22.10 34.36
CA THR B 922 12.91 20.78 34.52
C THR B 922 13.78 19.68 33.91
N ASN B 923 13.55 18.43 34.30
CA ASN B 923 14.14 17.21 33.69
C ASN B 923 13.47 16.97 32.33
N ASP B 924 13.89 17.72 31.31
CA ASP B 924 13.29 17.71 29.94
C ASP B 924 14.23 16.95 28.98
N VAL B 925 13.80 16.76 27.73
CA VAL B 925 14.52 16.02 26.66
C VAL B 925 15.92 16.63 26.48
N TYR B 926 16.01 17.96 26.36
CA TYR B 926 17.27 18.71 26.12
C TYR B 926 18.25 18.47 27.28
N PHE B 927 17.74 18.43 28.51
CA PHE B 927 18.52 18.17 29.76
C PHE B 927 19.01 16.71 29.75
N GLN B 928 18.12 15.78 29.38
CA GLN B 928 18.39 14.31 29.38
C GLN B 928 19.50 13.97 28.37
N VAL B 929 19.45 14.54 27.17
CA VAL B 929 20.48 14.36 26.11
C VAL B 929 21.78 15.02 26.57
N GLY B 930 21.67 16.14 27.31
CA GLY B 930 22.80 16.87 27.91
C GLY B 930 23.57 16.00 28.89
N LEU B 931 22.87 15.26 29.75
CA LEU B 931 23.45 14.31 30.74
C LEU B 931 24.30 13.27 30.01
N LEU B 932 23.78 12.69 28.93
CA LEU B 932 24.41 11.58 28.17
C LEU B 932 25.73 12.06 27.55
N THR B 933 25.77 13.29 27.01
CA THR B 933 26.98 13.92 26.41
C THR B 933 27.96 14.30 27.53
N THR B 934 27.46 14.80 28.66
CA THR B 934 28.24 15.11 29.89
C THR B 934 28.86 13.82 30.42
N ILE B 935 28.04 12.80 30.64
CA ILE B 935 28.46 11.41 31.05
C ILE B 935 29.48 10.89 30.03
N GLY B 936 29.20 11.11 28.74
CA GLY B 936 30.02 10.63 27.60
C GLY B 936 31.46 11.15 27.66
N LEU B 937 31.64 12.46 27.87
CA LEU B 937 32.97 13.14 27.85
C LEU B 937 33.72 12.86 29.16
N SER B 938 33.00 12.79 30.29
CA SER B 938 33.57 12.42 31.62
C SER B 938 34.12 10.99 31.56
N ALA B 939 33.35 10.07 30.96
CA ALA B 939 33.74 8.66 30.72
C ALA B 939 34.99 8.62 29.84
N LYS B 940 35.04 9.48 28.82
CA LYS B 940 36.17 9.57 27.85
C LYS B 940 37.45 10.00 28.57
N ASN B 941 37.36 11.05 29.40
CA ASN B 941 38.48 11.56 30.23
C ASN B 941 39.07 10.43 31.07
N ALA B 942 38.20 9.68 31.77
CA ALA B 942 38.56 8.56 32.67
C ALA B 942 39.15 7.39 31.87
N ILE B 943 38.57 7.09 30.70
CA ILE B 943 38.99 5.95 29.82
C ILE B 943 40.47 6.09 29.47
N LEU B 944 40.92 7.31 29.15
CA LEU B 944 42.31 7.60 28.72
C LEU B 944 43.25 7.57 29.93
N ILE B 945 42.82 8.08 31.09
CA ILE B 945 43.59 8.04 32.37
C ILE B 945 43.86 6.57 32.74
N VAL B 946 42.82 5.74 32.71
CA VAL B 946 42.87 4.29 33.07
C VAL B 946 43.74 3.56 32.04
N GLU B 947 43.58 3.87 30.76
CA GLU B 947 44.33 3.25 29.63
C GLU B 947 45.82 3.50 29.81
N PHE B 948 46.21 4.76 30.02
CA PHE B 948 47.62 5.22 30.22
C PHE B 948 48.19 4.57 31.49
N ALA B 949 47.45 4.64 32.60
CA ALA B 949 47.81 4.03 33.90
C ALA B 949 48.05 2.53 33.74
N LYS B 950 47.16 1.83 33.04
CA LYS B 950 47.25 0.36 32.80
C LYS B 950 48.44 0.06 31.89
N ASP B 951 48.61 0.84 30.81
CA ASP B 951 49.70 0.67 29.82
C ASP B 951 51.06 0.81 30.53
N LEU B 952 51.20 1.85 31.36
CA LEU B 952 52.44 2.12 32.15
C LEU B 952 52.76 0.92 33.05
N MET B 953 51.74 0.30 33.65
CA MET B 953 51.88 -0.88 34.56
C MET B 953 52.23 -2.13 33.75
N ASP B 954 51.59 -2.33 32.59
CA ASP B 954 51.75 -3.54 31.74
C ASP B 954 53.12 -3.51 31.04
N LYS B 955 53.42 -2.43 30.31
CA LYS B 955 54.60 -2.31 29.41
C LYS B 955 55.84 -1.94 30.23
N GLU B 956 55.86 -0.75 30.84
CA GLU B 956 57.04 -0.18 31.53
C GLU B 956 57.21 -0.80 32.93
N GLY B 957 56.19 -1.51 33.43
CA GLY B 957 56.27 -2.27 34.70
C GLY B 957 56.26 -1.38 35.93
N LYS B 958 55.65 -0.19 35.82
CA LYS B 958 55.53 0.79 36.95
C LYS B 958 54.49 0.29 37.96
N GLY B 959 54.54 0.82 39.18
CA GLY B 959 53.60 0.49 40.27
C GLY B 959 52.24 1.14 40.06
N LEU B 960 51.22 0.67 40.78
CA LEU B 960 49.81 1.14 40.68
C LEU B 960 49.75 2.66 40.88
N ILE B 961 50.25 3.16 42.01
CA ILE B 961 50.18 4.59 42.42
C ILE B 961 51.05 5.42 41.46
N GLU B 962 52.27 4.94 41.16
CA GLU B 962 53.24 5.60 40.25
C GLU B 962 52.59 5.85 38.89
N ALA B 963 52.00 4.80 38.30
CA ALA B 963 51.33 4.82 36.98
C ALA B 963 50.13 5.77 37.00
N THR B 964 49.34 5.73 38.09
CA THR B 964 48.14 6.57 38.30
C THR B 964 48.53 8.05 38.36
N LEU B 965 49.57 8.37 39.14
CA LEU B 965 50.11 9.75 39.31
C LEU B 965 50.66 10.27 37.97
N ASP B 966 51.34 9.40 37.21
CA ASP B 966 51.92 9.72 35.88
C ASP B 966 50.79 9.96 34.88
N ALA B 967 49.72 9.16 34.96
CA ALA B 967 48.54 9.22 34.06
C ALA B 967 47.82 10.56 34.22
N VAL B 968 47.46 10.92 35.47
CA VAL B 968 46.68 12.15 35.80
C VAL B 968 47.51 13.40 35.45
N ARG B 969 48.84 13.33 35.63
CA ARG B 969 49.79 14.41 35.24
C ARG B 969 49.65 14.71 33.74
N MET B 970 49.74 13.67 32.90
CA MET B 970 49.68 13.76 31.42
C MET B 970 48.27 14.17 30.97
N ALA B 971 47.23 13.78 31.72
CA ALA B 971 45.81 13.93 31.35
C ALA B 971 45.27 15.30 31.79
N LEU B 972 45.97 16.02 32.67
CA LEU B 972 45.48 17.29 33.29
C LEU B 972 45.22 18.33 32.19
N ARG B 973 46.24 18.64 31.38
CA ARG B 973 46.21 19.74 30.37
C ARG B 973 45.08 19.50 29.36
N PRO B 974 45.01 18.35 28.66
CA PRO B 974 43.98 18.14 27.63
C PRO B 974 42.54 18.12 28.17
N ILE B 975 42.37 17.74 29.44
CA ILE B 975 41.05 17.74 30.14
C ILE B 975 40.63 19.18 30.42
N LEU B 976 41.57 20.04 30.86
CA LEU B 976 41.32 21.47 31.19
C LEU B 976 41.06 22.27 29.90
N MET B 977 41.80 21.97 28.83
CA MET B 977 41.67 22.63 27.51
C MET B 977 40.27 22.37 26.94
N THR B 978 39.84 21.10 26.92
CA THR B 978 38.51 20.66 26.40
C THR B 978 37.39 21.29 27.25
N SER B 979 37.52 21.22 28.58
CA SER B 979 36.53 21.74 29.57
C SER B 979 36.38 23.26 29.41
N LEU B 980 37.49 24.00 29.45
CA LEU B 980 37.53 25.48 29.32
C LEU B 980 36.85 25.90 28.01
N ALA B 981 37.23 25.26 26.89
CA ALA B 981 36.72 25.54 25.53
C ALA B 981 35.21 25.28 25.47
N PHE B 982 34.76 24.13 26.01
CA PHE B 982 33.37 23.64 25.89
C PHE B 982 32.44 24.40 26.85
N ILE B 983 32.91 24.73 28.05
CA ILE B 983 32.15 25.51 29.08
C ILE B 983 31.88 26.92 28.52
N LEU B 984 32.91 27.58 27.97
CA LEU B 984 32.80 28.91 27.31
C LEU B 984 31.90 28.79 26.07
N GLY B 985 31.95 27.64 25.38
CA GLY B 985 31.19 27.36 24.14
C GLY B 985 29.69 27.32 24.37
N VAL B 986 29.24 26.92 25.56
CA VAL B 986 27.79 26.76 25.91
C VAL B 986 27.34 27.95 26.77
N MET B 987 28.23 28.90 27.09
CA MET B 987 27.94 30.08 27.94
C MET B 987 26.84 30.94 27.29
N PRO B 988 26.91 31.22 25.97
CA PRO B 988 25.85 32.00 25.30
C PRO B 988 24.45 31.36 25.41
N LEU B 989 24.37 30.03 25.41
CA LEU B 989 23.10 29.26 25.44
C LEU B 989 22.45 29.39 26.82
N VAL B 990 23.25 29.47 27.88
CA VAL B 990 22.79 29.56 29.31
C VAL B 990 22.10 30.91 29.53
N ILE B 991 22.73 32.02 29.09
CA ILE B 991 22.33 33.41 29.42
C ILE B 991 21.44 34.02 28.33
N SER B 992 21.15 33.27 27.25
CA SER B 992 20.28 33.71 26.13
C SER B 992 18.85 33.91 26.64
N THR B 993 18.21 35.02 26.26
CA THR B 993 16.82 35.40 26.66
C THR B 993 15.99 35.74 25.41
N GLY B 994 16.50 35.47 24.21
CA GLY B 994 15.87 35.82 22.92
C GLY B 994 14.94 34.72 22.43
N ALA B 995 14.82 34.58 21.11
CA ALA B 995 14.01 33.54 20.42
C ALA B 995 14.71 32.18 20.54
N GLY B 996 13.95 31.14 20.90
CA GLY B 996 14.47 29.77 21.10
C GLY B 996 15.41 29.67 22.29
N SER B 997 15.26 30.57 23.27
CA SER B 997 16.10 30.64 24.50
C SER B 997 15.72 29.51 25.46
N GLY B 998 14.44 29.15 25.52
CA GLY B 998 13.91 28.05 26.35
C GLY B 998 14.61 26.73 26.07
N ALA B 999 14.97 26.50 24.81
CA ALA B 999 15.73 25.31 24.33
C ALA B 999 17.21 25.49 24.69
N GLN B 1000 17.81 26.61 24.28
CA GLN B 1000 19.24 26.95 24.53
C GLN B 1000 19.55 26.85 26.03
N ASN B 1001 18.64 27.34 26.88
CA ASN B 1001 18.76 27.29 28.37
C ASN B 1001 18.83 25.83 28.81
N ALA B 1002 17.87 25.00 28.36
CA ALA B 1002 17.75 23.56 28.71
C ALA B 1002 19.01 22.80 28.26
N VAL B 1003 19.58 23.19 27.11
CA VAL B 1003 20.83 22.60 26.55
C VAL B 1003 22.01 23.01 27.43
N GLY B 1004 22.28 24.33 27.52
CA GLY B 1004 23.49 24.90 28.15
C GLY B 1004 23.56 24.67 29.65
N THR B 1005 22.47 24.94 30.37
CA THR B 1005 22.40 24.90 31.86
C THR B 1005 22.91 23.55 32.38
N GLY B 1006 22.24 22.46 31.97
CA GLY B 1006 22.56 21.08 32.40
C GLY B 1006 23.97 20.66 31.99
N VAL B 1007 24.44 21.14 30.83
CA VAL B 1007 25.77 20.77 30.25
C VAL B 1007 26.88 21.54 30.98
N MET B 1008 26.72 22.86 31.17
CA MET B 1008 27.72 23.73 31.84
C MET B 1008 27.96 23.21 33.27
N GLY B 1009 26.92 23.20 34.10
CA GLY B 1009 26.98 22.70 35.49
C GLY B 1009 27.51 21.28 35.56
N GLY B 1010 27.05 20.43 34.63
CA GLY B 1010 27.50 19.03 34.49
C GLY B 1010 28.98 18.93 34.17
N MET B 1011 29.48 19.80 33.28
CA MET B 1011 30.91 19.82 32.85
C MET B 1011 31.79 20.32 34.01
N VAL B 1012 31.34 21.35 34.73
CA VAL B 1012 32.09 21.99 35.87
C VAL B 1012 32.43 20.91 36.91
N THR B 1013 31.42 20.20 37.41
CA THR B 1013 31.58 19.15 38.46
C THR B 1013 32.34 17.94 37.88
N ALA B 1014 32.01 17.54 36.64
CA ALA B 1014 32.66 16.42 35.92
C ALA B 1014 34.16 16.70 35.78
N THR B 1015 34.54 17.96 35.51
CA THR B 1015 35.95 18.40 35.34
C THR B 1015 36.64 18.42 36.71
N VAL B 1016 36.04 19.11 37.70
CA VAL B 1016 36.65 19.37 39.03
C VAL B 1016 36.79 18.06 39.82
N LEU B 1017 35.75 17.20 39.81
CA LEU B 1017 35.68 15.97 40.64
C LEU B 1017 36.52 14.86 40.03
N ALA B 1018 36.35 14.57 38.73
CA ALA B 1018 36.95 13.42 38.02
C ALA B 1018 38.47 13.42 38.19
N ILE B 1019 39.13 14.57 38.04
CA ILE B 1019 40.62 14.70 38.12
C ILE B 1019 41.12 14.21 39.49
N PHE B 1020 40.27 14.24 40.51
CA PHE B 1020 40.59 13.78 41.90
C PHE B 1020 40.01 12.39 42.17
N PHE B 1021 38.84 12.05 41.58
CA PHE B 1021 38.05 10.84 41.91
C PHE B 1021 38.41 9.67 41.00
N VAL B 1022 38.74 9.94 39.72
CA VAL B 1022 39.13 8.89 38.73
C VAL B 1022 40.33 8.10 39.25
N PRO B 1023 41.43 8.75 39.70
CA PRO B 1023 42.57 8.01 40.26
C PRO B 1023 42.19 7.16 41.48
N VAL B 1024 41.22 7.63 42.29
CA VAL B 1024 40.70 6.89 43.48
C VAL B 1024 39.98 5.63 43.01
N PHE B 1025 39.12 5.75 41.99
CA PHE B 1025 38.33 4.62 41.40
C PHE B 1025 39.28 3.52 40.95
N PHE B 1026 40.27 3.87 40.12
CA PHE B 1026 41.24 2.94 39.49
C PHE B 1026 42.04 2.22 40.58
N VAL B 1027 42.63 2.97 41.52
CA VAL B 1027 43.48 2.44 42.62
C VAL B 1027 42.66 1.45 43.48
N VAL B 1028 41.45 1.85 43.87
CA VAL B 1028 40.54 1.04 44.75
C VAL B 1028 40.15 -0.25 44.04
N VAL B 1029 39.77 -0.16 42.76
CA VAL B 1029 39.32 -1.32 41.93
C VAL B 1029 40.50 -2.29 41.74
N ARG B 1030 41.69 -1.77 41.40
CA ARG B 1030 42.92 -2.58 41.16
C ARG B 1030 43.31 -3.31 42.44
N ARG B 1031 43.17 -2.66 43.61
CA ARG B 1031 43.47 -3.24 44.94
C ARG B 1031 42.50 -4.40 45.24
N ARG B 1032 41.21 -4.17 45.03
CA ARG B 1032 40.11 -5.13 45.36
C ARG B 1032 40.28 -6.42 44.54
N PHE B 1033 40.39 -6.29 43.21
CA PHE B 1033 40.52 -7.42 42.24
C PHE B 1033 41.98 -7.55 41.83
N SER B 1034 42.70 -8.53 42.39
CA SER B 1034 44.14 -8.83 42.17
C SER B 1034 44.99 -7.68 42.71
N MET C 1 49.02 -11.51 -3.83
CA MET C 1 47.93 -12.27 -4.50
C MET C 1 48.41 -12.85 -5.83
N PRO C 2 49.09 -12.09 -6.71
CA PRO C 2 49.63 -12.65 -7.95
C PRO C 2 50.59 -13.83 -7.73
N ASN C 3 51.53 -13.70 -6.79
CA ASN C 3 52.53 -14.74 -6.43
C ASN C 3 51.82 -15.99 -5.88
N PHE C 4 50.66 -15.81 -5.24
CA PHE C 4 49.83 -16.90 -4.67
C PHE C 4 49.27 -17.77 -5.81
N PHE C 5 48.66 -17.14 -6.81
CA PHE C 5 47.95 -17.81 -7.94
C PHE C 5 48.95 -18.21 -9.05
N ILE C 6 50.16 -17.65 -9.05
CA ILE C 6 51.27 -18.05 -9.96
C ILE C 6 51.63 -19.51 -9.65
N ASP C 7 51.68 -19.87 -8.36
CA ASP C 7 52.02 -21.24 -7.86
C ASP C 7 50.75 -22.11 -7.84
N ARG C 8 49.56 -21.50 -7.88
CA ARG C 8 48.24 -22.19 -7.77
C ARG C 8 47.39 -21.87 -8.99
N PRO C 9 47.75 -22.40 -10.19
CA PRO C 9 47.01 -22.11 -11.41
C PRO C 9 45.59 -22.72 -11.49
N ILE C 10 45.37 -23.85 -10.81
CA ILE C 10 44.05 -24.56 -10.79
C ILE C 10 43.05 -23.73 -9.97
N PHE C 11 43.49 -23.22 -8.81
CA PHE C 11 42.71 -22.29 -7.95
C PHE C 11 42.24 -21.11 -8.80
N ALA C 12 43.17 -20.48 -9.52
CA ALA C 12 42.93 -19.32 -10.42
C ALA C 12 41.82 -19.68 -11.43
N TRP C 13 41.90 -20.87 -12.03
CA TRP C 13 40.90 -21.39 -13.00
C TRP C 13 39.54 -21.57 -12.33
N VAL C 14 39.52 -22.14 -11.11
CA VAL C 14 38.29 -22.43 -10.32
C VAL C 14 37.51 -21.12 -10.13
N ILE C 15 38.17 -20.06 -9.68
CA ILE C 15 37.56 -18.72 -9.42
C ILE C 15 36.92 -18.22 -10.73
N ALA C 16 37.63 -18.33 -11.86
CA ALA C 16 37.18 -17.90 -13.19
C ALA C 16 35.97 -18.74 -13.65
N ILE C 17 36.05 -20.06 -13.50
CA ILE C 17 35.01 -21.04 -13.96
C ILE C 17 33.71 -20.79 -13.16
N ILE C 18 33.82 -20.60 -11.84
CA ILE C 18 32.65 -20.35 -10.93
C ILE C 18 31.97 -19.03 -11.36
N ILE C 19 32.77 -17.99 -11.63
CA ILE C 19 32.28 -16.66 -12.12
C ILE C 19 31.54 -16.86 -13.45
N MET C 20 32.11 -17.65 -14.36
CA MET C 20 31.54 -17.92 -15.72
C MET C 20 30.24 -18.72 -15.56
N LEU C 21 30.23 -19.75 -14.70
CA LEU C 21 29.05 -20.61 -14.45
C LEU C 21 27.90 -19.76 -13.90
N ALA C 22 28.16 -18.95 -12.87
CA ALA C 22 27.21 -17.99 -12.26
C ALA C 22 26.64 -17.08 -13.35
N GLY C 23 27.50 -16.58 -14.24
CA GLY C 23 27.12 -15.71 -15.38
C GLY C 23 26.24 -16.43 -16.38
N GLY C 24 26.59 -17.67 -16.73
CA GLY C 24 25.82 -18.54 -17.65
C GLY C 24 24.40 -18.76 -17.14
N LEU C 25 24.26 -19.10 -15.86
CA LEU C 25 22.96 -19.36 -15.19
C LEU C 25 22.13 -18.06 -15.12
N ALA C 26 22.80 -16.91 -14.99
CA ALA C 26 22.17 -15.57 -14.91
C ALA C 26 21.50 -15.23 -16.25
N ILE C 27 22.17 -15.51 -17.38
CA ILE C 27 21.69 -15.21 -18.75
C ILE C 27 20.33 -15.89 -19.00
N LEU C 28 20.12 -17.09 -18.44
CA LEU C 28 18.88 -17.89 -18.62
C LEU C 28 17.69 -17.20 -17.96
N LYS C 29 17.90 -16.61 -16.76
CA LYS C 29 16.84 -16.01 -15.91
C LYS C 29 16.65 -14.53 -16.25
N LEU C 30 17.72 -13.83 -16.66
CA LEU C 30 17.72 -12.36 -16.91
C LEU C 30 16.62 -12.00 -17.91
N PRO C 31 15.79 -10.98 -17.63
CA PRO C 31 14.80 -10.50 -18.59
C PRO C 31 15.46 -9.73 -19.74
N VAL C 32 14.74 -9.60 -20.86
CA VAL C 32 15.24 -8.98 -22.13
C VAL C 32 14.27 -7.87 -22.55
N ALA C 33 14.80 -6.73 -23.00
CA ALA C 33 14.03 -5.55 -23.47
C ALA C 33 14.92 -4.65 -24.33
N GLN C 34 14.34 -3.61 -24.93
CA GLN C 34 15.10 -2.56 -25.68
C GLN C 34 15.73 -1.62 -24.66
N TYR C 35 14.90 -1.02 -23.79
CA TYR C 35 15.30 -0.11 -22.69
C TYR C 35 14.86 -0.70 -21.35
N PRO C 36 15.42 -0.23 -20.22
CA PRO C 36 14.79 -0.42 -18.91
C PRO C 36 13.68 0.62 -18.73
N THR C 37 13.15 0.75 -17.51
CA THR C 37 12.20 1.82 -17.14
C THR C 37 12.97 3.15 -17.14
N ILE C 38 12.96 3.85 -18.27
CA ILE C 38 13.59 5.20 -18.46
C ILE C 38 12.49 6.28 -18.45
N ALA C 39 11.29 5.92 -18.91
CA ALA C 39 10.08 6.80 -18.90
C ALA C 39 9.66 7.08 -17.47
N PRO C 40 9.41 8.35 -17.08
CA PRO C 40 8.87 8.67 -15.77
C PRO C 40 7.41 8.24 -15.68
N PRO C 41 6.94 7.71 -14.52
CA PRO C 41 5.59 7.16 -14.42
C PRO C 41 4.52 8.27 -14.45
N ALA C 42 3.33 7.94 -14.94
CA ALA C 42 2.18 8.86 -15.07
C ALA C 42 0.93 8.22 -14.44
N VAL C 43 0.05 9.05 -13.88
CA VAL C 43 -1.28 8.68 -13.34
C VAL C 43 -2.33 9.58 -14.02
N THR C 44 -3.36 8.99 -14.61
CA THR C 44 -4.45 9.72 -15.34
C THR C 44 -5.76 9.56 -14.57
N ILE C 45 -6.40 10.70 -14.24
CA ILE C 45 -7.78 10.77 -13.68
C ILE C 45 -8.74 10.99 -14.85
N SER C 46 -9.67 10.05 -15.07
CA SER C 46 -10.69 10.09 -16.14
C SER C 46 -12.08 10.30 -15.52
N ALA C 47 -12.77 11.36 -15.94
CA ALA C 47 -14.14 11.72 -15.48
C ALA C 47 -15.03 11.99 -16.70
N SER C 48 -16.34 11.78 -16.55
CA SER C 48 -17.36 11.95 -17.62
C SER C 48 -18.55 12.74 -17.06
N TYR C 49 -19.01 13.75 -17.82
CA TYR C 49 -20.23 14.56 -17.56
C TYR C 49 -21.13 14.46 -18.78
N PRO C 50 -21.91 13.36 -18.93
CA PRO C 50 -22.69 13.13 -20.14
C PRO C 50 -23.56 14.33 -20.53
N GLY C 51 -23.38 14.83 -21.76
CA GLY C 51 -24.18 15.93 -22.36
C GLY C 51 -23.54 17.29 -22.19
N ALA C 52 -22.49 17.39 -21.37
CA ALA C 52 -21.83 18.66 -20.99
C ALA C 52 -20.79 19.06 -22.04
N ASP C 53 -20.70 20.36 -22.34
CA ASP C 53 -19.69 20.95 -23.25
C ASP C 53 -18.36 21.08 -22.50
N ALA C 54 -17.28 21.39 -23.22
CA ALA C 54 -15.89 21.48 -22.71
C ALA C 54 -15.79 22.55 -21.61
N LYS C 55 -16.41 23.72 -21.83
CA LYS C 55 -16.38 24.87 -20.89
C LYS C 55 -17.07 24.48 -19.57
N THR C 56 -18.28 23.90 -19.65
CA THR C 56 -19.10 23.48 -18.49
C THR C 56 -18.34 22.46 -17.64
N VAL C 57 -17.77 21.43 -18.27
CA VAL C 57 -17.13 20.27 -17.57
C VAL C 57 -15.77 20.71 -17.00
N GLN C 58 -15.08 21.65 -17.66
CA GLN C 58 -13.80 22.23 -17.15
C GLN C 58 -14.07 22.97 -15.83
N ASP C 59 -15.16 23.75 -15.77
CA ASP C 59 -15.50 24.62 -14.62
C ASP C 59 -16.03 23.78 -13.46
N THR C 60 -16.73 22.68 -13.74
CA THR C 60 -17.46 21.86 -12.72
C THR C 60 -16.66 20.61 -12.34
N VAL C 61 -15.67 20.18 -13.15
CA VAL C 61 -14.90 18.92 -12.91
C VAL C 61 -13.40 19.21 -12.90
N THR C 62 -12.83 19.61 -14.04
CA THR C 62 -11.36 19.68 -14.29
C THR C 62 -10.68 20.58 -13.25
N GLN C 63 -11.16 21.82 -13.10
CA GLN C 63 -10.56 22.84 -12.19
C GLN C 63 -10.81 22.41 -10.74
N VAL C 64 -11.95 21.80 -10.45
CA VAL C 64 -12.34 21.28 -9.10
C VAL C 64 -11.32 20.20 -8.69
N ILE C 65 -10.93 19.32 -9.61
CA ILE C 65 -9.95 18.22 -9.36
C ILE C 65 -8.53 18.83 -9.29
N GLU C 66 -8.16 19.61 -10.31
CA GLU C 66 -6.79 20.18 -10.49
C GLU C 66 -6.36 21.00 -9.27
N GLN C 67 -7.28 21.77 -8.67
CA GLN C 67 -6.98 22.68 -7.54
C GLN C 67 -6.75 21.87 -6.25
N ASN C 68 -7.10 20.58 -6.25
CA ASN C 68 -6.88 19.63 -5.12
C ASN C 68 -5.65 18.75 -5.39
N MET C 69 -5.03 18.85 -6.57
CA MET C 69 -3.85 18.04 -6.96
C MET C 69 -2.54 18.74 -6.58
N ASN C 70 -2.54 19.40 -5.42
CA ASN C 70 -1.35 20.09 -4.84
C ASN C 70 -0.81 19.27 -3.67
N GLY C 71 0.49 19.35 -3.40
CA GLY C 71 1.17 18.67 -2.29
C GLY C 71 1.20 17.15 -2.46
N ILE C 72 1.37 16.70 -3.71
CA ILE C 72 1.66 15.29 -4.07
C ILE C 72 3.17 15.17 -4.30
N ASP C 73 3.81 14.12 -3.77
CA ASP C 73 5.28 13.91 -3.79
C ASP C 73 5.75 13.67 -5.22
N ASN C 74 6.84 14.33 -5.62
CA ASN C 74 7.62 14.05 -6.86
C ASN C 74 6.77 14.33 -8.11
N LEU C 75 5.88 15.32 -8.05
CA LEU C 75 5.05 15.78 -9.20
C LEU C 75 5.88 16.72 -10.08
N MET C 76 6.19 16.31 -11.32
CA MET C 76 6.98 17.10 -12.30
C MET C 76 6.07 18.13 -12.98
N TYR C 77 4.99 17.67 -13.62
CA TYR C 77 3.98 18.52 -14.29
C TYR C 77 2.63 17.80 -14.35
N MET C 78 1.59 18.56 -14.70
CA MET C 78 0.18 18.10 -14.81
C MET C 78 -0.43 18.67 -16.09
N SER C 79 -0.91 17.80 -16.98
CA SER C 79 -1.62 18.17 -18.24
C SER C 79 -3.01 17.53 -18.24
N SER C 80 -4.03 18.28 -18.68
CA SER C 80 -5.45 17.82 -18.76
C SER C 80 -6.12 18.43 -19.99
N ASN C 81 -7.20 17.77 -20.46
CA ASN C 81 -8.08 18.29 -21.54
C ASN C 81 -9.54 18.02 -21.16
N SER C 82 -10.43 18.95 -21.52
CA SER C 82 -11.90 18.88 -21.36
C SER C 82 -12.54 19.06 -22.73
N ASP C 83 -13.34 18.09 -23.20
CA ASP C 83 -13.86 18.07 -24.60
C ASP C 83 -15.40 18.14 -24.59
N SER C 84 -16.00 18.14 -25.78
CA SER C 84 -17.44 18.42 -26.05
C SER C 84 -18.32 17.20 -25.73
N THR C 85 -17.73 16.02 -25.54
CA THR C 85 -18.44 14.77 -25.14
C THR C 85 -18.62 14.73 -23.62
N GLY C 86 -18.10 15.74 -22.90
CA GLY C 86 -18.17 15.83 -21.42
C GLY C 86 -17.06 15.05 -20.75
N THR C 87 -16.05 14.61 -21.51
CA THR C 87 -14.93 13.76 -21.03
C THR C 87 -13.80 14.66 -20.51
N VAL C 88 -13.29 14.35 -19.32
CA VAL C 88 -12.11 15.01 -18.68
C VAL C 88 -11.04 13.94 -18.47
N GLN C 89 -9.78 14.25 -18.81
CA GLN C 89 -8.60 13.40 -18.53
C GLN C 89 -7.47 14.29 -17.98
N ILE C 90 -7.13 14.09 -16.70
CA ILE C 90 -6.04 14.82 -15.99
C ILE C 90 -4.88 13.83 -15.77
N THR C 91 -3.76 14.03 -16.49
CA THR C 91 -2.55 13.19 -16.42
C THR C 91 -1.50 13.90 -15.56
N LEU C 92 -1.07 13.25 -14.48
CA LEU C 92 0.04 13.72 -13.59
C LEU C 92 1.27 12.87 -13.86
N THR C 93 2.38 13.49 -14.26
CA THR C 93 3.68 12.84 -14.55
C THR C 93 4.61 13.09 -13.36
N PHE C 94 5.31 12.05 -12.88
CA PHE C 94 6.12 12.06 -11.64
C PHE C 94 7.61 11.92 -11.98
N GLU C 95 8.47 12.34 -11.06
CA GLU C 95 9.96 12.30 -11.20
C GLU C 95 10.39 10.85 -11.48
N SER C 96 11.44 10.67 -12.28
CA SER C 96 12.05 9.35 -12.59
C SER C 96 12.51 8.69 -11.28
N GLY C 97 12.11 7.43 -11.07
CA GLY C 97 12.44 6.64 -9.86
C GLY C 97 11.30 6.63 -8.84
N THR C 98 10.22 7.39 -9.10
CA THR C 98 9.00 7.44 -8.24
C THR C 98 8.30 6.08 -8.29
N ASP C 99 7.82 5.60 -7.14
CA ASP C 99 6.94 4.40 -7.04
C ASP C 99 5.57 4.77 -7.60
N ALA C 100 5.20 4.22 -8.76
CA ALA C 100 3.96 4.53 -9.50
C ALA C 100 2.73 4.15 -8.64
N ASP C 101 2.86 3.10 -7.83
CA ASP C 101 1.77 2.60 -6.94
C ASP C 101 1.53 3.61 -5.81
N ILE C 102 2.60 4.19 -5.24
CA ILE C 102 2.52 5.26 -4.21
C ILE C 102 1.93 6.51 -4.84
N ALA C 103 2.33 6.84 -6.07
CA ALA C 103 1.84 8.00 -6.85
C ALA C 103 0.32 7.90 -7.04
N GLN C 104 -0.17 6.72 -7.46
CA GLN C 104 -1.62 6.42 -7.64
C GLN C 104 -2.37 6.68 -6.33
N VAL C 105 -1.86 6.13 -5.22
CA VAL C 105 -2.46 6.23 -3.86
C VAL C 105 -2.59 7.71 -3.48
N GLN C 106 -1.50 8.48 -3.59
CA GLN C 106 -1.44 9.91 -3.21
C GLN C 106 -2.41 10.73 -4.07
N VAL C 107 -2.52 10.42 -5.37
CA VAL C 107 -3.46 11.10 -6.32
C VAL C 107 -4.89 10.75 -5.91
N GLN C 108 -5.17 9.47 -5.65
CA GLN C 108 -6.51 8.95 -5.26
C GLN C 108 -6.95 9.64 -3.95
N ASN C 109 -6.02 9.77 -2.98
CA ASN C 109 -6.26 10.42 -1.67
C ASN C 109 -6.66 11.88 -1.89
N LYS C 110 -6.00 12.58 -2.82
CA LYS C 110 -6.24 14.01 -3.13
C LYS C 110 -7.55 14.16 -3.91
N LEU C 111 -7.86 13.22 -4.83
CA LEU C 111 -9.10 13.22 -5.64
C LEU C 111 -10.32 13.06 -4.71
N GLN C 112 -10.15 12.34 -3.60
CA GLN C 112 -11.20 12.06 -2.58
C GLN C 112 -11.84 13.39 -2.13
N LEU C 113 -11.01 14.42 -1.91
CA LEU C 113 -11.46 15.75 -1.38
C LEU C 113 -12.28 16.49 -2.44
N ALA C 114 -12.02 16.25 -3.73
CA ALA C 114 -12.69 16.89 -4.88
C ALA C 114 -14.03 16.19 -5.18
N MET C 115 -14.07 14.86 -5.06
CA MET C 115 -15.23 13.99 -5.42
C MET C 115 -16.54 14.63 -4.96
N PRO C 116 -16.70 15.01 -3.67
CA PRO C 116 -17.92 15.68 -3.20
C PRO C 116 -18.37 16.91 -4.01
N LEU C 117 -17.41 17.73 -4.45
CA LEU C 117 -17.65 19.05 -5.09
C LEU C 117 -18.04 18.85 -6.57
N LEU C 118 -17.79 17.65 -7.13
CA LEU C 118 -18.17 17.30 -8.52
C LEU C 118 -19.68 17.12 -8.60
N PRO C 119 -20.30 17.27 -9.80
CA PRO C 119 -21.73 17.03 -9.96
C PRO C 119 -22.09 15.55 -9.69
N GLN C 120 -23.34 15.30 -9.28
CA GLN C 120 -23.85 13.94 -8.97
C GLN C 120 -23.75 13.07 -10.23
N GLU C 121 -24.10 13.61 -11.40
CA GLU C 121 -24.04 12.91 -12.72
C GLU C 121 -22.63 12.39 -12.98
N VAL C 122 -21.60 13.17 -12.62
CA VAL C 122 -20.16 12.82 -12.81
C VAL C 122 -19.80 11.69 -11.85
N GLN C 123 -20.28 11.75 -10.60
CA GLN C 123 -20.07 10.72 -9.55
C GLN C 123 -20.79 9.41 -9.95
N GLN C 124 -21.93 9.53 -10.64
CA GLN C 124 -22.78 8.38 -11.06
C GLN C 124 -22.06 7.59 -12.17
N GLN C 125 -21.20 8.25 -12.95
CA GLN C 125 -20.38 7.62 -14.02
C GLN C 125 -19.12 7.00 -13.41
N GLY C 126 -18.65 7.54 -12.28
CA GLY C 126 -17.44 7.07 -11.56
C GLY C 126 -16.18 7.68 -12.14
N VAL C 127 -15.20 7.96 -11.27
CA VAL C 127 -13.87 8.55 -11.63
C VAL C 127 -12.79 7.47 -11.44
N SER C 128 -12.06 7.15 -12.51
CA SER C 128 -10.97 6.13 -12.52
C SER C 128 -9.62 6.82 -12.29
N VAL C 129 -8.79 6.24 -11.41
CA VAL C 129 -7.39 6.69 -11.12
C VAL C 129 -6.47 5.49 -11.33
N GLU C 130 -5.78 5.44 -12.47
CA GLU C 130 -4.95 4.28 -12.91
C GLU C 130 -3.65 4.81 -13.54
N LYS C 131 -2.56 4.05 -13.40
CA LYS C 131 -1.26 4.33 -14.05
C LYS C 131 -1.46 4.29 -15.57
N SER C 132 -0.92 5.28 -16.29
CA SER C 132 -1.20 5.53 -17.73
C SER C 132 0.09 5.60 -18.54
N SER C 133 0.01 5.25 -19.83
CA SER C 133 1.03 5.49 -20.88
C SER C 133 0.32 6.01 -22.14
N SER C 134 1.01 6.85 -22.92
CA SER C 134 0.40 7.64 -24.04
C SER C 134 0.34 6.81 -25.33
N SER C 135 1.37 6.00 -25.63
CA SER C 135 1.52 5.28 -26.92
C SER C 135 1.13 3.79 -26.77
N PHE C 136 0.64 3.20 -27.87
CA PHE C 136 0.22 1.79 -27.97
C PHE C 136 1.44 0.89 -28.19
N LEU C 137 1.51 -0.24 -27.48
CA LEU C 137 2.53 -1.30 -27.67
C LEU C 137 2.31 -1.96 -29.03
N MET C 138 1.06 -2.29 -29.34
CA MET C 138 0.62 -2.89 -30.63
C MET C 138 -0.87 -2.57 -30.86
N VAL C 139 -1.33 -2.73 -32.10
CA VAL C 139 -2.77 -2.80 -32.47
C VAL C 139 -3.03 -4.20 -33.03
N VAL C 140 -3.94 -4.95 -32.41
CA VAL C 140 -4.38 -6.30 -32.87
C VAL C 140 -5.65 -6.12 -33.69
N GLY C 141 -5.54 -6.23 -35.02
CA GLY C 141 -6.66 -6.10 -35.97
C GLY C 141 -7.43 -7.40 -36.10
N VAL C 142 -8.73 -7.31 -36.39
CA VAL C 142 -9.65 -8.47 -36.60
C VAL C 142 -10.48 -8.20 -37.86
N ILE C 143 -10.48 -9.15 -38.80
CA ILE C 143 -11.21 -9.07 -40.11
C ILE C 143 -12.04 -10.34 -40.28
N ASN C 144 -12.94 -10.33 -41.27
CA ASN C 144 -13.73 -11.51 -41.73
C ASN C 144 -13.40 -11.76 -43.21
N THR C 145 -13.05 -13.01 -43.56
CA THR C 145 -12.53 -13.40 -44.89
C THR C 145 -13.63 -14.06 -45.73
N ASP C 146 -14.61 -14.71 -45.11
CA ASP C 146 -15.71 -15.46 -45.81
C ASP C 146 -16.93 -14.56 -46.00
N GLY C 147 -16.84 -13.29 -45.60
CA GLY C 147 -17.87 -12.25 -45.84
C GLY C 147 -19.21 -12.60 -45.21
N THR C 148 -19.21 -13.23 -44.03
CA THR C 148 -20.42 -13.60 -43.24
C THR C 148 -20.61 -12.61 -42.08
N MET C 149 -19.60 -11.82 -41.74
CA MET C 149 -19.62 -10.84 -40.60
C MET C 149 -19.25 -9.45 -41.13
N THR C 150 -20.05 -8.44 -40.78
CA THR C 150 -19.82 -7.01 -41.13
C THR C 150 -18.84 -6.38 -40.13
N GLN C 151 -18.52 -5.11 -40.33
CA GLN C 151 -17.65 -4.28 -39.45
C GLN C 151 -18.21 -4.31 -38.01
N GLU C 152 -19.53 -4.08 -37.87
CA GLU C 152 -20.24 -4.01 -36.57
C GLU C 152 -20.26 -5.40 -35.90
N ASP C 153 -20.49 -6.47 -36.67
CA ASP C 153 -20.49 -7.87 -36.18
C ASP C 153 -19.11 -8.21 -35.58
N ILE C 154 -18.03 -7.84 -36.26
CA ILE C 154 -16.63 -8.13 -35.84
C ILE C 154 -16.34 -7.39 -34.54
N SER C 155 -16.68 -6.09 -34.47
CA SER C 155 -16.46 -5.21 -33.29
C SER C 155 -17.18 -5.78 -32.07
N ASP C 156 -18.40 -6.31 -32.25
CA ASP C 156 -19.22 -6.92 -31.16
C ASP C 156 -18.48 -8.14 -30.59
N TYR C 157 -18.08 -9.08 -31.46
CA TYR C 157 -17.43 -10.35 -31.05
C TYR C 157 -16.16 -10.05 -30.25
N VAL C 158 -15.33 -9.12 -30.74
CA VAL C 158 -14.06 -8.70 -30.09
C VAL C 158 -14.39 -8.14 -28.70
N ALA C 159 -15.34 -7.21 -28.63
CA ALA C 159 -15.78 -6.53 -27.38
C ALA C 159 -16.37 -7.53 -26.39
N ALA C 160 -17.06 -8.57 -26.89
CA ALA C 160 -17.90 -9.49 -26.09
C ALA C 160 -17.14 -10.78 -25.73
N ASN C 161 -16.08 -11.14 -26.46
CA ASN C 161 -15.42 -12.47 -26.35
C ASN C 161 -13.89 -12.37 -26.26
N MET C 162 -13.28 -11.18 -26.39
CA MET C 162 -11.81 -11.04 -26.51
C MET C 162 -11.27 -9.93 -25.58
N LYS C 163 -11.89 -8.74 -25.59
CA LYS C 163 -11.37 -7.51 -24.94
C LYS C 163 -11.09 -7.76 -23.44
N ASP C 164 -12.09 -8.25 -22.70
CA ASP C 164 -12.03 -8.45 -21.23
C ASP C 164 -10.80 -9.29 -20.87
N ALA C 165 -10.64 -10.45 -21.52
CA ALA C 165 -9.53 -11.42 -21.28
C ALA C 165 -8.18 -10.77 -21.61
N ILE C 166 -8.10 -10.02 -22.72
CA ILE C 166 -6.88 -9.30 -23.16
C ILE C 166 -6.54 -8.22 -22.13
N SER C 167 -7.55 -7.51 -21.62
CA SER C 167 -7.41 -6.39 -20.64
C SER C 167 -6.95 -6.91 -19.27
N ARG C 168 -7.10 -8.23 -19.02
CA ARG C 168 -6.69 -8.90 -17.75
C ARG C 168 -5.42 -9.75 -17.99
N THR C 169 -4.85 -9.72 -19.19
CA THR C 169 -3.61 -10.47 -19.57
C THR C 169 -2.40 -9.78 -18.93
N SER C 170 -1.35 -10.56 -18.65
CA SER C 170 -0.11 -10.13 -17.94
C SER C 170 0.56 -8.98 -18.71
N GLY C 171 0.76 -7.83 -18.04
CA GLY C 171 1.54 -6.68 -18.54
C GLY C 171 0.72 -5.71 -19.36
N VAL C 172 -0.58 -5.98 -19.57
CA VAL C 172 -1.50 -5.12 -20.38
C VAL C 172 -2.06 -4.02 -19.47
N GLY C 173 -1.83 -2.76 -19.83
CA GLY C 173 -2.46 -1.58 -19.21
C GLY C 173 -3.86 -1.35 -19.75
N ASP C 174 -4.07 -0.23 -20.43
CA ASP C 174 -5.37 0.14 -21.05
C ASP C 174 -5.53 -0.62 -22.38
N VAL C 175 -6.77 -0.97 -22.73
CA VAL C 175 -7.16 -1.60 -24.02
C VAL C 175 -8.24 -0.73 -24.68
N GLN C 176 -7.95 -0.21 -25.87
CA GLN C 176 -8.87 0.65 -26.67
C GLN C 176 -9.48 -0.20 -27.79
N LEU C 177 -10.81 -0.38 -27.78
CA LEU C 177 -11.57 -1.03 -28.87
C LEU C 177 -11.73 -0.04 -30.03
N PHE C 178 -11.26 -0.41 -31.23
CA PHE C 178 -11.44 0.37 -32.48
C PHE C 178 -12.76 -0.06 -33.12
N GLY C 179 -13.86 0.35 -32.47
CA GLY C 179 -15.24 -0.07 -32.75
C GLY C 179 -16.09 0.02 -31.50
N SER C 180 -17.26 -0.64 -31.48
CA SER C 180 -18.22 -0.63 -30.35
C SER C 180 -18.88 -2.00 -30.20
N GLN C 181 -19.13 -2.42 -28.96
CA GLN C 181 -19.94 -3.61 -28.61
C GLN C 181 -21.40 -3.35 -29.02
N TYR C 182 -22.14 -4.40 -29.36
CA TYR C 182 -23.59 -4.31 -29.65
C TYR C 182 -24.34 -3.89 -28.38
N ALA C 183 -25.35 -3.04 -28.56
CA ALA C 183 -26.41 -2.70 -27.58
C ALA C 183 -27.76 -2.93 -28.25
N MET C 184 -28.82 -3.09 -27.47
CA MET C 184 -30.21 -3.12 -27.99
C MET C 184 -30.59 -1.70 -28.40
N ARG C 185 -30.56 -1.40 -29.70
CA ARG C 185 -30.85 -0.06 -30.27
C ARG C 185 -32.35 0.05 -30.56
N ILE C 186 -33.02 0.96 -29.86
CA ILE C 186 -34.44 1.36 -30.10
C ILE C 186 -34.41 2.67 -30.90
N TRP C 187 -34.51 2.58 -32.24
CA TRP C 187 -34.52 3.73 -33.17
C TRP C 187 -35.95 4.27 -33.28
N MET C 188 -36.25 5.37 -32.57
CA MET C 188 -37.62 5.92 -32.38
C MET C 188 -38.02 6.73 -33.63
N ASN C 189 -39.31 6.66 -33.99
CA ASN C 189 -39.95 7.44 -35.07
C ASN C 189 -40.88 8.47 -34.45
N PRO C 190 -40.62 9.79 -34.64
CA PRO C 190 -41.44 10.82 -34.00
C PRO C 190 -42.86 10.94 -34.58
N ASN C 191 -43.04 10.58 -35.85
CA ASN C 191 -44.36 10.58 -36.54
C ASN C 191 -45.25 9.50 -35.91
N GLU C 192 -44.71 8.29 -35.73
CA GLU C 192 -45.43 7.12 -35.16
C GLU C 192 -45.70 7.35 -33.66
N LEU C 193 -44.75 7.96 -32.95
CA LEU C 193 -44.89 8.31 -31.50
C LEU C 193 -46.01 9.34 -31.34
N ASN C 194 -46.03 10.38 -32.19
CA ASN C 194 -47.05 11.45 -32.21
C ASN C 194 -48.42 10.85 -32.55
N LYS C 195 -48.44 9.88 -33.47
CA LYS C 195 -49.67 9.24 -34.02
C LYS C 195 -50.44 8.52 -32.90
N PHE C 196 -49.75 7.90 -31.94
CA PHE C 196 -50.33 7.15 -30.81
C PHE C 196 -50.28 7.97 -29.51
N GLN C 197 -49.99 9.27 -29.63
CA GLN C 197 -49.88 10.24 -28.49
C GLN C 197 -48.88 9.70 -27.45
N LEU C 198 -47.67 9.34 -27.88
CA LEU C 198 -46.59 8.80 -27.02
C LEU C 198 -45.31 9.64 -27.19
N THR C 199 -44.38 9.50 -26.25
CA THR C 199 -43.07 10.22 -26.21
C THR C 199 -41.96 9.24 -25.84
N PRO C 200 -40.67 9.63 -25.95
CA PRO C 200 -39.57 8.81 -25.43
C PRO C 200 -39.64 8.50 -23.93
N VAL C 201 -40.35 9.30 -23.14
CA VAL C 201 -40.57 9.09 -21.68
C VAL C 201 -41.34 7.77 -21.49
N ASP C 202 -42.38 7.55 -22.30
CA ASP C 202 -43.26 6.34 -22.24
C ASP C 202 -42.46 5.10 -22.69
N VAL C 203 -41.57 5.26 -23.67
CA VAL C 203 -40.70 4.18 -24.21
C VAL C 203 -39.73 3.75 -23.10
N ILE C 204 -39.08 4.71 -22.43
CA ILE C 204 -38.09 4.48 -21.34
C ILE C 204 -38.78 3.78 -20.15
N THR C 205 -39.95 4.28 -19.76
CA THR C 205 -40.78 3.74 -18.65
C THR C 205 -41.15 2.28 -18.95
N ALA C 206 -41.60 2.00 -20.18
CA ALA C 206 -42.02 0.66 -20.65
C ALA C 206 -40.84 -0.33 -20.61
N ILE C 207 -39.67 0.08 -21.11
CA ILE C 207 -38.44 -0.77 -21.17
C ILE C 207 -37.97 -1.08 -19.74
N LYS C 208 -38.00 -0.10 -18.84
CA LYS C 208 -37.59 -0.27 -17.42
C LYS C 208 -38.52 -1.28 -16.73
N ALA C 209 -39.81 -1.27 -17.07
CA ALA C 209 -40.87 -2.11 -16.46
C ALA C 209 -40.85 -3.53 -17.04
N GLN C 210 -40.59 -3.67 -18.35
CA GLN C 210 -40.79 -4.93 -19.11
C GLN C 210 -39.44 -5.58 -19.48
N ASN C 211 -38.32 -4.87 -19.30
CA ASN C 211 -36.94 -5.45 -19.37
C ASN C 211 -36.31 -5.28 -17.99
N ALA C 212 -36.79 -6.05 -17.01
CA ALA C 212 -36.40 -5.99 -15.58
C ALA C 212 -35.88 -7.36 -15.13
N GLN C 213 -35.00 -7.36 -14.12
CA GLN C 213 -34.51 -8.57 -13.41
C GLN C 213 -34.94 -8.45 -11.94
N VAL C 214 -36.08 -9.06 -11.59
CA VAL C 214 -36.77 -8.89 -10.27
C VAL C 214 -36.27 -9.95 -9.29
N ALA C 215 -35.92 -9.54 -8.07
CA ALA C 215 -35.69 -10.42 -6.91
C ALA C 215 -37.05 -10.67 -6.22
N ALA C 216 -37.56 -11.90 -6.32
CA ALA C 216 -38.94 -12.27 -5.93
C ALA C 216 -38.94 -13.18 -4.70
N GLY C 217 -37.78 -13.48 -4.12
CA GLY C 217 -37.65 -14.25 -2.88
C GLY C 217 -37.73 -15.75 -3.10
N GLN C 218 -38.22 -16.49 -2.08
CA GLN C 218 -38.21 -17.98 -2.04
C GLN C 218 -39.51 -18.50 -1.41
N LEU C 219 -39.88 -19.74 -1.76
CA LEU C 219 -40.85 -20.60 -1.03
C LEU C 219 -40.08 -21.36 0.04
N GLY C 220 -40.63 -21.43 1.27
CA GLY C 220 -40.03 -22.16 2.41
C GLY C 220 -38.68 -21.58 2.81
N GLY C 221 -38.50 -20.26 2.64
CA GLY C 221 -37.27 -19.53 3.01
C GLY C 221 -37.19 -19.30 4.51
N THR C 222 -36.00 -18.95 5.01
CA THR C 222 -35.71 -18.75 6.45
C THR C 222 -36.20 -17.37 6.88
N PRO C 223 -36.84 -17.22 8.07
CA PRO C 223 -37.19 -18.34 8.94
C PRO C 223 -38.44 -19.07 8.47
N PRO C 224 -38.42 -20.43 8.40
CA PRO C 224 -39.59 -21.18 7.93
C PRO C 224 -40.54 -21.58 9.05
N VAL C 225 -41.72 -22.10 8.69
CA VAL C 225 -42.60 -22.87 9.60
C VAL C 225 -42.00 -24.27 9.71
N LYS C 226 -41.59 -24.68 10.92
CA LYS C 226 -40.96 -26.00 11.19
C LYS C 226 -41.85 -27.10 10.60
N GLY C 227 -41.27 -28.01 9.82
CA GLY C 227 -41.99 -29.09 9.10
C GLY C 227 -42.01 -28.86 7.60
N GLN C 228 -41.64 -27.65 7.14
CA GLN C 228 -41.53 -27.27 5.71
C GLN C 228 -40.66 -28.30 4.98
N GLN C 229 -41.16 -28.85 3.88
CA GLN C 229 -40.44 -29.84 3.02
C GLN C 229 -39.87 -29.13 1.79
N LEU C 230 -40.61 -28.17 1.23
CA LEU C 230 -40.28 -27.47 -0.05
C LEU C 230 -39.42 -26.23 0.23
N ASN C 231 -38.28 -26.11 -0.47
CA ASN C 231 -37.47 -24.87 -0.55
C ASN C 231 -37.13 -24.62 -2.03
N ALA C 232 -37.71 -23.58 -2.63
CA ALA C 232 -37.57 -23.21 -4.06
C ALA C 232 -37.48 -21.70 -4.23
N SER C 233 -36.59 -21.23 -5.12
CA SER C 233 -36.48 -19.82 -5.55
C SER C 233 -37.74 -19.43 -6.34
N ILE C 234 -38.26 -18.22 -6.12
CA ILE C 234 -39.32 -17.60 -6.96
C ILE C 234 -38.63 -16.78 -8.05
N ILE C 235 -38.93 -17.09 -9.32
CA ILE C 235 -38.38 -16.40 -10.52
C ILE C 235 -39.51 -15.56 -11.14
N ALA C 236 -39.40 -14.23 -11.05
CA ALA C 236 -40.32 -13.25 -11.68
C ALA C 236 -39.72 -12.82 -13.03
N GLN C 237 -39.86 -11.56 -13.42
CA GLN C 237 -39.35 -11.00 -14.71
C GLN C 237 -37.84 -11.25 -14.80
N THR C 238 -37.36 -11.58 -15.99
CA THR C 238 -35.91 -11.68 -16.35
C THR C 238 -35.63 -10.73 -17.52
N ARG C 239 -34.37 -10.29 -17.65
CA ARG C 239 -33.84 -9.50 -18.80
C ARG C 239 -34.34 -10.10 -20.12
N LEU C 240 -34.76 -9.24 -21.06
CA LEU C 240 -35.07 -9.63 -22.46
C LEU C 240 -33.75 -9.96 -23.17
N THR C 241 -33.77 -10.91 -24.10
CA THR C 241 -32.55 -11.55 -24.70
C THR C 241 -32.44 -11.29 -26.20
N SER C 242 -33.47 -10.75 -26.86
CA SER C 242 -33.56 -10.63 -28.33
C SER C 242 -34.38 -9.40 -28.74
N THR C 243 -34.22 -8.98 -30.00
CA THR C 243 -34.95 -7.84 -30.63
C THR C 243 -36.45 -8.16 -30.69
N GLU C 244 -36.81 -9.44 -30.86
CA GLU C 244 -38.21 -9.94 -30.94
C GLU C 244 -38.93 -9.61 -29.64
N GLU C 245 -38.28 -9.85 -28.49
CA GLU C 245 -38.86 -9.63 -27.13
C GLU C 245 -39.02 -8.14 -26.86
N PHE C 246 -38.05 -7.31 -27.28
CA PHE C 246 -38.08 -5.83 -27.11
C PHE C 246 -39.18 -5.23 -28.00
N GLY C 247 -39.37 -5.79 -29.20
CA GLY C 247 -40.38 -5.34 -30.19
C GLY C 247 -41.80 -5.53 -29.70
N LYS C 248 -42.05 -6.56 -28.89
CA LYS C 248 -43.40 -6.94 -28.38
C LYS C 248 -43.65 -6.30 -27.00
N ILE C 249 -42.79 -5.38 -26.56
CA ILE C 249 -43.01 -4.55 -25.34
C ILE C 249 -44.30 -3.73 -25.55
N LEU C 250 -45.27 -3.89 -24.65
CA LEU C 250 -46.60 -3.24 -24.73
C LEU C 250 -46.50 -1.82 -24.16
N LEU C 251 -46.59 -0.80 -25.01
CA LEU C 251 -46.54 0.63 -24.60
C LEU C 251 -47.90 1.04 -24.02
N LYS C 252 -48.99 0.74 -24.74
CA LYS C 252 -50.38 0.98 -24.25
C LYS C 252 -51.38 0.12 -25.02
N VAL C 253 -52.59 -0.02 -24.46
CA VAL C 253 -53.78 -0.67 -25.09
C VAL C 253 -54.80 0.43 -25.41
N ASN C 254 -55.20 0.55 -26.68
CA ASN C 254 -56.17 1.58 -27.16
C ASN C 254 -57.56 1.24 -26.62
N GLN C 255 -58.48 2.23 -26.63
CA GLN C 255 -59.86 2.11 -26.11
C GLN C 255 -60.68 1.16 -26.99
N ASP C 256 -60.31 1.02 -28.28
CA ASP C 256 -61.00 0.13 -29.25
C ASP C 256 -60.46 -1.30 -29.14
N GLY C 257 -59.47 -1.54 -28.27
CA GLY C 257 -58.94 -2.89 -27.95
C GLY C 257 -57.54 -3.11 -28.49
N SER C 258 -57.23 -2.54 -29.68
CA SER C 258 -55.95 -2.72 -30.41
C SER C 258 -54.75 -2.35 -29.51
N ARG C 259 -53.62 -3.03 -29.70
CA ARG C 259 -52.39 -2.88 -28.89
C ARG C 259 -51.35 -2.04 -29.65
N VAL C 260 -50.62 -1.20 -28.93
CA VAL C 260 -49.46 -0.40 -29.43
C VAL C 260 -48.18 -0.98 -28.84
N LEU C 261 -47.39 -1.68 -29.66
CA LEU C 261 -46.10 -2.31 -29.26
C LEU C 261 -44.96 -1.35 -29.60
N LEU C 262 -43.75 -1.64 -29.08
CA LEU C 262 -42.55 -0.78 -29.28
C LEU C 262 -42.13 -0.81 -30.76
N ARG C 263 -42.36 -1.92 -31.45
CA ARG C 263 -41.97 -2.12 -32.88
C ARG C 263 -42.89 -1.29 -33.79
N ASP C 264 -44.02 -0.79 -33.28
CA ASP C 264 -44.99 0.05 -34.03
C ASP C 264 -44.55 1.52 -34.04
N VAL C 265 -43.62 1.91 -33.16
CA VAL C 265 -43.13 3.32 -33.02
C VAL C 265 -41.61 3.38 -33.13
N ALA C 266 -40.93 2.27 -33.44
CA ALA C 266 -39.45 2.19 -33.46
C ALA C 266 -38.98 0.95 -34.24
N LYS C 267 -37.72 0.98 -34.67
CA LYS C 267 -37.00 -0.16 -35.30
C LYS C 267 -36.06 -0.77 -34.25
N ILE C 268 -36.16 -2.09 -34.05
CA ILE C 268 -35.41 -2.86 -33.01
C ILE C 268 -34.31 -3.66 -33.72
N GLU C 269 -33.04 -3.40 -33.38
CA GLU C 269 -31.87 -4.13 -33.94
C GLU C 269 -30.69 -4.04 -32.96
N LEU C 270 -29.79 -5.02 -33.01
CA LEU C 270 -28.47 -4.97 -32.33
C LEU C 270 -27.57 -3.98 -33.09
N GLY C 271 -27.03 -3.00 -32.39
CA GLY C 271 -26.15 -1.95 -32.95
C GLY C 271 -25.21 -1.40 -31.89
N GLY C 272 -24.10 -0.79 -32.32
CA GLY C 272 -23.02 -0.31 -31.43
C GLY C 272 -23.54 0.62 -30.35
N GLU C 273 -22.87 0.65 -29.19
CA GLU C 273 -23.15 1.60 -28.08
C GLU C 273 -22.98 3.03 -28.62
N ASN C 274 -21.90 3.25 -29.39
CA ASN C 274 -21.66 4.46 -30.21
C ASN C 274 -21.25 4.03 -31.63
N TYR C 275 -21.30 4.96 -32.58
CA TYR C 275 -21.01 4.73 -34.03
C TYR C 275 -19.90 5.68 -34.51
N ASP C 276 -19.07 6.18 -33.59
CA ASP C 276 -18.05 7.24 -33.86
C ASP C 276 -16.80 6.62 -34.48
N ILE C 277 -16.37 5.44 -33.98
CA ILE C 277 -15.09 4.78 -34.37
C ILE C 277 -15.38 3.70 -35.42
N ILE C 278 -14.79 3.85 -36.62
CA ILE C 278 -14.88 2.90 -37.76
C ILE C 278 -13.46 2.66 -38.30
N ALA C 279 -12.98 1.42 -38.27
CA ALA C 279 -11.60 1.03 -38.62
C ALA C 279 -11.58 0.21 -39.91
N GLU C 280 -10.49 0.32 -40.68
CA GLU C 280 -10.25 -0.46 -41.91
C GLU C 280 -8.81 -0.98 -41.91
N PHE C 281 -8.61 -2.21 -42.39
CA PHE C 281 -7.29 -2.87 -42.60
C PHE C 281 -7.08 -3.05 -44.11
N ASN C 282 -6.16 -2.29 -44.69
CA ASN C 282 -5.83 -2.29 -46.15
C ASN C 282 -7.13 -2.08 -46.96
N GLY C 283 -8.00 -1.19 -46.48
CA GLY C 283 -9.20 -0.73 -47.21
C GLY C 283 -10.45 -1.55 -46.90
N GLN C 284 -10.32 -2.71 -46.25
CA GLN C 284 -11.46 -3.64 -46.00
C GLN C 284 -11.97 -3.46 -44.58
N PRO C 285 -13.28 -3.65 -44.32
CA PRO C 285 -13.85 -3.49 -42.98
C PRO C 285 -13.12 -4.35 -41.93
N ALA C 286 -12.87 -3.77 -40.75
CA ALA C 286 -12.11 -4.40 -39.65
C ALA C 286 -12.52 -3.81 -38.30
N SER C 287 -12.20 -4.52 -37.22
CA SER C 287 -12.14 -3.99 -35.82
C SER C 287 -10.71 -4.24 -35.31
N GLY C 288 -10.42 -3.79 -34.09
CA GLY C 288 -9.09 -3.97 -33.49
C GLY C 288 -9.05 -3.58 -32.02
N LEU C 289 -7.96 -3.97 -31.34
CA LEU C 289 -7.65 -3.60 -29.93
C LEU C 289 -6.34 -2.82 -29.91
N GLY C 290 -6.39 -1.55 -29.51
CA GLY C 290 -5.20 -0.74 -29.16
C GLY C 290 -4.72 -1.08 -27.77
N ILE C 291 -3.64 -1.86 -27.65
CA ILE C 291 -3.13 -2.41 -26.37
C ILE C 291 -1.97 -1.53 -25.87
N LYS C 292 -2.13 -0.92 -24.69
CA LYS C 292 -1.08 -0.14 -23.98
C LYS C 292 -0.29 -1.09 -23.07
N LEU C 293 1.02 -0.87 -22.96
CA LEU C 293 1.90 -1.60 -22.01
C LEU C 293 1.74 -0.99 -20.61
N ALA C 294 1.52 -1.83 -19.59
CA ALA C 294 1.41 -1.44 -18.17
C ALA C 294 2.78 -0.94 -17.67
N THR C 295 2.77 0.02 -16.75
CA THR C 295 4.00 0.64 -16.18
C THR C 295 4.88 -0.43 -15.56
N GLY C 296 6.15 -0.53 -16.00
CA GLY C 296 7.17 -1.42 -15.44
C GLY C 296 7.11 -2.84 -16.02
N ALA C 297 6.16 -3.12 -16.91
CA ALA C 297 5.95 -4.45 -17.53
C ALA C 297 6.99 -4.67 -18.65
N ASN C 298 7.36 -5.93 -18.89
CA ASN C 298 8.31 -6.35 -19.95
C ASN C 298 7.54 -6.49 -21.27
N ALA C 299 7.93 -5.70 -22.28
CA ALA C 299 7.23 -5.59 -23.59
C ALA C 299 7.17 -6.95 -24.29
N LEU C 300 8.29 -7.69 -24.33
CA LEU C 300 8.42 -8.99 -25.02
C LEU C 300 7.55 -10.04 -24.34
N ASP C 301 7.55 -10.07 -23.00
CA ASP C 301 6.74 -11.02 -22.17
C ASP C 301 5.24 -10.70 -22.36
N THR C 302 4.88 -9.42 -22.33
CA THR C 302 3.50 -8.91 -22.52
C THR C 302 2.98 -9.33 -23.89
N ALA C 303 3.79 -9.15 -24.94
CA ALA C 303 3.47 -9.51 -26.34
C ALA C 303 3.27 -11.03 -26.46
N ALA C 304 4.16 -11.81 -25.87
CA ALA C 304 4.11 -13.30 -25.82
C ALA C 304 2.82 -13.74 -25.10
N ALA C 305 2.43 -13.03 -24.04
CA ALA C 305 1.21 -13.30 -23.24
C ALA C 305 -0.04 -12.98 -24.05
N ILE C 306 -0.02 -11.88 -24.81
CA ILE C 306 -1.15 -11.45 -25.69
C ILE C 306 -1.38 -12.50 -26.78
N ARG C 307 -0.30 -12.98 -27.41
CA ARG C 307 -0.36 -13.99 -28.50
C ARG C 307 -0.83 -15.34 -27.92
N ALA C 308 -0.34 -15.71 -26.75
CA ALA C 308 -0.74 -16.94 -26.01
C ALA C 308 -2.25 -16.92 -25.74
N GLU C 309 -2.78 -15.75 -25.33
CA GLU C 309 -4.20 -15.56 -24.97
C GLU C 309 -5.07 -15.60 -26.23
N LEU C 310 -4.61 -14.98 -27.33
CA LEU C 310 -5.32 -14.96 -28.64
C LEU C 310 -5.36 -16.38 -29.22
N ALA C 311 -4.32 -17.19 -28.97
CA ALA C 311 -4.20 -18.59 -29.44
C ALA C 311 -5.25 -19.48 -28.76
N LYS C 312 -5.68 -19.12 -27.54
CA LYS C 312 -6.70 -19.85 -26.76
C LYS C 312 -8.11 -19.50 -27.27
N MET C 313 -8.29 -18.30 -27.82
CA MET C 313 -9.58 -17.79 -28.34
C MET C 313 -9.82 -18.30 -29.77
N GLU C 314 -8.74 -18.55 -30.52
CA GLU C 314 -8.74 -18.78 -31.99
C GLU C 314 -9.64 -19.97 -32.34
N PRO C 315 -9.54 -21.13 -31.64
CA PRO C 315 -10.36 -22.30 -31.96
C PRO C 315 -11.89 -22.11 -31.82
N PHE C 316 -12.33 -21.09 -31.08
CA PHE C 316 -13.76 -20.83 -30.75
C PHE C 316 -14.31 -19.67 -31.58
N PHE C 317 -13.54 -19.16 -32.56
CA PHE C 317 -13.95 -18.06 -33.47
C PHE C 317 -15.08 -18.56 -34.38
N PRO C 318 -15.94 -17.64 -34.89
CA PRO C 318 -16.87 -17.99 -35.98
C PRO C 318 -16.09 -18.23 -37.28
N SER C 319 -16.77 -18.77 -38.30
CA SER C 319 -16.21 -19.01 -39.66
C SER C 319 -15.72 -17.69 -40.25
N GLY C 320 -14.48 -17.65 -40.74
CA GLY C 320 -13.92 -16.53 -41.52
C GLY C 320 -13.12 -15.55 -40.67
N LEU C 321 -13.49 -15.35 -39.41
CA LEU C 321 -12.83 -14.38 -38.49
C LEU C 321 -11.34 -14.72 -38.40
N LYS C 322 -10.47 -13.74 -38.63
CA LYS C 322 -8.99 -13.90 -38.69
C LYS C 322 -8.31 -12.75 -37.95
N ILE C 323 -7.24 -13.04 -37.21
CA ILE C 323 -6.38 -12.03 -36.52
C ILE C 323 -5.32 -11.54 -37.52
N VAL C 324 -5.18 -10.22 -37.62
CA VAL C 324 -4.07 -9.54 -38.38
C VAL C 324 -3.27 -8.70 -37.38
N TYR C 325 -2.00 -8.42 -37.72
CA TYR C 325 -1.03 -7.68 -36.88
C TYR C 325 -0.54 -6.46 -37.65
N PRO C 326 -1.39 -5.42 -37.79
CA PRO C 326 -1.06 -4.24 -38.60
C PRO C 326 -0.12 -3.21 -37.96
N TYR C 327 0.17 -3.33 -36.66
CA TYR C 327 1.00 -2.37 -35.89
C TYR C 327 1.53 -3.04 -34.62
N ASP C 328 2.85 -3.21 -34.54
CA ASP C 328 3.55 -3.86 -33.40
C ASP C 328 4.97 -3.31 -33.31
N THR C 329 5.40 -2.87 -32.12
CA THR C 329 6.73 -2.26 -31.86
C THR C 329 7.73 -3.34 -31.41
N THR C 330 7.26 -4.53 -31.04
CA THR C 330 8.09 -5.61 -30.44
C THR C 330 8.98 -6.27 -31.48
N PRO C 331 8.59 -6.38 -32.79
CA PRO C 331 9.51 -6.86 -33.82
C PRO C 331 10.80 -6.03 -33.87
N PHE C 332 10.70 -4.70 -33.71
CA PHE C 332 11.85 -3.74 -33.68
C PHE C 332 12.72 -4.00 -32.44
N VAL C 333 12.08 -4.31 -31.31
CA VAL C 333 12.79 -4.64 -30.02
C VAL C 333 13.66 -5.88 -30.26
N LYS C 334 13.09 -6.93 -30.86
CA LYS C 334 13.76 -8.23 -31.12
C LYS C 334 14.99 -8.02 -32.01
N ILE C 335 14.82 -7.37 -33.16
CA ILE C 335 15.91 -7.16 -34.18
C ILE C 335 16.98 -6.25 -33.59
N SER C 336 16.61 -5.15 -32.91
CA SER C 336 17.54 -4.17 -32.32
C SER C 336 18.50 -4.88 -31.36
N ILE C 337 17.98 -5.78 -30.52
CA ILE C 337 18.76 -6.61 -29.55
C ILE C 337 19.69 -7.54 -30.35
N HIS C 338 19.14 -8.27 -31.32
CA HIS C 338 19.87 -9.19 -32.23
C HIS C 338 21.05 -8.46 -32.88
N GLU C 339 20.85 -7.20 -33.28
CA GLU C 339 21.86 -6.36 -33.98
C GLU C 339 22.98 -5.96 -33.00
N VAL C 340 22.66 -5.72 -31.72
CA VAL C 340 23.67 -5.33 -30.68
C VAL C 340 24.44 -6.58 -30.25
N VAL C 341 23.79 -7.74 -30.21
CA VAL C 341 24.44 -9.06 -29.96
C VAL C 341 25.40 -9.35 -31.12
N LYS C 342 24.97 -9.09 -32.36
CA LYS C 342 25.80 -9.22 -33.59
C LYS C 342 27.01 -8.29 -33.46
N THR C 343 26.79 -7.03 -33.06
CA THR C 343 27.83 -6.00 -32.81
C THR C 343 28.79 -6.50 -31.72
N LEU C 344 28.26 -7.08 -30.64
CA LEU C 344 29.04 -7.59 -29.47
C LEU C 344 29.96 -8.73 -29.93
N VAL C 345 29.44 -9.68 -30.69
CA VAL C 345 30.20 -10.86 -31.20
C VAL C 345 31.29 -10.36 -32.17
N GLU C 346 30.94 -9.43 -33.06
CA GLU C 346 31.87 -8.80 -34.04
C GLU C 346 33.01 -8.08 -33.29
N ALA C 347 32.68 -7.35 -32.22
CA ALA C 347 33.63 -6.59 -31.37
C ALA C 347 34.65 -7.55 -30.74
N ILE C 348 34.18 -8.70 -30.23
CA ILE C 348 35.02 -9.74 -29.57
C ILE C 348 36.01 -10.32 -30.60
N ILE C 349 35.54 -10.58 -31.82
CA ILE C 349 36.35 -11.16 -32.93
C ILE C 349 37.46 -10.17 -33.32
N LEU C 350 37.11 -8.89 -33.50
CA LEU C 350 38.06 -7.82 -33.92
C LEU C 350 39.11 -7.60 -32.83
N VAL C 351 38.71 -7.59 -31.55
CA VAL C 351 39.61 -7.42 -30.38
C VAL C 351 40.58 -8.62 -30.31
N PHE C 352 40.08 -9.83 -30.57
CA PHE C 352 40.89 -11.08 -30.66
C PHE C 352 41.97 -10.91 -31.72
N LEU C 353 41.59 -10.42 -32.91
CA LEU C 353 42.48 -10.24 -34.10
C LEU C 353 43.55 -9.18 -33.81
N VAL C 354 43.19 -8.09 -33.12
CA VAL C 354 44.12 -6.99 -32.73
C VAL C 354 45.19 -7.56 -31.80
N MET C 355 44.78 -8.38 -30.82
CA MET C 355 45.70 -9.03 -29.85
C MET C 355 46.53 -10.11 -30.56
N TYR C 356 45.95 -10.79 -31.56
CA TYR C 356 46.62 -11.84 -32.38
C TYR C 356 47.70 -11.19 -33.27
N LEU C 357 47.44 -9.98 -33.78
CA LEU C 357 48.36 -9.20 -34.64
C LEU C 357 49.68 -8.93 -33.90
N PHE C 358 49.61 -8.64 -32.59
CA PHE C 358 50.75 -8.20 -31.75
C PHE C 358 51.43 -9.39 -31.08
N LEU C 359 50.65 -10.33 -30.54
CA LEU C 359 51.16 -11.48 -29.74
C LEU C 359 51.60 -12.62 -30.67
N GLN C 360 50.85 -12.87 -31.75
CA GLN C 360 51.28 -13.61 -32.96
C GLN C 360 51.43 -15.12 -32.71
N ASN C 361 51.10 -15.61 -31.51
CA ASN C 361 51.06 -17.07 -31.20
C ASN C 361 49.78 -17.35 -30.39
N PHE C 362 49.15 -18.51 -30.62
CA PHE C 362 47.80 -18.86 -30.11
C PHE C 362 47.82 -18.87 -28.57
N ARG C 363 48.85 -19.47 -27.98
CA ARG C 363 49.04 -19.58 -26.50
C ARG C 363 48.97 -18.17 -25.87
N ALA C 364 49.81 -17.24 -26.34
CA ALA C 364 49.94 -15.86 -25.82
C ALA C 364 48.64 -15.09 -26.04
N THR C 365 48.01 -15.26 -27.22
CA THR C 365 46.77 -14.54 -27.65
C THR C 365 45.58 -15.00 -26.80
N LEU C 366 45.53 -16.28 -26.43
CA LEU C 366 44.39 -16.90 -25.70
C LEU C 366 44.30 -16.34 -24.27
N ILE C 367 45.44 -16.02 -23.66
CA ILE C 367 45.54 -15.58 -22.23
C ILE C 367 44.64 -14.37 -21.99
N PRO C 368 44.83 -13.23 -22.70
CA PRO C 368 43.96 -12.07 -22.54
C PRO C 368 42.57 -12.24 -23.18
N THR C 369 42.42 -13.18 -24.12
CA THR C 369 41.14 -13.51 -24.80
C THR C 369 40.20 -14.21 -23.80
N ILE C 370 40.76 -15.04 -22.90
CA ILE C 370 40.02 -15.77 -21.84
C ILE C 370 39.37 -14.77 -20.87
N ALA C 371 39.91 -13.56 -20.77
CA ALA C 371 39.38 -12.45 -19.94
C ALA C 371 37.95 -12.10 -20.38
N VAL C 372 37.66 -12.19 -21.68
CA VAL C 372 36.36 -11.74 -22.29
C VAL C 372 35.22 -12.59 -21.72
N PRO C 373 35.21 -13.93 -21.90
CA PRO C 373 34.18 -14.78 -21.29
C PRO C 373 34.01 -14.55 -19.77
N VAL C 374 35.12 -14.52 -19.03
CA VAL C 374 35.15 -14.46 -17.53
C VAL C 374 34.53 -13.13 -17.08
N VAL C 375 34.96 -12.01 -17.65
CA VAL C 375 34.52 -10.64 -17.26
C VAL C 375 33.05 -10.43 -17.66
N LEU C 376 32.69 -10.78 -18.90
CA LEU C 376 31.32 -10.56 -19.46
C LEU C 376 30.31 -11.39 -18.67
N LEU C 377 30.53 -12.70 -18.55
CA LEU C 377 29.66 -13.62 -17.75
C LEU C 377 29.61 -13.12 -16.30
N GLY C 378 30.76 -12.74 -15.74
CA GLY C 378 30.86 -12.09 -14.42
C GLY C 378 29.95 -10.87 -14.32
N THR C 379 29.95 -10.03 -15.36
CA THR C 379 29.14 -8.79 -15.45
C THR C 379 27.63 -9.15 -15.50
N PHE C 380 27.28 -10.17 -16.28
CA PHE C 380 25.89 -10.69 -16.41
C PHE C 380 25.35 -11.10 -15.03
N ALA C 381 26.18 -11.78 -14.24
CA ALA C 381 25.86 -12.23 -12.86
C ALA C 381 25.56 -11.03 -11.97
N VAL C 382 26.32 -9.94 -12.12
CA VAL C 382 26.17 -8.69 -11.32
C VAL C 382 24.87 -7.99 -11.72
N LEU C 383 24.54 -7.96 -13.01
CA LEU C 383 23.28 -7.36 -13.54
C LEU C 383 22.08 -8.10 -12.94
N ALA C 384 22.14 -9.44 -12.86
CA ALA C 384 21.10 -10.30 -12.29
C ALA C 384 20.95 -10.03 -10.79
N ALA C 385 22.07 -9.91 -10.08
CA ALA C 385 22.14 -9.69 -8.61
C ALA C 385 21.45 -8.38 -8.22
N PHE C 386 21.60 -7.33 -9.03
CA PHE C 386 21.04 -5.96 -8.79
C PHE C 386 19.77 -5.74 -9.60
N GLY C 387 19.29 -6.78 -10.29
CA GLY C 387 17.96 -6.81 -10.95
C GLY C 387 17.90 -5.97 -12.22
N PHE C 388 19.03 -5.83 -12.93
CA PHE C 388 19.13 -5.16 -14.26
C PHE C 388 18.78 -6.17 -15.35
N SER C 389 18.31 -5.69 -16.51
CA SER C 389 17.88 -6.52 -17.67
C SER C 389 18.95 -6.49 -18.76
N ILE C 390 18.91 -7.47 -19.67
CA ILE C 390 19.70 -7.50 -20.94
C ILE C 390 18.98 -6.60 -21.94
N ASN C 391 19.43 -5.33 -22.03
CA ASN C 391 18.82 -4.28 -22.89
C ASN C 391 19.92 -3.65 -23.75
N THR C 392 19.55 -2.84 -24.74
CA THR C 392 20.47 -2.21 -25.72
C THR C 392 21.53 -1.40 -24.97
N LEU C 393 21.14 -0.72 -23.89
CA LEU C 393 22.02 0.20 -23.09
C LEU C 393 23.07 -0.62 -22.33
N THR C 394 22.66 -1.69 -21.65
CA THR C 394 23.56 -2.60 -20.90
C THR C 394 24.47 -3.35 -21.88
N MET C 395 23.95 -3.68 -23.07
CA MET C 395 24.72 -4.36 -24.14
C MET C 395 25.75 -3.41 -24.73
N PHE C 396 25.38 -2.15 -24.99
CA PHE C 396 26.31 -1.07 -25.45
C PHE C 396 27.47 -0.94 -24.46
N GLY C 397 27.14 -0.94 -23.15
CA GLY C 397 28.13 -0.92 -22.05
C GLY C 397 29.14 -2.04 -22.18
N MET C 398 28.68 -3.25 -22.56
CA MET C 398 29.52 -4.46 -22.73
C MET C 398 30.36 -4.35 -24.02
N VAL C 399 29.79 -3.77 -25.08
CA VAL C 399 30.51 -3.55 -26.38
C VAL C 399 31.69 -2.61 -26.14
N LEU C 400 31.48 -1.53 -25.37
CA LEU C 400 32.53 -0.55 -24.96
C LEU C 400 33.57 -1.25 -24.09
N ALA C 401 33.14 -2.20 -23.24
CA ALA C 401 33.96 -2.89 -22.22
C ALA C 401 34.95 -3.86 -22.88
N ILE C 402 34.61 -4.44 -24.04
CA ILE C 402 35.41 -5.51 -24.71
C ILE C 402 36.86 -5.05 -24.85
N GLY C 403 37.07 -3.85 -25.41
CA GLY C 403 38.39 -3.27 -25.66
C GLY C 403 38.95 -2.51 -24.45
N LEU C 404 38.36 -2.71 -23.27
CA LEU C 404 38.80 -2.12 -21.98
C LEU C 404 39.10 -3.21 -20.95
N LEU C 405 38.29 -4.26 -20.89
CA LEU C 405 38.42 -5.37 -19.91
C LEU C 405 39.63 -6.25 -20.24
N VAL C 406 40.15 -6.18 -21.47
CA VAL C 406 41.35 -6.96 -21.94
C VAL C 406 42.62 -6.16 -21.66
N ASP C 407 42.51 -4.88 -21.32
CA ASP C 407 43.64 -3.92 -21.18
C ASP C 407 44.64 -4.43 -20.14
N ASP C 408 44.17 -4.64 -18.89
CA ASP C 408 45.02 -5.09 -17.76
C ASP C 408 45.67 -6.44 -18.11
N ALA C 409 44.90 -7.36 -18.68
CA ALA C 409 45.37 -8.71 -19.12
C ALA C 409 46.48 -8.55 -20.17
N ILE C 410 46.29 -7.65 -21.14
CA ILE C 410 47.30 -7.33 -22.21
C ILE C 410 48.58 -6.80 -21.56
N VAL C 411 48.45 -5.83 -20.65
CA VAL C 411 49.59 -5.16 -19.94
C VAL C 411 50.45 -6.22 -19.26
N VAL C 412 49.84 -7.24 -18.66
CA VAL C 412 50.54 -8.37 -17.97
C VAL C 412 51.34 -9.16 -19.02
N VAL C 413 50.66 -9.74 -20.00
CA VAL C 413 51.24 -10.64 -21.04
C VAL C 413 52.37 -9.91 -21.78
N GLU C 414 52.13 -8.66 -22.18
CA GLU C 414 53.08 -7.81 -22.95
C GLU C 414 54.34 -7.57 -22.10
N ASN C 415 54.16 -7.22 -20.81
CA ASN C 415 55.27 -6.90 -19.87
C ASN C 415 56.12 -8.16 -19.61
N VAL C 416 55.48 -9.33 -19.52
CA VAL C 416 56.15 -10.65 -19.29
C VAL C 416 57.08 -10.94 -20.48
N GLU C 417 56.60 -10.74 -21.70
CA GLU C 417 57.36 -11.00 -22.96
C GLU C 417 58.50 -9.99 -23.10
N ARG C 418 58.28 -8.74 -22.68
CA ARG C 418 59.32 -7.66 -22.66
C ARG C 418 60.45 -8.06 -21.73
N VAL C 419 60.12 -8.57 -20.53
CA VAL C 419 61.10 -9.03 -19.50
C VAL C 419 61.86 -10.24 -20.04
N MET C 420 61.16 -11.18 -20.71
CA MET C 420 61.77 -12.39 -21.33
C MET C 420 62.69 -11.97 -22.49
N ALA C 421 62.25 -11.00 -23.30
CA ALA C 421 62.99 -10.49 -24.48
C ALA C 421 64.27 -9.76 -24.03
N GLU C 422 64.22 -9.05 -22.90
CA GLU C 422 65.31 -8.17 -22.41
C GLU C 422 66.33 -8.97 -21.59
N GLU C 423 65.88 -9.88 -20.72
CA GLU C 423 66.72 -10.58 -19.71
C GLU C 423 66.90 -12.07 -20.05
N GLY C 424 65.90 -12.69 -20.68
CA GLY C 424 65.92 -14.12 -21.04
C GLY C 424 65.53 -15.01 -19.87
N LEU C 425 64.71 -14.49 -18.95
CA LEU C 425 64.15 -15.22 -17.78
C LEU C 425 63.12 -16.24 -18.29
N PRO C 426 62.96 -17.40 -17.61
CA PRO C 426 61.84 -18.31 -17.90
C PRO C 426 60.49 -17.64 -17.65
N PRO C 427 59.41 -18.06 -18.35
CA PRO C 427 58.09 -17.44 -18.19
C PRO C 427 57.64 -17.20 -16.74
N LYS C 428 57.85 -18.18 -15.86
CA LYS C 428 57.40 -18.15 -14.44
C LYS C 428 58.16 -17.05 -13.67
N GLU C 429 59.48 -17.02 -13.80
CA GLU C 429 60.37 -16.00 -13.15
C GLU C 429 60.07 -14.61 -13.72
N ALA C 430 59.82 -14.53 -15.03
CA ALA C 430 59.48 -13.28 -15.76
C ALA C 430 58.16 -12.71 -15.25
N THR C 431 57.17 -13.58 -14.99
CA THR C 431 55.82 -13.22 -14.49
C THR C 431 55.94 -12.59 -13.09
N ARG C 432 56.68 -13.23 -12.19
CA ARG C 432 56.92 -12.75 -10.79
C ARG C 432 57.44 -11.31 -10.83
N LYS C 433 58.50 -11.07 -11.59
CA LYS C 433 59.16 -9.74 -11.73
C LYS C 433 58.16 -8.75 -12.35
N SER C 434 57.42 -9.16 -13.38
CA SER C 434 56.44 -8.34 -14.13
C SER C 434 55.36 -7.82 -13.17
N MET C 435 54.71 -8.72 -12.42
CA MET C 435 53.58 -8.39 -11.50
C MET C 435 54.05 -7.41 -10.42
N GLY C 436 55.33 -7.45 -10.05
CA GLY C 436 55.96 -6.52 -9.08
C GLY C 436 56.00 -5.08 -9.60
N GLN C 437 56.02 -4.90 -10.92
CA GLN C 437 56.20 -3.58 -11.60
C GLN C 437 54.84 -2.98 -12.00
N ILE C 438 53.93 -3.78 -12.55
CA ILE C 438 52.73 -3.31 -13.31
C ILE C 438 51.49 -3.22 -12.40
N GLN C 439 51.49 -3.91 -11.25
CA GLN C 439 50.33 -3.93 -10.30
C GLN C 439 49.74 -2.52 -10.17
N GLY C 440 50.59 -1.52 -9.93
CA GLY C 440 50.19 -0.10 -9.81
C GLY C 440 49.42 0.38 -11.03
N ALA C 441 49.89 0.05 -12.24
CA ALA C 441 49.27 0.39 -13.54
C ALA C 441 47.94 -0.36 -13.70
N LEU C 442 47.91 -1.65 -13.33
CA LEU C 442 46.72 -2.53 -13.46
C LEU C 442 45.56 -1.93 -12.67
N VAL C 443 45.80 -1.54 -11.42
CA VAL C 443 44.80 -0.90 -10.51
C VAL C 443 44.46 0.49 -11.05
N GLY C 444 45.48 1.26 -11.46
CA GLY C 444 45.35 2.63 -11.98
C GLY C 444 44.41 2.69 -13.19
N ILE C 445 44.59 1.78 -14.16
CA ILE C 445 43.78 1.69 -15.40
C ILE C 445 42.32 1.38 -15.02
N ALA C 446 42.11 0.33 -14.22
CA ALA C 446 40.78 -0.16 -13.78
C ALA C 446 40.05 0.92 -12.97
N MET C 447 40.79 1.70 -12.18
CA MET C 447 40.24 2.75 -11.25
C MET C 447 39.64 3.90 -12.06
N VAL C 448 40.40 4.47 -13.01
CA VAL C 448 40.01 5.68 -13.78
C VAL C 448 38.94 5.32 -14.82
N LEU C 449 38.86 4.05 -15.22
CA LEU C 449 37.82 3.53 -16.17
C LEU C 449 36.60 3.04 -15.37
N SER C 450 36.65 3.11 -14.04
CA SER C 450 35.51 2.85 -13.11
C SER C 450 34.96 4.18 -12.57
N ALA C 451 35.85 5.03 -12.07
CA ALA C 451 35.54 6.29 -11.33
C ALA C 451 34.69 7.24 -12.19
N VAL C 452 34.98 7.34 -13.49
CA VAL C 452 34.27 8.26 -14.44
C VAL C 452 32.79 7.91 -14.50
N PHE C 453 32.42 6.64 -14.34
CA PHE C 453 31.03 6.13 -14.51
C PHE C 453 30.29 6.03 -13.17
N VAL C 454 30.90 6.47 -12.06
CA VAL C 454 30.29 6.40 -10.70
C VAL C 454 29.31 7.56 -10.52
N PRO C 455 29.73 8.84 -10.67
CA PRO C 455 28.82 9.98 -10.47
C PRO C 455 27.53 9.95 -11.31
N MET C 456 27.61 9.48 -12.55
CA MET C 456 26.49 9.48 -13.53
C MET C 456 25.31 8.65 -13.00
N ALA C 457 25.59 7.62 -12.20
CA ALA C 457 24.59 6.69 -11.60
C ALA C 457 23.64 7.44 -10.66
N PHE C 458 24.12 8.53 -10.04
CA PHE C 458 23.38 9.30 -8.99
C PHE C 458 22.52 10.40 -9.62
N PHE C 459 22.75 10.73 -10.89
CA PHE C 459 21.98 11.78 -11.63
C PHE C 459 20.56 11.27 -11.89
N GLY C 460 19.63 12.20 -12.12
CA GLY C 460 18.17 11.94 -12.17
C GLY C 460 17.60 12.12 -13.57
N GLY C 461 16.28 11.93 -13.71
CA GLY C 461 15.56 11.99 -14.99
C GLY C 461 15.74 10.71 -15.79
N SER C 462 15.18 10.67 -17.00
CA SER C 462 15.31 9.54 -17.97
C SER C 462 16.80 9.34 -18.31
N THR C 463 17.57 10.44 -18.34
CA THR C 463 19.03 10.47 -18.61
C THR C 463 19.76 9.65 -17.53
N GLY C 464 19.38 9.86 -16.25
CA GLY C 464 19.91 9.11 -15.09
C GLY C 464 19.70 7.62 -15.23
N ALA C 465 18.50 7.21 -15.68
CA ALA C 465 18.10 5.80 -15.88
C ALA C 465 18.98 5.16 -16.98
N ILE C 466 19.31 5.93 -18.02
CA ILE C 466 20.20 5.48 -19.14
C ILE C 466 21.63 5.34 -18.60
N TYR C 467 22.13 6.37 -17.90
CA TYR C 467 23.49 6.43 -17.31
C TYR C 467 23.78 5.17 -16.48
N ARG C 468 22.85 4.80 -15.60
CA ARG C 468 23.00 3.68 -14.62
C ARG C 468 23.27 2.36 -15.36
N GLN C 469 22.72 2.19 -16.57
CA GLN C 469 22.89 0.96 -17.39
C GLN C 469 24.36 0.81 -17.79
N PHE C 470 24.98 1.91 -18.26
CA PHE C 470 26.42 1.98 -18.64
C PHE C 470 27.28 1.83 -17.38
N SER C 471 26.88 2.53 -16.31
CA SER C 471 27.61 2.59 -15.01
C SER C 471 27.80 1.18 -14.44
N ILE C 472 26.70 0.46 -14.19
CA ILE C 472 26.71 -0.91 -13.59
C ILE C 472 27.54 -1.85 -14.47
N THR C 473 27.41 -1.75 -15.79
CA THR C 473 28.01 -2.67 -16.78
C THR C 473 29.53 -2.47 -16.82
N ILE C 474 29.99 -1.23 -16.99
CA ILE C 474 31.43 -0.89 -17.23
C ILE C 474 32.21 -0.97 -15.91
N VAL C 475 31.66 -0.43 -14.82
CA VAL C 475 32.31 -0.46 -13.46
C VAL C 475 32.55 -1.92 -13.06
N SER C 476 31.54 -2.78 -13.24
CA SER C 476 31.60 -4.24 -12.94
C SER C 476 32.66 -4.92 -13.83
N ALA C 477 32.63 -4.62 -15.13
CA ALA C 477 33.56 -5.18 -16.16
C ALA C 477 35.00 -4.85 -15.81
N MET C 478 35.27 -3.59 -15.43
CA MET C 478 36.64 -3.09 -15.09
C MET C 478 37.09 -3.68 -13.74
N ALA C 479 36.20 -3.72 -12.75
CA ALA C 479 36.45 -4.30 -11.41
C ALA C 479 36.84 -5.78 -11.54
N LEU C 480 36.19 -6.50 -12.47
CA LEU C 480 36.46 -7.94 -12.76
C LEU C 480 37.76 -8.08 -13.56
N SER C 481 38.04 -7.14 -14.46
CA SER C 481 39.23 -7.15 -15.37
C SER C 481 40.52 -7.15 -14.55
N VAL C 482 40.59 -6.31 -13.50
CA VAL C 482 41.79 -6.16 -12.61
C VAL C 482 41.95 -7.43 -11.77
N LEU C 483 40.84 -8.04 -11.33
CA LEU C 483 40.85 -9.30 -10.54
C LEU C 483 41.37 -10.45 -11.42
N VAL C 484 40.89 -10.54 -12.67
CA VAL C 484 41.34 -11.55 -13.67
C VAL C 484 42.84 -11.35 -13.94
N ALA C 485 43.30 -10.10 -13.99
CA ALA C 485 44.69 -9.71 -14.33
C ALA C 485 45.63 -9.98 -13.14
N LEU C 486 45.09 -10.07 -11.92
CA LEU C 486 45.88 -10.31 -10.67
C LEU C 486 45.82 -11.80 -10.29
N ILE C 487 44.79 -12.54 -10.75
CA ILE C 487 44.52 -13.95 -10.34
C ILE C 487 44.85 -14.89 -11.51
N LEU C 488 44.10 -14.80 -12.62
CA LEU C 488 44.14 -15.77 -13.74
C LEU C 488 45.33 -15.50 -14.65
N THR C 489 45.45 -14.27 -15.17
CA THR C 489 46.43 -13.86 -16.21
C THR C 489 47.85 -14.22 -15.78
N PRO C 490 48.28 -13.94 -14.53
CA PRO C 490 49.63 -14.30 -14.07
C PRO C 490 49.85 -15.82 -14.07
N ALA C 491 48.84 -16.58 -13.62
CA ALA C 491 48.85 -18.05 -13.55
C ALA C 491 49.03 -18.65 -14.95
N LEU C 492 48.34 -18.09 -15.94
CA LEU C 492 48.40 -18.54 -17.37
C LEU C 492 49.77 -18.16 -17.96
N CYS C 493 50.24 -16.95 -17.71
CA CYS C 493 51.56 -16.42 -18.17
C CYS C 493 52.70 -17.34 -17.69
N ALA C 494 52.58 -17.90 -16.48
CA ALA C 494 53.62 -18.74 -15.83
C ALA C 494 53.57 -20.17 -16.35
N THR C 495 52.46 -20.58 -16.98
CA THR C 495 52.19 -21.99 -17.41
C THR C 495 52.06 -22.10 -18.94
N MET C 496 51.38 -21.15 -19.60
CA MET C 496 50.98 -21.25 -21.03
C MET C 496 52.00 -20.58 -21.95
N LEU C 497 52.56 -19.42 -21.57
CA LEU C 497 53.49 -18.62 -22.43
C LEU C 497 54.73 -19.46 -22.75
N LYS C 498 55.14 -19.47 -24.02
CA LYS C 498 56.37 -20.15 -24.52
C LYS C 498 57.56 -19.26 -24.21
N PRO C 499 58.71 -19.82 -23.74
CA PRO C 499 59.89 -19.01 -23.45
C PRO C 499 60.41 -18.23 -24.68
N ILE C 500 60.64 -16.92 -24.51
CA ILE C 500 61.29 -16.02 -25.52
C ILE C 500 62.76 -15.85 -25.13
N ALA C 501 63.68 -16.06 -26.09
CA ALA C 501 65.14 -15.94 -25.90
C ALA C 501 65.53 -14.47 -25.73
N LYS C 502 66.65 -14.21 -25.05
CA LYS C 502 67.19 -12.84 -24.80
C LYS C 502 67.58 -12.20 -26.14
N GLY C 503 67.01 -11.03 -26.44
CA GLY C 503 67.29 -10.24 -27.65
C GLY C 503 66.24 -10.42 -28.73
N ASP C 504 65.46 -11.50 -28.65
CA ASP C 504 64.44 -11.88 -29.68
C ASP C 504 63.22 -10.95 -29.54
N HIS C 505 62.89 -10.23 -30.63
CA HIS C 505 61.70 -9.34 -30.74
C HIS C 505 60.85 -9.76 -31.95
N GLY C 506 60.96 -11.02 -32.37
CA GLY C 506 60.19 -11.62 -33.49
C GLY C 506 60.55 -11.00 -34.83
N GLU C 507 61.75 -10.42 -34.95
CA GLU C 507 62.25 -9.79 -36.20
C GLU C 507 62.70 -10.88 -37.18
N GLY C 508 63.04 -12.07 -36.68
CA GLY C 508 63.51 -13.22 -37.48
C GLY C 508 62.38 -14.17 -37.89
N LYS C 509 61.13 -13.82 -37.57
CA LYS C 509 59.92 -14.61 -37.96
C LYS C 509 59.73 -14.53 -39.48
N LYS C 510 59.06 -15.53 -40.04
CA LYS C 510 58.80 -15.66 -41.50
C LYS C 510 57.35 -15.23 -41.81
N GLY C 511 57.13 -14.64 -42.99
CA GLY C 511 55.80 -14.19 -43.46
C GLY C 511 55.47 -12.80 -42.98
N PHE C 512 54.17 -12.53 -42.75
CA PHE C 512 53.61 -11.20 -42.43
C PHE C 512 54.10 -10.72 -41.05
N PHE C 513 54.03 -11.59 -40.04
CA PHE C 513 54.38 -11.26 -38.63
C PHE C 513 55.86 -10.83 -38.55
N GLY C 514 56.73 -11.46 -39.34
CA GLY C 514 58.15 -11.07 -39.47
C GLY C 514 58.30 -9.63 -39.95
N TRP C 515 57.50 -9.25 -40.96
CA TRP C 515 57.51 -7.90 -41.59
C TRP C 515 56.97 -6.85 -40.60
N PHE C 516 55.84 -7.17 -39.94
CA PHE C 516 55.14 -6.27 -38.97
C PHE C 516 56.06 -5.97 -37.78
N ASN C 517 56.76 -6.99 -37.27
CA ASN C 517 57.65 -6.87 -36.09
C ASN C 517 58.82 -5.94 -36.41
N ARG C 518 59.43 -6.10 -37.60
CA ARG C 518 60.53 -5.22 -38.10
C ARG C 518 60.00 -3.80 -38.29
N MET C 519 58.78 -3.65 -38.80
CA MET C 519 58.10 -2.35 -39.02
C MET C 519 57.90 -1.64 -37.67
N PHE C 520 57.38 -2.36 -36.67
CA PHE C 520 57.03 -1.82 -35.33
C PHE C 520 58.29 -1.48 -34.54
N GLU C 521 59.28 -2.39 -34.53
CA GLU C 521 60.60 -2.18 -33.87
C GLU C 521 61.26 -0.92 -34.44
N LYS C 522 61.18 -0.74 -35.77
CA LYS C 522 61.72 0.43 -36.50
C LYS C 522 60.91 1.68 -36.14
N SER C 523 59.58 1.56 -36.06
CA SER C 523 58.63 2.64 -35.72
C SER C 523 58.82 3.08 -34.26
N THR C 524 59.24 2.17 -33.38
CA THR C 524 59.51 2.44 -31.94
C THR C 524 60.76 3.34 -31.83
N HIS C 525 61.79 3.07 -32.63
CA HIS C 525 63.05 3.87 -32.69
C HIS C 525 62.74 5.28 -33.19
N HIS C 526 61.91 5.41 -34.23
CA HIS C 526 61.39 6.70 -34.76
C HIS C 526 60.74 7.50 -33.62
N TYR C 527 59.85 6.85 -32.87
CA TYR C 527 59.02 7.45 -31.80
C TYR C 527 59.91 7.93 -30.64
N THR C 528 60.74 7.04 -30.08
CA THR C 528 61.62 7.32 -28.92
C THR C 528 62.53 8.52 -29.25
N ASP C 529 63.12 8.53 -30.45
CA ASP C 529 63.98 9.64 -30.96
C ASP C 529 63.15 10.92 -31.05
N SER C 530 61.90 10.83 -31.52
CA SER C 530 60.95 11.96 -31.68
C SER C 530 60.65 12.60 -30.32
N VAL C 531 60.35 11.78 -29.30
CA VAL C 531 60.04 12.22 -27.91
C VAL C 531 61.28 12.93 -27.34
N GLY C 532 62.47 12.38 -27.59
CA GLY C 532 63.77 12.99 -27.22
C GLY C 532 63.87 14.43 -27.71
N GLY C 533 63.47 14.67 -28.96
CA GLY C 533 63.45 16.00 -29.59
C GLY C 533 62.39 16.90 -28.99
N ILE C 534 61.21 16.34 -28.69
CA ILE C 534 60.04 17.08 -28.10
C ILE C 534 60.43 17.63 -26.73
N LEU C 535 61.09 16.82 -25.89
CA LEU C 535 61.44 17.17 -24.48
C LEU C 535 62.55 18.22 -24.43
N ARG C 536 63.24 18.48 -25.54
CA ARG C 536 64.30 19.52 -25.67
C ARG C 536 63.66 20.85 -26.10
N SER C 537 62.39 20.85 -26.49
CA SER C 537 61.61 22.05 -26.91
C SER C 537 60.16 21.92 -26.44
N THR C 538 59.95 21.82 -25.13
CA THR C 538 58.62 21.57 -24.49
C THR C 538 57.73 22.81 -24.65
N GLY C 539 58.28 24.02 -24.48
CA GLY C 539 57.57 25.30 -24.57
C GLY C 539 56.72 25.40 -25.83
N ARG C 540 57.22 24.87 -26.95
CA ARG C 540 56.52 24.79 -28.27
C ARG C 540 55.19 24.07 -28.11
N TYR C 541 55.18 22.93 -27.39
CA TYR C 541 54.04 21.98 -27.30
C TYR C 541 53.04 22.44 -26.23
N LEU C 542 53.47 23.26 -25.27
CA LEU C 542 52.58 23.89 -24.26
C LEU C 542 51.65 24.90 -24.96
N VAL C 543 52.18 25.64 -25.94
CA VAL C 543 51.42 26.59 -26.80
C VAL C 543 50.49 25.79 -27.72
N LEU C 544 51.01 24.71 -28.32
CA LEU C 544 50.25 23.78 -29.22
C LEU C 544 49.09 23.15 -28.44
N TYR C 545 49.35 22.69 -27.21
CA TYR C 545 48.34 22.14 -26.29
C TYR C 545 47.24 23.18 -26.02
N LEU C 546 47.64 24.45 -25.84
CA LEU C 546 46.74 25.59 -25.53
C LEU C 546 45.79 25.82 -26.72
N ILE C 547 46.26 25.64 -27.95
CA ILE C 547 45.46 25.79 -29.20
C ILE C 547 44.41 24.66 -29.25
N ILE C 548 44.80 23.44 -28.89
CA ILE C 548 43.92 22.22 -28.89
C ILE C 548 42.76 22.46 -27.92
N VAL C 549 43.06 22.97 -26.72
CA VAL C 549 42.04 23.25 -25.64
C VAL C 549 41.04 24.28 -26.17
N VAL C 550 41.52 25.32 -26.87
CA VAL C 550 40.68 26.40 -27.46
C VAL C 550 39.85 25.80 -28.61
N GLY C 551 40.48 24.99 -29.46
CA GLY C 551 39.83 24.26 -30.56
C GLY C 551 38.73 23.34 -30.04
N MET C 552 39.00 22.62 -28.95
CA MET C 552 38.04 21.74 -28.24
C MET C 552 36.81 22.56 -27.81
N ALA C 553 37.05 23.67 -27.10
CA ALA C 553 36.01 24.59 -26.57
C ALA C 553 35.14 25.13 -27.71
N TYR C 554 35.75 25.47 -28.84
CA TYR C 554 35.06 26.02 -30.04
C TYR C 554 34.13 24.95 -30.63
N LEU C 555 34.64 23.73 -30.81
CA LEU C 555 33.89 22.60 -31.42
C LEU C 555 32.69 22.21 -30.54
N PHE C 556 32.83 22.36 -29.22
CA PHE C 556 31.79 21.98 -28.22
C PHE C 556 30.57 22.90 -28.35
N VAL C 557 30.77 24.21 -28.33
CA VAL C 557 29.68 25.24 -28.32
C VAL C 557 28.96 25.24 -29.67
N ARG C 558 29.63 24.83 -30.76
CA ARG C 558 29.10 24.85 -32.14
C ARG C 558 28.29 23.57 -32.41
N LEU C 559 28.67 22.44 -31.80
CA LEU C 559 28.02 21.12 -32.01
C LEU C 559 26.57 21.19 -31.54
N PRO C 560 25.56 21.02 -32.42
CA PRO C 560 24.16 21.02 -32.02
C PRO C 560 23.85 19.90 -31.01
N SER C 561 22.84 20.11 -30.16
CA SER C 561 22.41 19.17 -29.09
C SER C 561 21.07 18.52 -29.46
N SER C 562 20.87 17.29 -28.99
CA SER C 562 19.60 16.53 -29.04
C SER C 562 19.53 15.59 -27.83
N PHE C 563 18.46 14.79 -27.72
CA PHE C 563 18.25 13.84 -26.59
C PHE C 563 18.71 12.43 -27.03
N LEU C 564 17.90 11.76 -27.86
CA LEU C 564 18.17 10.39 -28.37
C LEU C 564 17.90 10.34 -29.87
N PRO C 565 18.70 9.60 -30.67
CA PRO C 565 18.45 9.47 -32.11
C PRO C 565 17.12 8.76 -32.41
N ASP C 566 16.41 9.23 -33.45
CA ASP C 566 15.22 8.54 -34.02
C ASP C 566 15.68 7.25 -34.70
N GLU C 567 14.81 6.25 -34.76
CA GLU C 567 15.10 4.92 -35.35
C GLU C 567 13.99 4.54 -36.34
N ASP C 568 14.31 3.71 -37.32
CA ASP C 568 13.32 2.99 -38.16
C ASP C 568 12.86 1.76 -37.37
N GLN C 569 11.62 1.79 -36.86
CA GLN C 569 11.04 0.72 -36.00
C GLN C 569 10.07 -0.13 -36.82
N GLY C 570 10.10 0.00 -38.15
CA GLY C 570 9.25 -0.75 -39.09
C GLY C 570 7.78 -0.34 -39.00
N VAL C 571 7.50 0.77 -38.31
CA VAL C 571 6.12 1.30 -38.07
C VAL C 571 6.20 2.82 -37.95
N PHE C 572 5.08 3.50 -38.23
CA PHE C 572 4.86 4.94 -37.97
C PHE C 572 3.36 5.24 -38.01
N MET C 573 2.97 6.46 -37.66
CA MET C 573 1.56 6.90 -37.58
C MET C 573 1.34 8.15 -38.44
N THR C 574 0.12 8.32 -38.94
CA THR C 574 -0.35 9.53 -39.68
C THR C 574 -1.58 10.09 -38.96
N MET C 575 -1.49 11.31 -38.44
CA MET C 575 -2.64 12.04 -37.84
C MET C 575 -3.44 12.68 -38.97
N VAL C 576 -4.77 12.74 -38.81
CA VAL C 576 -5.71 13.39 -39.77
C VAL C 576 -6.67 14.26 -38.95
N GLN C 577 -6.82 15.53 -39.32
N GLN C 577 -6.85 15.52 -39.36
CA GLN C 577 -7.74 16.49 -38.65
CA GLN C 577 -7.70 16.52 -38.67
C GLN C 577 -8.41 17.37 -39.70
C GLN C 577 -8.41 17.38 -39.72
N LEU C 578 -9.73 17.23 -39.85
CA LEU C 578 -10.57 18.07 -40.76
C LEU C 578 -11.08 19.27 -39.96
N PRO C 579 -11.58 20.33 -40.63
CA PRO C 579 -12.08 21.52 -39.93
C PRO C 579 -13.24 21.24 -38.97
N ALA C 580 -13.61 22.26 -38.19
CA ALA C 580 -14.74 22.24 -37.22
C ALA C 580 -16.04 21.92 -37.97
N GLY C 581 -16.79 20.92 -37.48
CA GLY C 581 -18.12 20.54 -38.00
C GLY C 581 -18.06 19.39 -38.99
N ALA C 582 -16.89 19.11 -39.57
CA ALA C 582 -16.68 18.06 -40.60
C ALA C 582 -17.19 16.72 -40.09
N THR C 583 -17.91 15.98 -40.95
CA THR C 583 -18.62 14.71 -40.61
C THR C 583 -17.68 13.51 -40.83
N GLN C 584 -18.12 12.35 -40.36
CA GLN C 584 -17.42 11.04 -40.46
C GLN C 584 -17.16 10.69 -41.94
N GLU C 585 -18.11 10.98 -42.82
CA GLU C 585 -18.03 10.71 -44.28
C GLU C 585 -16.88 11.53 -44.88
N ARG C 586 -16.80 12.82 -44.55
CA ARG C 586 -15.75 13.76 -45.04
C ARG C 586 -14.36 13.27 -44.60
N THR C 587 -14.24 12.79 -43.36
CA THR C 587 -12.97 12.28 -42.78
C THR C 587 -12.54 11.00 -43.52
N GLN C 588 -13.51 10.18 -43.95
CA GLN C 588 -13.27 8.89 -44.64
C GLN C 588 -12.62 9.13 -46.00
N LYS C 589 -13.07 10.18 -46.71
CA LYS C 589 -12.49 10.60 -48.02
C LYS C 589 -11.01 10.91 -47.84
N VAL C 590 -10.65 11.66 -46.78
CA VAL C 590 -9.25 12.06 -46.45
C VAL C 590 -8.45 10.80 -46.07
N LEU C 591 -9.04 9.93 -45.24
CA LEU C 591 -8.41 8.66 -44.78
C LEU C 591 -8.18 7.72 -45.98
N ASN C 592 -9.10 7.72 -46.95
CA ASN C 592 -8.99 6.95 -48.22
C ASN C 592 -7.76 7.44 -49.00
N GLU C 593 -7.57 8.75 -49.11
CA GLU C 593 -6.43 9.39 -49.83
C GLU C 593 -5.11 9.06 -49.14
N VAL C 594 -5.09 9.04 -47.79
CA VAL C 594 -3.90 8.71 -46.96
C VAL C 594 -3.56 7.23 -47.18
N THR C 595 -4.56 6.35 -47.11
CA THR C 595 -4.43 4.87 -47.33
C THR C 595 -3.98 4.61 -48.76
N HIS C 596 -4.59 5.29 -49.73
CA HIS C 596 -4.29 5.19 -51.19
C HIS C 596 -2.79 5.42 -51.43
N TYR C 597 -2.24 6.52 -50.92
CA TYR C 597 -0.83 6.92 -51.07
C TYR C 597 0.09 5.76 -50.65
N TYR C 598 -0.17 5.18 -49.47
CA TYR C 598 0.68 4.12 -48.85
C TYR C 598 0.56 2.81 -49.62
N LEU C 599 -0.60 2.53 -50.22
CA LEU C 599 -0.87 1.26 -50.94
C LEU C 599 -0.49 1.38 -52.43
N THR C 600 -0.14 2.57 -52.92
CA THR C 600 0.24 2.82 -54.33
C THR C 600 1.67 3.36 -54.41
N LYS C 601 1.91 4.61 -53.99
CA LYS C 601 3.23 5.29 -54.07
C LYS C 601 4.28 4.53 -53.24
N GLU C 602 3.90 4.00 -52.07
CA GLU C 602 4.82 3.35 -51.10
C GLU C 602 4.50 1.86 -50.96
N LYS C 603 4.05 1.20 -52.04
CA LYS C 603 3.59 -0.22 -52.01
C LYS C 603 4.79 -1.16 -51.87
N ASN C 604 6.00 -0.70 -52.20
CA ASN C 604 7.27 -1.47 -52.05
C ASN C 604 7.70 -1.48 -50.57
N ASN C 605 7.35 -0.45 -49.80
CA ASN C 605 7.85 -0.21 -48.42
C ASN C 605 6.77 -0.53 -47.38
N VAL C 606 5.50 -0.21 -47.66
CA VAL C 606 4.36 -0.36 -46.71
C VAL C 606 3.78 -1.78 -46.84
N GLU C 607 3.65 -2.49 -45.71
CA GLU C 607 3.07 -3.86 -45.64
C GLU C 607 1.56 -3.75 -45.41
N SER C 608 1.13 -3.00 -44.41
CA SER C 608 -0.30 -2.82 -44.03
C SER C 608 -0.58 -1.39 -43.58
N VAL C 609 -1.85 -0.96 -43.72
CA VAL C 609 -2.40 0.32 -43.21
C VAL C 609 -3.68 0.01 -42.42
N PHE C 610 -3.68 0.29 -41.12
CA PHE C 610 -4.88 0.21 -40.24
C PHE C 610 -5.35 1.64 -39.95
N ALA C 611 -6.39 2.09 -40.66
CA ALA C 611 -6.97 3.44 -40.58
C ALA C 611 -8.19 3.43 -39.65
N VAL C 612 -8.25 4.38 -38.71
CA VAL C 612 -9.36 4.53 -37.72
C VAL C 612 -10.00 5.90 -37.94
N ASN C 613 -11.29 5.91 -38.30
CA ASN C 613 -12.12 7.13 -38.46
C ASN C 613 -12.79 7.44 -37.12
N GLY C 614 -12.57 8.64 -36.58
CA GLY C 614 -13.20 9.15 -35.35
C GLY C 614 -12.35 8.95 -34.11
N PHE C 615 -11.03 8.80 -34.27
CA PHE C 615 -10.05 8.59 -33.18
C PHE C 615 -8.71 9.21 -33.55
N GLY C 616 -8.17 10.07 -32.67
CA GLY C 616 -6.86 10.72 -32.81
C GLY C 616 -6.24 11.02 -31.45
N PHE C 617 -5.04 11.60 -31.44
CA PHE C 617 -4.28 11.97 -30.21
C PHE C 617 -4.44 13.45 -29.91
N ALA C 618 -5.27 14.16 -30.68
CA ALA C 618 -5.62 15.59 -30.50
C ALA C 618 -7.11 15.72 -30.13
N GLY C 619 -7.70 14.66 -29.57
CA GLY C 619 -9.11 14.62 -29.13
C GLY C 619 -10.00 13.93 -30.14
N ARG C 620 -11.11 13.36 -29.68
CA ARG C 620 -12.09 12.58 -30.50
C ARG C 620 -13.04 13.54 -31.23
N GLY C 621 -13.89 13.00 -32.10
CA GLY C 621 -14.84 13.76 -32.94
C GLY C 621 -14.89 13.19 -34.36
N GLN C 622 -15.98 13.45 -35.08
CA GLN C 622 -16.21 12.95 -36.47
C GLN C 622 -15.12 13.49 -37.41
N ASN C 623 -14.54 14.65 -37.09
CA ASN C 623 -13.54 15.37 -37.93
C ASN C 623 -12.11 14.92 -37.60
N THR C 624 -11.94 13.80 -36.88
CA THR C 624 -10.62 13.27 -36.43
C THR C 624 -10.40 11.88 -37.01
N GLY C 625 -9.15 11.53 -37.31
CA GLY C 625 -8.73 10.21 -37.82
C GLY C 625 -7.26 9.95 -37.60
N ILE C 626 -6.86 8.68 -37.59
CA ILE C 626 -5.44 8.22 -37.45
C ILE C 626 -5.24 6.99 -38.34
N ALA C 627 -4.03 6.85 -38.90
CA ALA C 627 -3.59 5.67 -39.68
C ALA C 627 -2.34 5.07 -39.04
N PHE C 628 -2.42 3.80 -38.64
CA PHE C 628 -1.28 2.96 -38.17
C PHE C 628 -0.68 2.25 -39.39
N VAL C 629 0.59 2.55 -39.69
CA VAL C 629 1.32 2.01 -40.87
C VAL C 629 2.43 1.07 -40.37
N SER C 630 2.48 -0.15 -40.92
CA SER C 630 3.57 -1.13 -40.71
C SER C 630 4.31 -1.33 -42.03
N LEU C 631 5.64 -1.21 -42.00
CA LEU C 631 6.52 -1.36 -43.18
C LEU C 631 6.90 -2.83 -43.35
N LYS C 632 7.36 -3.21 -44.55
CA LYS C 632 7.92 -4.56 -44.83
C LYS C 632 9.25 -4.69 -44.06
N ASP C 633 9.83 -5.89 -44.02
CA ASP C 633 11.04 -6.19 -43.21
C ASP C 633 12.18 -5.24 -43.64
N TRP C 634 13.04 -4.86 -42.69
CA TRP C 634 14.18 -3.93 -42.86
C TRP C 634 15.08 -4.40 -44.01
N ALA C 635 15.29 -5.72 -44.11
CA ALA C 635 16.16 -6.39 -45.12
C ALA C 635 15.65 -6.11 -46.54
N ASP C 636 14.33 -5.93 -46.72
CA ASP C 636 13.67 -5.73 -48.04
C ASP C 636 13.50 -4.23 -48.34
N ARG C 637 14.09 -3.35 -47.52
CA ARG C 637 14.00 -1.87 -47.68
C ARG C 637 15.41 -1.27 -47.61
N PRO C 638 16.33 -1.63 -48.54
CA PRO C 638 17.67 -1.06 -48.56
C PRO C 638 17.67 0.39 -49.08
N GLY C 639 18.64 1.19 -48.64
CA GLY C 639 18.79 2.61 -49.02
C GLY C 639 18.09 3.53 -48.06
N GLU C 640 18.61 4.76 -47.88
CA GLU C 640 18.12 5.77 -46.92
C GLU C 640 16.72 6.25 -47.32
N GLU C 641 16.40 6.21 -48.62
CA GLU C 641 15.12 6.73 -49.19
C GLU C 641 13.95 5.80 -48.83
N ASN C 642 14.23 4.57 -48.40
CA ASN C 642 13.22 3.52 -48.08
C ASN C 642 13.07 3.36 -46.55
N LYS C 643 13.57 4.31 -45.77
CA LYS C 643 13.48 4.31 -44.28
C LYS C 643 12.40 5.31 -43.83
N VAL C 644 11.94 5.18 -42.58
CA VAL C 644 10.77 5.91 -42.02
C VAL C 644 10.97 7.43 -42.18
N GLU C 645 12.18 7.94 -41.91
CA GLU C 645 12.52 9.38 -41.99
C GLU C 645 12.15 9.92 -43.37
N ALA C 646 12.59 9.25 -44.44
CA ALA C 646 12.38 9.65 -45.85
C ALA C 646 10.91 9.39 -46.25
N ILE C 647 10.34 8.27 -45.85
CA ILE C 647 8.94 7.85 -46.17
C ILE C 647 7.96 8.88 -45.58
N THR C 648 8.15 9.27 -44.32
CA THR C 648 7.28 10.22 -43.58
C THR C 648 7.44 11.64 -44.16
N MET C 649 8.66 12.01 -44.55
CA MET C 649 8.98 13.32 -45.18
C MET C 649 8.19 13.44 -46.50
N ARG C 650 8.29 12.43 -47.37
CA ARG C 650 7.58 12.38 -48.68
C ARG C 650 6.07 12.34 -48.45
N ALA C 651 5.62 11.53 -47.49
CA ALA C 651 4.18 11.35 -47.13
C ALA C 651 3.59 12.70 -46.72
N THR C 652 4.21 13.39 -45.77
CA THR C 652 3.78 14.72 -45.23
C THR C 652 3.76 15.76 -46.36
N ARG C 653 4.79 15.74 -47.23
CA ARG C 653 4.91 16.65 -48.40
C ARG C 653 3.74 16.40 -49.36
N ALA C 654 3.43 15.13 -49.63
CA ALA C 654 2.34 14.70 -50.53
C ALA C 654 0.97 15.10 -49.96
N PHE C 655 0.75 14.90 -48.66
CA PHE C 655 -0.56 15.09 -47.97
C PHE C 655 -0.86 16.58 -47.76
N SER C 656 0.13 17.47 -47.97
CA SER C 656 -0.05 18.95 -47.92
C SER C 656 -0.99 19.39 -49.06
N GLN C 657 -1.14 18.58 -50.10
CA GLN C 657 -2.02 18.85 -51.27
C GLN C 657 -3.48 18.53 -50.94
N ILE C 658 -3.73 17.70 -49.91
CA ILE C 658 -5.11 17.29 -49.50
C ILE C 658 -5.85 18.53 -49.01
N LYS C 659 -7.03 18.80 -49.60
CA LYS C 659 -7.81 20.06 -49.42
C LYS C 659 -8.54 20.02 -48.08
N ASP C 660 -8.62 21.17 -47.39
CA ASP C 660 -9.39 21.39 -46.14
C ASP C 660 -9.19 20.20 -45.21
N ALA C 661 -7.93 19.90 -44.87
CA ALA C 661 -7.54 18.85 -43.91
C ALA C 661 -6.06 19.02 -43.51
N MET C 662 -5.77 18.80 -42.23
CA MET C 662 -4.40 18.81 -41.65
C MET C 662 -3.93 17.36 -41.49
N VAL C 663 -2.91 16.96 -42.26
CA VAL C 663 -2.39 15.56 -42.30
C VAL C 663 -0.86 15.60 -42.15
N PHE C 664 -0.31 14.76 -41.26
CA PHE C 664 1.14 14.63 -41.01
C PHE C 664 1.49 13.15 -40.74
N ALA C 665 2.50 12.63 -41.45
CA ALA C 665 3.16 11.34 -41.19
C ALA C 665 4.40 11.61 -40.34
N PHE C 666 4.53 10.93 -39.19
CA PHE C 666 5.60 11.16 -38.19
C PHE C 666 6.11 9.83 -37.63
N ASN C 667 7.42 9.77 -37.39
CA ASN C 667 8.12 8.65 -36.70
C ASN C 667 7.77 8.70 -35.22
N LEU C 668 8.05 7.62 -34.47
CA LEU C 668 7.82 7.55 -33.01
C LEU C 668 8.93 8.32 -32.29
N PRO C 669 8.72 8.73 -31.02
CA PRO C 669 9.80 9.29 -30.20
C PRO C 669 10.76 8.18 -29.75
N ALA C 670 11.67 8.50 -28.83
CA ALA C 670 12.60 7.55 -28.18
C ALA C 670 11.92 6.93 -26.95
N ILE C 671 11.29 7.77 -26.12
CA ILE C 671 10.49 7.37 -24.92
C ILE C 671 9.01 7.43 -25.30
N VAL C 672 8.49 6.31 -25.81
CA VAL C 672 7.12 6.20 -26.39
C VAL C 672 6.06 6.50 -25.32
N GLU C 673 6.40 6.32 -24.04
CA GLU C 673 5.48 6.53 -22.88
C GLU C 673 5.15 8.02 -22.71
N LEU C 674 6.02 8.92 -23.16
CA LEU C 674 5.84 10.40 -23.03
C LEU C 674 5.25 10.98 -24.32
N GLY C 675 6.01 10.91 -25.42
CA GLY C 675 5.64 11.50 -26.71
C GLY C 675 4.74 10.58 -27.52
N THR C 676 3.87 11.15 -28.35
CA THR C 676 3.06 10.44 -29.39
C THR C 676 3.85 10.45 -30.70
N ALA C 677 4.60 11.52 -30.97
CA ALA C 677 5.37 11.75 -32.22
C ALA C 677 6.79 12.21 -31.89
N THR C 678 7.70 12.08 -32.86
CA THR C 678 9.10 12.57 -32.80
C THR C 678 9.11 14.10 -32.81
N GLY C 679 10.29 14.71 -32.58
CA GLY C 679 10.49 16.18 -32.58
C GLY C 679 10.31 16.76 -31.19
N PHE C 680 9.79 17.98 -31.10
CA PHE C 680 9.63 18.75 -29.84
C PHE C 680 8.16 18.77 -29.40
N ASP C 681 7.93 19.04 -28.12
CA ASP C 681 6.58 19.06 -27.48
C ASP C 681 6.45 20.35 -26.65
N PHE C 682 5.87 21.39 -27.25
CA PHE C 682 5.77 22.78 -26.71
C PHE C 682 4.40 22.95 -26.04
N GLU C 683 4.35 23.79 -25.00
CA GLU C 683 3.11 24.18 -24.27
C GLU C 683 3.04 25.70 -24.19
N LEU C 684 2.07 26.31 -24.87
CA LEU C 684 1.75 27.76 -24.77
C LEU C 684 0.76 27.95 -23.63
N ILE C 685 1.10 28.77 -22.62
CA ILE C 685 0.35 28.88 -21.33
C ILE C 685 -0.17 30.30 -21.16
N ASP C 686 -1.45 30.44 -20.83
CA ASP C 686 -2.11 31.70 -20.41
C ASP C 686 -1.83 31.93 -18.92
N GLN C 687 -0.97 32.90 -18.60
CA GLN C 687 -0.42 33.13 -17.23
C GLN C 687 -0.91 34.46 -16.67
N ALA C 688 -1.92 35.09 -17.27
CA ALA C 688 -2.48 36.39 -16.85
C ALA C 688 -4.00 36.44 -17.05
N GLY C 689 -4.67 35.28 -17.06
CA GLY C 689 -6.12 35.15 -17.28
C GLY C 689 -6.59 35.92 -18.51
N LEU C 690 -5.82 35.86 -19.60
CA LEU C 690 -6.13 36.54 -20.90
C LEU C 690 -7.40 35.95 -21.50
N GLY C 691 -7.58 34.63 -21.41
CA GLY C 691 -8.77 33.90 -21.90
C GLY C 691 -8.46 33.07 -23.14
N HIS C 692 -9.40 32.23 -23.55
CA HIS C 692 -9.27 31.24 -24.66
C HIS C 692 -9.00 31.95 -26.00
N GLU C 693 -9.79 32.98 -26.32
CA GLU C 693 -9.74 33.71 -27.61
C GLU C 693 -8.35 34.34 -27.80
N LYS C 694 -7.83 35.02 -26.78
CA LYS C 694 -6.50 35.71 -26.82
C LYS C 694 -5.39 34.67 -26.93
N LEU C 695 -5.53 33.50 -26.28
CA LEU C 695 -4.53 32.40 -26.31
C LEU C 695 -4.50 31.80 -27.73
N THR C 696 -5.66 31.70 -28.39
CA THR C 696 -5.80 31.26 -29.81
C THR C 696 -5.00 32.21 -30.71
N GLN C 697 -5.12 33.52 -30.48
CA GLN C 697 -4.44 34.59 -31.27
C GLN C 697 -2.91 34.46 -31.09
N ALA C 698 -2.45 34.29 -29.85
CA ALA C 698 -1.03 34.12 -29.48
C ALA C 698 -0.45 32.87 -30.17
N ARG C 699 -1.23 31.79 -30.20
CA ARG C 699 -0.87 30.51 -30.88
C ARG C 699 -0.75 30.75 -32.38
N ASN C 700 -1.75 31.40 -32.98
CA ASN C 700 -1.81 31.73 -34.43
C ASN C 700 -0.61 32.62 -34.80
N GLN C 701 -0.24 33.57 -33.93
CA GLN C 701 0.93 34.47 -34.10
C GLN C 701 2.22 33.63 -34.12
N LEU C 702 2.36 32.71 -33.16
CA LEU C 702 3.56 31.83 -33.00
C LEU C 702 3.70 30.90 -34.22
N LEU C 703 2.60 30.26 -34.62
CA LEU C 703 2.57 29.30 -35.77
C LEU C 703 2.91 30.05 -37.06
N ALA C 704 2.43 31.29 -37.21
CA ALA C 704 2.69 32.18 -38.37
C ALA C 704 4.19 32.53 -38.44
N GLU C 705 4.81 32.79 -37.28
CA GLU C 705 6.26 33.10 -37.17
C GLU C 705 7.09 31.84 -37.47
N ALA C 706 6.66 30.68 -37.00
CA ALA C 706 7.32 29.37 -37.22
C ALA C 706 7.34 29.02 -38.71
N ALA C 707 6.29 29.40 -39.45
CA ALA C 707 6.13 29.15 -40.90
C ALA C 707 7.17 29.93 -41.72
N LYS C 708 7.67 31.05 -41.18
CA LYS C 708 8.69 31.93 -41.83
C LYS C 708 10.09 31.31 -41.69
N HIS C 709 10.23 30.23 -40.90
CA HIS C 709 11.52 29.51 -40.67
C HIS C 709 11.39 28.05 -41.10
N PRO C 710 11.17 27.77 -42.41
CA PRO C 710 11.09 26.39 -42.90
C PRO C 710 12.46 25.69 -42.92
N ASP C 711 13.54 26.46 -42.82
CA ASP C 711 14.94 25.98 -42.75
C ASP C 711 15.22 25.32 -41.39
N MET C 712 14.42 25.64 -40.36
CA MET C 712 14.63 25.18 -38.95
C MET C 712 13.46 24.31 -38.48
N LEU C 713 12.21 24.73 -38.75
CA LEU C 713 10.98 24.08 -38.22
C LEU C 713 10.12 23.55 -39.38
N THR C 714 9.71 22.29 -39.31
CA THR C 714 8.76 21.62 -40.24
C THR C 714 7.71 20.83 -39.45
N SER C 715 6.56 20.56 -40.05
CA SER C 715 5.41 19.82 -39.47
C SER C 715 5.00 20.44 -38.14
N VAL C 716 5.06 21.77 -38.04
CA VAL C 716 4.63 22.54 -36.83
C VAL C 716 3.10 22.59 -36.82
N ARG C 717 2.49 21.99 -35.80
CA ARG C 717 1.03 21.75 -35.72
C ARG C 717 0.55 21.85 -34.28
N PRO C 718 -0.63 22.45 -34.02
CA PRO C 718 -1.24 22.39 -32.68
C PRO C 718 -1.83 21.00 -32.46
N ASN C 719 -1.59 20.40 -31.29
CA ASN C 719 -2.14 19.09 -30.88
C ASN C 719 -3.47 19.33 -30.16
N GLY C 720 -4.46 19.84 -30.89
CA GLY C 720 -5.77 20.26 -30.34
C GLY C 720 -6.76 20.62 -31.44
N LEU C 721 -7.98 20.97 -31.05
CA LEU C 721 -9.13 21.20 -31.97
C LEU C 721 -9.45 22.70 -32.03
N GLU C 722 -10.00 23.15 -33.17
CA GLU C 722 -10.42 24.55 -33.41
C GLU C 722 -11.85 24.75 -32.88
N ASP C 723 -12.23 26.00 -32.62
CA ASP C 723 -13.57 26.40 -32.14
C ASP C 723 -14.64 25.87 -33.11
N THR C 724 -15.70 25.27 -32.56
CA THR C 724 -16.82 24.64 -33.32
C THR C 724 -18.09 25.47 -33.16
N PRO C 725 -18.93 25.58 -34.22
CA PRO C 725 -20.29 26.10 -34.05
C PRO C 725 -21.09 25.22 -33.10
N GLN C 726 -21.93 25.85 -32.26
CA GLN C 726 -22.82 25.18 -31.27
C GLN C 726 -24.26 25.63 -31.51
N PHE C 727 -25.20 24.69 -31.56
CA PHE C 727 -26.66 24.94 -31.72
C PHE C 727 -27.29 25.09 -30.32
N LYS C 728 -27.45 26.32 -29.85
CA LYS C 728 -28.04 26.66 -28.53
C LYS C 728 -29.56 26.69 -28.66
N ILE C 729 -30.25 25.82 -27.92
CA ILE C 729 -31.74 25.73 -27.88
C ILE C 729 -32.21 26.17 -26.48
N ASP C 730 -33.15 27.13 -26.43
CA ASP C 730 -33.73 27.70 -25.18
C ASP C 730 -35.16 27.18 -25.02
N ILE C 731 -35.41 26.36 -23.99
CA ILE C 731 -36.76 25.87 -23.60
C ILE C 731 -37.42 26.95 -22.73
N ASP C 732 -38.49 27.58 -23.24
CA ASP C 732 -39.32 28.56 -22.48
C ASP C 732 -40.24 27.77 -21.54
N GLN C 733 -39.82 27.60 -20.29
CA GLN C 733 -40.53 26.77 -19.27
C GLN C 733 -41.89 27.39 -18.92
N GLU C 734 -42.02 28.72 -19.05
CA GLU C 734 -43.26 29.48 -18.79
C GLU C 734 -44.31 29.11 -19.85
N LYS C 735 -43.93 29.16 -21.13
CA LYS C 735 -44.77 28.72 -22.29
C LYS C 735 -45.14 27.25 -22.12
N ALA C 736 -44.19 26.41 -21.71
CA ALA C 736 -44.35 24.96 -21.48
C ALA C 736 -45.40 24.72 -20.40
N GLN C 737 -45.31 25.45 -19.28
CA GLN C 737 -46.25 25.36 -18.13
C GLN C 737 -47.63 25.88 -18.54
N ALA C 738 -47.68 26.88 -19.43
CA ALA C 738 -48.93 27.51 -19.93
C ALA C 738 -49.70 26.52 -20.81
N LEU C 739 -49.00 25.58 -21.46
CA LEU C 739 -49.59 24.56 -22.37
C LEU C 739 -49.76 23.22 -21.63
N GLY C 740 -49.41 23.17 -20.34
CA GLY C 740 -49.58 21.98 -19.47
C GLY C 740 -48.58 20.89 -19.78
N VAL C 741 -47.34 21.27 -20.11
CA VAL C 741 -46.21 20.35 -20.47
C VAL C 741 -45.14 20.45 -19.38
N SER C 742 -44.72 19.30 -18.82
CA SER C 742 -43.68 19.20 -17.77
C SER C 742 -42.30 19.34 -18.42
N ILE C 743 -41.34 19.94 -17.70
CA ILE C 743 -39.97 20.26 -18.20
C ILE C 743 -39.16 18.97 -18.28
N ASN C 744 -39.41 18.02 -17.37
CA ASN C 744 -38.73 16.69 -17.32
C ASN C 744 -39.01 15.92 -18.61
N ASP C 745 -40.25 15.96 -19.11
CA ASP C 745 -40.70 15.29 -20.36
C ASP C 745 -39.96 15.91 -21.56
N ILE C 746 -39.88 17.25 -21.59
CA ILE C 746 -39.19 18.02 -22.66
C ILE C 746 -37.70 17.63 -22.69
N ASN C 747 -37.04 17.72 -21.53
CA ASN C 747 -35.59 17.41 -21.36
C ASN C 747 -35.29 15.99 -21.82
N THR C 748 -36.11 15.02 -21.40
CA THR C 748 -35.96 13.57 -21.70
C THR C 748 -36.18 13.33 -23.21
N THR C 749 -37.23 13.92 -23.79
CA THR C 749 -37.59 13.80 -25.22
C THR C 749 -36.41 14.31 -26.08
N LEU C 750 -35.95 15.54 -25.80
CA LEU C 750 -34.80 16.18 -26.50
C LEU C 750 -33.53 15.33 -26.29
N GLY C 751 -33.25 14.96 -25.04
CA GLY C 751 -32.07 14.18 -24.63
C GLY C 751 -32.05 12.81 -25.30
N ALA C 752 -33.14 12.05 -25.18
CA ALA C 752 -33.27 10.66 -25.68
C ALA C 752 -33.20 10.63 -27.20
N ALA C 753 -33.88 11.56 -27.88
CA ALA C 753 -34.00 11.60 -29.36
C ALA C 753 -32.64 11.93 -30.00
N TRP C 754 -32.07 13.08 -29.65
CA TRP C 754 -30.90 13.69 -30.35
C TRP C 754 -29.57 13.16 -29.81
N GLY C 755 -29.49 12.93 -28.49
CA GLY C 755 -28.25 12.50 -27.81
C GLY C 755 -28.21 11.00 -27.54
N GLY C 756 -29.37 10.35 -27.45
CA GLY C 756 -29.50 8.95 -27.03
C GLY C 756 -29.57 8.84 -25.52
N SER C 757 -30.32 7.86 -25.00
CA SER C 757 -30.51 7.62 -23.55
C SER C 757 -30.23 6.15 -23.22
N TYR C 758 -29.20 5.90 -22.41
CA TYR C 758 -28.88 4.58 -21.81
C TYR C 758 -29.95 4.28 -20.75
N VAL C 759 -30.84 3.32 -21.03
CA VAL C 759 -32.06 3.02 -20.21
C VAL C 759 -31.67 2.02 -19.12
N ASN C 760 -31.30 0.80 -19.50
CA ASN C 760 -30.96 -0.32 -18.58
C ASN C 760 -30.20 -1.39 -19.39
N ASP C 761 -29.89 -2.52 -18.77
CA ASP C 761 -29.08 -3.62 -19.38
C ASP C 761 -30.00 -4.75 -19.84
N PHE C 762 -29.52 -5.55 -20.79
CA PHE C 762 -30.15 -6.81 -21.29
C PHE C 762 -29.05 -7.87 -21.41
N ILE C 763 -29.44 -9.14 -21.63
CA ILE C 763 -28.51 -10.29 -21.71
C ILE C 763 -28.46 -10.79 -23.16
N ASP C 764 -27.35 -10.51 -23.85
CA ASP C 764 -27.10 -10.92 -25.26
C ASP C 764 -26.21 -12.16 -25.25
N ARG C 765 -26.79 -13.34 -25.54
CA ARG C 765 -26.11 -14.66 -25.58
C ARG C 765 -25.29 -14.84 -24.29
N GLY C 766 -25.92 -14.59 -23.13
CA GLY C 766 -25.36 -14.84 -21.78
C GLY C 766 -24.32 -13.81 -21.36
N ARG C 767 -24.39 -12.58 -21.90
CA ARG C 767 -23.48 -11.46 -21.52
C ARG C 767 -24.32 -10.18 -21.33
N VAL C 768 -24.09 -9.48 -20.21
CA VAL C 768 -24.76 -8.18 -19.88
C VAL C 768 -24.31 -7.13 -20.90
N LYS C 769 -25.26 -6.48 -21.56
CA LYS C 769 -25.02 -5.39 -22.53
C LYS C 769 -26.08 -4.29 -22.33
N LYS C 770 -25.86 -3.10 -22.91
CA LYS C 770 -26.69 -1.89 -22.66
C LYS C 770 -27.90 -1.89 -23.59
N VAL C 771 -28.95 -1.14 -23.21
CA VAL C 771 -30.16 -0.84 -24.03
C VAL C 771 -30.20 0.67 -24.24
N TYR C 772 -30.15 1.12 -25.49
CA TYR C 772 -30.18 2.56 -25.90
C TYR C 772 -31.47 2.84 -26.66
N VAL C 773 -32.20 3.90 -26.26
CA VAL C 773 -33.28 4.54 -27.07
C VAL C 773 -32.69 5.82 -27.67
N MET C 774 -33.00 6.08 -28.95
CA MET C 774 -32.50 7.24 -29.72
C MET C 774 -33.39 7.44 -30.94
N SER C 775 -33.39 8.64 -31.51
CA SER C 775 -34.07 8.96 -32.80
C SER C 775 -33.39 8.19 -33.93
N GLU C 776 -34.18 7.67 -34.88
CA GLU C 776 -33.68 7.20 -36.19
C GLU C 776 -32.96 8.36 -36.87
N ALA C 777 -31.77 8.12 -37.40
CA ALA C 777 -30.82 9.13 -37.95
C ALA C 777 -31.56 10.27 -38.65
N LYS C 778 -32.50 9.92 -39.54
CA LYS C 778 -33.20 10.84 -40.47
C LYS C 778 -33.92 11.98 -39.72
N TYR C 779 -34.38 11.73 -38.49
CA TYR C 779 -35.20 12.70 -37.70
C TYR C 779 -34.33 13.52 -36.73
N ARG C 780 -33.00 13.35 -36.76
CA ARG C 780 -32.06 14.07 -35.86
C ARG C 780 -30.84 14.57 -36.65
N MET C 781 -31.04 15.04 -37.88
CA MET C 781 -29.96 15.50 -38.80
C MET C 781 -29.93 17.03 -38.86
N LEU C 782 -31.09 17.68 -39.04
CA LEU C 782 -31.20 19.12 -39.40
C LEU C 782 -31.87 19.91 -38.27
N PRO C 783 -31.49 21.19 -38.07
CA PRO C 783 -32.12 22.05 -37.07
C PRO C 783 -33.66 22.10 -37.07
N ASP C 784 -34.27 22.05 -38.25
CA ASP C 784 -35.75 22.19 -38.44
C ASP C 784 -36.48 20.94 -37.96
N ASP C 785 -35.77 19.81 -37.80
CA ASP C 785 -36.34 18.52 -37.35
C ASP C 785 -36.65 18.56 -35.84
N ILE C 786 -36.19 19.61 -35.14
CA ILE C 786 -36.48 19.86 -33.70
C ILE C 786 -37.99 19.95 -33.50
N GLY C 787 -38.69 20.66 -34.40
CA GLY C 787 -40.14 20.94 -34.33
C GLY C 787 -41.01 19.73 -34.65
N ASP C 788 -40.41 18.64 -35.16
CA ASP C 788 -41.13 17.38 -35.52
C ASP C 788 -41.40 16.54 -34.27
N TRP C 789 -40.76 16.85 -33.15
CA TRP C 789 -40.87 16.10 -31.87
C TRP C 789 -41.98 16.70 -31.00
N TYR C 790 -42.89 15.84 -30.53
CA TYR C 790 -44.10 16.21 -29.74
C TYR C 790 -43.97 15.67 -28.31
N VAL C 791 -44.51 16.42 -27.34
CA VAL C 791 -44.60 16.04 -25.91
C VAL C 791 -46.08 16.12 -25.49
N ARG C 792 -46.59 15.07 -24.84
CA ARG C 792 -48.00 14.97 -24.39
C ARG C 792 -48.18 15.88 -23.16
N ALA C 793 -49.18 16.79 -23.22
CA ALA C 793 -49.54 17.70 -22.12
C ALA C 793 -50.46 16.97 -21.13
N ALA C 794 -50.77 17.61 -19.99
CA ALA C 794 -51.61 17.07 -18.91
C ALA C 794 -53.01 16.70 -19.44
N ASP C 795 -53.57 17.53 -20.32
CA ASP C 795 -54.92 17.34 -20.92
C ASP C 795 -54.90 16.19 -21.94
N GLY C 796 -53.72 15.86 -22.48
CA GLY C 796 -53.51 14.72 -23.38
C GLY C 796 -53.18 15.15 -24.81
N GLN C 797 -53.22 16.46 -25.10
CA GLN C 797 -52.89 17.03 -26.43
C GLN C 797 -51.37 17.00 -26.63
N MET C 798 -50.93 16.71 -27.86
CA MET C 798 -49.50 16.62 -28.25
C MET C 798 -49.03 18.00 -28.73
N VAL C 799 -47.98 18.54 -28.08
CA VAL C 799 -47.44 19.92 -28.32
C VAL C 799 -46.07 19.80 -28.97
N PRO C 800 -45.87 20.39 -30.17
CA PRO C 800 -44.56 20.35 -30.83
C PRO C 800 -43.54 21.29 -30.17
N PHE C 801 -42.25 20.96 -30.27
CA PHE C 801 -41.11 21.70 -29.66
C PHE C 801 -41.11 23.17 -30.10
N SER C 802 -41.55 23.44 -31.34
CA SER C 802 -41.62 24.79 -31.94
C SER C 802 -42.53 25.72 -31.12
N ALA C 803 -43.49 25.15 -30.37
CA ALA C 803 -44.50 25.88 -29.57
C ALA C 803 -43.87 26.49 -28.32
N PHE C 804 -42.79 25.90 -27.77
CA PHE C 804 -42.19 26.27 -26.47
C PHE C 804 -40.65 26.34 -26.55
N SER C 805 -40.07 26.46 -27.75
CA SER C 805 -38.59 26.50 -27.95
C SER C 805 -38.20 27.47 -29.08
N SER C 806 -37.01 28.06 -28.95
CA SER C 806 -36.32 28.87 -30.00
C SER C 806 -34.83 28.49 -30.00
N SER C 807 -34.13 28.77 -31.09
CA SER C 807 -32.71 28.37 -31.32
C SER C 807 -31.89 29.54 -31.86
N ARG C 808 -30.56 29.45 -31.70
CA ARG C 808 -29.56 30.41 -32.23
C ARG C 808 -28.19 29.73 -32.26
N TRP C 809 -27.28 30.18 -33.12
CA TRP C 809 -25.93 29.61 -33.31
C TRP C 809 -24.92 30.33 -32.41
N GLU C 810 -24.11 29.55 -31.67
CA GLU C 810 -23.02 30.04 -30.79
C GLU C 810 -21.70 29.40 -31.26
N TYR C 811 -20.59 29.81 -30.64
CA TYR C 811 -19.21 29.30 -30.93
C TYR C 811 -18.46 29.10 -29.61
N GLY C 812 -17.81 27.94 -29.48
CA GLY C 812 -17.03 27.54 -28.28
C GLY C 812 -16.03 26.45 -28.61
N SER C 813 -15.08 26.20 -27.70
CA SER C 813 -14.01 25.18 -27.86
C SER C 813 -14.60 23.79 -27.67
N PRO C 814 -14.26 22.82 -28.56
CA PRO C 814 -14.62 21.41 -28.34
C PRO C 814 -13.57 20.64 -27.51
N ARG C 815 -12.45 21.30 -27.15
CA ARG C 815 -11.34 20.70 -26.36
C ARG C 815 -10.49 21.82 -25.76
N LEU C 816 -10.74 22.17 -24.49
CA LEU C 816 -9.93 23.13 -23.69
C LEU C 816 -8.83 22.35 -22.97
N GLU C 817 -7.57 22.78 -23.12
CA GLU C 817 -6.38 22.13 -22.50
C GLU C 817 -5.90 23.00 -21.33
N ARG C 818 -5.30 22.35 -20.32
CA ARG C 818 -4.67 23.03 -19.16
C ARG C 818 -3.30 22.37 -18.89
N TYR C 819 -2.30 23.18 -18.53
CA TYR C 819 -0.93 22.72 -18.17
C TYR C 819 -0.50 23.39 -16.86
N ASN C 820 -0.20 22.57 -15.84
CA ASN C 820 0.12 22.99 -14.45
C ASN C 820 -0.99 23.92 -13.94
N GLY C 821 -2.26 23.56 -14.21
CA GLY C 821 -3.46 24.21 -13.64
C GLY C 821 -3.86 25.49 -14.36
N LEU C 822 -3.16 25.86 -15.44
CA LEU C 822 -3.43 27.10 -16.21
C LEU C 822 -3.83 26.75 -17.65
N PRO C 823 -4.72 27.55 -18.29
CA PRO C 823 -5.13 27.28 -19.67
C PRO C 823 -3.93 27.21 -20.61
N SER C 824 -3.87 26.17 -21.45
CA SER C 824 -2.70 25.85 -22.31
C SER C 824 -3.16 25.42 -23.71
N MET C 825 -2.21 25.34 -24.64
CA MET C 825 -2.38 24.79 -26.01
C MET C 825 -1.08 24.09 -26.42
N GLU C 826 -1.14 22.77 -26.58
CA GLU C 826 0.02 21.92 -26.97
C GLU C 826 0.34 22.16 -28.45
N ILE C 827 1.61 22.42 -28.75
CA ILE C 827 2.14 22.59 -30.13
C ILE C 827 3.25 21.56 -30.35
N LEU C 828 3.10 20.69 -31.34
CA LEU C 828 4.11 19.69 -31.76
C LEU C 828 4.83 20.23 -33.01
N GLY C 829 6.00 19.67 -33.33
CA GLY C 829 6.80 20.07 -34.50
C GLY C 829 8.13 19.33 -34.54
N GLN C 830 8.77 19.33 -35.72
CA GLN C 830 10.05 18.62 -35.98
C GLN C 830 11.12 19.66 -36.31
N ALA C 831 12.39 19.33 -36.06
CA ALA C 831 13.57 20.06 -36.57
C ALA C 831 13.74 19.71 -38.06
N ALA C 832 13.90 20.72 -38.92
CA ALA C 832 14.06 20.57 -40.38
C ALA C 832 15.23 19.65 -40.68
N PRO C 833 15.26 18.98 -41.85
CA PRO C 833 16.40 18.14 -42.24
C PRO C 833 17.73 18.86 -42.09
N GLY C 834 18.69 18.25 -41.37
CA GLY C 834 20.05 18.78 -41.14
C GLY C 834 20.15 19.57 -39.84
N LYS C 835 19.04 19.80 -39.15
CA LYS C 835 18.97 20.54 -37.86
C LYS C 835 18.68 19.55 -36.72
N SER C 836 19.06 19.92 -35.49
CA SER C 836 18.84 19.13 -34.25
C SER C 836 17.62 19.66 -33.51
N THR C 837 16.98 18.81 -32.68
CA THR C 837 15.83 19.16 -31.81
C THR C 837 16.21 20.35 -30.91
N GLY C 838 17.47 20.40 -30.45
CA GLY C 838 18.02 21.48 -29.62
C GLY C 838 17.94 22.84 -30.33
N GLU C 839 18.36 22.88 -31.59
CA GLU C 839 18.32 24.10 -32.45
C GLU C 839 16.87 24.55 -32.64
N ALA C 840 15.96 23.60 -32.87
CA ALA C 840 14.51 23.83 -33.07
C ALA C 840 13.91 24.43 -31.79
N MET C 841 14.19 23.82 -30.64
CA MET C 841 13.74 24.30 -29.30
C MET C 841 14.24 25.73 -29.06
N GLU C 842 15.51 26.00 -29.40
CA GLU C 842 16.17 27.32 -29.22
C GLU C 842 15.38 28.40 -29.96
N LEU C 843 15.02 28.16 -31.24
CA LEU C 843 14.26 29.11 -32.08
C LEU C 843 12.85 29.29 -31.50
N MET C 844 12.18 28.20 -31.14
CA MET C 844 10.80 28.21 -30.57
C MET C 844 10.78 29.10 -29.31
N GLU C 845 11.82 29.03 -28.47
CA GLU C 845 11.99 29.88 -27.26
C GLU C 845 12.14 31.34 -27.67
N GLN C 846 12.94 31.61 -28.70
CA GLN C 846 13.20 32.98 -29.23
C GLN C 846 11.90 33.57 -29.79
N LEU C 847 11.12 32.78 -30.53
CA LEU C 847 9.82 33.21 -31.14
C LEU C 847 8.80 33.42 -30.03
N ALA C 848 8.79 32.56 -29.00
CA ALA C 848 7.84 32.58 -27.86
C ALA C 848 8.04 33.87 -27.03
N SER C 849 9.27 34.40 -26.98
CA SER C 849 9.65 35.59 -26.17
C SER C 849 9.06 36.88 -26.78
N LYS C 850 8.63 36.84 -28.05
CA LYS C 850 8.08 38.01 -28.78
C LYS C 850 6.54 37.99 -28.77
N LEU C 851 5.92 37.06 -28.04
CA LEU C 851 4.45 36.93 -27.94
C LEU C 851 3.93 37.90 -26.88
N PRO C 852 2.62 38.26 -26.89
CA PRO C 852 2.07 39.24 -25.94
C PRO C 852 2.34 38.89 -24.47
N THR C 853 2.48 39.92 -23.62
CA THR C 853 2.65 39.80 -22.14
C THR C 853 1.47 39.02 -21.57
N GLY C 854 1.75 38.10 -20.63
CA GLY C 854 0.76 37.19 -20.03
C GLY C 854 0.82 35.80 -20.65
N VAL C 855 1.25 35.71 -21.91
CA VAL C 855 1.45 34.42 -22.65
C VAL C 855 2.88 33.94 -22.39
N GLY C 856 3.04 32.90 -21.58
CA GLY C 856 4.32 32.20 -21.35
C GLY C 856 4.33 30.84 -22.03
N TYR C 857 5.30 30.00 -21.70
CA TYR C 857 5.48 28.65 -22.30
C TYR C 857 6.26 27.74 -21.37
N ASP C 858 6.25 26.44 -21.66
CA ASP C 858 7.07 25.40 -20.99
C ASP C 858 7.29 24.25 -21.98
N TRP C 859 8.31 23.42 -21.73
CA TRP C 859 8.60 22.17 -22.48
C TRP C 859 8.08 20.97 -21.67
N THR C 860 7.35 20.07 -22.32
CA THR C 860 6.71 18.87 -21.69
C THR C 860 7.26 17.60 -22.36
N GLY C 861 6.93 16.44 -21.76
CA GLY C 861 7.24 15.10 -22.26
C GLY C 861 8.68 14.99 -22.73
N MET C 862 8.88 14.77 -24.03
CA MET C 862 10.19 14.47 -24.65
C MET C 862 11.13 15.66 -24.50
N SER C 863 10.62 16.88 -24.73
CA SER C 863 11.40 18.15 -24.72
C SER C 863 11.84 18.49 -23.29
N TYR C 864 11.02 18.17 -22.29
CA TYR C 864 11.33 18.35 -20.84
C TYR C 864 12.61 17.56 -20.50
N GLN C 865 12.69 16.31 -20.93
CA GLN C 865 13.82 15.38 -20.67
C GLN C 865 15.08 15.90 -21.38
N GLU C 866 14.93 16.42 -22.61
CA GLU C 866 16.03 16.98 -23.43
C GLU C 866 16.64 18.19 -22.70
N ARG C 867 15.80 19.13 -22.24
CA ARG C 867 16.21 20.35 -21.50
C ARG C 867 16.96 19.94 -20.22
N LEU C 868 16.41 18.99 -19.48
CA LEU C 868 16.99 18.44 -18.22
C LEU C 868 18.37 17.83 -18.51
N SER C 869 18.47 17.03 -19.58
CA SER C 869 19.70 16.31 -20.01
C SER C 869 20.83 17.31 -20.29
N GLY C 870 20.53 18.40 -21.02
CA GLY C 870 21.49 19.45 -21.37
C GLY C 870 21.91 20.28 -20.16
N ASN C 871 20.96 20.59 -19.27
CA ASN C 871 21.15 21.48 -18.09
C ASN C 871 22.15 20.86 -17.10
N GLN C 872 22.07 19.53 -16.89
CA GLN C 872 22.84 18.82 -15.82
C GLN C 872 24.19 18.30 -16.36
N ALA C 873 24.42 18.38 -17.67
CA ALA C 873 25.60 17.80 -18.35
C ALA C 873 26.90 18.44 -17.85
N PRO C 874 26.99 19.79 -17.74
CA PRO C 874 28.22 20.44 -17.27
C PRO C 874 28.63 20.00 -15.85
N SER C 875 27.66 19.90 -14.94
CA SER C 875 27.85 19.45 -13.54
C SER C 875 28.39 18.01 -13.53
N LEU C 876 27.84 17.15 -14.38
CA LEU C 876 28.20 15.71 -14.51
C LEU C 876 29.69 15.59 -14.90
N TYR C 877 30.14 16.40 -15.86
CA TYR C 877 31.55 16.42 -16.34
C TYR C 877 32.47 16.94 -15.22
N ALA C 878 32.06 18.02 -14.55
CA ALA C 878 32.81 18.69 -13.46
C ALA C 878 33.10 17.69 -12.33
N ILE C 879 32.05 17.08 -11.77
CA ILE C 879 32.15 16.11 -10.64
C ILE C 879 32.91 14.86 -11.10
N SER C 880 32.74 14.44 -12.35
CA SER C 880 33.41 13.26 -12.95
C SER C 880 34.93 13.47 -13.02
N LEU C 881 35.36 14.67 -13.40
CA LEU C 881 36.81 15.04 -13.51
C LEU C 881 37.43 15.09 -12.11
N ILE C 882 36.73 15.69 -11.15
CA ILE C 882 37.20 15.89 -9.73
C ILE C 882 37.39 14.52 -9.07
N VAL C 883 36.43 13.60 -9.24
CA VAL C 883 36.44 12.24 -8.63
C VAL C 883 37.66 11.46 -9.17
N VAL C 884 37.93 11.55 -10.47
CA VAL C 884 39.07 10.85 -11.14
C VAL C 884 40.39 11.42 -10.61
N PHE C 885 40.49 12.75 -10.53
CA PHE C 885 41.68 13.49 -10.02
C PHE C 885 41.99 13.05 -8.59
N LEU C 886 40.97 13.07 -7.71
CA LEU C 886 41.08 12.68 -6.28
C LEU C 886 41.47 11.20 -6.16
N CYS C 887 40.86 10.34 -6.98
CA CYS C 887 41.15 8.89 -7.05
C CYS C 887 42.63 8.66 -7.41
N LEU C 888 43.15 9.45 -8.36
CA LEU C 888 44.58 9.37 -8.81
C LEU C 888 45.50 9.90 -7.71
N ALA C 889 45.09 10.98 -7.02
CA ALA C 889 45.85 11.63 -5.93
C ALA C 889 46.05 10.65 -4.76
N ALA C 890 45.06 9.80 -4.49
CA ALA C 890 45.09 8.79 -3.40
C ALA C 890 46.06 7.65 -3.76
N LEU C 891 46.00 7.15 -5.00
CA LEU C 891 46.79 6.00 -5.49
C LEU C 891 48.27 6.36 -5.55
N TYR C 892 48.60 7.52 -6.13
CA TYR C 892 49.98 7.96 -6.47
C TYR C 892 50.60 8.75 -5.31
N GLU C 893 49.80 9.15 -4.32
CA GLU C 893 50.24 9.94 -3.14
C GLU C 893 50.94 11.21 -3.65
N SER C 894 50.24 11.99 -4.48
CA SER C 894 50.74 13.20 -5.17
C SER C 894 49.58 14.09 -5.61
N TRP C 895 49.83 15.39 -5.73
CA TRP C 895 48.93 16.38 -6.38
C TRP C 895 49.39 16.63 -7.83
N SER C 896 50.71 16.58 -8.07
CA SER C 896 51.36 16.92 -9.37
C SER C 896 51.14 15.82 -10.40
N ILE C 897 51.33 14.55 -10.03
CA ILE C 897 51.22 13.36 -10.94
C ILE C 897 49.79 13.26 -11.46
N PRO C 898 48.75 13.29 -10.60
CA PRO C 898 47.36 13.31 -11.07
C PRO C 898 47.08 14.45 -12.07
N PHE C 899 47.63 15.65 -11.83
CA PHE C 899 47.49 16.84 -12.70
C PHE C 899 48.09 16.55 -14.07
N SER C 900 49.23 15.85 -14.11
CA SER C 900 49.94 15.42 -15.35
C SER C 900 49.04 14.48 -16.17
N VAL C 901 48.30 13.60 -15.50
CA VAL C 901 47.38 12.60 -16.14
C VAL C 901 46.14 13.34 -16.66
N MET C 902 45.50 14.18 -15.83
CA MET C 902 44.23 14.87 -16.15
C MET C 902 44.41 15.85 -17.32
N LEU C 903 45.64 16.32 -17.57
CA LEU C 903 45.97 17.26 -18.68
C LEU C 903 45.76 16.58 -20.04
N VAL C 904 45.69 15.25 -20.10
CA VAL C 904 45.56 14.45 -21.35
C VAL C 904 44.09 14.40 -21.80
N VAL C 905 43.15 14.82 -20.94
CA VAL C 905 41.68 14.69 -21.18
C VAL C 905 41.28 15.49 -22.41
N PRO C 906 41.63 16.79 -22.55
CA PRO C 906 41.28 17.58 -23.72
C PRO C 906 41.76 16.99 -25.07
N LEU C 907 42.87 16.24 -25.06
CA LEU C 907 43.42 15.56 -26.27
C LEU C 907 42.43 14.50 -26.77
N GLY C 908 41.71 13.86 -25.85
CA GLY C 908 40.65 12.88 -26.16
C GLY C 908 39.36 13.55 -26.59
N VAL C 909 38.93 14.58 -25.85
CA VAL C 909 37.60 15.24 -26.02
C VAL C 909 37.51 15.86 -27.43
N ILE C 910 38.59 16.47 -27.93
CA ILE C 910 38.63 17.13 -29.26
C ILE C 910 38.36 16.08 -30.35
N GLY C 911 38.90 14.87 -30.21
CA GLY C 911 38.72 13.75 -31.15
C GLY C 911 37.28 13.30 -31.23
N ALA C 912 36.58 13.26 -30.09
CA ALA C 912 35.14 12.90 -29.99
C ALA C 912 34.30 13.95 -30.71
N LEU C 913 34.59 15.24 -30.47
CA LEU C 913 33.89 16.40 -31.08
C LEU C 913 34.11 16.40 -32.60
N LEU C 914 35.35 16.17 -33.05
CA LEU C 914 35.73 16.12 -34.49
C LEU C 914 34.94 15.01 -35.18
N ALA C 915 34.97 13.80 -34.63
CA ALA C 915 34.30 12.58 -35.16
C ALA C 915 32.79 12.81 -35.27
N ALA C 916 32.18 13.45 -34.26
CA ALA C 916 30.73 13.75 -34.20
C ALA C 916 30.37 14.85 -35.19
N THR C 917 31.22 15.89 -35.31
CA THR C 917 31.02 17.09 -36.17
C THR C 917 31.05 16.68 -37.65
N PHE C 918 32.02 15.83 -38.05
CA PHE C 918 32.26 15.43 -39.46
C PHE C 918 31.25 14.33 -39.87
N ARG C 919 30.90 13.42 -38.95
CA ARG C 919 29.91 12.34 -39.21
C ARG C 919 28.50 12.94 -39.19
N GLY C 920 28.33 14.11 -38.57
CA GLY C 920 27.06 14.88 -38.57
C GLY C 920 26.14 14.47 -37.43
N LEU C 921 26.68 13.96 -36.33
CA LEU C 921 25.92 13.58 -35.11
C LEU C 921 25.86 14.79 -34.16
N THR C 922 25.00 14.72 -33.15
CA THR C 922 24.69 15.83 -32.21
C THR C 922 25.27 15.51 -30.82
N ASN C 923 25.32 16.53 -29.96
CA ASN C 923 25.62 16.39 -28.51
C ASN C 923 24.39 15.80 -27.83
N ASP C 924 24.29 14.47 -27.82
CA ASP C 924 23.12 13.71 -27.30
C ASP C 924 23.54 12.90 -26.06
N VAL C 925 22.60 12.14 -25.48
CA VAL C 925 22.81 11.33 -24.25
C VAL C 925 23.98 10.36 -24.47
N TYR C 926 24.06 9.75 -25.66
CA TYR C 926 25.10 8.75 -26.03
C TYR C 926 26.47 9.43 -26.17
N PHE C 927 26.50 10.69 -26.62
CA PHE C 927 27.72 11.52 -26.72
C PHE C 927 28.19 11.90 -25.30
N GLN C 928 27.25 12.24 -24.41
CA GLN C 928 27.50 12.57 -22.98
C GLN C 928 28.22 11.39 -22.32
N VAL C 929 27.69 10.17 -22.52
CA VAL C 929 28.30 8.89 -22.05
C VAL C 929 29.68 8.74 -22.71
N GLY C 930 29.78 9.13 -23.99
CA GLY C 930 31.03 9.06 -24.79
C GLY C 930 32.13 9.95 -24.22
N LEU C 931 31.78 11.16 -23.76
CA LEU C 931 32.74 12.15 -23.20
C LEU C 931 33.27 11.66 -21.85
N LEU C 932 32.41 11.04 -21.04
CA LEU C 932 32.80 10.43 -19.74
C LEU C 932 33.77 9.28 -19.99
N THR C 933 33.48 8.42 -20.98
CA THR C 933 34.35 7.30 -21.43
C THR C 933 35.71 7.87 -21.88
N THR C 934 35.67 8.94 -22.67
CA THR C 934 36.86 9.61 -23.27
C THR C 934 37.81 10.09 -22.15
N ILE C 935 37.27 10.65 -21.06
CA ILE C 935 38.06 11.07 -19.86
C ILE C 935 38.82 9.85 -19.32
N GLY C 936 38.13 8.70 -19.23
CA GLY C 936 38.69 7.42 -18.76
C GLY C 936 39.73 6.88 -19.73
N LEU C 937 39.43 6.90 -21.03
CA LEU C 937 40.33 6.45 -22.12
C LEU C 937 41.61 7.29 -22.11
N SER C 938 41.46 8.62 -22.03
CA SER C 938 42.57 9.62 -22.00
C SER C 938 43.53 9.29 -20.84
N ALA C 939 43.02 9.30 -19.61
CA ALA C 939 43.79 9.08 -18.36
C ALA C 939 44.49 7.71 -18.40
N LYS C 940 43.82 6.69 -18.95
CA LYS C 940 44.32 5.29 -19.05
C LYS C 940 45.63 5.25 -19.86
N ASN C 941 45.69 5.98 -20.98
CA ASN C 941 46.87 6.02 -21.89
C ASN C 941 48.06 6.69 -21.20
N ALA C 942 47.79 7.71 -20.38
CA ALA C 942 48.80 8.49 -19.63
C ALA C 942 49.41 7.65 -18.50
N ILE C 943 48.58 6.83 -17.84
CA ILE C 943 48.95 6.05 -16.61
C ILE C 943 50.16 5.16 -16.90
N LEU C 944 50.14 4.41 -18.01
CA LEU C 944 51.22 3.43 -18.38
C LEU C 944 52.57 4.15 -18.48
N ILE C 945 52.61 5.33 -19.12
CA ILE C 945 53.84 6.16 -19.27
C ILE C 945 54.24 6.69 -17.88
N VAL C 946 53.34 7.39 -17.20
CA VAL C 946 53.58 8.08 -15.90
C VAL C 946 54.05 7.05 -14.87
N GLU C 947 53.45 5.85 -14.84
CA GLU C 947 53.76 4.76 -13.88
C GLU C 947 55.22 4.36 -14.03
N PHE C 948 55.64 3.93 -15.23
CA PHE C 948 57.01 3.46 -15.55
C PHE C 948 58.03 4.55 -15.20
N ALA C 949 57.75 5.81 -15.58
CA ALA C 949 58.61 6.99 -15.36
C ALA C 949 58.81 7.21 -13.85
N LYS C 950 57.71 7.32 -13.10
CA LYS C 950 57.69 7.55 -11.63
C LYS C 950 58.51 6.46 -10.92
N ASP C 951 58.29 5.19 -11.28
CA ASP C 951 58.96 4.01 -10.66
C ASP C 951 60.47 4.05 -10.96
N LEU C 952 60.85 4.34 -12.21
CA LEU C 952 62.26 4.42 -12.65
C LEU C 952 63.01 5.50 -11.84
N MET C 953 62.37 6.66 -11.62
CA MET C 953 62.96 7.81 -10.88
C MET C 953 63.10 7.47 -9.40
N ASP C 954 62.14 6.73 -8.83
CA ASP C 954 62.04 6.47 -7.37
C ASP C 954 62.88 5.23 -7.00
N LYS C 955 62.67 4.11 -7.70
CA LYS C 955 63.27 2.79 -7.36
C LYS C 955 64.70 2.71 -7.92
N GLU C 956 64.88 2.96 -9.21
CA GLU C 956 66.18 2.78 -9.93
C GLU C 956 67.00 4.08 -9.89
N GLY C 957 66.40 5.20 -9.49
CA GLY C 957 67.09 6.49 -9.26
C GLY C 957 67.60 7.12 -10.55
N LYS C 958 66.86 6.97 -11.65
CA LYS C 958 67.21 7.51 -12.99
C LYS C 958 66.76 8.97 -13.08
N GLY C 959 67.39 9.75 -13.96
CA GLY C 959 67.06 11.16 -14.23
C GLY C 959 65.69 11.31 -14.87
N LEU C 960 65.07 12.50 -14.73
CA LEU C 960 63.71 12.82 -15.22
C LEU C 960 63.58 12.49 -16.72
N ILE C 961 64.50 13.01 -17.54
CA ILE C 961 64.48 12.88 -19.03
C ILE C 961 64.71 11.40 -19.41
N GLU C 962 65.73 10.77 -18.83
CA GLU C 962 66.11 9.36 -19.10
C GLU C 962 64.95 8.43 -18.75
N ALA C 963 64.33 8.63 -17.58
CA ALA C 963 63.21 7.82 -17.04
C ALA C 963 61.99 7.93 -17.97
N THR C 964 61.67 9.15 -18.40
CA THR C 964 60.53 9.46 -19.31
C THR C 964 60.74 8.76 -20.66
N LEU C 965 61.97 8.77 -21.19
CA LEU C 965 62.31 8.20 -22.51
C LEU C 965 62.27 6.67 -22.46
N ASP C 966 62.71 6.07 -21.34
CA ASP C 966 62.59 4.61 -21.08
C ASP C 966 61.11 4.24 -20.95
N ALA C 967 60.33 5.07 -20.24
CA ALA C 967 58.90 4.84 -19.93
C ALA C 967 58.09 4.75 -21.22
N VAL C 968 58.24 5.73 -22.12
CA VAL C 968 57.48 5.84 -23.40
C VAL C 968 57.84 4.66 -24.31
N ARG C 969 59.10 4.22 -24.30
CA ARG C 969 59.61 3.07 -25.10
C ARG C 969 58.86 1.80 -24.68
N MET C 970 58.83 1.52 -23.38
CA MET C 970 58.23 0.28 -22.79
C MET C 970 56.70 0.33 -22.89
N ALA C 971 56.11 1.53 -22.91
CA ALA C 971 54.65 1.77 -22.81
C ALA C 971 53.99 1.82 -24.19
N LEU C 972 54.75 2.03 -25.26
CA LEU C 972 54.20 2.23 -26.64
C LEU C 972 53.36 1.01 -27.05
N ARG C 973 53.96 -0.19 -27.03
CA ARG C 973 53.33 -1.46 -27.48
C ARG C 973 52.02 -1.69 -26.73
N PRO C 974 52.01 -1.73 -25.38
CA PRO C 974 50.76 -1.97 -24.64
C PRO C 974 49.72 -0.86 -24.80
N ILE C 975 50.14 0.39 -25.05
CA ILE C 975 49.23 1.54 -25.31
C ILE C 975 48.51 1.31 -26.65
N LEU C 976 49.27 1.05 -27.73
CA LEU C 976 48.73 0.87 -29.11
C LEU C 976 47.88 -0.40 -29.16
N MET C 977 48.28 -1.47 -28.46
CA MET C 977 47.54 -2.75 -28.38
C MET C 977 46.15 -2.51 -27.78
N THR C 978 46.10 -1.94 -26.57
CA THR C 978 44.86 -1.69 -25.78
C THR C 978 44.00 -0.64 -26.48
N SER C 979 44.64 0.34 -27.15
CA SER C 979 43.96 1.48 -27.85
C SER C 979 43.26 0.97 -29.12
N LEU C 980 43.99 0.20 -29.95
CA LEU C 980 43.45 -0.40 -31.21
C LEU C 980 42.35 -1.41 -30.88
N ALA C 981 42.50 -2.14 -29.76
CA ALA C 981 41.49 -3.09 -29.25
C ALA C 981 40.14 -2.38 -29.06
N PHE C 982 40.15 -1.19 -28.45
CA PHE C 982 38.94 -0.36 -28.21
C PHE C 982 38.41 0.21 -29.53
N ILE C 983 39.30 0.77 -30.35
CA ILE C 983 38.95 1.44 -31.65
C ILE C 983 38.23 0.44 -32.55
N LEU C 984 38.81 -0.75 -32.74
CA LEU C 984 38.22 -1.85 -33.56
C LEU C 984 37.12 -2.55 -32.74
N GLY C 985 37.16 -2.44 -31.41
CA GLY C 985 36.11 -2.93 -30.50
C GLY C 985 34.77 -2.24 -30.75
N VAL C 986 34.79 -0.91 -30.86
CA VAL C 986 33.57 -0.06 -31.07
C VAL C 986 33.35 0.19 -32.57
N MET C 987 34.17 -0.41 -33.45
CA MET C 987 34.08 -0.26 -34.93
C MET C 987 32.69 -0.67 -35.41
N PRO C 988 32.16 -1.87 -35.05
CA PRO C 988 30.86 -2.31 -35.53
C PRO C 988 29.71 -1.33 -35.21
N LEU C 989 29.77 -0.65 -34.06
CA LEU C 989 28.78 0.38 -33.65
C LEU C 989 28.79 1.53 -34.67
N VAL C 990 29.98 1.95 -35.09
CA VAL C 990 30.21 3.15 -35.96
C VAL C 990 29.67 2.90 -37.36
N ILE C 991 29.89 1.69 -37.92
CA ILE C 991 29.59 1.34 -39.34
C ILE C 991 28.24 0.61 -39.44
N SER C 992 27.54 0.40 -38.32
CA SER C 992 26.22 -0.29 -38.25
C SER C 992 25.20 0.48 -39.10
N THR C 993 24.42 -0.23 -39.93
CA THR C 993 23.33 0.32 -40.77
C THR C 993 22.03 -0.47 -40.57
N GLY C 994 22.02 -1.46 -39.67
CA GLY C 994 20.84 -2.30 -39.37
C GLY C 994 19.80 -1.56 -38.55
N ALA C 995 18.76 -2.26 -38.09
CA ALA C 995 17.70 -1.72 -37.22
C ALA C 995 18.33 -1.28 -35.89
N GLY C 996 18.10 -0.02 -35.49
CA GLY C 996 18.63 0.56 -34.24
C GLY C 996 20.05 1.08 -34.41
N SER C 997 20.50 1.33 -35.64
CA SER C 997 21.87 1.81 -35.98
C SER C 997 22.05 3.25 -35.51
N GLY C 998 20.96 4.03 -35.43
CA GLY C 998 20.96 5.41 -34.90
C GLY C 998 21.65 5.49 -33.55
N ALA C 999 21.23 4.62 -32.62
CA ALA C 999 21.78 4.51 -31.25
C ALA C 999 23.22 3.98 -31.30
N GLN C 1000 23.46 2.91 -32.08
CA GLN C 1000 24.80 2.28 -32.22
C GLN C 1000 25.81 3.32 -32.71
N ASN C 1001 25.48 4.03 -33.80
CA ASN C 1001 26.33 5.08 -34.42
C ASN C 1001 26.67 6.16 -33.36
N ALA C 1002 25.69 6.54 -32.53
CA ALA C 1002 25.80 7.61 -31.52
C ALA C 1002 26.76 7.19 -30.39
N VAL C 1003 26.73 5.93 -29.97
CA VAL C 1003 27.56 5.37 -28.87
C VAL C 1003 29.01 5.25 -29.34
N GLY C 1004 29.23 4.75 -30.55
CA GLY C 1004 30.55 4.33 -31.06
C GLY C 1004 31.37 5.49 -31.61
N THR C 1005 30.75 6.39 -32.38
CA THR C 1005 31.43 7.44 -33.19
C THR C 1005 32.29 8.33 -32.28
N GLY C 1006 31.67 8.92 -31.24
CA GLY C 1006 32.35 9.83 -30.28
C GLY C 1006 33.55 9.18 -29.62
N VAL C 1007 33.35 8.01 -29.00
CA VAL C 1007 34.39 7.30 -28.19
C VAL C 1007 35.53 6.83 -29.10
N MET C 1008 35.21 6.38 -30.32
CA MET C 1008 36.24 5.89 -31.30
C MET C 1008 37.16 7.07 -31.67
N GLY C 1009 36.58 8.20 -32.08
CA GLY C 1009 37.31 9.45 -32.36
C GLY C 1009 38.07 9.93 -31.15
N GLY C 1010 37.48 9.79 -29.95
CA GLY C 1010 38.09 10.13 -28.66
C GLY C 1010 39.36 9.34 -28.40
N MET C 1011 39.33 8.03 -28.67
CA MET C 1011 40.47 7.10 -28.41
C MET C 1011 41.57 7.33 -29.46
N VAL C 1012 41.19 7.64 -30.71
CA VAL C 1012 42.14 7.91 -31.84
C VAL C 1012 43.08 9.05 -31.42
N THR C 1013 42.53 10.21 -31.05
CA THR C 1013 43.30 11.42 -30.67
C THR C 1013 43.96 11.22 -29.30
N ALA C 1014 43.29 10.53 -28.37
CA ALA C 1014 43.79 10.23 -27.01
C ALA C 1014 44.95 9.23 -27.08
N THR C 1015 45.17 8.57 -28.22
CA THR C 1015 46.31 7.66 -28.49
C THR C 1015 47.39 8.43 -29.27
N VAL C 1016 47.02 9.01 -30.41
CA VAL C 1016 47.95 9.68 -31.37
C VAL C 1016 48.64 10.86 -30.69
N LEU C 1017 47.90 11.70 -29.96
CA LEU C 1017 48.44 12.92 -29.31
C LEU C 1017 49.16 12.56 -28.01
N ALA C 1018 48.51 11.79 -27.13
CA ALA C 1018 48.97 11.47 -25.76
C ALA C 1018 50.42 10.98 -25.75
N ILE C 1019 50.78 10.08 -26.67
CA ILE C 1019 52.13 9.43 -26.74
C ILE C 1019 53.22 10.49 -26.89
N PHE C 1020 52.89 11.68 -27.43
CA PHE C 1020 53.81 12.83 -27.61
C PHE C 1020 53.62 13.86 -26.50
N PHE C 1021 52.41 14.00 -25.97
CA PHE C 1021 52.00 15.11 -25.05
C PHE C 1021 52.13 14.70 -23.57
N VAL C 1022 51.89 13.42 -23.24
CA VAL C 1022 51.99 12.89 -21.84
C VAL C 1022 53.43 13.06 -21.34
N PRO C 1023 54.47 12.73 -22.14
CA PRO C 1023 55.86 12.95 -21.72
C PRO C 1023 56.17 14.42 -21.39
N VAL C 1024 55.58 15.35 -22.16
CA VAL C 1024 55.74 16.82 -21.96
C VAL C 1024 55.10 17.21 -20.63
N PHE C 1025 53.85 16.78 -20.39
CA PHE C 1025 53.07 17.07 -19.15
C PHE C 1025 53.88 16.62 -17.93
N PHE C 1026 54.36 15.38 -17.94
CA PHE C 1026 55.12 14.75 -16.84
C PHE C 1026 56.38 15.59 -16.51
N VAL C 1027 57.19 15.87 -17.54
CA VAL C 1027 58.51 16.57 -17.41
C VAL C 1027 58.28 18.01 -16.94
N VAL C 1028 57.36 18.75 -17.58
CA VAL C 1028 57.07 20.19 -17.31
C VAL C 1028 56.54 20.34 -15.87
N VAL C 1029 55.57 19.50 -15.48
CA VAL C 1029 54.90 19.56 -14.14
C VAL C 1029 55.90 19.20 -13.05
N ARG C 1030 56.67 18.12 -13.22
CA ARG C 1030 57.67 17.62 -12.23
C ARG C 1030 58.76 18.68 -12.02
N ARG C 1031 59.16 19.38 -13.09
CA ARG C 1031 60.20 20.44 -13.05
C ARG C 1031 59.68 21.66 -12.29
N ARG C 1032 58.40 21.99 -12.47
CA ARG C 1032 57.71 23.11 -11.77
C ARG C 1032 57.67 22.81 -10.27
N PHE C 1033 57.26 21.59 -9.90
CA PHE C 1033 57.14 21.10 -8.50
C PHE C 1033 58.23 20.05 -8.22
N SER D 12 -29.03 37.29 38.89
CA SER D 12 -27.96 37.47 39.93
C SER D 12 -26.93 36.34 39.84
N ASP D 13 -25.78 36.51 40.51
CA ASP D 13 -24.65 35.55 40.53
C ASP D 13 -25.10 34.26 41.23
N LEU D 14 -25.53 34.36 42.50
CA LEU D 14 -25.93 33.21 43.35
C LEU D 14 -27.13 32.47 42.72
N GLY D 15 -28.06 33.22 42.11
CA GLY D 15 -29.22 32.67 41.38
C GLY D 15 -28.80 31.69 40.31
N LYS D 16 -27.74 32.00 39.57
CA LYS D 16 -27.19 31.15 38.47
C LYS D 16 -26.37 29.99 39.06
N LYS D 17 -25.73 30.20 40.22
CA LYS D 17 -24.98 29.14 40.95
C LYS D 17 -25.96 28.08 41.48
N LEU D 18 -27.17 28.51 41.89
CA LEU D 18 -28.22 27.62 42.45
C LEU D 18 -28.78 26.72 41.34
N LEU D 19 -29.02 27.28 40.15
CA LEU D 19 -29.53 26.54 38.95
C LEU D 19 -28.57 25.38 38.65
N GLU D 20 -27.27 25.66 38.58
CA GLU D 20 -26.20 24.67 38.27
C GLU D 20 -26.12 23.63 39.39
N ALA D 21 -26.18 24.08 40.65
CA ALA D 21 -26.09 23.24 41.88
C ALA D 21 -27.30 22.29 41.93
N ALA D 22 -28.50 22.81 41.66
CA ALA D 22 -29.78 22.05 41.67
C ALA D 22 -29.76 20.98 40.58
N ARG D 23 -29.29 21.33 39.38
CA ARG D 23 -29.13 20.43 38.22
C ARG D 23 -28.11 19.32 38.56
N ALA D 24 -26.97 19.70 39.12
CA ALA D 24 -25.82 18.81 39.43
C ALA D 24 -26.17 17.85 40.58
N GLY D 25 -27.06 18.28 41.48
CA GLY D 25 -27.50 17.48 42.64
C GLY D 25 -26.53 17.61 43.81
N ARG D 26 -25.85 18.75 43.93
CA ARG D 26 -24.86 19.03 45.00
C ARG D 26 -25.61 19.55 46.24
N ASP D 27 -26.08 18.62 47.09
CA ASP D 27 -26.93 18.90 48.28
C ASP D 27 -26.22 19.91 49.20
N ASP D 28 -24.90 19.74 49.39
CA ASP D 28 -24.06 20.57 50.28
C ASP D 28 -24.02 22.02 49.78
N GLU D 29 -23.84 22.23 48.47
CA GLU D 29 -23.73 23.57 47.84
C GLU D 29 -25.08 24.29 47.93
N VAL D 30 -26.18 23.58 47.69
CA VAL D 30 -27.58 24.12 47.77
C VAL D 30 -27.82 24.66 49.18
N ARG D 31 -27.44 23.90 50.21
CA ARG D 31 -27.58 24.28 51.64
C ARG D 31 -26.94 25.65 51.89
N ILE D 32 -25.68 25.82 51.48
CA ILE D 32 -24.87 27.06 51.70
C ILE D 32 -25.53 28.23 50.95
N LEU D 33 -26.09 27.97 49.76
CA LEU D 33 -26.75 28.98 48.90
C LEU D 33 -28.06 29.44 49.53
N MET D 34 -28.82 28.52 50.15
CA MET D 34 -30.10 28.81 50.85
C MET D 34 -29.83 29.70 52.07
N ALA D 35 -28.70 29.50 52.76
CA ALA D 35 -28.26 30.29 53.92
C ALA D 35 -27.88 31.70 53.49
N ASN D 36 -27.14 31.81 52.37
CA ASN D 36 -26.65 33.10 51.81
C ASN D 36 -27.77 33.81 51.03
N GLY D 37 -28.86 33.11 50.72
CA GLY D 37 -30.10 33.68 50.16
C GLY D 37 -30.09 33.75 48.64
N ALA D 38 -29.69 32.65 47.97
CA ALA D 38 -29.70 32.51 46.50
C ALA D 38 -31.16 32.47 46.02
N ASP D 39 -31.49 33.30 45.01
CA ASP D 39 -32.86 33.48 44.48
C ASP D 39 -33.43 32.13 44.03
N VAL D 40 -34.48 31.66 44.71
CA VAL D 40 -35.15 30.34 44.44
C VAL D 40 -36.04 30.47 43.19
N ASN D 41 -36.39 31.70 42.80
CA ASN D 41 -37.25 31.99 41.62
C ASN D 41 -36.37 32.38 40.41
N ALA D 42 -35.05 32.26 40.53
CA ALA D 42 -34.07 32.46 39.44
C ALA D 42 -34.44 31.54 38.27
N ALA D 43 -34.43 32.07 37.04
CA ALA D 43 -34.84 31.34 35.81
C ALA D 43 -33.79 31.55 34.70
N ASP D 44 -33.45 30.47 33.99
CA ASP D 44 -32.60 30.50 32.77
C ASP D 44 -33.47 30.99 31.60
N VAL D 45 -32.90 31.03 30.39
CA VAL D 45 -33.54 31.64 29.18
C VAL D 45 -34.78 30.83 28.77
N VAL D 46 -34.83 29.53 29.07
CA VAL D 46 -35.99 28.65 28.73
C VAL D 46 -37.06 28.74 29.84
N GLY D 47 -36.75 29.38 30.96
CA GLY D 47 -37.70 29.68 32.06
C GLY D 47 -37.74 28.58 33.10
N TRP D 48 -36.66 27.82 33.26
CA TRP D 48 -36.52 26.71 34.24
C TRP D 48 -35.92 27.26 35.54
N THR D 49 -36.63 27.04 36.66
CA THR D 49 -36.19 27.36 38.04
C THR D 49 -35.32 26.21 38.56
N PRO D 50 -34.62 26.39 39.70
CA PRO D 50 -33.91 25.27 40.34
C PRO D 50 -34.83 24.06 40.60
N LEU D 51 -36.11 24.30 40.89
CA LEU D 51 -37.13 23.24 41.18
C LEU D 51 -37.42 22.47 39.89
N HIS D 52 -37.61 23.16 38.76
CA HIS D 52 -37.72 22.57 37.40
C HIS D 52 -36.57 21.59 37.16
N LEU D 53 -35.34 22.05 37.37
CA LEU D 53 -34.08 21.29 37.12
C LEU D 53 -33.99 20.10 38.08
N ALA D 54 -34.19 20.34 39.38
CA ALA D 54 -34.18 19.32 40.46
C ALA D 54 -35.19 18.22 40.13
N ALA D 55 -36.40 18.61 39.71
CA ALA D 55 -37.52 17.70 39.36
C ALA D 55 -37.14 16.85 38.14
N TYR D 56 -36.50 17.47 37.13
CA TYR D 56 -36.11 16.82 35.85
C TYR D 56 -35.06 15.74 36.11
N TRP D 57 -33.94 16.10 36.75
CA TRP D 57 -32.77 15.21 36.96
C TRP D 57 -32.99 14.26 38.15
N GLY D 58 -34.07 14.46 38.93
CA GLY D 58 -34.55 13.52 39.95
C GLY D 58 -33.78 13.64 41.26
N HIS D 59 -33.58 14.87 41.75
CA HIS D 59 -32.87 15.18 43.02
C HIS D 59 -33.88 15.48 44.12
N LEU D 60 -34.35 14.44 44.80
CA LEU D 60 -35.46 14.48 45.80
C LEU D 60 -35.16 15.50 46.91
N GLU D 61 -33.99 15.38 47.55
CA GLU D 61 -33.61 16.16 48.76
C GLU D 61 -33.60 17.65 48.44
N ILE D 62 -33.14 18.03 47.25
CA ILE D 62 -33.05 19.46 46.81
C ILE D 62 -34.44 20.01 46.52
N VAL D 63 -35.34 19.20 45.95
CA VAL D 63 -36.77 19.56 45.71
C VAL D 63 -37.40 19.98 47.04
N GLU D 64 -37.16 19.20 48.09
CA GLU D 64 -37.70 19.44 49.47
C GLU D 64 -37.10 20.74 50.03
N VAL D 65 -35.78 20.92 49.92
CA VAL D 65 -35.02 22.08 50.46
C VAL D 65 -35.52 23.37 49.79
N LEU D 66 -35.70 23.35 48.46
CA LEU D 66 -36.16 24.52 47.66
C LEU D 66 -37.59 24.91 48.06
N LEU D 67 -38.48 23.93 48.24
CA LEU D 67 -39.89 24.14 48.63
C LEU D 67 -39.96 24.71 50.06
N LYS D 68 -39.07 24.26 50.95
CA LYS D 68 -38.92 24.80 52.33
C LYS D 68 -38.52 26.28 52.28
N ASN D 69 -37.76 26.69 51.25
CA ASN D 69 -37.25 28.07 51.07
C ASN D 69 -38.13 28.83 50.08
N GLY D 70 -39.45 28.58 50.09
CA GLY D 70 -40.48 29.40 49.40
C GLY D 70 -40.30 29.43 47.89
N ALA D 71 -39.96 28.29 47.28
CA ALA D 71 -39.89 28.11 45.81
C ALA D 71 -41.31 27.93 45.25
N ASP D 72 -41.59 28.53 44.10
CA ASP D 72 -42.91 28.44 43.41
C ASP D 72 -43.07 27.01 42.88
N VAL D 73 -44.00 26.25 43.47
CA VAL D 73 -44.30 24.83 43.12
C VAL D 73 -44.99 24.79 41.75
N ASN D 74 -45.71 25.85 41.37
CA ASN D 74 -46.49 25.96 40.11
C ASN D 74 -45.79 26.89 39.11
N ALA D 75 -44.47 27.06 39.23
CA ALA D 75 -43.63 27.80 38.27
C ALA D 75 -43.76 27.13 36.89
N TYR D 76 -43.91 27.92 35.83
CA TYR D 76 -44.07 27.42 34.43
C TYR D 76 -42.97 28.05 33.55
N ASP D 77 -42.40 27.23 32.65
CA ASP D 77 -41.36 27.64 31.67
C ASP D 77 -42.04 28.43 30.54
N THR D 78 -41.29 28.79 29.50
CA THR D 78 -41.77 29.64 28.37
C THR D 78 -42.73 28.85 27.46
N LEU D 79 -42.90 27.54 27.70
CA LEU D 79 -43.88 26.67 27.01
C LEU D 79 -44.94 26.14 28.00
N GLY D 80 -45.00 26.71 29.21
CA GLY D 80 -46.10 26.50 30.18
C GLY D 80 -45.96 25.20 30.98
N SER D 81 -44.81 24.53 30.92
CA SER D 81 -44.54 23.26 31.64
C SER D 81 -44.03 23.54 33.06
N THR D 82 -44.47 22.75 34.04
CA THR D 82 -44.20 22.93 35.51
C THR D 82 -43.29 21.81 35.99
N PRO D 83 -42.72 21.92 37.22
CA PRO D 83 -41.89 20.84 37.77
C PRO D 83 -42.60 19.48 37.88
N LEU D 84 -43.93 19.50 38.11
CA LEU D 84 -44.77 18.27 38.22
C LEU D 84 -44.82 17.54 36.87
N HIS D 85 -44.96 18.30 35.76
CA HIS D 85 -44.86 17.80 34.37
C HIS D 85 -43.56 16.99 34.22
N LEU D 86 -42.43 17.58 34.61
CA LEU D 86 -41.07 17.00 34.44
C LEU D 86 -40.91 15.77 35.34
N ALA D 87 -41.28 15.89 36.62
CA ALA D 87 -41.18 14.81 37.63
C ALA D 87 -42.02 13.60 37.19
N ALA D 88 -43.26 13.85 36.74
CA ALA D 88 -44.24 12.82 36.32
C ALA D 88 -43.76 12.12 35.03
N HIS D 89 -43.19 12.89 34.10
CA HIS D 89 -42.78 12.43 32.75
C HIS D 89 -41.57 11.49 32.85
N PHE D 90 -40.60 11.80 33.72
CA PHE D 90 -39.30 11.08 33.84
C PHE D 90 -39.32 10.11 35.04
N GLY D 91 -40.52 9.79 35.55
CA GLY D 91 -40.76 8.67 36.48
C GLY D 91 -40.13 8.86 37.84
N HIS D 92 -40.22 10.08 38.40
CA HIS D 92 -39.70 10.44 39.74
C HIS D 92 -40.86 10.45 40.75
N LEU D 93 -41.27 9.24 41.20
CA LEU D 93 -42.47 8.99 42.04
C LEU D 93 -42.43 9.87 43.31
N GLU D 94 -41.35 9.75 44.09
CA GLU D 94 -41.19 10.43 45.41
C GLU D 94 -41.23 11.95 45.24
N ILE D 95 -40.73 12.48 44.13
CA ILE D 95 -40.71 13.95 43.82
C ILE D 95 -42.13 14.40 43.46
N VAL D 96 -42.87 13.58 42.70
CA VAL D 96 -44.29 13.84 42.33
C VAL D 96 -45.13 14.00 43.61
N GLU D 97 -44.91 13.12 44.59
CA GLU D 97 -45.64 13.10 45.89
C GLU D 97 -45.34 14.40 46.67
N VAL D 98 -44.06 14.74 46.83
CA VAL D 98 -43.59 15.95 47.59
C VAL D 98 -44.20 17.21 46.95
N LEU D 99 -44.12 17.33 45.62
CA LEU D 99 -44.65 18.48 44.84
C LEU D 99 -46.16 18.62 45.08
N LEU D 100 -46.90 17.51 44.99
CA LEU D 100 -48.37 17.46 45.17
C LEU D 100 -48.73 17.82 46.62
N LYS D 101 -47.94 17.34 47.59
CA LYS D 101 -48.13 17.61 49.04
C LYS D 101 -47.96 19.11 49.33
N ASN D 102 -47.13 19.81 48.53
CA ASN D 102 -46.83 21.26 48.68
C ASN D 102 -47.70 22.09 47.72
N GLY D 103 -48.77 21.49 47.17
CA GLY D 103 -49.85 22.20 46.46
C GLY D 103 -49.54 22.42 44.98
N ALA D 104 -48.96 21.42 44.31
CA ALA D 104 -48.71 21.43 42.85
C ALA D 104 -50.05 21.22 42.12
N ASP D 105 -50.36 22.09 41.15
CA ASP D 105 -51.58 22.00 40.31
C ASP D 105 -51.53 20.68 39.53
N VAL D 106 -52.33 19.70 39.95
CA VAL D 106 -52.35 18.32 39.39
C VAL D 106 -52.91 18.35 37.95
N ASN D 107 -53.75 19.35 37.63
CA ASN D 107 -54.40 19.52 36.31
C ASN D 107 -53.72 20.64 35.51
N ALA D 108 -52.45 20.94 35.81
CA ALA D 108 -51.64 21.98 35.13
C ALA D 108 -51.53 21.66 33.65
N LYS D 109 -51.98 22.58 32.78
CA LYS D 109 -51.92 22.46 31.30
C LYS D 109 -50.77 23.33 30.78
N ASP D 110 -49.89 22.77 29.95
CA ASP D 110 -48.84 23.52 29.20
C ASP D 110 -49.51 24.16 27.97
N ASP D 111 -48.73 24.80 27.11
CA ASP D 111 -49.23 25.53 25.90
C ASP D 111 -49.86 24.53 24.92
N ASN D 112 -49.53 23.25 25.04
CA ASN D 112 -50.02 22.15 24.16
C ASN D 112 -51.31 21.53 24.73
N GLY D 113 -51.69 21.91 25.95
CA GLY D 113 -52.83 21.32 26.70
C GLY D 113 -52.48 20.00 27.34
N ILE D 114 -51.18 19.69 27.45
CA ILE D 114 -50.65 18.42 28.03
C ILE D 114 -50.53 18.59 29.55
N THR D 115 -50.93 17.57 30.31
CA THR D 115 -50.95 17.53 31.79
C THR D 115 -49.91 16.53 32.29
N PRO D 116 -49.55 16.56 33.59
CA PRO D 116 -48.69 15.53 34.16
C PRO D 116 -49.20 14.10 33.92
N LEU D 117 -50.52 13.90 33.96
CA LEU D 117 -51.19 12.59 33.74
C LEU D 117 -50.92 12.09 32.32
N HIS D 118 -51.10 12.97 31.31
CA HIS D 118 -50.80 12.69 29.88
C HIS D 118 -49.37 12.14 29.75
N LEU D 119 -48.40 12.86 30.32
CA LEU D 119 -46.95 12.55 30.23
C LEU D 119 -46.65 11.24 30.97
N ALA D 120 -47.19 11.07 32.18
CA ALA D 120 -47.04 9.87 33.03
C ALA D 120 -47.59 8.65 32.30
N ALA D 121 -48.76 8.80 31.66
CA ALA D 121 -49.46 7.74 30.88
C ALA D 121 -48.61 7.34 29.66
N ASN D 122 -48.01 8.32 28.98
CA ASN D 122 -47.26 8.14 27.71
C ASN D 122 -46.03 7.26 27.96
N ARG D 123 -45.32 7.49 29.07
CA ARG D 123 -44.10 6.74 29.48
C ARG D 123 -44.50 5.51 30.31
N GLY D 124 -45.77 5.38 30.68
CA GLY D 124 -46.35 4.20 31.33
C GLY D 124 -45.86 4.03 32.77
N HIS D 125 -45.78 5.13 33.52
CA HIS D 125 -45.41 5.15 34.96
C HIS D 125 -46.67 4.92 35.80
N LEU D 126 -46.98 3.66 36.09
CA LEU D 126 -48.26 3.21 36.70
C LEU D 126 -48.43 3.82 38.10
N GLU D 127 -47.36 3.82 38.91
CA GLU D 127 -47.35 4.33 40.31
C GLU D 127 -47.75 5.81 40.30
N ILE D 128 -47.12 6.61 39.44
CA ILE D 128 -47.30 8.10 39.34
C ILE D 128 -48.74 8.40 38.87
N VAL D 129 -49.26 7.64 37.90
CA VAL D 129 -50.64 7.80 37.37
C VAL D 129 -51.64 7.70 38.53
N GLU D 130 -51.46 6.71 39.41
CA GLU D 130 -52.36 6.45 40.57
C GLU D 130 -52.21 7.56 41.62
N VAL D 131 -50.98 8.04 41.85
CA VAL D 131 -50.67 9.16 42.78
C VAL D 131 -51.36 10.43 42.27
N LEU D 132 -51.26 10.71 40.97
CA LEU D 132 -51.88 11.88 40.31
C LEU D 132 -53.41 11.79 40.41
N LEU D 133 -53.99 10.62 40.10
CA LEU D 133 -55.45 10.35 40.15
C LEU D 133 -55.95 10.49 41.60
N LYS D 134 -55.13 10.07 42.57
CA LYS D 134 -55.45 10.14 44.03
C LYS D 134 -55.56 11.60 44.47
N TYR D 135 -54.75 12.50 43.90
CA TYR D 135 -54.73 13.95 44.20
C TYR D 135 -55.70 14.72 43.28
N GLY D 136 -56.58 13.98 42.57
CA GLY D 136 -57.69 14.54 41.79
C GLY D 136 -57.27 15.00 40.40
N ALA D 137 -56.47 14.19 39.70
CA ALA D 137 -56.10 14.42 38.28
C ALA D 137 -57.34 14.19 37.40
N ASP D 138 -57.65 15.14 36.53
CA ASP D 138 -58.82 15.08 35.59
C ASP D 138 -58.52 14.04 34.51
N VAL D 139 -59.16 12.88 34.59
CA VAL D 139 -58.93 11.71 33.69
C VAL D 139 -59.52 11.98 32.30
N ASN D 140 -60.48 12.91 32.21
CA ASN D 140 -61.19 13.29 30.95
C ASN D 140 -60.51 14.50 30.30
N ALA D 141 -59.43 15.02 30.89
CA ALA D 141 -58.67 16.20 30.40
C ALA D 141 -58.08 15.89 29.02
N GLN D 142 -58.33 16.76 28.04
CA GLN D 142 -57.91 16.61 26.62
C GLN D 142 -56.80 17.63 26.30
N ASP D 143 -55.83 17.23 25.46
CA ASP D 143 -54.76 18.12 24.93
C ASP D 143 -55.29 18.81 23.67
N LYS D 144 -54.46 19.59 22.99
CA LYS D 144 -54.83 20.41 21.79
C LYS D 144 -55.38 19.50 20.68
N PHE D 145 -55.03 18.21 20.66
CA PHE D 145 -55.45 17.22 19.64
C PHE D 145 -56.71 16.47 20.11
N GLY D 146 -57.18 16.74 21.33
CA GLY D 146 -58.40 16.15 21.91
C GLY D 146 -58.17 14.78 22.52
N LYS D 147 -56.90 14.45 22.83
CA LYS D 147 -56.48 13.12 23.35
C LYS D 147 -56.46 13.15 24.88
N THR D 148 -56.96 12.10 25.52
CA THR D 148 -56.95 11.87 26.99
C THR D 148 -55.80 10.91 27.34
N ALA D 149 -55.57 10.67 28.63
CA ALA D 149 -54.57 9.71 29.16
C ALA D 149 -54.95 8.29 28.73
N PHE D 150 -56.25 8.01 28.59
CA PHE D 150 -56.81 6.71 28.13
C PHE D 150 -56.49 6.49 26.65
N ASP D 151 -56.67 7.53 25.82
CA ASP D 151 -56.39 7.50 24.35
C ASP D 151 -54.91 7.14 24.13
N ILE D 152 -54.02 7.69 24.96
CA ILE D 152 -52.55 7.46 24.89
C ILE D 152 -52.26 6.00 25.26
N SER D 153 -52.96 5.46 26.27
CA SER D 153 -52.71 4.11 26.85
C SER D 153 -53.05 3.01 25.82
N ILE D 154 -54.19 3.13 25.13
CA ILE D 154 -54.67 2.12 24.14
C ILE D 154 -53.84 2.23 22.85
N ASN D 155 -53.34 3.44 22.53
CA ASN D 155 -52.49 3.71 21.34
C ASN D 155 -51.10 3.08 21.57
N ASN D 156 -50.54 3.27 22.78
CA ASN D 156 -49.24 2.68 23.19
C ASN D 156 -49.40 1.17 23.44
N GLY D 157 -50.63 0.70 23.67
CA GLY D 157 -50.96 -0.72 23.87
C GLY D 157 -50.66 -1.18 25.29
N ASN D 158 -50.67 -0.25 26.25
CA ASN D 158 -50.41 -0.51 27.69
C ASN D 158 -51.74 -0.92 28.35
N GLU D 159 -52.00 -2.23 28.43
CA GLU D 159 -53.27 -2.80 28.94
C GLU D 159 -53.40 -2.53 30.45
N ASP D 160 -52.31 -2.70 31.22
CA ASP D 160 -52.27 -2.46 32.68
C ASP D 160 -52.71 -1.02 32.98
N LEU D 161 -52.16 -0.04 32.25
CA LEU D 161 -52.46 1.40 32.38
C LEU D 161 -53.92 1.68 31.96
N ALA D 162 -54.35 1.08 30.85
CA ALA D 162 -55.72 1.21 30.29
C ALA D 162 -56.76 0.74 31.33
N GLU D 163 -56.43 -0.30 32.09
CA GLU D 163 -57.30 -0.92 33.13
C GLU D 163 -57.46 0.05 34.31
N ILE D 164 -56.40 0.79 34.65
CA ILE D 164 -56.35 1.73 35.81
C ILE D 164 -57.31 2.91 35.55
N LEU D 165 -57.35 3.43 34.32
CA LEU D 165 -58.06 4.69 33.96
C LEU D 165 -59.55 4.41 33.69
N GLN D 166 -60.18 3.55 34.51
CA GLN D 166 -61.62 3.21 34.42
C GLN D 166 -62.12 2.81 35.82
N ASP E 13 -36.67 -45.85 -0.40
CA ASP E 13 -35.80 -45.59 -1.60
C ASP E 13 -36.24 -46.51 -2.75
N LEU E 14 -37.16 -46.04 -3.60
CA LEU E 14 -37.65 -46.75 -4.81
C LEU E 14 -38.21 -45.75 -5.82
N GLY E 15 -39.27 -45.03 -5.46
CA GLY E 15 -39.89 -43.96 -6.27
C GLY E 15 -38.94 -42.78 -6.43
N LYS E 16 -38.31 -42.36 -5.33
CA LYS E 16 -37.29 -41.27 -5.29
C LYS E 16 -36.06 -41.71 -6.10
N LYS E 17 -35.66 -42.98 -5.98
CA LYS E 17 -34.51 -43.59 -6.69
C LYS E 17 -34.75 -43.52 -8.21
N LEU E 18 -36.00 -43.74 -8.64
CA LEU E 18 -36.42 -43.75 -10.07
C LEU E 18 -36.50 -42.31 -10.59
N LEU E 19 -37.07 -41.39 -9.82
CA LEU E 19 -37.20 -39.95 -10.17
C LEU E 19 -35.82 -39.38 -10.55
N GLU E 20 -34.80 -39.67 -9.74
CA GLU E 20 -33.40 -39.20 -9.94
C GLU E 20 -32.81 -39.86 -11.20
N ALA E 21 -33.10 -41.14 -11.42
CA ALA E 21 -32.61 -41.95 -12.57
C ALA E 21 -33.19 -41.42 -13.88
N ALA E 22 -34.49 -41.10 -13.89
CA ALA E 22 -35.24 -40.58 -15.05
C ALA E 22 -34.67 -39.22 -15.48
N ARG E 23 -34.41 -38.34 -14.50
CA ARG E 23 -33.86 -36.97 -14.70
C ARG E 23 -32.47 -37.05 -15.32
N ALA E 24 -31.57 -37.85 -14.73
CA ALA E 24 -30.15 -37.99 -15.10
C ALA E 24 -30.00 -38.55 -16.51
N GLY E 25 -30.98 -39.34 -16.97
CA GLY E 25 -30.99 -39.95 -18.32
C GLY E 25 -30.32 -41.31 -18.33
N ARG E 26 -30.42 -42.06 -17.23
CA ARG E 26 -29.84 -43.42 -17.08
C ARG E 26 -30.90 -44.46 -17.49
N ASP E 27 -30.80 -44.98 -18.72
CA ASP E 27 -31.77 -45.93 -19.32
C ASP E 27 -31.71 -47.27 -18.56
N ASP E 28 -30.52 -47.72 -18.20
CA ASP E 28 -30.26 -49.04 -17.53
C ASP E 28 -30.86 -49.03 -16.12
N GLU E 29 -30.55 -47.99 -15.33
CA GLU E 29 -31.02 -47.84 -13.91
C GLU E 29 -32.55 -47.84 -13.87
N VAL E 30 -33.20 -47.16 -14.82
CA VAL E 30 -34.69 -47.07 -14.93
C VAL E 30 -35.26 -48.48 -15.14
N ARG E 31 -34.61 -49.30 -15.97
CA ARG E 31 -35.03 -50.69 -16.28
C ARG E 31 -34.78 -51.60 -15.06
N ILE E 32 -33.64 -51.41 -14.37
CA ILE E 32 -33.26 -52.16 -13.13
C ILE E 32 -34.30 -51.85 -12.03
N LEU E 33 -34.65 -50.57 -11.86
CA LEU E 33 -35.61 -50.09 -10.84
C LEU E 33 -37.05 -50.50 -11.22
N MET E 34 -37.30 -50.74 -12.51
CA MET E 34 -38.63 -51.17 -13.05
C MET E 34 -38.82 -52.67 -12.76
N ALA E 35 -37.78 -53.47 -13.00
CA ALA E 35 -37.74 -54.94 -12.78
C ALA E 35 -38.01 -55.25 -11.29
N ASN E 36 -37.49 -54.42 -10.38
CA ASN E 36 -37.66 -54.56 -8.91
C ASN E 36 -39.09 -54.18 -8.53
N GLY E 37 -39.71 -53.23 -9.26
CA GLY E 37 -41.13 -52.85 -9.12
C GLY E 37 -41.29 -51.53 -8.38
N ALA E 38 -40.56 -50.49 -8.81
CA ALA E 38 -40.64 -49.11 -8.27
C ALA E 38 -41.87 -48.42 -8.86
N ASP E 39 -42.49 -47.52 -8.10
CA ASP E 39 -43.72 -46.78 -8.49
C ASP E 39 -43.39 -45.86 -9.67
N VAL E 40 -44.03 -46.12 -10.83
CA VAL E 40 -43.81 -45.36 -12.11
C VAL E 40 -44.49 -43.99 -12.03
N ASN E 41 -45.45 -43.82 -11.11
CA ASN E 41 -46.21 -42.55 -10.89
C ASN E 41 -45.72 -41.86 -9.61
N ALA E 42 -44.53 -42.23 -9.11
CA ALA E 42 -43.88 -41.63 -7.93
C ALA E 42 -43.70 -40.13 -8.16
N ALA E 43 -44.22 -39.29 -7.25
CA ALA E 43 -44.21 -37.81 -7.35
C ALA E 43 -43.19 -37.22 -6.37
N ASP E 44 -42.51 -36.14 -6.78
CA ASP E 44 -41.58 -35.37 -5.93
C ASP E 44 -42.37 -34.25 -5.24
N VAL E 45 -41.67 -33.33 -4.55
CA VAL E 45 -42.29 -32.26 -3.71
C VAL E 45 -43.15 -31.32 -4.56
N VAL E 46 -42.81 -31.12 -5.84
CA VAL E 46 -43.53 -30.21 -6.78
C VAL E 46 -44.54 -31.01 -7.61
N GLY E 47 -44.60 -32.33 -7.43
CA GLY E 47 -45.60 -33.22 -8.06
C GLY E 47 -45.17 -33.72 -9.44
N TRP E 48 -43.86 -33.76 -9.71
CA TRP E 48 -43.28 -34.25 -10.99
C TRP E 48 -43.03 -35.76 -10.90
N THR E 49 -43.53 -36.51 -11.88
CA THR E 49 -43.32 -37.97 -12.05
C THR E 49 -42.02 -38.18 -12.83
N PRO E 50 -41.50 -39.42 -12.93
CA PRO E 50 -40.36 -39.71 -13.80
C PRO E 50 -40.61 -39.27 -15.26
N LEU E 51 -41.85 -39.38 -15.73
CA LEU E 51 -42.27 -39.02 -17.11
C LEU E 51 -42.17 -37.49 -17.30
N HIS E 52 -42.59 -36.72 -16.30
CA HIS E 52 -42.44 -35.23 -16.26
C HIS E 52 -40.97 -34.86 -16.51
N LEU E 53 -40.06 -35.45 -15.73
CA LEU E 53 -38.59 -35.16 -15.77
C LEU E 53 -38.02 -35.58 -17.12
N ALA E 54 -38.27 -36.83 -17.54
CA ALA E 54 -37.80 -37.41 -18.82
C ALA E 54 -38.19 -36.49 -19.99
N ALA E 55 -39.43 -35.98 -19.98
CA ALA E 55 -40.01 -35.10 -21.02
C ALA E 55 -39.31 -33.73 -20.99
N TYR E 56 -39.04 -33.21 -19.80
CA TYR E 56 -38.40 -31.88 -19.57
C TYR E 56 -36.95 -31.89 -20.08
N TRP E 57 -36.18 -32.92 -19.71
CA TRP E 57 -34.73 -33.04 -20.00
C TRP E 57 -34.50 -33.72 -21.37
N GLY E 58 -35.57 -34.19 -22.01
CA GLY E 58 -35.54 -34.70 -23.40
C GLY E 58 -34.92 -36.10 -23.50
N HIS E 59 -35.36 -37.02 -22.64
CA HIS E 59 -34.92 -38.44 -22.61
C HIS E 59 -36.00 -39.33 -23.22
N LEU E 60 -36.00 -39.45 -24.56
CA LEU E 60 -37.02 -40.19 -25.35
C LEU E 60 -37.04 -41.67 -24.95
N GLU E 61 -35.85 -42.27 -24.80
CA GLU E 61 -35.68 -43.72 -24.46
C GLU E 61 -36.45 -44.03 -23.17
N ILE E 62 -36.36 -43.15 -22.17
CA ILE E 62 -36.94 -43.32 -20.81
C ILE E 62 -38.46 -43.06 -20.86
N VAL E 63 -38.91 -42.08 -21.65
CA VAL E 63 -40.35 -41.76 -21.85
C VAL E 63 -41.07 -43.01 -22.38
N GLU E 64 -40.46 -43.71 -23.34
CA GLU E 64 -41.02 -44.94 -23.98
C GLU E 64 -41.06 -46.07 -22.95
N VAL E 65 -39.98 -46.27 -22.19
CA VAL E 65 -39.83 -47.38 -21.19
C VAL E 65 -40.80 -47.13 -20.02
N LEU E 66 -41.04 -45.87 -19.64
CA LEU E 66 -41.97 -45.48 -18.55
C LEU E 66 -43.42 -45.81 -18.97
N LEU E 67 -43.83 -45.30 -20.14
CA LEU E 67 -45.19 -45.54 -20.73
C LEU E 67 -45.41 -47.03 -20.96
N LYS E 68 -44.34 -47.76 -21.34
CA LYS E 68 -44.35 -49.23 -21.58
C LYS E 68 -44.77 -49.96 -20.30
N ASN E 69 -44.42 -49.41 -19.13
CA ASN E 69 -44.76 -49.97 -17.79
C ASN E 69 -45.90 -49.16 -17.16
N GLY E 70 -46.86 -48.72 -17.99
CA GLY E 70 -48.14 -48.12 -17.56
C GLY E 70 -47.97 -46.87 -16.72
N ALA E 71 -47.05 -45.97 -17.10
CA ALA E 71 -46.85 -44.65 -16.47
C ALA E 71 -48.05 -43.76 -16.82
N ASP E 72 -48.59 -43.03 -15.84
CA ASP E 72 -49.76 -42.13 -16.01
C ASP E 72 -49.37 -41.00 -16.98
N VAL E 73 -49.83 -41.10 -18.23
CA VAL E 73 -49.48 -40.18 -19.36
C VAL E 73 -50.07 -38.79 -19.09
N ASN E 74 -51.24 -38.73 -18.44
CA ASN E 74 -51.99 -37.47 -18.16
C ASN E 74 -51.74 -37.01 -16.71
N ALA E 75 -50.68 -37.53 -16.06
CA ALA E 75 -50.21 -37.07 -14.73
C ALA E 75 -49.99 -35.56 -14.79
N TYR E 76 -50.32 -34.84 -13.71
CA TYR E 76 -50.20 -33.36 -13.60
C TYR E 76 -49.55 -32.98 -12.27
N ASP E 77 -48.72 -31.93 -12.29
CA ASP E 77 -47.98 -31.40 -11.12
C ASP E 77 -48.94 -30.58 -10.25
N THR E 78 -48.43 -29.91 -9.21
CA THR E 78 -49.23 -29.13 -8.22
C THR E 78 -49.73 -27.82 -8.84
N LEU E 79 -49.36 -27.52 -10.09
CA LEU E 79 -49.88 -26.36 -10.87
C LEU E 79 -50.66 -26.84 -12.11
N GLY E 80 -50.80 -28.16 -12.30
CA GLY E 80 -51.70 -28.77 -13.30
C GLY E 80 -51.05 -29.01 -14.65
N SER E 81 -49.74 -28.77 -14.78
CA SER E 81 -48.96 -29.01 -16.03
C SER E 81 -48.62 -30.49 -16.14
N THR E 82 -48.66 -31.04 -17.36
CA THR E 82 -48.48 -32.48 -17.69
C THR E 82 -47.14 -32.67 -18.40
N PRO E 83 -46.66 -33.92 -18.59
CA PRO E 83 -45.45 -34.17 -19.39
C PRO E 83 -45.51 -33.62 -20.83
N LEU E 84 -46.71 -33.56 -21.41
CA LEU E 84 -46.96 -33.02 -22.78
C LEU E 84 -46.69 -31.52 -22.80
N HIS E 85 -47.15 -30.79 -21.77
CA HIS E 85 -46.87 -29.34 -21.57
C HIS E 85 -45.36 -29.08 -21.68
N LEU E 86 -44.56 -29.89 -20.96
CA LEU E 86 -43.08 -29.74 -20.86
C LEU E 86 -42.44 -30.08 -22.21
N ALA E 87 -42.79 -31.24 -22.78
CA ALA E 87 -42.27 -31.77 -24.06
C ALA E 87 -42.44 -30.71 -25.17
N ALA E 88 -43.65 -30.14 -25.28
CA ALA E 88 -44.04 -29.16 -26.32
C ALA E 88 -43.31 -27.83 -26.12
N HIS E 89 -43.13 -27.41 -24.87
CA HIS E 89 -42.58 -26.08 -24.48
C HIS E 89 -41.08 -26.01 -24.80
N PHE E 90 -40.34 -27.13 -24.64
CA PHE E 90 -38.86 -27.18 -24.76
C PHE E 90 -38.44 -27.88 -26.07
N GLY E 91 -39.34 -27.96 -27.05
CA GLY E 91 -39.04 -28.35 -28.44
C GLY E 91 -38.60 -29.80 -28.57
N HIS E 92 -39.27 -30.72 -27.87
CA HIS E 92 -39.02 -32.19 -27.90
C HIS E 92 -40.10 -32.88 -28.75
N LEU E 93 -39.98 -32.78 -30.08
CA LEU E 93 -40.98 -33.23 -31.07
C LEU E 93 -41.28 -34.73 -30.89
N GLU E 94 -40.23 -35.55 -30.84
CA GLU E 94 -40.33 -37.05 -30.81
C GLU E 94 -41.07 -37.49 -29.53
N ILE E 95 -40.85 -36.79 -28.41
CA ILE E 95 -41.47 -37.09 -27.09
C ILE E 95 -42.95 -36.67 -27.11
N VAL E 96 -43.27 -35.54 -27.76
CA VAL E 96 -44.66 -35.04 -27.95
C VAL E 96 -45.46 -36.10 -28.72
N GLU E 97 -44.88 -36.65 -29.80
CA GLU E 97 -45.50 -37.69 -30.65
C GLU E 97 -45.74 -38.96 -29.84
N VAL E 98 -44.71 -39.43 -29.12
CA VAL E 98 -44.74 -40.68 -28.30
C VAL E 98 -45.82 -40.55 -27.22
N LEU E 99 -45.91 -39.39 -26.56
CA LEU E 99 -46.92 -39.09 -25.50
C LEU E 99 -48.32 -39.15 -26.11
N LEU E 100 -48.55 -38.43 -27.21
CA LEU E 100 -49.85 -38.37 -27.93
C LEU E 100 -50.26 -39.77 -28.42
N LYS E 101 -49.28 -40.59 -28.83
CA LYS E 101 -49.49 -41.99 -29.29
C LYS E 101 -50.05 -42.84 -28.15
N ASN E 102 -49.58 -42.59 -26.91
CA ASN E 102 -49.98 -43.36 -25.69
C ASN E 102 -51.10 -42.62 -24.96
N GLY E 103 -51.87 -41.79 -25.67
CA GLY E 103 -53.13 -41.18 -25.19
C GLY E 103 -52.91 -40.03 -24.23
N ALA E 104 -52.01 -39.10 -24.58
CA ALA E 104 -51.78 -37.83 -23.85
C ALA E 104 -52.90 -36.85 -24.20
N ASP E 105 -53.47 -36.17 -23.20
CA ASP E 105 -54.56 -35.18 -23.35
C ASP E 105 -54.01 -33.96 -24.09
N VAL E 106 -54.35 -33.81 -25.38
CA VAL E 106 -53.83 -32.74 -26.28
C VAL E 106 -54.36 -31.37 -25.81
N ASN E 107 -55.56 -31.34 -25.22
CA ASN E 107 -56.23 -30.10 -24.75
C ASN E 107 -56.11 -29.97 -23.22
N ALA E 108 -55.04 -30.51 -22.63
CA ALA E 108 -54.75 -30.47 -21.17
C ALA E 108 -54.49 -29.02 -20.75
N LYS E 109 -55.15 -28.58 -19.67
CA LYS E 109 -55.04 -27.20 -19.11
C LYS E 109 -54.39 -27.26 -17.72
N ASP E 110 -53.36 -26.43 -17.49
CA ASP E 110 -52.78 -26.20 -16.14
C ASP E 110 -53.69 -25.20 -15.41
N ASP E 111 -53.38 -24.89 -14.15
CA ASP E 111 -54.18 -23.99 -13.28
C ASP E 111 -54.36 -22.62 -13.96
N ASN E 112 -53.45 -22.25 -14.85
CA ASN E 112 -53.45 -20.95 -15.58
C ASN E 112 -54.36 -21.02 -16.81
N GLY E 113 -54.78 -22.23 -17.22
CA GLY E 113 -55.56 -22.46 -18.45
C GLY E 113 -54.68 -22.50 -19.69
N ILE E 114 -53.37 -22.68 -19.50
CA ILE E 114 -52.36 -22.79 -20.60
C ILE E 114 -52.31 -24.24 -21.06
N THR E 115 -52.23 -24.46 -22.38
CA THR E 115 -52.24 -25.79 -23.05
C THR E 115 -50.88 -26.04 -23.71
N PRO E 116 -50.56 -27.29 -24.11
CA PRO E 116 -49.33 -27.58 -24.85
C PRO E 116 -49.17 -26.72 -26.12
N LEU E 117 -50.29 -26.41 -26.79
CA LEU E 117 -50.32 -25.58 -28.03
C LEU E 117 -49.87 -24.15 -27.71
N HIS E 118 -50.37 -23.57 -26.60
CA HIS E 118 -49.99 -22.21 -26.11
C HIS E 118 -48.47 -22.14 -25.92
N LEU E 119 -47.89 -23.14 -25.24
CA LEU E 119 -46.44 -23.20 -24.89
C LEU E 119 -45.60 -23.37 -26.17
N ALA E 120 -45.98 -24.31 -27.04
CA ALA E 120 -45.32 -24.59 -28.33
C ALA E 120 -45.34 -23.32 -29.21
N ALA E 121 -46.49 -22.66 -29.28
CA ALA E 121 -46.73 -21.42 -30.08
C ALA E 121 -45.83 -20.28 -29.58
N ASN E 122 -45.67 -20.16 -28.27
CA ASN E 122 -44.93 -19.05 -27.60
C ASN E 122 -43.43 -19.12 -27.96
N ARG E 123 -42.87 -20.34 -28.01
CA ARG E 123 -41.43 -20.60 -28.29
C ARG E 123 -41.21 -20.79 -29.81
N GLY E 124 -42.29 -20.87 -30.60
CA GLY E 124 -42.25 -20.94 -32.06
C GLY E 124 -41.78 -22.30 -32.56
N HIS E 125 -42.25 -23.38 -31.93
CA HIS E 125 -41.97 -24.80 -32.33
C HIS E 125 -43.02 -25.23 -33.37
N LEU E 126 -42.80 -24.87 -34.64
CA LEU E 126 -43.77 -25.03 -35.75
C LEU E 126 -44.07 -26.52 -35.98
N GLU E 127 -43.02 -27.36 -35.97
CA GLU E 127 -43.11 -28.83 -36.19
C GLU E 127 -44.02 -29.46 -35.12
N ILE E 128 -43.92 -28.99 -33.88
CA ILE E 128 -44.70 -29.51 -32.71
C ILE E 128 -46.15 -29.01 -32.81
N VAL E 129 -46.34 -27.73 -33.17
CA VAL E 129 -47.70 -27.11 -33.35
C VAL E 129 -48.49 -27.94 -34.36
N GLU E 130 -47.86 -28.29 -35.49
CA GLU E 130 -48.49 -29.07 -36.60
C GLU E 130 -48.94 -30.44 -36.08
N VAL E 131 -48.13 -31.09 -35.24
CA VAL E 131 -48.40 -32.44 -34.65
C VAL E 131 -49.57 -32.32 -33.65
N LEU E 132 -49.54 -31.31 -32.78
CA LEU E 132 -50.61 -31.05 -31.77
C LEU E 132 -51.96 -30.86 -32.47
N LEU E 133 -51.97 -30.07 -33.55
CA LEU E 133 -53.18 -29.79 -34.39
C LEU E 133 -53.66 -31.10 -35.04
N LYS E 134 -52.73 -31.96 -35.47
CA LYS E 134 -53.00 -33.26 -36.14
C LYS E 134 -53.79 -34.18 -35.19
N TYR E 135 -53.51 -34.10 -33.88
CA TYR E 135 -54.14 -34.93 -32.82
C TYR E 135 -55.36 -34.21 -32.23
N GLY E 136 -55.83 -33.13 -32.87
CA GLY E 136 -57.08 -32.43 -32.54
C GLY E 136 -56.91 -31.45 -31.39
N ALA E 137 -55.92 -30.55 -31.49
CA ALA E 137 -55.71 -29.43 -30.54
C ALA E 137 -56.71 -28.31 -30.85
N ASP E 138 -57.36 -27.77 -29.82
CA ASP E 138 -58.37 -26.69 -29.93
C ASP E 138 -57.65 -25.35 -30.14
N VAL E 139 -57.68 -24.83 -31.37
CA VAL E 139 -57.00 -23.55 -31.77
C VAL E 139 -57.64 -22.37 -31.02
N ASN E 140 -58.94 -22.45 -30.71
CA ASN E 140 -59.73 -21.36 -30.08
C ASN E 140 -59.66 -21.45 -28.56
N ALA E 141 -58.86 -22.39 -28.02
CA ALA E 141 -58.64 -22.58 -26.56
C ALA E 141 -58.06 -21.29 -25.96
N GLN E 142 -58.80 -20.67 -25.05
CA GLN E 142 -58.40 -19.42 -24.32
C GLN E 142 -57.78 -19.80 -22.98
N ASP E 143 -56.75 -19.05 -22.55
CA ASP E 143 -56.15 -19.14 -21.20
C ASP E 143 -56.89 -18.15 -20.28
N LYS E 144 -56.41 -17.98 -19.04
CA LYS E 144 -57.05 -17.12 -18.00
C LYS E 144 -57.13 -15.66 -18.47
N PHE E 145 -56.23 -15.25 -19.37
CA PHE E 145 -56.14 -13.86 -19.92
C PHE E 145 -56.88 -13.76 -21.25
N GLY E 146 -57.54 -14.84 -21.69
CA GLY E 146 -58.35 -14.90 -22.92
C GLY E 146 -57.49 -14.86 -24.17
N LYS E 147 -56.34 -15.53 -24.15
CA LYS E 147 -55.35 -15.57 -25.26
C LYS E 147 -55.36 -16.95 -25.92
N THR E 148 -55.41 -16.98 -27.26
CA THR E 148 -55.30 -18.20 -28.11
C THR E 148 -53.85 -18.34 -28.58
N ALA E 149 -53.52 -19.46 -29.22
CA ALA E 149 -52.22 -19.73 -29.86
C ALA E 149 -51.97 -18.71 -30.97
N PHE E 150 -53.05 -18.27 -31.64
CA PHE E 150 -53.03 -17.23 -32.71
C PHE E 150 -52.62 -15.88 -32.13
N ASP E 151 -53.30 -15.45 -31.05
CA ASP E 151 -53.01 -14.18 -30.34
C ASP E 151 -51.52 -14.09 -29.98
N ILE E 152 -50.94 -15.21 -29.51
CA ILE E 152 -49.50 -15.33 -29.14
C ILE E 152 -48.62 -15.10 -30.37
N SER E 153 -48.96 -15.73 -31.50
CA SER E 153 -48.20 -15.68 -32.77
C SER E 153 -48.22 -14.25 -33.35
N ILE E 154 -49.34 -13.54 -33.20
CA ILE E 154 -49.51 -12.12 -33.67
C ILE E 154 -48.65 -11.21 -32.79
N ASN E 155 -48.71 -11.40 -31.46
CA ASN E 155 -47.97 -10.59 -30.46
C ASN E 155 -46.46 -10.82 -30.63
N ASN E 156 -46.05 -12.09 -30.77
CA ASN E 156 -44.64 -12.50 -30.97
C ASN E 156 -44.13 -12.04 -32.35
N GLY E 157 -45.05 -11.91 -33.32
CA GLY E 157 -44.73 -11.51 -34.71
C GLY E 157 -44.17 -12.66 -35.51
N ASN E 158 -44.53 -13.90 -35.16
CA ASN E 158 -44.16 -15.15 -35.87
C ASN E 158 -45.19 -15.39 -36.98
N GLU E 159 -45.02 -14.71 -38.12
CA GLU E 159 -45.97 -14.73 -39.26
C GLU E 159 -46.00 -16.13 -39.91
N ASP E 160 -44.92 -16.91 -39.79
CA ASP E 160 -44.86 -18.34 -40.20
C ASP E 160 -45.90 -19.13 -39.41
N LEU E 161 -45.91 -18.97 -38.08
CA LEU E 161 -46.83 -19.68 -37.15
C LEU E 161 -48.27 -19.18 -37.35
N ALA E 162 -48.46 -17.86 -37.43
CA ALA E 162 -49.77 -17.18 -37.59
C ALA E 162 -50.52 -17.76 -38.80
N GLU E 163 -49.81 -18.01 -39.90
CA GLU E 163 -50.35 -18.58 -41.17
C GLU E 163 -50.88 -20.00 -40.91
N ILE E 164 -50.12 -20.81 -40.18
CA ILE E 164 -50.43 -22.25 -39.89
C ILE E 164 -51.72 -22.34 -39.06
N LEU E 165 -52.00 -21.32 -38.23
CA LEU E 165 -53.18 -21.27 -37.32
C LEU E 165 -54.38 -20.62 -38.04
N GLN E 166 -54.41 -20.65 -39.38
CA GLN E 166 -55.54 -20.16 -40.22
C GLN E 166 -55.64 -21.01 -41.49
C1B LMT F . 47.96 -22.35 1.04
C2B LMT F . 49.47 -22.37 1.25
C3B LMT F . 49.89 -22.14 2.71
C4B LMT F . 49.14 -20.98 3.32
C5B LMT F . 47.63 -21.13 3.11
C6B LMT F . 46.84 -19.96 3.69
O1B LMT F . 47.40 -23.59 1.51
O2B LMT F . 49.99 -23.62 0.80
O3B LMT F . 51.29 -21.89 2.76
O4' LMT F . 49.44 -20.91 4.72
O5B LMT F . 47.37 -21.22 1.71
O6B LMT F . 47.08 -18.76 2.94
C1' LMT F . 43.36 -23.22 0.34
C2' LMT F . 43.62 -23.58 1.79
C3' LMT F . 45.07 -23.30 2.17
C4' LMT F . 46.04 -23.94 1.18
C5' LMT F . 45.63 -23.61 -0.27
C6' LMT F . 46.49 -24.37 -1.28
O1' LMT F . 42.01 -23.56 0.00
O2' LMT F . 42.75 -22.81 2.65
O3' LMT F . 45.32 -23.82 3.48
O5' LMT F . 44.26 -23.95 -0.49
O6' LMT F . 46.13 -25.76 -1.33
C1 LMT F . 41.13 -22.45 -0.06
C2 LMT F . 39.71 -22.95 -0.29
C3 LMT F . 39.42 -23.13 -1.78
C4 LMT F . 37.93 -23.40 -2.03
C5 LMT F . 37.14 -22.10 -2.09
C6 LMT F . 36.89 -21.67 -3.53
C7 LMT F . 36.00 -20.43 -3.55
C8 LMT F . 35.99 -19.76 -4.92
C9 LMT F . 34.81 -18.80 -5.03
C10 LMT F . 34.92 -17.93 -6.29
C11 LMT F . 33.78 -16.93 -6.35
C12 LMT F . 34.24 -15.55 -5.94
C1B LMT G . 7.42 -12.10 25.07
C2B LMT G . 6.92 -10.67 24.89
C3B LMT G . 8.08 -9.69 24.89
C4B LMT G . 8.93 -9.87 26.14
C5B LMT G . 9.30 -11.34 26.41
C6B LMT G . 9.91 -11.51 27.79
O1B LMT G . 8.25 -12.46 23.96
O2B LMT G . 6.19 -10.57 23.65
O3B LMT G . 7.59 -8.34 24.83
O4' LMT G . 10.13 -9.10 25.99
O5B LMT G . 8.13 -12.17 26.30
O6B LMT G . 10.78 -12.64 27.81
C1' LMT G . 9.02 -15.84 21.62
C2' LMT G . 7.86 -14.96 21.17
C3' LMT G . 7.93 -13.60 21.86
C4' LMT G . 8.02 -13.75 23.37
C5' LMT G . 9.13 -14.71 23.76
C6' LMT G . 9.10 -15.02 25.26
O1' LMT G . 8.84 -17.14 21.06
O2' LMT G . 7.89 -14.78 19.76
O3' LMT G . 6.78 -12.82 21.49
O5' LMT G . 9.03 -15.94 23.04
O6' LMT G . 9.30 -16.41 25.52
C1 LMT G . 9.60 -17.41 19.89
C2 LMT G . 10.94 -18.02 20.28
C3 LMT G . 10.86 -19.55 20.25
C4 LMT G . 12.12 -20.17 20.85
C5 LMT G . 13.25 -20.22 19.83
C6 LMT G . 14.61 -19.94 20.45
C7 LMT G . 15.34 -21.23 20.85
C8 LMT G . 16.81 -20.93 21.14
C9 LMT G . 17.54 -22.20 21.55
C10 LMT G . 18.95 -21.90 22.06
C11 LMT G . 20.02 -22.06 20.97
C12 LMT G . 21.06 -23.07 21.38
C01 C14 H . 15.95 -16.16 -6.30
C02 C14 H . 16.38 -14.91 -5.56
C03 C14 H . 16.96 -15.18 -4.19
C04 C14 H . 18.43 -15.52 -4.17
C05 C14 H . 19.09 -15.38 -2.83
C06 C14 H . 20.53 -15.87 -2.79
C07 C14 H . 21.28 -15.49 -1.54
C08 C14 H . 22.73 -15.93 -1.53
C09 C14 H . 23.22 -16.47 -0.21
C10 C14 H . 24.72 -16.47 -0.04
C11 C14 H . 25.17 -16.93 1.33
C12 C14 H . 25.40 -15.82 2.34
C13 C14 H . 25.14 -16.21 3.78
C14 C14 H . 25.87 -15.36 4.80
N1 DDQ I . 38.07 -19.01 33.29
O1 DDQ I . 38.41 -18.04 32.32
CM1 DDQ I . 38.61 -18.57 34.60
CM2 DDQ I . 38.68 -20.30 32.88
C1 DDQ I . 36.56 -19.14 33.33
C2 DDQ I . 35.82 -17.81 33.39
C3 DDQ I . 35.05 -17.51 32.12
C4 DDQ I . 34.14 -16.31 32.23
C5 DDQ I . 33.22 -16.10 31.05
C6 DDQ I . 31.77 -15.89 31.41
C7 DDQ I . 30.96 -15.17 30.36
C8 DDQ I . 29.47 -15.37 30.47
C9 DDQ I . 28.84 -16.11 29.30
C10 DDQ I . 27.34 -16.13 29.32
C1 GOL J . -34.76 -11.31 5.10
O1 GOL J . -34.81 -11.63 6.49
C2 GOL J . -33.38 -10.87 4.68
O2 GOL J . -32.39 -11.75 5.23
C3 GOL J . -33.21 -10.79 3.17
O3 GOL J . -33.55 -12.01 2.53
C1 1K8 K . 34.93 -27.28 8.05
C2 1K8 K . 36.31 -27.51 8.65
C3 1K8 K . 41.52 -31.26 8.68
C4 1K8 K . 35.35 -29.57 9.78
C5 1K8 K . 34.12 -29.35 8.93
C6 1K8 K . 42.60 -30.52 9.15
C8 1K8 K . 37.70 -29.54 8.96
C10 1K8 K . 39.13 -31.48 8.29
C12 1K8 K . 40.04 -29.40 9.32
C13 1K8 K . 41.14 -28.69 9.78
N1 1K8 K . 33.86 -27.91 8.83
N3 1K8 K . 36.46 -28.89 9.10
C9 1K8 K . 37.86 -30.91 8.38
C11 1K8 K . 40.24 -30.75 8.74
N13 1K8 K . 38.79 -28.87 9.40
CL1 1K8 K . 36.46 -31.86 7.78
C7 1K8 K . 42.41 -29.24 9.69
C1B LMT L . 4.39 -30.47 26.43
C2B LMT L . 4.36 -31.97 26.71
C3B LMT L . 3.95 -32.79 25.50
C4B LMT L . 2.72 -32.21 24.82
C5B LMT L . 2.95 -30.73 24.53
C6B LMT L . 1.75 -30.08 23.82
O1B LMT L . 5.54 -30.16 25.62
O2B LMT L . 5.64 -32.41 27.17
O3B LMT L . 3.69 -34.15 25.90
O4' LMT L . 2.44 -32.94 23.61
O5B LMT L . 3.21 -30.04 25.76
O6B LMT L . 0.97 -29.30 24.74
C1' LMT L . 8.71 -27.43 25.89
C2' LMT L . 8.39 -28.26 27.13
C3' LMT L . 7.51 -29.46 26.80
C4' LMT L . 6.27 -29.00 26.06
C5' LMT L . 6.60 -28.13 24.85
C6' LMT L . 5.86 -26.79 24.87
O1' LMT L . 8.39 -26.06 26.13
O2' LMT L . 9.61 -28.72 27.75
O3' LMT L . 7.14 -30.14 27.99
O5' LMT L . 8.02 -27.91 24.73
O6' LMT L . 4.55 -26.95 24.32
C1 LMT L . 9.51 -25.21 26.42
C2 LMT L . 10.08 -24.65 25.13
C3 LMT L . 11.57 -24.34 25.28
C4 LMT L . 12.41 -25.60 25.09
C5 LMT L . 13.63 -25.64 25.99
C6 LMT L . 13.39 -26.48 27.25
C7 LMT L . 13.15 -27.95 26.90
C8 LMT L . 13.74 -28.87 27.97
C9 LMT L . 15.22 -29.18 27.74
C10 LMT L . 15.46 -30.66 27.48
C11 LMT L . 15.37 -31.48 28.77
C12 LMT L . 16.65 -31.44 29.55
C1 D10 M . 26.72 -20.24 -8.00
C2 D10 M . 25.38 -19.59 -8.26
C3 D10 M . 24.26 -20.58 -8.47
C4 D10 M . 23.06 -20.03 -9.21
C5 D10 M . 21.92 -21.00 -9.35
C6 D10 M . 20.83 -20.57 -10.29
C7 D10 M . 19.98 -21.70 -10.82
C8 D10 M . 18.72 -21.26 -11.54
C9 D10 M . 17.72 -22.37 -11.79
C10 D10 M . 18.00 -23.20 -13.03
C1 EDO N . -52.43 2.99 -5.45
O1 EDO N . -51.05 3.21 -5.62
C2 EDO N . -53.15 4.21 -4.99
O2 EDO N . -54.50 3.96 -4.65
C1 EDO O . -31.91 2.32 3.69
O1 EDO O . -32.87 3.37 3.83
C2 EDO O . -30.79 2.42 4.67
O2 EDO O . -29.52 2.28 4.07
C1 D10 P . 41.55 -30.33 -17.38
C2 D10 P . 40.52 -30.11 -16.30
C3 D10 P . 39.19 -29.62 -16.81
C4 D10 P . 38.52 -28.58 -15.94
C5 D10 P . 37.07 -28.89 -15.58
C6 D10 P . 36.11 -27.76 -15.82
C7 D10 P . 34.75 -27.93 -15.18
C8 D10 P . 33.59 -27.46 -16.00
C9 D10 P . 32.40 -26.98 -15.21
C10 D10 P . 31.17 -26.70 -16.04
C1 EDO Q . -8.68 -0.69 17.30
O1 EDO Q . -9.51 0.40 16.95
C2 EDO Q . -8.99 -1.27 18.65
O2 EDO Q . -10.38 -1.39 18.90
C1B LMT R . 46.97 15.19 53.53
C2B LMT R . 48.48 15.03 53.72
C3B LMT R . 48.94 13.60 53.46
C4B LMT R . 48.09 12.61 54.26
C5B LMT R . 46.61 12.85 54.01
C6B LMT R . 45.74 11.92 54.85
O1B LMT R . 46.63 15.05 52.14
O2B LMT R . 49.17 15.92 52.84
O3B LMT R . 50.31 13.46 53.84
O4' LMT R . 48.46 11.28 53.87
O5B LMT R . 46.27 14.21 54.31
O6B LMT R . 45.87 12.24 56.24
C1' LMT R . 43.91 16.92 49.53
C2' LMT R . 45.14 17.73 49.95
C3' LMT R . 46.22 16.83 50.56
C4' LMT R . 45.63 15.96 51.66
C5' LMT R . 44.42 15.20 51.13
C6' LMT R . 43.78 14.35 52.22
O1' LMT R . 42.86 17.81 49.18
O2' LMT R . 45.68 18.43 48.83
O3' LMT R . 47.28 17.63 51.08
O5' LMT R . 43.46 16.11 50.62
O6' LMT R . 42.42 14.04 51.89
C1 LMT R . 42.77 18.16 47.80
C2 LMT R . 41.46 17.63 47.21
C3 LMT R . 40.33 18.65 47.39
C4 LMT R . 38.96 17.99 47.37
C5 LMT R . 38.53 17.62 45.96
C6 LMT R . 37.31 16.69 45.94
C7 LMT R . 36.08 17.28 46.63
C8 LMT R . 35.68 18.64 46.04
C9 LMT R . 34.24 18.98 46.39
C10 LMT R . 34.03 20.50 46.42
C11 LMT R . 32.55 20.85 46.40
C12 LMT R . 31.88 20.51 47.71
C1B LMT S . 17.80 29.88 3.47
C2B LMT S . 16.98 29.89 2.18
C3B LMT S . 16.82 31.31 1.61
C4B LMT S . 17.30 32.36 2.60
C5B LMT S . 18.72 32.09 3.09
C6B LMT S . 19.00 32.83 4.39
O1B LMT S . 18.07 28.51 3.84
O2B LMT S . 17.59 29.05 1.20
O3B LMT S . 15.45 31.56 1.28
O4' LMT S . 17.27 33.65 1.98
O5B LMT S . 18.97 30.68 3.27
O6B LMT S . 18.83 34.24 4.18
C1' LMT S . 21.11 26.52 5.80
C2' LMT S . 21.32 28.02 5.67
C3' LMT S . 20.00 28.69 5.33
C4' LMT S . 19.43 28.08 4.04
C5' LMT S . 19.42 26.55 4.12
C6' LMT S . 19.06 25.91 2.79
O1' LMT S . 22.31 25.89 6.20
O2' LMT S . 21.87 28.57 6.86
O3' LMT S . 20.23 30.10 5.21
O5' LMT S . 20.68 26.03 4.53
O6' LMT S . 18.66 24.55 3.01
C1 LMT S . 22.12 24.59 6.76
C2 LMT S . 23.41 24.12 7.41
C3 LMT S . 23.81 25.00 8.59
C4 LMT S . 25.25 24.74 9.02
C5 LMT S . 26.25 25.41 8.07
C6 LMT S . 27.31 24.43 7.60
C7 LMT S . 28.23 24.00 8.73
C8 LMT S . 29.49 23.33 8.20
C9 LMT S . 30.70 24.24 8.28
C10 LMT S . 31.22 24.37 9.71
C11 LMT S . 31.29 25.83 10.17
C12 LMT S . 31.42 25.91 11.67
C1 EDO T . -29.03 7.32 23.84
O1 EDO T . -28.09 7.51 24.87
C2 EDO T . -29.04 5.94 23.30
O2 EDO T . -28.94 4.95 24.32
C1 EDO U . -26.49 24.24 20.74
O1 EDO U . -25.17 24.48 20.29
C2 EDO U . -26.56 24.00 22.21
O2 EDO U . -27.39 24.92 22.89
C1 GOL V . -44.30 26.16 18.76
O1 GOL V . -43.99 26.32 20.14
C2 GOL V . -45.64 25.48 18.58
O2 GOL V . -46.27 25.95 17.40
C3 GOL V . -45.54 23.96 18.53
O3 GOL V . -46.78 23.35 18.85
C1 EDO W . -27.06 26.66 6.17
O1 EDO W . -26.67 28.02 6.20
C2 EDO W . -26.00 25.73 6.65
O2 EDO W . -24.70 26.11 6.29
C1B LMT X . 9.69 -5.74 28.12
C2B LMT X . 10.60 -6.58 29.03
C3B LMT X . 10.23 -6.50 30.52
C4B LMT X . 9.10 -5.52 30.76
C5B LMT X . 7.93 -5.84 29.84
C6B LMT X . 6.82 -4.81 30.01
O1B LMT X . 9.89 -6.12 26.75
O2B LMT X . 10.56 -7.96 28.62
O3B LMT X . 11.38 -6.12 31.29
O4' LMT X . 8.69 -5.59 32.13
O5B LMT X . 8.30 -5.91 28.45
O6B LMT X . 6.18 -5.01 31.27
C1' LMT X . 12.78 -5.05 23.86
C2' LMT X . 13.23 -5.97 24.98
C3' LMT X . 12.03 -6.61 25.68
C4' LMT X . 11.03 -5.54 26.11
C5' LMT X . 10.63 -4.77 24.85
C6' LMT X . 9.54 -3.73 25.11
O1' LMT X . 13.92 -4.33 23.36
O2' LMT X . 14.06 -7.00 24.46
O3' LMT X . 12.48 -7.37 26.81
O5' LMT X . 11.78 -4.13 24.32
O6' LMT X . 9.13 -3.18 23.85
C1 LMT X . 13.68 -3.56 22.18
C2 LMT X . 14.81 -3.80 21.18
C3 LMT X . 15.89 -2.73 21.24
C4 LMT X . 17.26 -3.30 20.89
C5 LMT X . 18.34 -2.21 20.85
C6 LMT X . 19.44 -2.51 19.83
C7 LMT X . 20.81 -2.74 20.48
C8 LMT X . 21.75 -1.55 20.28
C9 LMT X . 23.15 -1.87 20.80
C10 LMT X . 24.16 -0.80 20.38
C11 LMT X . 25.52 -1.43 20.07
C12 LMT X . 26.58 -0.37 19.88
C1 EDO Y . -25.74 19.70 -7.80
O1 EDO Y . -25.99 20.32 -9.03
C2 EDO Y . -24.96 18.43 -7.94
O2 EDO Y . -25.53 17.53 -8.87
C1 EDO Z . -38.84 13.01 6.03
O1 EDO Z . -37.46 13.11 6.31
C2 EDO Z . -39.41 11.67 6.34
O2 EDO Z . -40.44 11.72 7.31
C1 EDO AA . 41.49 5.63 55.00
O1 EDO AA . 41.88 5.38 53.67
C2 EDO AA . 41.77 7.03 55.43
O2 EDO AA . 40.72 7.92 55.10
C1 D10 BA . 44.65 23.06 38.28
C2 D10 BA . 45.29 23.01 39.65
C3 D10 BA . 44.70 21.96 40.55
C4 D10 BA . 45.42 21.76 41.87
C5 D10 BA . 44.74 22.38 43.07
C6 D10 BA . 44.98 21.66 44.37
C7 D10 BA . 44.34 22.30 45.57
C8 D10 BA . 44.37 21.46 46.84
C9 D10 BA . 45.37 21.89 47.88
C10 D10 BA . 44.82 22.00 49.28
C1 EDO CA . -39.10 39.13 -0.41
O1 EDO CA . -39.80 40.30 -0.77
C2 EDO CA . -38.64 39.11 1.00
O2 EDO CA . -39.66 39.48 1.92
C1 1K8 DA . -23.33 27.94 -38.10
C2 1K8 DA . -23.14 26.44 -38.32
C3 1K8 DA . -26.90 21.41 -39.74
C4 1K8 DA . -23.44 26.85 -40.79
C5 1K8 DA . -23.76 28.30 -40.44
C6 1K8 DA . -26.38 20.29 -39.08
C8 1K8 DA . -24.58 24.93 -39.66
C10 1K8 DA . -26.66 23.72 -40.39
C12 1K8 DA . -24.86 22.66 -39.04
C13 1K8 DA . -24.40 21.52 -38.39
N1 1K8 DA . -22.94 28.71 -39.30
N3 1K8 DA . -23.75 26.07 -39.59
C9 1K8 DA . -25.90 24.90 -40.38
C11 1K8 DA . -26.18 22.59 -39.75
N13 1K8 DA . -24.14 23.81 -39.04
CL1 1K8 DA . -26.57 26.33 -41.23
C7 1K8 DA . -25.15 20.35 -38.42
S SO4 EA . 54.02 29.17 14.71
O1 SO4 EA . 55.24 28.55 14.25
O2 SO4 EA . 54.19 29.63 16.05
O3 SO4 EA . 52.95 28.20 14.66
O4 SO4 EA . 53.70 30.28 13.85
C1B LMT FA . 64.01 18.58 -33.47
C2B LMT FA . 65.40 17.95 -33.46
C3B LMT FA . 65.95 17.89 -32.04
C4B LMT FA . 65.93 19.27 -31.40
C5B LMT FA . 64.52 19.88 -31.49
C6B LMT FA . 64.49 21.31 -30.95
O1B LMT FA . 63.09 17.73 -32.78
O2B LMT FA . 65.34 16.62 -33.99
O3B LMT FA . 67.30 17.40 -32.08
O4' LMT FA . 66.34 19.16 -30.04
O5B LMT FA . 64.07 19.88 -32.85
O6B LMT FA . 65.36 22.15 -31.71
C1' LMT FA . 59.53 15.72 -33.52
C2' LMT FA . 60.72 15.27 -34.36
C3' LMT FA . 62.01 15.78 -33.73
C4' LMT FA . 61.95 17.29 -33.52
C5' LMT FA . 60.68 17.69 -32.77
C6' LMT FA . 60.52 19.21 -32.71
O1' LMT FA . 58.33 15.27 -34.16
O2' LMT FA . 60.74 13.85 -34.48
O3' LMT FA . 63.11 15.45 -34.58
O5' LMT FA . 59.52 17.15 -33.42
O6' LMT FA . 60.44 19.62 -31.34
C1 LMT FA . 57.16 15.40 -33.34
C2 LMT FA . 56.01 15.98 -34.17
C3 LMT FA . 54.89 14.99 -34.42
C4 LMT FA . 53.53 15.57 -34.03
C5 LMT FA . 53.36 15.65 -32.52
C6 LMT FA . 51.90 15.84 -32.13
C7 LMT FA . 51.43 17.27 -32.42
C8 LMT FA . 50.18 17.28 -33.31
C9 LMT FA . 49.58 18.68 -33.38
C10 LMT FA . 48.32 18.69 -34.25
C11 LMT FA . 47.38 19.85 -33.90
C12 LMT FA . 47.65 21.06 -34.78
N1 DDQ GA . 47.00 -24.54 -17.27
O1 DDQ GA . 47.13 -23.14 -17.06
CM1 DDQ GA . 46.34 -25.13 -16.07
CM2 DDQ GA . 48.37 -25.10 -17.43
C1 DDQ GA . 46.18 -24.75 -18.50
C2 DDQ GA . 46.07 -26.20 -18.97
C3 DDQ GA . 44.66 -26.57 -19.38
C4 DDQ GA . 43.70 -26.79 -18.22
C5 DDQ GA . 42.62 -25.72 -18.07
C6 DDQ GA . 41.29 -26.11 -18.66
C7 DDQ GA . 40.14 -25.27 -18.16
C8 DDQ GA . 38.95 -25.20 -19.10
C9 DDQ GA . 37.66 -24.77 -18.46
C10 DDQ GA . 36.75 -24.00 -19.38
C1 D10 HA . 29.14 10.89 -6.16
C2 D10 HA . 28.58 12.26 -6.47
C3 D10 HA . 27.12 12.24 -6.85
C4 D10 HA . 26.64 13.52 -7.48
C5 D10 HA . 25.13 13.60 -7.67
C6 D10 HA . 24.62 14.96 -8.07
C7 D10 HA . 23.14 15.01 -8.36
C8 D10 HA . 22.63 16.36 -8.82
C9 D10 HA . 21.50 16.32 -9.81
C10 D10 HA . 21.14 17.66 -10.40
C1 OCT IA . 17.61 -13.02 -27.03
C2 OCT IA . 18.95 -12.34 -26.82
C3 OCT IA . 19.69 -12.83 -25.60
C4 OCT IA . 21.09 -12.26 -25.46
C5 OCT IA . 22.08 -13.22 -24.83
C6 OCT IA . 23.27 -12.55 -24.19
C7 OCT IA . 24.31 -12.03 -25.17
C8 OCT IA . 25.52 -12.92 -25.34
C1 EDO JA . -32.10 -23.55 -3.51
O1 EDO JA . -33.18 -24.38 -3.87
C2 EDO JA . -32.52 -22.39 -2.68
O2 EDO JA . -33.64 -21.71 -3.19
O7 LPX KA . 51.39 22.19 -3.20
C6 LPX KA . 50.75 21.80 -4.14
O6 LPX KA . 51.19 21.84 -5.40
C5 LPX KA . 51.64 20.60 -5.98
C4 LPX KA . 52.77 20.03 -5.14
O5 LPX KA . 53.82 19.62 -6.02
C3 LPX KA . 52.36 18.86 -4.28
O1 LPX KA . 52.51 17.61 -5.00
P1 LPX KA . 53.87 16.76 -4.85
O3 LPX KA . 54.81 17.17 -5.95
O2 LPX KA . 53.41 15.25 -5.16
C1 LPX KA . 54.28 14.14 -4.79
C2 LPX KA . 55.12 13.72 -5.97
N1 LPX KA . 56.08 12.66 -5.62
O4 LPX KA . 54.32 16.83 -3.42
C7 LPX KA . 49.35 21.23 -4.05
C8 LPX KA . 48.33 22.02 -4.81
C9 LPX KA . 47.17 22.46 -3.94
C10 LPX KA . 46.24 21.34 -3.51
C11 LPX KA . 45.38 20.79 -4.62
C12 LPX KA . 44.32 19.82 -4.16
C13 LPX KA . 42.90 20.31 -4.31
C14 LPX KA . 41.98 19.36 -5.03
C15 LPX KA . 40.52 19.62 -4.79
C16 LPX KA . 39.60 18.96 -5.78
C17 LPX KA . 38.30 19.70 -6.01
C18 LPX KA . 37.39 19.78 -4.80
C19 LPX KA . 36.63 21.07 -4.69
C20 LPX KA . 35.55 21.25 -5.73
C21 LPX KA . 34.47 22.22 -5.33
C1 EDO LA . -23.04 -3.02 -19.66
O1 EDO LA . -22.30 -2.81 -20.85
C2 EDO LA . -22.52 -2.23 -18.51
O2 EDO LA . -22.83 -2.82 -17.26
C1 OCT MA . 33.82 24.78 -22.81
C2 OCT MA . 34.19 23.39 -23.26
C3 OCT MA . 33.51 22.30 -22.46
C4 OCT MA . 34.10 20.92 -22.63
C5 OCT MA . 33.70 19.94 -21.56
C6 OCT MA . 34.05 18.50 -21.87
C7 OCT MA . 34.33 17.65 -20.66
C8 OCT MA . 34.38 16.17 -20.94
C1 OCT NA . 58.65 12.20 -37.20
C2 OCT NA . 58.59 10.89 -36.43
C3 OCT NA . 57.26 10.63 -35.78
C4 OCT NA . 57.15 9.30 -35.07
C5 OCT NA . 56.39 8.24 -35.82
C6 OCT NA . 56.30 6.91 -35.11
C7 OCT NA . 55.12 6.77 -34.19
C8 OCT NA . 54.93 5.37 -33.65
C1 EDO OA . -3.92 25.18 -37.34
O1 EDO OA . -5.05 24.35 -37.23
C2 EDO OA . -4.15 26.56 -36.85
O2 EDO OA . -4.62 27.44 -37.87
C1 GOL PA . -24.86 7.67 -26.19
O1 GOL PA . -26.16 8.21 -25.97
C2 GOL PA . -24.62 7.36 -27.66
O2 GOL PA . -23.55 6.42 -27.77
C3 GOL PA . -25.85 6.84 -28.36
O3 GOL PA . -25.54 6.37 -29.67
C1 OCT QA . 31.98 -9.52 -8.60
C2 OCT QA . 33.02 -8.46 -8.34
C3 OCT QA . 32.76 -7.15 -9.02
C4 OCT QA . 32.07 -6.11 -8.17
C5 OCT QA . 31.04 -5.28 -8.91
C6 OCT QA . 30.81 -3.89 -8.33
C7 OCT QA . 29.40 -3.41 -8.41
C8 OCT QA . 29.23 -1.92 -8.22
C1 EDO RA . -12.13 7.65 -20.35
O1 EDO RA . -11.11 7.85 -21.31
C2 EDO RA . -12.19 6.25 -19.85
O2 EDO RA . -10.98 5.82 -19.25
C1 EDO SA . -15.08 8.24 -17.63
O1 EDO SA . -14.23 8.87 -18.58
C2 EDO SA . -14.42 7.14 -16.90
O2 EDO SA . -15.02 6.87 -15.64
S SO4 TA . -12.47 32.27 -21.19
O1 SO4 TA . -12.51 33.02 -22.41
O2 SO4 TA . -12.26 33.16 -20.09
O3 SO4 TA . -13.73 31.58 -21.02
O4 SO4 TA . -11.40 31.31 -21.24
C1 EDO UA . -50.74 12.68 22.63
O1 EDO UA . -51.53 13.60 21.89
C2 EDO UA . -49.30 12.72 22.27
O2 EDO UA . -48.73 14.01 22.43
C1 EDO VA . -35.38 -34.23 -8.99
O1 EDO VA . -34.63 -35.42 -8.94
C2 EDO VA . -35.94 -33.83 -7.68
O2 EDO VA . -37.35 -33.93 -7.63
#